data_7ECW
#
_entry.id   7ECW
#
_cell.length_a   1.00
_cell.length_b   1.00
_cell.length_c   1.00
_cell.angle_alpha   90.00
_cell.angle_beta   90.00
_cell.angle_gamma   90.00
#
_symmetry.space_group_name_H-M   'P 1'
#
loop_
_entity.id
_entity.type
_entity.pdbx_description
1 polymer 'Type I-F CRISPR-associated protein Csy1'
2 polymer 'CRISPR type I-F/YPEST-associated protein Csy2'
3 polymer 'CRISPR-associated protein Csy3'
4 polymer AcrIF14
5 polymer 'RNA (60-MER)'
6 polymer '54-MER DNA'
7 polymer '54-MER DNA'
#
loop_
_entity_poly.entity_id
_entity_poly.type
_entity_poly.pdbx_seq_one_letter_code
_entity_poly.pdbx_strand_id
1 'polypeptide(L)'
;MTSPLPTPTWQELRQFIESFIQERLQGKLDKLHPDEDDKRQTLLATHRREAWLADAARRVGQLQLVTHTLKPIHPDARGS
NLHSLPQAPGQPGLAGSHELGDRLVSDVVGNAAALDVFKFLSLQYQGKNLLNWLTEDSAEAVQALSDNAEQAREWRQAFI
GITAVKGAPASHSLAKQLYFPLPGSGYHLLAPLFPTSLVHHVHALLREARFGDAAKAAREARSRQESWPHGFSEYPNLAI
QKFGGTKPQNISQLNSERYGENWLLPSLPPHWQRQDQRAPIRHSSVFEHDFGRSPEVSRLTRTLQRLLAKTRHNNFTIRR
YRAQLVGQICDEALQYAARLRELEPGWSATPGCQLHDAEQLWLDPLRAQTDETFLQRRLRGDWPAEVGNRFANWLNRAVS
SDSQILGSPEAAQWSQELSKELTMFKEILEDERD
;
A
2 'polypeptide(L)'
;MSVTDPEALLLLPRLSIQNANAISSPLTWGFPSPGAFTGFVHALQRRVGISLDIELDGVGIVCHRFEAQISQPAGKRTKV
FNLTRNPLNRDGSTAAIVEEGRAHLEVSLLLGVHGDGLDDHPAQEIARQVQEQAGAMRLAGGSILPWCNERFPAPNAELL
MLGGSDEQRRKNQRRLTRRLLPGFALVSREALLQQHLETLRTTLPEATTLDALLDLCRINFEPPATSSEEEASPPDAAWQ
VRDKPGWLVPIPAGYNALSPLYLPGEVRNARDRETPLRFVENLFGLGEWLSPHRVAALSDLLWYHHAEPDKGLYRWSTPR
FVEHAIA
;
B
3 'polypeptide(L)'
;MSKPILSTASVLAFERKLDPSDALMSAGAWAQRDASQEWPAVTVREKSVRGTISNRLKTKDRDPAKLDASIQSPNLQTVD
VANLPSDADTLKVRFTLRVLGGAGTPSACNDAAYRDKLLQTVATYVNEQGFAELARRYAHNLANARFLWRNRVGAEAVEV
RINHIRQGEVARTWRFDALAIGLRDFKADAELDALAELIASGLSGSGHVLLEVVAFARIGDGQEVFPSQELILDKGDKKG
QKSKTLYSVRDAAAIHSQKIGNALRTIDTWYPDEDGLGPIAVEPYGSVTSQGKAYRQPKQKLDFYTLLDNWVLRDEAPAV
EQQHYVIANLIRGGVFGEAEEK
;
C,D,E,F,G,H
4 'polypeptide(L)'
;MKKIEMIEISQNRQNLTAFLHISEIKAINAKLADGVDVDKKSFDEICSIVLEQYQAKQISNKQASEIFETLAKANKSFKI
EKFRCSHGYNEIYKYSPDHEAYLFYCKGGQGQLNKLIAENGRFM
;
I,J
5 'polyribonucleotide' CUAAGAAAUUCACGGCGGGCUUGAUGUCCGCGUCUACCUGGUUCACUGCCGUGUAGGCAG M
6 'polydeoxyribonucleotide'
;(DG)(DG)(DA)(DA)(DG)(DC)(DC)(DA)(DT)(DC)(DC)(DA)(DG)(DG)(DT)(DA)(DG)(DA)(DC)(DG)
(DC)(DG)(DG)(DA)(DC)(DA)(DT)(DC)(DA)(DA)(DG)(DC)(DC)(DC)(DG)(DC)(DC)(DG)(DT)(DG)
(DA)(DA)(DG)(DG)(DT)(DG)(DC)(DA)(DG)(DC)(DT)(DG)(DC)(DT)
;
N
7 'polydeoxyribonucleotide'
;(DA)(DG)(DC)(DA)(DG)(DC)(DT)(DG)(DC)(DA)(DC)(DC)(DT)(DT)(DC)(DA)(DC)(DG)(DG)(DC)
(DG)(DG)(DG)(DC)(DT)(DT)(DG)(DA)(DT)(DG)(DT)(DC)(DC)(DG)(DC)(DG)(DT)(DC)(DT)(DA)
(DC)(DC)(DT)(DG)(DG)(DA)(DT)(DG)(DG)(DC)(DT)(DT)(DC)(DC)
;
O
#
loop_
_chem_comp.id
_chem_comp.type
_chem_comp.name
_chem_comp.formula
A RNA linking ADENOSINE-5'-MONOPHOSPHATE 'C10 H14 N5 O7 P'
C RNA linking CYTIDINE-5'-MONOPHOSPHATE 'C9 H14 N3 O8 P'
DA DNA linking 2'-DEOXYADENOSINE-5'-MONOPHOSPHATE 'C10 H14 N5 O6 P'
DC DNA linking 2'-DEOXYCYTIDINE-5'-MONOPHOSPHATE 'C9 H14 N3 O7 P'
DG DNA linking 2'-DEOXYGUANOSINE-5'-MONOPHOSPHATE 'C10 H14 N5 O7 P'
DT DNA linking THYMIDINE-5'-MONOPHOSPHATE 'C10 H15 N2 O8 P'
G RNA linking GUANOSINE-5'-MONOPHOSPHATE 'C10 H14 N5 O8 P'
U RNA linking URIDINE-5'-MONOPHOSPHATE 'C9 H13 N2 O9 P'
#
# COMPACT_ATOMS: atom_id res chain seq x y z
N GLN A 11 1.05 24.29 -71.98
CA GLN A 11 1.54 23.03 -72.53
C GLN A 11 2.62 22.43 -71.64
N GLU A 12 2.78 22.99 -70.45
CA GLU A 12 3.78 22.53 -69.50
C GLU A 12 3.26 21.46 -68.55
N LEU A 13 2.08 20.91 -68.82
CA LEU A 13 1.48 19.85 -68.02
C LEU A 13 1.39 18.56 -68.81
N ARG A 14 2.43 18.26 -69.58
CA ARG A 14 2.51 17.01 -70.34
C ARG A 14 3.60 16.08 -69.85
N GLN A 15 4.48 16.54 -68.96
CA GLN A 15 5.53 15.70 -68.41
C GLN A 15 5.15 15.06 -67.08
N PHE A 16 4.14 15.58 -66.39
CA PHE A 16 3.76 15.02 -65.09
C PHE A 16 3.08 13.67 -65.24
N ILE A 17 2.08 13.57 -66.13
CA ILE A 17 1.41 12.30 -66.34
C ILE A 17 2.32 11.28 -67.01
N GLU A 18 3.21 11.75 -67.89
CA GLU A 18 4.19 10.86 -68.51
C GLU A 18 5.18 10.34 -67.49
N SER A 19 5.58 11.18 -66.53
CA SER A 19 6.48 10.74 -65.47
C SER A 19 5.78 9.77 -64.51
N PHE A 20 4.49 9.97 -64.26
CA PHE A 20 3.74 9.03 -63.43
C PHE A 20 3.58 7.68 -64.11
N ILE A 21 3.28 7.67 -65.41
CA ILE A 21 3.16 6.42 -66.16
C ILE A 21 4.50 5.72 -66.26
N GLN A 22 5.60 6.47 -66.44
CA GLN A 22 6.92 5.88 -66.50
C GLN A 22 7.37 5.34 -65.15
N GLU A 23 6.99 6.01 -64.06
CA GLU A 23 7.30 5.50 -62.72
C GLU A 23 6.50 4.23 -62.42
N ARG A 24 5.25 4.17 -62.90
CA ARG A 24 4.48 2.94 -62.73
C ARG A 24 5.02 1.81 -63.59
N LEU A 25 5.53 2.11 -64.78
CA LEU A 25 6.06 1.07 -65.65
C LEU A 25 7.40 0.54 -65.14
N GLN A 26 8.28 1.44 -64.68
CA GLN A 26 9.56 1.02 -64.12
C GLN A 26 9.40 0.41 -62.74
N GLY A 27 8.33 0.75 -62.01
CA GLY A 27 8.05 0.13 -60.73
C GLY A 27 7.46 -1.26 -60.81
N LYS A 28 7.07 -1.69 -62.01
CA LYS A 28 6.62 -3.07 -62.23
C LYS A 28 7.77 -3.96 -62.68
N LEU A 29 8.87 -3.93 -61.92
CA LEU A 29 10.04 -4.73 -62.21
C LEU A 29 10.55 -5.54 -61.02
N ASP A 30 9.95 -5.39 -59.85
CA ASP A 30 10.36 -6.16 -58.68
C ASP A 30 9.99 -7.63 -58.78
N LYS A 31 9.05 -7.98 -59.65
CA LYS A 31 8.69 -9.39 -59.90
C LYS A 31 9.30 -9.79 -61.24
N LEU A 32 10.56 -10.21 -61.19
CA LEU A 32 11.33 -10.53 -62.38
C LEU A 32 11.25 -12.03 -62.66
N HIS A 33 10.77 -12.39 -63.84
CA HIS A 33 10.65 -13.78 -64.26
C HIS A 33 11.26 -13.92 -65.63
N PRO A 34 12.31 -14.72 -65.80
CA PRO A 34 12.91 -14.94 -67.13
C PRO A 34 12.37 -16.16 -67.87
N ASP A 35 11.39 -16.87 -67.31
CA ASP A 35 10.79 -18.02 -67.97
C ASP A 35 9.29 -17.89 -68.20
N GLU A 36 8.64 -16.89 -67.60
CA GLU A 36 7.22 -16.62 -67.80
C GLU A 36 6.99 -15.17 -68.19
N ASP A 37 7.89 -14.59 -68.98
CA ASP A 37 7.80 -13.19 -69.39
C ASP A 37 7.95 -13.03 -70.90
N ASP A 38 7.41 -13.98 -71.68
CA ASP A 38 7.50 -13.89 -73.13
C ASP A 38 6.62 -12.78 -73.68
N LYS A 39 5.46 -12.54 -73.05
CA LYS A 39 4.60 -11.43 -73.39
C LYS A 39 4.19 -10.60 -72.18
N ARG A 40 4.66 -10.98 -70.98
CA ARG A 40 4.29 -10.25 -69.77
C ARG A 40 5.04 -8.92 -69.67
N GLN A 41 6.36 -8.96 -69.91
CA GLN A 41 7.15 -7.73 -69.84
C GLN A 41 6.82 -6.80 -70.99
N THR A 42 6.73 -7.33 -72.22
CA THR A 42 6.41 -6.52 -73.38
C THR A 42 4.96 -6.02 -73.32
N LEU A 43 4.04 -6.85 -72.82
CA LEU A 43 2.65 -6.44 -72.71
C LEU A 43 2.47 -5.39 -71.61
N LEU A 44 3.20 -5.51 -70.51
CA LEU A 44 3.15 -4.51 -69.46
C LEU A 44 3.81 -3.21 -69.89
N ALA A 45 4.82 -3.28 -70.75
CA ALA A 45 5.45 -2.06 -71.26
C ALA A 45 4.62 -1.40 -72.35
N THR A 46 3.90 -2.19 -73.14
CA THR A 46 3.14 -1.63 -74.26
C THR A 46 1.78 -1.10 -73.81
N HIS A 47 1.12 -1.80 -72.89
CA HIS A 47 -0.18 -1.33 -72.42
C HIS A 47 -0.07 -0.10 -71.53
N ARG A 48 1.06 0.06 -70.84
CA ARG A 48 1.26 1.18 -69.93
C ARG A 48 1.98 2.36 -70.58
N ARG A 49 1.93 2.45 -71.91
CA ARG A 49 2.64 3.50 -72.64
C ARG A 49 1.73 4.64 -73.05
N GLU A 50 0.71 4.35 -73.85
CA GLU A 50 -0.21 5.37 -74.36
C GLU A 50 -1.65 5.13 -73.97
N ALA A 51 -2.09 3.88 -73.96
CA ALA A 51 -3.48 3.53 -73.66
C ALA A 51 -3.76 3.40 -72.17
N TRP A 52 -2.84 3.83 -71.30
CA TRP A 52 -3.07 3.77 -69.86
C TRP A 52 -4.13 4.77 -69.42
N LEU A 53 -4.29 5.87 -70.17
CA LEU A 53 -5.35 6.83 -69.86
C LEU A 53 -6.73 6.24 -70.13
N ALA A 54 -6.85 5.45 -71.20
CA ALA A 54 -8.10 4.73 -71.47
C ALA A 54 -8.38 3.68 -70.40
N ASP A 55 -7.33 3.02 -69.90
CA ASP A 55 -7.51 2.05 -68.83
C ASP A 55 -7.94 2.70 -67.52
N ALA A 56 -7.43 3.92 -67.25
CA ALA A 56 -7.89 4.65 -66.07
C ALA A 56 -9.32 5.16 -66.24
N ALA A 57 -9.67 5.57 -67.47
CA ALA A 57 -11.01 6.06 -67.74
C ALA A 57 -12.05 4.94 -67.66
N ARG A 58 -11.64 3.71 -68.00
CA ARG A 58 -12.54 2.57 -67.86
C ARG A 58 -12.77 2.22 -66.40
N ARG A 59 -11.75 2.38 -65.55
CA ARG A 59 -11.87 2.04 -64.14
C ARG A 59 -12.41 3.17 -63.28
N VAL A 60 -12.53 4.39 -63.83
CA VAL A 60 -12.97 5.52 -63.01
C VAL A 60 -14.45 5.42 -62.64
N GLY A 61 -15.20 4.60 -63.38
CA GLY A 61 -16.63 4.50 -63.14
C GLY A 61 -16.98 3.80 -61.84
N GLN A 62 -16.07 2.99 -61.31
CA GLN A 62 -16.36 2.24 -60.09
C GLN A 62 -16.30 3.13 -58.85
N LEU A 63 -15.38 4.09 -58.84
CA LEU A 63 -15.15 4.89 -57.64
C LEU A 63 -16.22 5.95 -57.44
N GLN A 64 -16.26 6.53 -56.25
CA GLN A 64 -17.18 7.61 -55.93
C GLN A 64 -16.61 8.45 -54.78
N LEU A 65 -16.78 9.76 -54.87
CA LEU A 65 -16.38 10.68 -53.81
C LEU A 65 -17.48 10.75 -52.77
N VAL A 66 -17.16 10.37 -51.54
CA VAL A 66 -18.15 10.10 -50.51
C VAL A 66 -17.60 10.58 -49.17
N THR A 67 -18.45 11.24 -48.38
CA THR A 67 -18.12 11.61 -47.01
C THR A 67 -18.90 10.84 -45.96
N HIS A 68 -19.78 9.91 -46.35
CA HIS A 68 -20.53 9.07 -45.42
C HIS A 68 -20.63 7.65 -45.98
N THR A 69 -19.74 6.78 -45.51
CA THR A 69 -19.65 5.42 -46.04
C THR A 69 -20.52 4.45 -45.27
N LEU A 70 -20.89 3.35 -45.92
CA LEU A 70 -21.71 2.30 -45.32
C LEU A 70 -20.93 1.04 -45.00
N LYS A 71 -19.76 0.86 -45.56
CA LYS A 71 -18.93 -0.33 -45.33
C LYS A 71 -18.40 -0.56 -43.91
N PRO A 72 -18.18 0.49 -43.12
CA PRO A 72 -17.63 0.31 -41.78
C PRO A 72 -18.56 -0.55 -40.92
N ILE A 73 -19.86 -0.38 -41.06
CA ILE A 73 -20.81 -1.15 -40.28
C ILE A 73 -20.64 -2.64 -40.56
N HIS A 74 -20.50 -2.98 -41.83
CA HIS A 74 -20.26 -4.36 -42.21
C HIS A 74 -19.51 -4.37 -43.54
N PRO A 75 -18.56 -5.28 -43.71
CA PRO A 75 -17.87 -5.31 -45.01
C PRO A 75 -18.65 -6.02 -46.10
N ASP A 76 -19.60 -6.89 -45.73
CA ASP A 76 -20.39 -7.59 -46.73
C ASP A 76 -21.46 -6.70 -47.33
N ALA A 77 -21.87 -5.66 -46.60
CA ALA A 77 -23.03 -4.86 -46.98
C ALA A 77 -22.76 -3.99 -48.20
N ARG A 78 -23.64 -4.09 -49.19
CA ARG A 78 -23.58 -3.27 -50.41
C ARG A 78 -24.87 -2.48 -50.55
N GLY A 79 -24.77 -1.15 -50.44
CA GLY A 79 -25.94 -0.31 -50.52
C GLY A 79 -25.67 1.00 -51.22
N SER A 80 -25.90 2.12 -50.52
CA SER A 80 -25.78 3.44 -51.12
C SER A 80 -25.04 4.37 -50.17
N ASN A 81 -23.96 4.97 -50.67
CA ASN A 81 -23.17 5.94 -49.93
C ASN A 81 -23.51 7.35 -50.39
N LEU A 82 -23.45 8.30 -49.47
CA LEU A 82 -23.90 9.67 -49.73
C LEU A 82 -22.77 10.67 -49.54
N HIS A 83 -22.73 11.68 -50.41
CA HIS A 83 -21.81 12.80 -50.29
C HIS A 83 -22.62 14.07 -50.03
N SER A 84 -22.64 14.51 -48.78
CA SER A 84 -23.42 15.69 -48.44
C SER A 84 -22.88 16.30 -47.15
N LEU A 85 -23.06 17.61 -47.03
CA LEU A 85 -22.78 18.35 -45.81
C LEU A 85 -24.10 18.84 -45.26
N PRO A 86 -24.52 18.39 -44.07
CA PRO A 86 -25.85 18.76 -43.57
C PRO A 86 -25.94 20.20 -43.12
N GLN A 87 -27.17 20.71 -43.09
CA GLN A 87 -27.41 22.06 -42.61
C GLN A 87 -27.21 22.14 -41.11
N ALA A 88 -26.87 23.34 -40.64
CA ALA A 88 -26.57 23.53 -39.23
C ALA A 88 -27.85 23.48 -38.40
N PRO A 89 -27.83 22.84 -37.23
CA PRO A 89 -29.04 22.78 -36.40
C PRO A 89 -29.27 24.09 -35.66
N GLY A 90 -30.53 24.35 -35.33
CA GLY A 90 -30.86 25.56 -34.60
C GLY A 90 -30.52 25.47 -33.12
N GLN A 91 -30.56 24.27 -32.56
CA GLN A 91 -30.42 24.09 -31.12
C GLN A 91 -28.99 24.38 -30.69
N PRO A 92 -28.78 24.88 -29.47
CA PRO A 92 -27.42 25.16 -29.01
C PRO A 92 -26.78 23.95 -28.34
N GLY A 93 -25.45 23.91 -28.40
CA GLY A 93 -24.70 22.89 -27.70
C GLY A 93 -24.62 21.55 -28.39
N LEU A 94 -24.68 21.52 -29.73
CA LEU A 94 -24.60 20.29 -30.49
C LEU A 94 -23.37 20.32 -31.39
N ALA A 95 -22.59 19.25 -31.36
CA ALA A 95 -21.41 19.12 -32.19
C ALA A 95 -21.68 18.05 -33.23
N GLY A 96 -21.25 18.30 -34.47
CA GLY A 96 -21.49 17.35 -35.53
C GLY A 96 -20.57 17.58 -36.70
N SER A 97 -20.88 16.91 -37.81
CA SER A 97 -20.09 17.03 -39.03
C SER A 97 -20.44 18.30 -39.80
N HIS A 98 -21.48 19.01 -39.39
CA HIS A 98 -21.80 20.30 -40.00
C HIS A 98 -20.79 21.38 -39.66
N GLU A 99 -20.03 21.20 -38.57
CA GLU A 99 -19.05 22.20 -38.14
C GLU A 99 -17.88 22.31 -39.10
N LEU A 100 -17.61 21.25 -39.86
CA LEU A 100 -16.52 21.27 -40.83
C LEU A 100 -16.84 22.20 -41.99
N GLY A 101 -15.92 23.13 -42.25
CA GLY A 101 -16.09 24.03 -43.38
C GLY A 101 -15.08 23.75 -44.47
N ASP A 102 -14.01 24.54 -44.50
CA ASP A 102 -12.91 24.30 -45.44
C ASP A 102 -12.08 23.10 -45.01
N ARG A 103 -12.19 22.67 -43.75
CA ARG A 103 -11.35 21.60 -43.22
C ARG A 103 -11.76 20.22 -43.73
N LEU A 104 -12.87 20.12 -44.46
CA LEU A 104 -13.39 18.83 -44.88
C LEU A 104 -12.49 18.16 -45.93
N VAL A 105 -12.36 16.84 -45.83
CA VAL A 105 -11.72 16.01 -46.84
C VAL A 105 -12.72 15.00 -47.33
N SER A 106 -12.48 14.45 -48.53
CA SER A 106 -13.41 13.53 -49.17
C SER A 106 -12.79 12.14 -49.22
N ASP A 107 -13.58 11.14 -48.84
CA ASP A 107 -13.17 9.75 -49.00
C ASP A 107 -13.54 9.27 -50.40
N VAL A 108 -12.88 8.19 -50.83
CA VAL A 108 -13.15 7.57 -52.13
C VAL A 108 -13.56 6.13 -51.89
N VAL A 109 -14.67 5.71 -52.49
CA VAL A 109 -15.23 4.39 -52.25
C VAL A 109 -15.28 3.65 -53.59
N GLY A 110 -15.05 2.35 -53.54
CA GLY A 110 -15.18 1.50 -54.69
C GLY A 110 -14.31 0.28 -54.54
N ASN A 111 -14.21 -0.48 -55.62
CA ASN A 111 -13.34 -1.65 -55.65
C ASN A 111 -11.88 -1.22 -55.52
N ALA A 112 -11.07 -2.12 -54.94
CA ALA A 112 -9.70 -1.76 -54.57
C ALA A 112 -8.81 -1.59 -55.80
N ALA A 113 -9.08 -2.36 -56.86
CA ALA A 113 -8.25 -2.34 -58.05
C ALA A 113 -8.35 -1.00 -58.78
N ALA A 114 -9.44 -0.27 -58.58
CA ALA A 114 -9.57 1.07 -59.16
C ALA A 114 -8.84 2.14 -58.36
N LEU A 115 -8.38 1.82 -57.14
CA LEU A 115 -7.91 2.86 -56.22
C LEU A 115 -6.67 3.57 -56.73
N ASP A 116 -5.77 2.84 -57.41
CA ASP A 116 -4.57 3.43 -57.99
C ASP A 116 -4.92 4.44 -59.09
N VAL A 117 -6.03 4.22 -59.79
CA VAL A 117 -6.50 5.17 -60.79
C VAL A 117 -6.88 6.50 -60.15
N PHE A 118 -7.35 6.43 -58.89
CA PHE A 118 -7.67 7.65 -58.16
C PHE A 118 -6.42 8.48 -57.90
N LYS A 119 -5.25 7.84 -57.82
CA LYS A 119 -3.98 8.56 -57.75
C LYS A 119 -3.79 9.45 -58.97
N PHE A 120 -4.12 8.93 -60.16
CA PHE A 120 -4.08 9.75 -61.36
C PHE A 120 -5.15 10.83 -61.34
N LEU A 121 -6.24 10.63 -60.59
CA LEU A 121 -7.22 11.69 -60.40
C LEU A 121 -6.88 12.57 -59.21
N SER A 122 -5.86 12.21 -58.43
CA SER A 122 -5.54 12.91 -57.19
C SER A 122 -4.27 13.74 -57.30
N LEU A 123 -3.55 13.67 -58.41
CA LEU A 123 -2.35 14.46 -58.60
C LEU A 123 -2.62 15.85 -59.16
N GLN A 124 -3.87 16.14 -59.56
CA GLN A 124 -4.20 17.43 -60.14
C GLN A 124 -4.21 18.55 -59.11
N TYR A 125 -4.34 18.23 -57.83
CA TYR A 125 -4.23 19.21 -56.76
C TYR A 125 -2.80 19.38 -56.27
N GLN A 126 -1.84 18.69 -56.88
CA GLN A 126 -0.44 18.77 -56.49
C GLN A 126 0.37 19.30 -57.67
N GLY A 127 1.19 20.32 -57.41
CA GLY A 127 1.99 20.91 -58.46
C GLY A 127 1.21 21.90 -59.30
N LYS A 128 0.36 21.38 -60.17
CA LYS A 128 -0.47 22.22 -61.01
C LYS A 128 -1.71 22.67 -60.23
N ASN A 129 -2.55 23.46 -60.87
CA ASN A 129 -3.80 23.93 -60.27
C ASN A 129 -5.02 23.42 -61.01
N LEU A 130 -4.86 22.36 -61.81
CA LEU A 130 -5.93 21.81 -62.63
C LEU A 130 -6.60 20.60 -61.99
N LEU A 131 -6.75 20.59 -60.67
CA LEU A 131 -7.53 19.54 -60.00
C LEU A 131 -9.00 19.62 -60.39
N ASN A 132 -9.51 20.84 -60.58
CA ASN A 132 -10.80 21.07 -61.20
C ASN A 132 -10.67 21.35 -62.69
N TRP A 133 -9.49 21.07 -63.26
CA TRP A 133 -9.20 21.33 -64.67
C TRP A 133 -9.00 20.05 -65.47
N LEU A 134 -9.32 18.89 -64.90
CA LEU A 134 -9.19 17.64 -65.63
C LEU A 134 -10.35 17.44 -66.60
N THR A 135 -11.57 17.78 -66.18
CA THR A 135 -12.77 17.57 -67.00
C THR A 135 -13.16 18.83 -67.77
N GLU A 136 -13.40 19.92 -67.05
CA GLU A 136 -13.81 21.18 -67.66
C GLU A 136 -12.65 22.18 -67.61
N ASP A 137 -12.77 23.23 -68.43
CA ASP A 137 -11.67 24.19 -68.59
C ASP A 137 -10.47 23.51 -69.24
N SER A 138 -10.67 22.94 -70.43
CA SER A 138 -9.71 22.07 -71.08
C SER A 138 -8.55 22.81 -71.76
N ALA A 139 -8.33 24.09 -71.45
CA ALA A 139 -7.13 24.77 -71.94
C ALA A 139 -5.87 24.16 -71.33
N GLU A 140 -5.94 23.71 -70.09
CA GLU A 140 -4.88 22.92 -69.49
C GLU A 140 -5.03 21.43 -69.79
N ALA A 141 -6.12 21.03 -70.43
CA ALA A 141 -6.37 19.64 -70.77
C ALA A 141 -6.17 19.33 -72.25
N VAL A 142 -5.61 20.28 -73.00
CA VAL A 142 -5.30 20.06 -74.42
C VAL A 142 -3.82 20.20 -74.73
N GLN A 143 -3.17 21.26 -74.26
CA GLN A 143 -1.72 21.39 -74.43
C GLN A 143 -0.95 20.46 -73.52
N ALA A 144 -1.58 20.02 -72.43
CA ALA A 144 -1.03 18.97 -71.58
C ALA A 144 -1.65 17.61 -71.82
N LEU A 145 -2.84 17.57 -72.42
CA LEU A 145 -3.45 16.29 -72.79
C LEU A 145 -2.80 15.73 -74.05
N SER A 146 -2.62 16.57 -75.06
CA SER A 146 -1.93 16.19 -76.31
C SER A 146 -2.72 15.17 -77.12
N ASP A 147 -4.04 15.35 -77.19
CA ASP A 147 -4.90 14.37 -77.84
C ASP A 147 -5.81 15.02 -78.87
N ASN A 148 -6.80 14.27 -79.35
CA ASN A 148 -7.79 14.77 -80.28
C ASN A 148 -8.95 15.41 -79.52
N ALA A 149 -10.05 15.68 -80.22
CA ALA A 149 -11.22 16.26 -79.56
C ALA A 149 -12.11 15.20 -78.95
N GLU A 150 -12.27 14.05 -79.62
CA GLU A 150 -13.10 12.98 -79.08
C GLU A 150 -12.44 12.33 -77.87
N GLN A 151 -11.12 12.18 -77.91
CA GLN A 151 -10.39 11.66 -76.75
C GLN A 151 -10.47 12.61 -75.56
N ALA A 152 -10.43 13.93 -75.84
CA ALA A 152 -10.55 14.92 -74.77
C ALA A 152 -11.96 14.92 -74.19
N ARG A 153 -12.98 14.72 -75.03
CA ARG A 153 -14.35 14.63 -74.54
C ARG A 153 -14.56 13.38 -73.71
N GLU A 154 -13.97 12.26 -74.13
CA GLU A 154 -14.08 11.01 -73.37
C GLU A 154 -13.35 11.12 -72.03
N TRP A 155 -12.20 11.79 -72.01
CA TRP A 155 -11.47 11.97 -70.76
C TRP A 155 -12.21 12.93 -69.82
N ARG A 156 -12.84 13.97 -70.36
CA ARG A 156 -13.61 14.87 -69.54
C ARG A 156 -14.87 14.21 -69.00
N GLN A 157 -15.46 13.29 -69.76
CA GLN A 157 -16.59 12.52 -69.24
C GLN A 157 -16.16 11.49 -68.20
N ALA A 158 -14.96 10.94 -68.34
CA ALA A 158 -14.51 9.91 -67.41
C ALA A 158 -14.03 10.48 -66.08
N PHE A 159 -13.34 11.63 -66.10
CA PHE A 159 -12.84 12.18 -64.85
C PHE A 159 -13.87 12.99 -64.09
N ILE A 160 -15.00 13.33 -64.73
CA ILE A 160 -16.06 14.06 -64.04
C ILE A 160 -16.99 13.12 -63.27
N GLY A 161 -16.92 11.82 -63.52
CA GLY A 161 -17.75 10.84 -62.86
C GLY A 161 -17.32 10.45 -61.46
N ILE A 162 -16.31 11.12 -60.91
CA ILE A 162 -15.91 10.85 -59.53
C ILE A 162 -16.93 11.44 -58.57
N THR A 163 -17.45 12.62 -58.86
CA THR A 163 -18.34 13.33 -57.96
C THR A 163 -19.81 13.08 -58.24
N ALA A 164 -20.14 12.11 -59.11
CA ALA A 164 -21.52 11.87 -59.49
C ALA A 164 -22.27 11.14 -58.38
N VAL A 165 -23.58 11.00 -58.57
CA VAL A 165 -24.41 10.26 -57.61
C VAL A 165 -24.10 8.77 -57.69
N LYS A 166 -24.20 8.19 -58.89
CA LYS A 166 -23.60 6.90 -59.19
C LYS A 166 -24.33 5.67 -58.65
N GLY A 167 -25.42 5.86 -57.90
CA GLY A 167 -26.17 4.75 -57.36
C GLY A 167 -27.63 5.09 -57.15
N ALA A 168 -28.46 4.06 -57.32
CA ALA A 168 -29.87 4.19 -56.97
C ALA A 168 -30.03 4.11 -55.45
N PRO A 169 -31.00 4.84 -54.86
CA PRO A 169 -31.09 4.88 -53.39
C PRO A 169 -31.54 3.57 -52.77
N ALA A 170 -30.60 2.89 -52.11
CA ALA A 170 -30.85 1.56 -51.57
C ALA A 170 -30.22 1.45 -50.20
N SER A 171 -30.50 0.33 -49.53
CA SER A 171 -29.96 0.04 -48.20
C SER A 171 -29.59 -1.44 -48.20
N HIS A 172 -29.40 -2.01 -47.01
CA HIS A 172 -29.08 -3.43 -46.92
C HIS A 172 -29.69 -4.00 -45.65
N SER A 173 -29.71 -5.33 -45.57
CA SER A 173 -30.23 -6.02 -44.40
C SER A 173 -29.24 -6.07 -43.25
N LEU A 174 -27.97 -5.77 -43.50
CA LEU A 174 -26.95 -5.72 -42.48
C LEU A 174 -26.66 -4.30 -41.99
N ALA A 175 -27.36 -3.30 -42.54
CA ALA A 175 -27.27 -1.93 -42.06
C ALA A 175 -28.21 -1.75 -40.86
N LYS A 176 -28.28 -0.53 -40.33
CA LYS A 176 -28.98 -0.37 -39.05
C LYS A 176 -30.49 -0.18 -39.20
N GLN A 177 -30.94 0.95 -39.72
CA GLN A 177 -32.38 1.26 -39.91
C GLN A 177 -33.20 1.12 -38.61
N LEU A 178 -33.03 2.07 -37.70
CA LEU A 178 -33.79 2.13 -36.47
C LEU A 178 -35.10 2.91 -36.65
N TYR A 179 -35.99 2.78 -35.67
CA TYR A 179 -37.25 3.52 -35.62
C TYR A 179 -37.13 4.71 -34.67
N PHE A 180 -37.77 5.83 -35.05
CA PHE A 180 -37.82 6.99 -34.16
C PHE A 180 -39.27 7.50 -34.12
N PRO A 181 -39.79 7.76 -32.92
CA PRO A 181 -41.14 8.25 -32.65
C PRO A 181 -41.40 9.76 -32.83
N LEU A 182 -42.49 10.03 -33.54
CA LEU A 182 -43.04 11.33 -33.88
C LEU A 182 -43.91 11.85 -32.75
N PRO A 183 -44.14 13.19 -32.66
CA PRO A 183 -44.98 13.72 -31.57
C PRO A 183 -46.46 13.45 -31.76
N GLY A 184 -46.93 12.29 -31.30
CA GLY A 184 -48.34 11.98 -31.39
C GLY A 184 -48.78 11.37 -32.70
N SER A 185 -47.89 10.64 -33.36
CA SER A 185 -48.12 10.14 -34.71
C SER A 185 -47.40 8.80 -34.82
N GLY A 186 -47.13 8.38 -36.05
CA GLY A 186 -46.40 7.15 -36.28
C GLY A 186 -44.91 7.30 -36.09
N TYR A 187 -44.12 6.81 -37.04
CA TYR A 187 -42.68 6.66 -36.84
C TYR A 187 -41.93 7.12 -38.08
N HIS A 188 -40.62 7.22 -37.94
CA HIS A 188 -39.70 7.45 -39.06
C HIS A 188 -38.59 6.40 -39.01
N LEU A 189 -38.14 5.96 -40.18
CA LEU A 189 -37.03 5.02 -40.29
C LEU A 189 -35.76 5.80 -40.52
N LEU A 190 -34.78 5.64 -39.62
CA LEU A 190 -33.51 6.33 -39.72
C LEU A 190 -32.42 5.33 -40.04
N ALA A 191 -31.63 5.63 -41.06
CA ALA A 191 -30.54 4.76 -41.47
C ALA A 191 -29.21 5.49 -41.28
N PRO A 192 -28.55 5.32 -40.13
CA PRO A 192 -27.30 6.07 -39.90
C PRO A 192 -26.13 5.51 -40.68
N LEU A 193 -25.26 6.41 -41.13
CA LEU A 193 -24.05 6.09 -41.88
C LEU A 193 -22.83 6.47 -41.05
N PHE A 194 -21.64 6.19 -41.59
CA PHE A 194 -20.42 6.39 -40.82
C PHE A 194 -19.76 7.70 -41.20
N PRO A 195 -19.51 8.60 -40.25
CA PRO A 195 -18.87 9.87 -40.58
C PRO A 195 -17.37 9.75 -40.84
N THR A 196 -17.00 9.42 -42.09
CA THR A 196 -15.59 9.24 -42.44
C THR A 196 -14.80 10.53 -42.28
N SER A 197 -15.33 11.65 -42.77
CA SER A 197 -14.56 12.89 -42.80
C SER A 197 -14.43 13.51 -41.42
N LEU A 198 -15.47 13.40 -40.59
CA LEU A 198 -15.40 13.89 -39.22
C LEU A 198 -14.40 13.08 -38.39
N VAL A 199 -14.37 11.78 -38.65
CA VAL A 199 -13.44 10.90 -37.95
C VAL A 199 -12.02 11.23 -38.37
N HIS A 200 -11.82 11.51 -39.65
CA HIS A 200 -10.48 11.86 -40.14
C HIS A 200 -10.02 13.20 -39.58
N HIS A 201 -10.93 14.15 -39.43
CA HIS A 201 -10.57 15.44 -38.83
C HIS A 201 -10.23 15.31 -37.35
N VAL A 202 -11.02 14.53 -36.60
CA VAL A 202 -10.74 14.33 -35.18
C VAL A 202 -9.44 13.55 -34.99
N HIS A 203 -9.16 12.61 -35.90
CA HIS A 203 -7.93 11.82 -35.83
C HIS A 203 -6.70 12.68 -36.11
N ALA A 204 -6.81 13.58 -37.09
CA ALA A 204 -5.72 14.52 -37.36
C ALA A 204 -5.52 15.51 -36.22
N LEU A 205 -6.60 15.88 -35.53
CA LEU A 205 -6.45 16.76 -34.37
C LEU A 205 -5.90 16.02 -33.16
N LEU A 206 -6.07 14.70 -33.10
CA LEU A 206 -5.66 13.93 -31.94
C LEU A 206 -4.22 13.44 -32.02
N ARG A 207 -3.77 13.01 -33.21
CA ARG A 207 -2.41 12.47 -33.32
C ARG A 207 -1.37 13.57 -33.16
N GLU A 208 -1.70 14.81 -33.54
CA GLU A 208 -0.76 15.91 -33.37
C GLU A 208 -0.59 16.28 -31.91
N ALA A 209 -1.68 16.22 -31.14
CA ALA A 209 -1.58 16.45 -29.71
C ALA A 209 -0.84 15.30 -29.02
N ARG A 210 -0.96 14.08 -29.55
CA ARG A 210 -0.24 12.96 -28.96
C ARG A 210 1.25 13.04 -29.24
N PHE A 211 1.63 13.20 -30.50
CA PHE A 211 3.05 13.34 -30.84
C PHE A 211 3.23 14.21 -32.07
N GLY A 212 4.20 15.10 -32.00
CA GLY A 212 4.46 16.03 -33.09
C GLY A 212 5.61 16.94 -32.75
N ASP A 213 5.58 18.14 -33.32
CA ASP A 213 6.66 19.09 -33.13
C ASP A 213 6.54 19.83 -31.79
N ALA A 214 5.50 20.64 -31.64
CA ALA A 214 5.37 21.48 -30.45
C ALA A 214 4.91 20.69 -29.24
N ALA A 215 4.15 19.62 -29.45
CA ALA A 215 3.69 18.80 -28.33
C ALA A 215 4.83 18.05 -27.67
N LYS A 216 5.83 17.65 -28.44
CA LYS A 216 7.02 17.00 -27.88
C LYS A 216 8.04 18.01 -27.37
N ALA A 217 8.10 19.19 -27.99
CA ALA A 217 8.99 20.23 -27.51
C ALA A 217 8.53 20.79 -26.17
N ALA A 218 7.22 20.91 -25.96
CA ALA A 218 6.73 21.34 -24.66
C ALA A 218 6.94 20.26 -23.60
N ARG A 219 6.98 18.99 -24.00
CA ARG A 219 7.30 17.93 -23.05
C ARG A 219 8.80 17.91 -22.72
N GLU A 220 9.63 18.28 -23.69
CA GLU A 220 11.05 18.46 -23.40
C GLU A 220 11.28 19.65 -22.48
N ALA A 221 10.48 20.72 -22.64
CA ALA A 221 10.52 21.84 -21.71
C ALA A 221 9.97 21.46 -20.35
N ARG A 222 9.06 20.49 -20.29
CA ARG A 222 8.60 19.97 -19.01
C ARG A 222 9.69 19.17 -18.31
N SER A 223 10.44 18.37 -19.07
CA SER A 223 11.53 17.61 -18.48
C SER A 223 12.72 18.49 -18.12
N ARG A 224 12.88 19.62 -18.82
CA ARG A 224 13.94 20.57 -18.50
C ARG A 224 13.55 21.55 -17.40
N GLN A 225 12.31 21.44 -16.90
CA GLN A 225 11.83 22.14 -15.70
C GLN A 225 11.89 23.66 -15.83
N GLU A 226 11.69 24.15 -17.06
CA GLU A 226 11.81 25.57 -17.38
C GLU A 226 10.63 26.04 -18.21
N SER A 227 9.44 25.57 -17.87
CA SER A 227 8.30 25.63 -18.78
C SER A 227 7.79 27.06 -18.96
N TRP A 228 7.65 27.45 -20.22
CA TRP A 228 7.09 28.74 -20.61
C TRP A 228 5.58 28.61 -20.80
N PRO A 229 4.85 29.72 -20.96
CA PRO A 229 3.44 29.61 -21.34
C PRO A 229 3.22 29.03 -22.72
N HIS A 230 2.71 27.79 -22.76
CA HIS A 230 2.37 27.08 -23.98
C HIS A 230 1.44 25.93 -23.60
N GLY A 231 0.93 25.25 -24.61
CA GLY A 231 -0.05 24.18 -24.43
C GLY A 231 0.43 22.84 -24.94
N PHE A 232 0.15 21.80 -24.17
CA PHE A 232 0.19 20.43 -24.65
C PHE A 232 -0.85 19.65 -23.86
N SER A 233 -1.51 18.70 -24.52
CA SER A 233 -2.68 18.01 -24.00
C SER A 233 -2.34 16.57 -23.63
N GLU A 234 -3.30 15.90 -23.02
CA GLU A 234 -3.14 14.52 -22.58
C GLU A 234 -4.49 13.82 -22.56
N TYR A 235 -4.61 12.73 -23.34
CA TYR A 235 -5.88 12.03 -23.50
C TYR A 235 -5.81 10.65 -22.86
N PRO A 236 -6.44 10.43 -21.70
CA PRO A 236 -6.30 9.14 -21.03
C PRO A 236 -7.38 8.12 -21.38
N ASN A 237 -6.93 6.85 -21.38
CA ASN A 237 -7.69 5.62 -21.68
C ASN A 237 -8.62 5.75 -22.89
N LEU A 238 -8.01 5.95 -24.05
CA LEU A 238 -8.70 5.76 -25.30
C LEU A 238 -8.84 4.28 -25.60
N ALA A 239 -9.70 3.95 -26.56
CA ALA A 239 -9.85 2.59 -27.04
C ALA A 239 -9.65 2.55 -28.55
N ILE A 240 -9.26 1.40 -29.05
CA ILE A 240 -8.91 1.22 -30.46
C ILE A 240 -9.94 0.32 -31.10
N GLN A 241 -10.47 0.74 -32.26
CA GLN A 241 -11.39 -0.10 -33.02
C GLN A 241 -10.82 -0.30 -34.42
N LYS A 242 -10.85 -1.54 -34.90
CA LYS A 242 -10.22 -1.89 -36.16
C LYS A 242 -11.27 -2.21 -37.22
N PHE A 243 -11.04 -1.71 -38.43
CA PHE A 243 -11.92 -1.95 -39.56
C PHE A 243 -11.14 -2.69 -40.64
N GLY A 244 -11.81 -3.65 -41.28
CA GLY A 244 -11.14 -4.42 -42.31
C GLY A 244 -10.47 -5.64 -41.76
N GLY A 245 -9.16 -5.53 -41.50
CA GLY A 245 -8.40 -6.66 -41.02
C GLY A 245 -6.96 -6.54 -41.44
N THR A 246 -6.44 -7.57 -42.10
CA THR A 246 -5.09 -7.49 -42.65
C THR A 246 -5.04 -6.63 -43.91
N LYS A 247 -6.17 -6.42 -44.57
CA LYS A 247 -6.24 -5.60 -45.77
C LYS A 247 -7.30 -4.52 -45.58
N PRO A 248 -6.94 -3.34 -45.10
CA PRO A 248 -7.94 -2.30 -44.82
C PRO A 248 -8.30 -1.39 -45.98
N GLN A 249 -7.82 -1.67 -47.19
CA GLN A 249 -8.15 -0.84 -48.34
C GLN A 249 -9.46 -1.24 -49.01
N ASN A 250 -10.05 -2.33 -48.58
CA ASN A 250 -11.34 -2.71 -49.13
C ASN A 250 -12.42 -1.72 -48.73
N ILE A 251 -12.39 -1.30 -47.46
CA ILE A 251 -13.38 -0.38 -46.91
C ILE A 251 -13.38 0.98 -47.60
N SER A 252 -12.51 1.89 -47.16
CA SER A 252 -12.42 3.22 -47.76
C SER A 252 -10.98 3.74 -47.83
N GLN A 253 -10.72 4.64 -48.78
CA GLN A 253 -9.39 5.19 -49.00
C GLN A 253 -8.87 5.88 -47.75
N LEU A 254 -9.76 6.60 -47.07
CA LEU A 254 -9.43 7.28 -45.82
C LEU A 254 -9.04 6.30 -44.72
N ASN A 255 -9.70 5.13 -44.70
CA ASN A 255 -9.46 4.11 -43.69
C ASN A 255 -8.02 3.62 -43.72
N SER A 256 -7.45 3.48 -44.92
CA SER A 256 -6.07 3.03 -45.06
C SER A 256 -5.07 4.00 -44.44
N GLU A 257 -5.35 5.30 -44.55
CA GLU A 257 -4.47 6.34 -44.01
C GLU A 257 -4.30 6.21 -42.49
N ARG A 258 -5.38 5.87 -41.80
CA ARG A 258 -5.34 5.71 -40.36
C ARG A 258 -4.79 4.31 -40.05
N TYR A 259 -4.53 3.56 -41.12
CA TYR A 259 -4.05 2.18 -41.05
C TYR A 259 -5.20 1.33 -40.57
N GLY A 260 -6.26 1.33 -41.35
CA GLY A 260 -7.46 0.59 -41.04
C GLY A 260 -7.90 0.73 -39.59
N GLU A 261 -7.86 1.94 -39.06
CA GLU A 261 -8.22 2.15 -37.67
C GLU A 261 -8.79 3.51 -37.29
N ASN A 262 -9.30 3.57 -36.08
CA ASN A 262 -9.92 4.73 -35.45
C ASN A 262 -9.96 4.60 -33.92
N TRP A 263 -9.90 5.75 -33.25
CA TRP A 263 -9.74 5.86 -31.80
C TRP A 263 -11.01 6.41 -31.17
N LEU A 264 -11.34 5.91 -29.99
CA LEU A 264 -12.58 6.26 -29.31
C LEU A 264 -12.27 6.78 -27.92
N LEU A 265 -13.02 7.83 -27.48
CA LEU A 265 -12.90 8.62 -26.28
C LEU A 265 -13.67 7.99 -25.12
N PRO A 266 -13.16 8.12 -23.89
CA PRO A 266 -13.79 7.44 -22.76
C PRO A 266 -15.05 8.18 -22.30
N SER A 267 -16.17 7.47 -22.35
CA SER A 267 -17.49 7.98 -21.97
C SER A 267 -18.00 7.24 -20.74
N LEU A 268 -17.07 6.65 -19.98
CA LEU A 268 -17.36 5.75 -18.83
C LEU A 268 -18.00 6.46 -17.64
N PRO A 269 -18.69 5.70 -16.75
CA PRO A 269 -19.33 6.22 -15.53
C PRO A 269 -18.31 6.54 -14.42
N PRO A 270 -18.70 7.21 -13.32
CA PRO A 270 -17.72 7.65 -12.31
C PRO A 270 -16.87 6.52 -11.74
N HIS A 271 -17.40 5.34 -11.46
CA HIS A 271 -16.50 4.32 -10.94
C HIS A 271 -16.75 3.04 -11.73
N TRP A 272 -15.77 2.62 -12.52
CA TRP A 272 -15.93 1.42 -13.31
C TRP A 272 -14.98 0.29 -12.93
N GLN A 273 -14.20 0.51 -11.88
CA GLN A 273 -13.24 -0.48 -11.41
C GLN A 273 -13.35 -0.69 -9.91
N ARG A 274 -14.41 -1.34 -9.47
CA ARG A 274 -14.62 -1.58 -8.04
C ARG A 274 -13.57 -2.47 -7.41
N GLN A 275 -13.11 -2.07 -6.23
CA GLN A 275 -12.12 -2.83 -5.46
C GLN A 275 -12.72 -3.02 -4.08
N ASP A 276 -12.61 -4.22 -3.53
CA ASP A 276 -13.21 -4.48 -2.22
C ASP A 276 -12.75 -3.44 -1.20
N GLN A 277 -13.65 -3.11 -0.28
CA GLN A 277 -13.39 -2.11 0.76
C GLN A 277 -12.98 -2.83 2.04
N ARG A 278 -11.82 -2.44 2.58
CA ARG A 278 -11.25 -3.09 3.76
C ARG A 278 -11.67 -2.30 4.99
N ALA A 279 -12.84 -2.64 5.52
CA ALA A 279 -13.31 -2.04 6.76
C ALA A 279 -13.46 -3.16 7.78
N PRO A 280 -12.44 -4.00 7.93
CA PRO A 280 -12.54 -5.09 8.91
C PRO A 280 -12.02 -4.69 10.27
N ILE A 281 -11.95 -5.64 11.20
CA ILE A 281 -11.50 -5.37 12.56
C ILE A 281 -9.99 -5.19 12.57
N ARG A 282 -9.57 -3.96 12.28
CA ARG A 282 -8.17 -3.57 12.32
C ARG A 282 -8.02 -2.37 13.23
N HIS A 283 -6.94 -2.37 14.03
CA HIS A 283 -6.70 -1.24 14.93
C HIS A 283 -6.26 0.00 14.16
N SER A 284 -5.55 -0.18 13.04
CA SER A 284 -5.17 0.92 12.17
C SER A 284 -6.12 1.07 10.99
N SER A 285 -7.08 0.17 10.82
CA SER A 285 -8.04 0.21 9.72
C SER A 285 -9.48 0.32 10.20
N VAL A 286 -9.71 0.53 11.49
CA VAL A 286 -11.07 0.67 12.02
C VAL A 286 -11.19 1.98 12.78
N PHE A 287 -10.35 2.15 13.81
CA PHE A 287 -10.37 3.39 14.58
C PHE A 287 -9.79 4.55 13.78
N GLU A 288 -8.75 4.30 13.00
CA GLU A 288 -8.16 5.32 12.14
C GLU A 288 -8.91 5.50 10.84
N HIS A 289 -9.90 4.64 10.55
CA HIS A 289 -10.69 4.70 9.32
C HIS A 289 -11.98 5.48 9.48
N ASP A 290 -12.01 6.48 10.37
CA ASP A 290 -13.17 7.34 10.54
C ASP A 290 -13.16 8.52 9.56
N PHE A 291 -12.15 8.63 8.71
CA PHE A 291 -12.04 9.72 7.75
C PHE A 291 -12.35 9.31 6.32
N GLY A 292 -11.87 8.14 5.88
CA GLY A 292 -12.14 7.66 4.53
C GLY A 292 -11.15 8.14 3.48
N ARG A 293 -9.86 7.87 3.69
CA ARG A 293 -8.81 8.27 2.76
C ARG A 293 -8.82 7.31 1.60
N SER A 294 -9.59 7.65 0.57
CA SER A 294 -9.69 6.84 -0.64
C SER A 294 -8.67 7.30 -1.66
N PRO A 295 -8.43 6.50 -2.71
CA PRO A 295 -7.47 6.88 -3.74
C PRO A 295 -8.02 7.78 -4.84
N GLU A 296 -9.26 8.25 -4.70
CA GLU A 296 -9.87 9.17 -5.64
C GLU A 296 -9.98 10.59 -5.10
N VAL A 297 -9.39 10.85 -3.93
CA VAL A 297 -9.40 12.18 -3.34
C VAL A 297 -8.03 12.86 -3.43
N SER A 298 -7.13 12.32 -4.25
CA SER A 298 -5.82 12.95 -4.41
C SER A 298 -5.90 14.20 -5.26
N ARG A 299 -6.74 14.21 -6.30
CA ARG A 299 -6.89 15.39 -7.13
C ARG A 299 -7.61 16.50 -6.39
N LEU A 300 -8.64 16.15 -5.60
CA LEU A 300 -9.36 17.15 -4.83
C LEU A 300 -8.51 17.71 -3.71
N THR A 301 -7.69 16.85 -3.08
CA THR A 301 -6.77 17.31 -2.03
C THR A 301 -5.69 18.21 -2.61
N ARG A 302 -5.17 17.87 -3.80
CA ARG A 302 -4.15 18.70 -4.43
C ARG A 302 -4.72 20.01 -4.92
N THR A 303 -5.99 20.02 -5.34
CA THR A 303 -6.62 21.28 -5.74
C THR A 303 -6.95 22.15 -4.53
N LEU A 304 -7.33 21.54 -3.41
CA LEU A 304 -7.60 22.32 -2.21
C LEU A 304 -6.32 22.82 -1.56
N GLN A 305 -5.20 22.14 -1.79
CA GLN A 305 -3.94 22.58 -1.22
C GLN A 305 -3.41 23.81 -1.94
N ARG A 306 -3.30 23.74 -3.27
CA ARG A 306 -2.80 24.85 -4.08
C ARG A 306 -3.89 25.82 -4.51
N LEU A 307 -5.08 25.76 -3.89
CA LEU A 307 -6.19 26.64 -4.24
C LEU A 307 -6.45 27.71 -3.19
N LEU A 308 -5.59 27.83 -2.18
CA LEU A 308 -5.75 28.79 -1.10
C LEU A 308 -4.65 29.85 -1.09
N ALA A 309 -4.31 30.37 -2.26
CA ALA A 309 -3.26 31.38 -2.38
C ALA A 309 -3.62 32.55 -3.30
N LYS A 310 -4.78 32.55 -3.94
CA LYS A 310 -5.12 33.56 -4.93
C LYS A 310 -5.48 34.89 -4.26
N THR A 311 -5.29 35.97 -5.02
CA THR A 311 -5.56 37.32 -4.54
C THR A 311 -6.99 37.75 -4.88
N ARG A 312 -7.31 38.99 -4.54
CA ARG A 312 -8.68 39.50 -4.67
C ARG A 312 -8.94 40.08 -6.05
N HIS A 313 -7.96 39.99 -6.95
CA HIS A 313 -8.15 40.41 -8.33
C HIS A 313 -8.91 39.38 -9.15
N ASN A 314 -8.93 38.11 -8.69
CA ASN A 314 -9.75 37.10 -9.33
C ASN A 314 -10.35 36.14 -8.32
N ASN A 315 -10.72 36.62 -7.13
CA ASN A 315 -11.01 35.74 -6.00
C ASN A 315 -12.34 35.01 -6.14
N PHE A 316 -13.25 35.53 -6.98
CA PHE A 316 -14.59 34.97 -7.07
C PHE A 316 -14.60 33.57 -7.69
N THR A 317 -13.87 33.39 -8.80
CA THR A 317 -13.80 32.09 -9.45
C THR A 317 -13.05 31.08 -8.59
N ILE A 318 -12.00 31.53 -7.89
CA ILE A 318 -11.23 30.63 -7.03
C ILE A 318 -12.06 30.18 -5.83
N ARG A 319 -12.86 31.10 -5.25
CA ARG A 319 -13.73 30.73 -4.14
C ARG A 319 -14.84 29.79 -4.58
N ARG A 320 -15.42 30.03 -5.77
CA ARG A 320 -16.42 29.12 -6.30
C ARG A 320 -15.84 27.74 -6.60
N TYR A 321 -14.58 27.71 -7.07
CA TYR A 321 -13.93 26.43 -7.35
C TYR A 321 -13.64 25.67 -6.05
N ARG A 322 -13.25 26.38 -5.00
CA ARG A 322 -13.03 25.72 -3.71
C ARG A 322 -14.33 25.17 -3.13
N ALA A 323 -15.42 25.94 -3.26
CA ALA A 323 -16.72 25.46 -2.80
C ALA A 323 -17.19 24.25 -3.61
N GLN A 324 -16.95 24.25 -4.92
CA GLN A 324 -17.33 23.11 -5.75
C GLN A 324 -16.49 21.87 -5.42
N LEU A 325 -15.20 22.06 -5.13
CA LEU A 325 -14.34 20.95 -4.76
C LEU A 325 -14.77 20.34 -3.42
N VAL A 326 -15.15 21.19 -2.46
CA VAL A 326 -15.63 20.67 -1.18
C VAL A 326 -16.95 19.95 -1.34
N GLY A 327 -17.84 20.48 -2.19
CA GLY A 327 -19.14 19.85 -2.40
C GLY A 327 -19.02 18.51 -3.11
N GLN A 328 -18.04 18.39 -4.02
CA GLN A 328 -17.78 17.09 -4.64
C GLN A 328 -17.12 16.13 -3.67
N ILE A 329 -16.28 16.66 -2.77
CA ILE A 329 -15.55 15.79 -1.84
C ILE A 329 -16.48 15.22 -0.78
N CYS A 330 -17.56 15.93 -0.47
CA CYS A 330 -18.57 15.38 0.44
C CYS A 330 -19.30 14.19 -0.19
N ASP A 331 -19.66 14.30 -1.47
CA ASP A 331 -20.45 13.27 -2.13
C ASP A 331 -19.64 12.00 -2.38
N GLU A 332 -18.32 12.15 -2.59
CA GLU A 332 -17.46 10.99 -2.77
C GLU A 332 -17.38 10.17 -1.48
N ALA A 333 -17.31 10.86 -0.33
CA ALA A 333 -17.31 10.16 0.96
C ALA A 333 -18.66 9.53 1.25
N LEU A 334 -19.74 10.19 0.82
CA LEU A 334 -21.08 9.61 0.99
C LEU A 334 -21.24 8.33 0.17
N GLN A 335 -20.80 8.34 -1.09
CA GLN A 335 -20.89 7.15 -1.93
C GLN A 335 -19.94 6.06 -1.46
N TYR A 336 -18.78 6.44 -0.92
CA TYR A 336 -17.83 5.44 -0.41
C TYR A 336 -18.35 4.80 0.87
N ALA A 337 -19.07 5.56 1.70
CA ALA A 337 -19.70 4.94 2.86
C ALA A 337 -20.90 4.09 2.46
N ALA A 338 -21.59 4.46 1.39
CA ALA A 338 -22.77 3.71 0.97
C ALA A 338 -22.43 2.43 0.24
N ARG A 339 -21.29 2.38 -0.44
CA ARG A 339 -20.93 1.22 -1.24
C ARG A 339 -19.83 0.37 -0.62
N LEU A 340 -19.06 0.91 0.33
CA LEU A 340 -17.94 0.18 0.91
C LEU A 340 -18.40 -0.74 2.04
N ARG A 341 -18.98 -0.16 3.09
CA ARG A 341 -19.53 -0.98 4.17
C ARG A 341 -20.82 -1.66 3.75
N GLU A 342 -21.65 -0.97 2.96
CA GLU A 342 -22.92 -1.51 2.52
C GLU A 342 -22.77 -2.60 1.47
N LEU A 343 -21.63 -2.65 0.78
CA LEU A 343 -21.45 -3.66 -0.26
C LEU A 343 -21.08 -5.01 0.35
N GLU A 344 -20.09 -5.02 1.24
CA GLU A 344 -19.68 -6.26 1.88
C GLU A 344 -20.73 -6.67 2.91
N PRO A 345 -21.15 -7.93 2.94
CA PRO A 345 -22.25 -8.32 3.83
C PRO A 345 -21.79 -8.71 5.24
N GLY A 346 -20.57 -8.33 5.59
CA GLY A 346 -20.02 -8.67 6.90
C GLY A 346 -19.44 -7.47 7.62
N TRP A 347 -19.60 -7.45 8.94
CA TRP A 347 -19.03 -6.40 9.78
C TRP A 347 -18.85 -6.99 11.17
N SER A 348 -17.64 -7.43 11.47
CA SER A 348 -17.35 -8.07 12.75
C SER A 348 -17.01 -7.01 13.80
N ALA A 349 -16.49 -7.44 14.94
CA ALA A 349 -16.07 -6.51 15.98
C ALA A 349 -14.76 -5.85 15.57
N THR A 350 -14.70 -4.54 15.75
CA THR A 350 -13.54 -3.77 15.34
C THR A 350 -12.36 -4.01 16.29
N PRO A 351 -11.14 -3.76 15.83
CA PRO A 351 -9.98 -3.90 16.72
C PRO A 351 -9.94 -2.74 17.69
N GLY A 352 -10.02 -3.04 18.99
CA GLY A 352 -10.18 -2.01 19.99
C GLY A 352 -11.55 -1.39 19.94
N CYS A 353 -12.56 -2.16 20.36
CA CYS A 353 -13.96 -1.74 20.25
C CYS A 353 -14.31 -0.56 21.15
N GLN A 354 -13.49 -0.26 22.16
CA GLN A 354 -13.71 0.94 22.96
C GLN A 354 -13.31 2.21 22.20
N LEU A 355 -12.51 2.07 21.14
CA LEU A 355 -12.06 3.21 20.34
C LEU A 355 -12.48 3.13 18.88
N HIS A 356 -12.62 1.93 18.31
CA HIS A 356 -12.99 1.76 16.91
C HIS A 356 -14.49 1.65 16.70
N ASP A 357 -15.29 2.27 17.55
CA ASP A 357 -16.74 2.13 17.53
C ASP A 357 -17.48 3.32 16.93
N ALA A 358 -16.81 4.47 16.79
CA ALA A 358 -17.47 5.61 16.17
C ALA A 358 -17.65 5.39 14.67
N GLU A 359 -16.59 4.99 13.97
CA GLU A 359 -16.70 4.64 12.57
C GLU A 359 -17.47 3.35 12.36
N GLN A 360 -17.35 2.40 13.30
CA GLN A 360 -18.11 1.16 13.22
C GLN A 360 -19.58 1.36 13.55
N LEU A 361 -19.95 2.46 14.21
CA LEU A 361 -21.35 2.77 14.45
C LEU A 361 -21.96 3.62 13.35
N TRP A 362 -21.21 4.61 12.85
CA TRP A 362 -21.75 5.49 11.82
C TRP A 362 -21.77 4.81 10.45
N LEU A 363 -20.61 4.45 9.94
CA LEU A 363 -20.50 3.74 8.67
C LEU A 363 -20.46 2.23 8.86
N ASP A 364 -21.42 1.72 9.61
CA ASP A 364 -21.53 0.31 9.93
C ASP A 364 -22.87 -0.22 9.42
N PRO A 365 -22.98 -1.53 9.23
CA PRO A 365 -24.24 -2.07 8.72
C PRO A 365 -25.29 -2.28 9.80
N LEU A 366 -26.41 -2.89 9.43
CA LEU A 366 -27.47 -3.19 10.38
C LEU A 366 -27.15 -4.43 11.22
N ARG A 367 -28.15 -4.97 11.89
CA ARG A 367 -27.96 -6.12 12.76
C ARG A 367 -27.62 -7.37 11.95
N ALA A 368 -26.93 -8.30 12.62
CA ALA A 368 -26.41 -9.51 11.99
C ALA A 368 -26.63 -10.67 12.95
N GLN A 369 -25.94 -11.79 12.68
CA GLN A 369 -26.09 -12.98 13.51
C GLN A 369 -25.55 -12.80 14.91
N THR A 370 -24.58 -11.89 15.10
CA THR A 370 -24.04 -11.57 16.41
C THR A 370 -24.76 -10.42 17.08
N ASP A 371 -26.00 -10.14 16.68
CA ASP A 371 -26.78 -9.04 17.25
C ASP A 371 -27.24 -9.43 18.65
N GLU A 372 -26.64 -8.82 19.66
CA GLU A 372 -26.98 -9.09 21.06
C GLU A 372 -28.16 -8.22 21.47
N THR A 373 -28.43 -8.17 22.78
CA THR A 373 -29.54 -7.37 23.29
C THR A 373 -29.27 -5.88 23.14
N PHE A 374 -28.09 -5.43 23.55
CA PHE A 374 -27.66 -4.05 23.33
C PHE A 374 -26.84 -3.91 22.06
N LEU A 375 -27.37 -4.44 20.96
CA LEU A 375 -26.77 -4.31 19.64
C LEU A 375 -27.69 -3.60 18.66
N GLN A 376 -28.96 -4.00 18.60
CA GLN A 376 -29.96 -3.32 17.80
C GLN A 376 -30.71 -2.26 18.58
N ARG A 377 -30.29 -1.96 19.80
CA ARG A 377 -30.90 -0.91 20.61
C ARG A 377 -29.88 0.12 21.09
N ARG A 378 -28.74 0.22 20.42
CA ARG A 378 -27.69 1.16 20.81
C ARG A 378 -27.45 2.24 19.76
N LEU A 379 -27.17 1.85 18.52
CA LEU A 379 -26.87 2.81 17.47
C LEU A 379 -28.10 3.35 16.76
N ARG A 380 -29.23 2.64 16.85
CA ARG A 380 -30.48 3.12 16.27
C ARG A 380 -31.32 3.92 17.25
N GLY A 381 -31.06 3.79 18.55
CA GLY A 381 -31.84 4.51 19.54
C GLY A 381 -31.11 5.70 20.12
N ASP A 382 -29.78 5.70 20.01
CA ASP A 382 -28.99 6.81 20.50
C ASP A 382 -29.06 7.99 19.53
N TRP A 383 -28.54 9.13 19.97
CA TRP A 383 -28.56 10.34 19.16
C TRP A 383 -27.51 10.23 18.06
N PRO A 384 -27.90 10.09 16.79
CA PRO A 384 -26.92 10.01 15.69
C PRO A 384 -26.53 11.39 15.16
N ALA A 385 -25.94 12.21 16.04
CA ALA A 385 -25.55 13.56 15.66
C ALA A 385 -24.12 13.91 16.04
N GLU A 386 -23.37 12.98 16.65
CA GLU A 386 -21.95 13.23 16.90
C GLU A 386 -21.13 13.01 15.65
N VAL A 387 -21.68 12.27 14.68
CA VAL A 387 -20.95 11.90 13.47
C VAL A 387 -20.71 13.13 12.60
N GLY A 388 -21.61 14.12 12.66
CA GLY A 388 -21.40 15.34 11.90
C GLY A 388 -20.22 16.16 12.41
N ASN A 389 -20.10 16.28 13.74
CA ASN A 389 -18.95 16.97 14.32
C ASN A 389 -17.67 16.17 14.13
N ARG A 390 -17.78 14.83 14.15
CA ARG A 390 -16.60 13.99 13.89
C ARG A 390 -16.13 14.12 12.45
N PHE A 391 -17.06 14.27 11.50
CA PHE A 391 -16.67 14.48 10.11
C PHE A 391 -16.13 15.89 9.90
N ALA A 392 -16.67 16.87 10.64
CA ALA A 392 -16.13 18.22 10.57
C ALA A 392 -14.71 18.29 11.14
N ASN A 393 -14.42 17.46 12.15
CA ASN A 393 -13.08 17.42 12.72
C ASN A 393 -12.07 16.84 11.75
N TRP A 394 -12.51 15.90 10.90
CA TRP A 394 -11.65 15.42 9.83
C TRP A 394 -11.52 16.45 8.71
N LEU A 395 -12.60 17.17 8.43
CA LEU A 395 -12.57 18.17 7.35
C LEU A 395 -11.74 19.40 7.73
N ASN A 396 -11.57 19.64 9.03
CA ASN A 396 -10.81 20.81 9.47
C ASN A 396 -9.32 20.64 9.20
N ARG A 397 -8.85 19.39 9.12
CA ARG A 397 -7.44 19.16 8.80
C ARG A 397 -7.13 19.46 7.33
N ALA A 398 -8.07 19.15 6.44
CA ALA A 398 -7.85 19.33 5.01
C ALA A 398 -7.82 20.81 4.63
N VAL A 399 -8.75 21.59 5.17
CA VAL A 399 -8.81 23.03 4.92
C VAL A 399 -7.94 23.68 5.98
N SER A 400 -6.74 24.12 5.58
CA SER A 400 -5.75 24.63 6.53
C SER A 400 -6.19 26.00 7.05
N SER A 401 -6.06 26.18 8.36
CA SER A 401 -6.39 27.43 9.02
C SER A 401 -5.20 27.91 9.84
N ASP A 402 -5.07 29.22 9.96
CA ASP A 402 -4.00 29.84 10.73
C ASP A 402 -4.34 31.32 10.90
N SER A 403 -3.39 32.09 11.42
CA SER A 403 -3.58 33.53 11.56
C SER A 403 -3.55 34.25 10.22
N GLN A 404 -3.02 33.62 9.17
CA GLN A 404 -3.05 34.22 7.84
C GLN A 404 -4.46 34.24 7.26
N ILE A 405 -5.28 33.25 7.61
CA ILE A 405 -6.66 33.18 7.15
C ILE A 405 -7.63 33.61 8.23
N LEU A 406 -7.38 33.22 9.49
CA LEU A 406 -8.27 33.58 10.58
C LEU A 406 -8.19 35.06 10.93
N GLY A 407 -7.01 35.67 10.74
CA GLY A 407 -6.90 37.11 10.92
C GLY A 407 -7.50 37.92 9.79
N SER A 408 -7.73 37.30 8.64
CA SER A 408 -8.37 37.95 7.51
C SER A 408 -9.85 37.60 7.48
N PRO A 409 -10.62 38.18 6.56
CA PRO A 409 -12.06 37.88 6.50
C PRO A 409 -12.44 36.77 5.53
N GLU A 410 -11.47 36.06 4.94
CA GLU A 410 -11.76 34.96 4.04
C GLU A 410 -11.81 33.61 4.75
N ALA A 411 -11.11 33.48 5.87
CA ALA A 411 -11.15 32.24 6.65
C ALA A 411 -12.50 32.07 7.34
N ALA A 412 -13.19 33.16 7.65
CA ALA A 412 -14.52 33.06 8.23
C ALA A 412 -15.53 32.49 7.23
N GLN A 413 -15.49 32.97 5.99
CA GLN A 413 -16.34 32.39 4.95
C GLN A 413 -15.89 30.97 4.59
N TRP A 414 -14.59 30.69 4.67
CA TRP A 414 -14.09 29.35 4.39
C TRP A 414 -14.50 28.36 5.48
N SER A 415 -14.72 28.84 6.69
CA SER A 415 -15.29 27.99 7.73
C SER A 415 -16.81 27.91 7.64
N GLN A 416 -17.46 28.99 7.20
CA GLN A 416 -18.91 28.98 7.07
C GLN A 416 -19.38 28.10 5.92
N GLU A 417 -18.58 27.97 4.86
CA GLU A 417 -18.93 27.06 3.77
C GLU A 417 -18.87 25.61 4.22
N LEU A 418 -17.83 25.24 4.95
CA LEU A 418 -17.75 23.89 5.51
C LEU A 418 -18.83 23.65 6.56
N SER A 419 -19.23 24.70 7.30
CA SER A 419 -20.32 24.56 8.25
C SER A 419 -21.66 24.34 7.54
N LYS A 420 -21.88 25.05 6.42
CA LYS A 420 -23.12 24.86 5.66
C LYS A 420 -23.13 23.52 4.95
N GLU A 421 -21.95 22.97 4.63
CA GLU A 421 -21.89 21.65 4.03
C GLU A 421 -22.12 20.55 5.06
N LEU A 422 -21.46 20.64 6.22
CA LEU A 422 -21.60 19.65 7.26
C LEU A 422 -22.88 19.80 8.07
N THR A 423 -23.63 20.89 7.86
CA THR A 423 -24.92 21.04 8.53
C THR A 423 -25.95 20.04 8.00
N MET A 424 -25.85 19.68 6.72
CA MET A 424 -26.69 18.62 6.17
C MET A 424 -26.14 17.23 6.44
N PHE A 425 -24.96 17.13 7.05
CA PHE A 425 -24.36 15.83 7.31
C PHE A 425 -25.06 15.08 8.43
N LYS A 426 -25.76 15.81 9.29
CA LYS A 426 -26.57 15.18 10.33
C LYS A 426 -28.00 14.93 9.89
N GLU A 427 -28.50 15.65 8.89
CA GLU A 427 -29.86 15.45 8.39
C GLU A 427 -29.92 14.42 7.28
N ILE A 428 -28.95 14.43 6.38
CA ILE A 428 -28.90 13.41 5.34
C ILE A 428 -28.19 12.16 5.83
N LEU A 429 -27.27 12.31 6.78
CA LEU A 429 -26.57 11.18 7.38
C LEU A 429 -27.21 10.72 8.68
N GLU A 430 -28.42 11.18 8.98
CA GLU A 430 -29.11 10.80 10.21
C GLU A 430 -30.57 10.43 9.97
N ASP A 431 -30.94 10.12 8.73
CA ASP A 431 -32.29 9.67 8.41
C ASP A 431 -32.39 8.15 8.32
N GLU A 432 -31.30 7.43 8.60
CA GLU A 432 -31.33 5.97 8.53
C GLU A 432 -31.76 5.36 9.86
N ARG A 433 -31.00 5.64 10.93
CA ARG A 433 -31.31 5.07 12.23
C ARG A 433 -32.49 5.79 12.88
N ASP A 434 -32.35 7.10 13.08
CA ASP A 434 -33.41 7.89 13.68
C ASP A 434 -34.40 8.35 12.60
N VAL B 3 -44.79 15.73 -22.73
CA VAL B 3 -43.73 16.51 -22.10
C VAL B 3 -44.31 17.27 -20.91
N THR B 4 -45.25 16.65 -20.22
CA THR B 4 -45.82 17.21 -19.00
C THR B 4 -45.13 16.65 -17.77
N ASP B 5 -45.47 17.20 -16.63
CA ASP B 5 -45.00 16.66 -15.37
C ASP B 5 -45.75 15.37 -15.09
N PRO B 6 -45.05 14.25 -14.87
CA PRO B 6 -45.74 12.96 -14.77
C PRO B 6 -46.51 12.81 -13.48
N GLU B 7 -47.59 12.06 -13.56
CA GLU B 7 -48.44 11.87 -12.40
C GLU B 7 -47.82 10.92 -11.39
N ALA B 8 -47.03 9.95 -11.84
CA ALA B 8 -46.43 9.00 -10.93
C ALA B 8 -45.04 8.61 -11.41
N LEU B 9 -44.26 8.03 -10.50
CA LEU B 9 -42.96 7.47 -10.79
C LEU B 9 -42.98 5.97 -10.54
N LEU B 10 -42.28 5.23 -11.40
CA LEU B 10 -42.25 3.77 -11.35
C LEU B 10 -40.80 3.32 -11.28
N LEU B 11 -40.44 2.60 -10.23
CA LEU B 11 -39.09 2.11 -10.06
C LEU B 11 -38.91 0.79 -10.80
N LEU B 12 -37.70 0.57 -11.31
CA LEU B 12 -37.21 -0.73 -11.72
C LEU B 12 -35.87 -0.89 -11.05
N PRO B 13 -35.79 -1.68 -9.98
CA PRO B 13 -34.81 -1.43 -8.92
C PRO B 13 -33.37 -1.80 -9.23
N ARG B 14 -33.13 -2.99 -9.76
CA ARG B 14 -31.76 -3.42 -10.02
C ARG B 14 -31.79 -4.34 -11.25
N LEU B 15 -31.61 -3.75 -12.41
CA LEU B 15 -31.60 -4.45 -13.68
C LEU B 15 -30.16 -4.81 -13.98
N SER B 16 -29.86 -6.11 -13.94
CA SER B 16 -28.56 -6.60 -14.35
C SER B 16 -28.61 -7.04 -15.81
N ILE B 17 -27.80 -6.41 -16.65
CA ILE B 17 -27.77 -6.66 -18.09
C ILE B 17 -26.43 -7.28 -18.43
N GLN B 18 -26.47 -8.37 -19.18
CA GLN B 18 -25.26 -9.07 -19.61
C GLN B 18 -25.08 -8.87 -21.10
N ASN B 19 -23.85 -8.54 -21.50
CA ASN B 19 -23.41 -8.40 -22.89
C ASN B 19 -24.17 -7.30 -23.64
N ALA B 20 -24.19 -6.12 -23.01
CA ALA B 20 -24.75 -4.94 -23.66
C ALA B 20 -23.78 -4.42 -24.71
N ASN B 21 -24.15 -3.36 -25.41
CA ASN B 21 -23.30 -2.78 -26.44
C ASN B 21 -22.48 -1.67 -25.82
N ALA B 22 -21.16 -1.74 -25.96
CA ALA B 22 -20.30 -0.78 -25.30
C ALA B 22 -19.88 0.38 -26.19
N ILE B 23 -19.80 0.19 -27.52
CA ILE B 23 -19.21 1.22 -28.38
C ILE B 23 -20.14 2.44 -28.49
N SER B 24 -21.38 2.23 -28.92
CA SER B 24 -22.51 3.16 -28.81
C SER B 24 -22.43 4.42 -29.67
N SER B 25 -21.31 4.67 -30.36
CA SER B 25 -21.13 5.90 -31.14
C SER B 25 -19.91 5.74 -32.02
N PRO B 26 -19.82 6.45 -33.14
CA PRO B 26 -18.57 6.47 -33.92
C PRO B 26 -17.45 7.27 -33.30
N LEU B 27 -17.62 7.85 -32.11
CA LEU B 27 -16.58 8.62 -31.46
C LEU B 27 -16.33 8.27 -30.00
N THR B 28 -17.23 7.58 -29.32
CA THR B 28 -17.08 7.24 -27.90
C THR B 28 -17.08 5.73 -27.71
N TRP B 29 -16.80 5.26 -26.49
CA TRP B 29 -16.88 3.82 -26.20
C TRP B 29 -17.37 3.45 -24.81
N GLY B 30 -17.92 4.35 -24.01
CA GLY B 30 -18.17 3.94 -22.64
C GLY B 30 -19.51 3.28 -22.37
N PHE B 31 -20.32 3.94 -21.56
CA PHE B 31 -21.71 3.57 -21.31
C PHE B 31 -22.50 3.58 -22.62
N PRO B 32 -23.56 2.77 -22.73
CA PRO B 32 -24.41 2.83 -23.92
C PRO B 32 -25.18 4.15 -24.01
N SER B 33 -25.67 4.43 -25.21
CA SER B 33 -26.35 5.68 -25.48
C SER B 33 -27.71 5.71 -24.79
N PRO B 34 -28.18 6.90 -24.37
CA PRO B 34 -29.52 6.98 -23.76
C PRO B 34 -30.66 6.82 -24.74
N GLY B 35 -30.38 6.87 -26.05
CA GLY B 35 -31.40 6.53 -27.04
C GLY B 35 -31.85 5.08 -26.95
N ALA B 36 -30.94 4.20 -26.52
CA ALA B 36 -31.32 2.83 -26.23
C ALA B 36 -32.32 2.75 -25.09
N PHE B 37 -32.16 3.59 -24.07
CA PHE B 37 -33.06 3.55 -22.93
C PHE B 37 -34.42 4.14 -23.27
N THR B 38 -34.45 5.20 -24.08
CA THR B 38 -35.74 5.76 -24.49
C THR B 38 -36.45 4.84 -25.47
N GLY B 39 -35.70 4.16 -26.36
CA GLY B 39 -36.31 3.16 -27.21
C GLY B 39 -36.82 1.95 -26.45
N PHE B 40 -36.13 1.58 -25.37
CA PHE B 40 -36.59 0.48 -24.53
C PHE B 40 -37.90 0.83 -23.83
N VAL B 41 -38.01 2.06 -23.31
CA VAL B 41 -39.25 2.40 -22.62
C VAL B 41 -40.39 2.62 -23.63
N HIS B 42 -40.07 3.00 -24.87
CA HIS B 42 -41.13 3.08 -25.87
C HIS B 42 -41.62 1.70 -26.30
N ALA B 43 -40.70 0.74 -26.39
CA ALA B 43 -41.11 -0.63 -26.69
C ALA B 43 -41.91 -1.23 -25.54
N LEU B 44 -41.53 -0.92 -24.31
CA LEU B 44 -42.28 -1.39 -23.14
C LEU B 44 -43.67 -0.77 -23.10
N GLN B 45 -43.78 0.50 -23.51
CA GLN B 45 -45.09 1.14 -23.62
C GLN B 45 -45.94 0.46 -24.68
N ARG B 46 -45.35 0.19 -25.86
CA ARG B 46 -46.08 -0.48 -26.94
C ARG B 46 -46.55 -1.88 -26.55
N ARG B 47 -45.79 -2.58 -25.71
CA ARG B 47 -46.17 -3.95 -25.39
C ARG B 47 -46.96 -4.11 -24.09
N VAL B 48 -47.08 -3.07 -23.25
CA VAL B 48 -47.84 -3.15 -22.01
C VAL B 48 -48.92 -2.07 -21.92
N GLY B 49 -48.53 -0.80 -22.10
CA GLY B 49 -49.38 0.30 -21.69
C GLY B 49 -50.59 0.54 -22.56
N ILE B 50 -50.61 -0.01 -23.78
CA ILE B 50 -51.81 0.02 -24.59
C ILE B 50 -52.90 -0.82 -23.94
N SER B 51 -52.51 -1.93 -23.31
CA SER B 51 -53.47 -2.82 -22.67
C SER B 51 -53.71 -2.49 -21.21
N LEU B 52 -52.84 -1.68 -20.58
CA LEU B 52 -53.10 -1.22 -19.22
C LEU B 52 -53.50 0.24 -19.12
N ASP B 53 -53.69 0.92 -20.26
CA ASP B 53 -54.24 2.28 -20.35
C ASP B 53 -53.38 3.31 -19.61
N ILE B 54 -52.07 3.30 -19.87
CA ILE B 54 -51.15 4.24 -19.26
C ILE B 54 -50.19 4.72 -20.33
N GLU B 55 -49.43 5.76 -20.01
CA GLU B 55 -48.41 6.31 -20.89
C GLU B 55 -47.09 6.40 -20.15
N LEU B 56 -46.01 5.96 -20.79
CA LEU B 56 -44.68 6.00 -20.22
C LEU B 56 -43.79 6.82 -21.15
N ASP B 57 -43.14 7.85 -20.61
CA ASP B 57 -42.36 8.71 -21.48
C ASP B 57 -40.96 8.99 -20.93
N GLY B 58 -40.79 9.00 -19.61
CA GLY B 58 -39.54 9.41 -19.00
C GLY B 58 -38.72 8.22 -18.53
N VAL B 59 -37.39 8.40 -18.51
CA VAL B 59 -36.46 7.41 -17.98
C VAL B 59 -35.34 8.09 -17.22
N GLY B 60 -35.00 7.53 -16.07
CA GLY B 60 -33.84 7.99 -15.35
C GLY B 60 -32.81 6.91 -15.15
N ILE B 61 -31.63 7.15 -15.74
CA ILE B 61 -30.53 6.15 -15.75
C ILE B 61 -29.61 6.37 -14.55
N VAL B 62 -29.69 5.46 -13.59
CA VAL B 62 -28.76 5.48 -12.42
C VAL B 62 -27.89 4.24 -12.63
N CYS B 63 -26.57 4.42 -12.78
CA CYS B 63 -25.69 3.27 -13.06
C CYS B 63 -25.12 2.74 -11.74
N HIS B 64 -25.62 1.60 -11.26
CA HIS B 64 -25.05 1.07 -10.03
C HIS B 64 -23.62 0.56 -10.23
N ARG B 65 -23.40 -0.30 -11.23
CA ARG B 65 -22.04 -0.74 -11.51
C ARG B 65 -21.88 -1.09 -12.98
N PHE B 66 -20.63 -1.30 -13.39
CA PHE B 66 -20.26 -1.36 -14.80
C PHE B 66 -18.90 -2.01 -14.92
N GLU B 67 -18.80 -3.06 -15.74
CA GLU B 67 -17.50 -3.60 -16.13
C GLU B 67 -17.53 -3.91 -17.62
N ALA B 68 -16.35 -3.86 -18.24
CA ALA B 68 -16.25 -4.00 -19.67
C ALA B 68 -15.30 -5.14 -20.03
N GLN B 69 -15.53 -5.72 -21.21
CA GLN B 69 -14.66 -6.77 -21.74
C GLN B 69 -13.54 -6.13 -22.53
N ILE B 70 -12.56 -5.57 -21.82
CA ILE B 70 -11.45 -4.88 -22.44
C ILE B 70 -10.14 -5.50 -21.98
N SER B 71 -9.06 -5.11 -22.64
CA SER B 71 -7.73 -5.61 -22.36
C SER B 71 -6.71 -4.50 -22.52
N GLN B 72 -5.53 -4.71 -21.94
CA GLN B 72 -4.45 -3.71 -21.91
C GLN B 72 -3.19 -4.31 -22.52
N PRO B 73 -2.80 -3.92 -23.72
CA PRO B 73 -1.64 -4.55 -24.36
C PRO B 73 -0.31 -3.89 -24.06
N ALA B 74 0.70 -4.66 -23.63
CA ALA B 74 2.13 -4.27 -23.56
C ALA B 74 2.40 -3.06 -22.67
N GLY B 75 1.50 -2.74 -21.76
CA GLY B 75 1.64 -1.50 -21.02
C GLY B 75 1.42 -0.25 -21.84
N LYS B 76 0.79 -0.36 -23.00
CA LYS B 76 0.48 0.81 -23.80
C LYS B 76 -0.64 1.61 -23.16
N ARG B 77 -0.76 2.86 -23.58
CA ARG B 77 -1.82 3.71 -23.05
C ARG B 77 -3.07 3.67 -23.94
N THR B 78 -3.49 2.46 -24.32
CA THR B 78 -4.72 2.24 -25.09
C THR B 78 -5.38 0.99 -24.55
N LYS B 79 -6.54 0.65 -25.13
CA LYS B 79 -7.27 -0.54 -24.75
C LYS B 79 -7.88 -1.16 -25.99
N VAL B 80 -8.08 -2.48 -25.95
CA VAL B 80 -8.68 -3.22 -27.06
C VAL B 80 -9.89 -3.98 -26.53
N PHE B 81 -10.63 -4.59 -27.44
CA PHE B 81 -11.87 -5.28 -27.10
C PHE B 81 -11.71 -6.79 -27.24
N ASN B 82 -12.24 -7.52 -26.28
CA ASN B 82 -12.28 -8.98 -26.35
C ASN B 82 -13.39 -9.41 -27.29
N LEU B 83 -13.06 -10.22 -28.28
CA LEU B 83 -13.99 -10.58 -29.33
C LEU B 83 -14.60 -11.95 -29.05
N THR B 84 -15.51 -12.35 -29.93
CA THR B 84 -16.13 -13.66 -29.88
C THR B 84 -15.76 -14.44 -31.13
N ARG B 85 -15.91 -15.75 -31.08
CA ARG B 85 -15.54 -16.61 -32.20
C ARG B 85 -16.78 -16.98 -32.99
N ASN B 86 -16.78 -16.63 -34.27
CA ASN B 86 -17.92 -16.84 -35.14
C ASN B 86 -17.85 -18.23 -35.79
N PRO B 87 -18.96 -18.74 -36.30
CA PRO B 87 -18.91 -20.01 -37.04
C PRO B 87 -18.16 -19.87 -38.36
N LEU B 88 -17.86 -21.03 -38.95
CA LEU B 88 -17.02 -21.11 -40.13
C LEU B 88 -17.78 -20.68 -41.37
N ASN B 89 -17.07 -20.61 -42.48
CA ASN B 89 -17.64 -20.17 -43.74
C ASN B 89 -18.31 -21.33 -44.45
N ARG B 90 -18.95 -21.02 -45.59
CA ARG B 90 -19.62 -22.04 -46.39
C ARG B 90 -18.64 -23.01 -47.01
N ASP B 91 -17.53 -22.50 -47.54
CA ASP B 91 -16.44 -23.36 -48.00
C ASP B 91 -15.73 -24.02 -46.83
N GLY B 92 -15.79 -23.42 -45.65
CA GLY B 92 -15.24 -24.03 -44.46
C GLY B 92 -13.81 -23.63 -44.14
N SER B 93 -13.48 -22.34 -44.22
CA SER B 93 -12.14 -21.91 -43.87
C SER B 93 -12.10 -21.04 -42.61
N THR B 94 -12.66 -19.83 -42.67
CA THR B 94 -12.84 -18.87 -41.57
C THR B 94 -13.64 -17.74 -42.17
N ALA B 95 -14.13 -16.84 -41.32
CA ALA B 95 -14.79 -15.63 -41.79
C ALA B 95 -13.98 -14.40 -41.36
N ALA B 96 -14.22 -13.29 -42.06
CA ALA B 96 -13.65 -12.03 -41.66
C ALA B 96 -14.28 -11.54 -40.37
N ILE B 97 -13.49 -10.81 -39.58
CA ILE B 97 -13.88 -10.42 -38.23
C ILE B 97 -14.45 -9.02 -38.25
N VAL B 98 -15.67 -8.86 -37.71
CA VAL B 98 -16.20 -7.55 -37.36
C VAL B 98 -16.10 -7.41 -35.85
N GLU B 99 -15.83 -6.20 -35.39
CA GLU B 99 -15.52 -5.96 -33.99
C GLU B 99 -16.69 -5.29 -33.28
N GLU B 100 -16.97 -5.76 -32.07
CA GLU B 100 -17.97 -5.14 -31.22
C GLU B 100 -17.56 -5.34 -29.77
N GLY B 101 -17.88 -4.36 -28.94
CA GLY B 101 -17.55 -4.41 -27.53
C GLY B 101 -18.77 -4.80 -26.71
N ARG B 102 -18.53 -5.56 -25.65
CA ARG B 102 -19.58 -6.02 -24.77
C ARG B 102 -19.27 -5.58 -23.34
N ALA B 103 -20.30 -5.35 -22.55
CA ALA B 103 -20.14 -4.91 -21.18
C ALA B 103 -21.22 -5.54 -20.30
N HIS B 104 -20.93 -5.64 -19.02
CA HIS B 104 -21.87 -6.10 -18.00
C HIS B 104 -22.17 -4.91 -17.10
N LEU B 105 -23.40 -4.45 -17.11
CA LEU B 105 -23.79 -3.34 -16.25
C LEU B 105 -24.96 -3.72 -15.37
N GLU B 106 -25.12 -2.95 -14.30
CA GLU B 106 -26.25 -3.06 -13.38
C GLU B 106 -26.76 -1.65 -13.14
N VAL B 107 -28.00 -1.41 -13.53
CA VAL B 107 -28.58 -0.07 -13.54
C VAL B 107 -29.93 -0.12 -12.84
N SER B 108 -30.55 1.06 -12.72
CA SER B 108 -31.90 1.20 -12.20
C SER B 108 -32.65 2.20 -13.06
N LEU B 109 -33.94 1.98 -13.25
CA LEU B 109 -34.70 2.83 -14.15
C LEU B 109 -35.97 3.31 -13.48
N LEU B 110 -36.13 4.64 -13.39
CA LEU B 110 -37.35 5.20 -12.82
C LEU B 110 -38.17 5.75 -13.99
N LEU B 111 -39.44 5.34 -14.07
CA LEU B 111 -40.31 5.74 -15.17
C LEU B 111 -41.43 6.68 -14.74
N GLY B 112 -41.92 7.45 -15.69
CA GLY B 112 -43.00 8.39 -15.44
C GLY B 112 -44.30 7.94 -16.06
N VAL B 113 -45.37 7.95 -15.26
CA VAL B 113 -46.68 7.53 -15.72
C VAL B 113 -47.61 8.73 -15.72
N HIS B 114 -48.29 8.95 -16.85
CA HIS B 114 -49.27 10.02 -17.02
C HIS B 114 -50.69 9.51 -17.25
N GLY B 115 -50.90 8.20 -17.32
CA GLY B 115 -52.18 7.69 -17.76
C GLY B 115 -53.27 7.79 -16.72
N ASP B 116 -54.49 7.48 -17.16
CA ASP B 116 -55.66 7.44 -16.30
C ASP B 116 -55.88 6.06 -15.69
N GLY B 117 -55.00 5.10 -15.97
CA GLY B 117 -55.17 3.77 -15.41
C GLY B 117 -54.84 3.69 -13.92
N LEU B 118 -54.19 4.73 -13.38
CA LEU B 118 -53.83 4.74 -11.98
C LEU B 118 -55.06 4.84 -11.07
N ASP B 119 -56.13 5.45 -11.57
CA ASP B 119 -57.29 5.73 -10.72
C ASP B 119 -58.10 4.49 -10.43
N ASP B 120 -58.14 3.53 -11.35
CA ASP B 120 -59.06 2.42 -11.25
C ASP B 120 -58.43 1.11 -10.81
N HIS B 121 -57.10 1.04 -10.69
CA HIS B 121 -56.40 -0.19 -10.41
C HIS B 121 -55.40 0.05 -9.28
N PRO B 122 -55.05 -1.00 -8.52
CA PRO B 122 -54.04 -0.81 -7.47
C PRO B 122 -52.67 -0.57 -8.06
N ALA B 123 -51.83 0.12 -7.28
CA ALA B 123 -50.52 0.53 -7.78
C ALA B 123 -49.56 -0.65 -7.89
N GLN B 124 -49.60 -1.54 -6.90
CA GLN B 124 -48.65 -2.65 -6.86
C GLN B 124 -48.92 -3.66 -7.97
N GLU B 125 -50.16 -3.77 -8.42
CA GLU B 125 -50.47 -4.63 -9.57
C GLU B 125 -49.84 -4.09 -10.85
N ILE B 126 -49.90 -2.76 -11.04
CA ILE B 126 -49.31 -2.15 -12.23
C ILE B 126 -47.79 -2.26 -12.19
N ALA B 127 -47.20 -2.03 -11.01
CA ALA B 127 -45.75 -2.17 -10.87
C ALA B 127 -45.30 -3.60 -11.11
N ARG B 128 -46.05 -4.57 -10.58
CA ARG B 128 -45.69 -5.98 -10.75
C ARG B 128 -45.84 -6.42 -12.19
N GLN B 129 -46.88 -5.96 -12.89
CA GLN B 129 -47.07 -6.37 -14.27
C GLN B 129 -46.03 -5.74 -15.18
N VAL B 130 -45.64 -4.50 -14.92
CA VAL B 130 -44.58 -3.88 -15.73
C VAL B 130 -43.24 -4.55 -15.48
N GLN B 131 -42.92 -4.86 -14.21
CA GLN B 131 -41.66 -5.53 -13.91
C GLN B 131 -41.63 -6.97 -14.42
N GLU B 132 -42.78 -7.64 -14.44
CA GLU B 132 -42.83 -9.00 -14.96
C GLU B 132 -42.70 -9.01 -16.48
N GLN B 133 -43.28 -8.04 -17.16
CA GLN B 133 -43.16 -7.99 -18.60
C GLN B 133 -41.78 -7.50 -19.03
N ALA B 134 -41.12 -6.72 -18.19
CA ALA B 134 -39.80 -6.19 -18.55
C ALA B 134 -38.69 -7.22 -18.43
N GLY B 135 -38.91 -8.31 -17.72
CA GLY B 135 -37.88 -9.30 -17.53
C GLY B 135 -37.89 -10.39 -18.59
N ALA B 136 -38.38 -10.07 -19.77
CA ALA B 136 -38.42 -11.01 -20.88
C ALA B 136 -37.90 -10.46 -22.18
N MET B 137 -37.45 -9.20 -22.22
CA MET B 137 -36.82 -8.62 -23.39
C MET B 137 -35.50 -7.97 -22.96
N ARG B 138 -34.78 -7.42 -23.93
CA ARG B 138 -33.43 -6.92 -23.74
C ARG B 138 -33.40 -5.40 -23.86
N LEU B 139 -32.34 -4.82 -23.34
CA LEU B 139 -32.22 -3.38 -23.28
C LEU B 139 -31.20 -2.70 -24.17
N ALA B 140 -30.03 -3.28 -24.32
CA ALA B 140 -29.00 -2.59 -25.10
C ALA B 140 -28.36 -3.52 -26.12
N GLY B 141 -29.09 -4.53 -26.56
CA GLY B 141 -28.51 -5.63 -27.26
C GLY B 141 -28.13 -6.79 -26.39
N GLY B 142 -28.24 -6.63 -25.08
CA GLY B 142 -27.91 -7.69 -24.15
C GLY B 142 -29.09 -8.05 -23.28
N SER B 143 -29.21 -9.33 -22.96
CA SER B 143 -30.39 -9.85 -22.29
C SER B 143 -30.43 -9.42 -20.82
N ILE B 144 -31.64 -9.34 -20.29
CA ILE B 144 -31.86 -8.92 -18.91
C ILE B 144 -31.86 -10.16 -18.02
N LEU B 145 -30.93 -10.20 -17.07
CA LEU B 145 -30.78 -11.38 -16.25
C LEU B 145 -31.83 -11.42 -15.15
N PRO B 146 -32.41 -12.58 -14.90
CA PRO B 146 -33.43 -12.71 -13.87
C PRO B 146 -32.84 -12.92 -12.48
N TRP B 147 -33.73 -13.23 -11.54
CA TRP B 147 -33.39 -13.42 -10.12
C TRP B 147 -32.52 -14.64 -9.76
N CYS B 148 -31.64 -14.44 -8.79
CA CYS B 148 -30.72 -15.45 -8.28
C CYS B 148 -31.12 -15.85 -6.87
N ASN B 149 -30.80 -17.09 -6.49
CA ASN B 149 -31.12 -17.63 -5.17
C ASN B 149 -30.23 -17.08 -4.05
N GLU B 150 -30.63 -17.39 -2.81
CA GLU B 150 -29.95 -17.01 -1.57
C GLU B 150 -29.83 -15.51 -1.27
N ARG B 151 -30.85 -14.76 -1.68
CA ARG B 151 -30.93 -13.33 -1.43
C ARG B 151 -32.39 -12.92 -1.49
N PHE B 152 -32.72 -11.74 -0.96
CA PHE B 152 -34.10 -11.26 -1.03
C PHE B 152 -34.15 -10.29 -2.20
N PRO B 153 -35.06 -10.54 -3.14
CA PRO B 153 -35.18 -9.71 -4.35
C PRO B 153 -35.91 -8.41 -4.05
N ALA B 154 -35.73 -7.45 -4.94
CA ALA B 154 -36.31 -6.12 -4.73
C ALA B 154 -37.61 -5.99 -5.49
N PRO B 155 -38.76 -5.89 -4.81
CA PRO B 155 -40.02 -5.65 -5.54
C PRO B 155 -40.27 -4.16 -5.73
N ASN B 156 -40.61 -3.78 -6.95
CA ASN B 156 -40.69 -2.38 -7.31
C ASN B 156 -42.00 -1.75 -6.85
N ALA B 157 -41.96 -0.46 -6.56
CA ALA B 157 -43.11 0.27 -6.05
C ALA B 157 -43.49 1.40 -6.99
N GLU B 158 -44.68 1.96 -6.75
CA GLU B 158 -45.24 3.05 -7.56
C GLU B 158 -45.39 4.28 -6.67
N LEU B 159 -44.48 5.23 -6.81
CA LEU B 159 -44.57 6.46 -6.04
C LEU B 159 -45.55 7.42 -6.72
N LEU B 160 -46.43 8.03 -5.94
CA LEU B 160 -47.36 9.01 -6.48
C LEU B 160 -46.82 10.41 -6.26
N MET B 161 -46.71 11.17 -7.35
CA MET B 161 -46.11 12.50 -7.31
C MET B 161 -47.11 13.62 -7.25
N LEU B 162 -48.26 13.47 -7.89
CA LEU B 162 -49.27 14.52 -7.94
C LEU B 162 -50.36 14.34 -6.89
N GLY B 163 -50.11 13.53 -5.86
CA GLY B 163 -51.05 13.40 -4.77
C GLY B 163 -50.41 13.46 -3.39
N GLY B 164 -50.79 14.45 -2.59
CA GLY B 164 -50.32 14.54 -1.22
C GLY B 164 -49.89 15.92 -0.79
N SER B 165 -49.48 16.06 0.47
CA SER B 165 -48.94 17.31 0.97
C SER B 165 -47.47 17.43 0.58
N ASP B 166 -46.96 18.66 0.66
CA ASP B 166 -45.61 18.92 0.16
C ASP B 166 -44.53 18.36 1.09
N GLU B 167 -44.79 18.35 2.40
CA GLU B 167 -43.84 17.73 3.32
C GLU B 167 -43.82 16.22 3.15
N GLN B 168 -45.01 15.60 2.97
CA GLN B 168 -45.08 14.19 2.67
C GLN B 168 -44.46 13.88 1.31
N ARG B 169 -44.60 14.81 0.36
CA ARG B 169 -43.93 14.68 -0.93
C ARG B 169 -42.41 14.63 -0.76
N ARG B 170 -41.86 15.59 -0.02
CA ARG B 170 -40.42 15.67 0.15
C ARG B 170 -39.87 14.49 0.94
N LYS B 171 -40.66 13.98 1.89
CA LYS B 171 -40.19 12.81 2.63
C LYS B 171 -40.29 11.53 1.80
N ASN B 172 -41.26 11.44 0.88
CA ASN B 172 -41.28 10.29 -0.02
C ASN B 172 -40.15 10.35 -1.03
N GLN B 173 -39.80 11.56 -1.50
CA GLN B 173 -38.67 11.67 -2.42
C GLN B 173 -37.34 11.46 -1.70
N ARG B 174 -37.29 11.72 -0.40
CA ARG B 174 -36.11 11.35 0.37
C ARG B 174 -36.12 9.87 0.73
N ARG B 175 -37.29 9.23 0.69
CA ARG B 175 -37.35 7.79 0.91
C ARG B 175 -36.86 7.02 -0.30
N LEU B 176 -37.30 7.42 -1.50
CA LEU B 176 -36.95 6.67 -2.69
C LEU B 176 -35.50 6.90 -3.12
N THR B 177 -34.86 7.96 -2.66
CA THR B 177 -33.45 8.19 -2.96
C THR B 177 -32.53 7.39 -2.05
N ARG B 178 -33.07 6.73 -1.03
CA ARG B 178 -32.26 5.84 -0.21
C ARG B 178 -31.87 4.58 -0.95
N ARG B 179 -32.78 4.03 -1.75
CA ARG B 179 -32.50 2.81 -2.49
C ARG B 179 -32.08 3.05 -3.93
N LEU B 180 -31.12 3.93 -4.13
CA LEU B 180 -30.61 4.24 -5.46
C LEU B 180 -29.39 5.14 -5.36
N LEU B 181 -28.74 5.12 -4.20
CA LEU B 181 -27.58 5.97 -3.93
C LEU B 181 -26.21 5.40 -4.26
N PRO B 182 -26.09 4.06 -4.29
CA PRO B 182 -24.79 3.44 -4.61
C PRO B 182 -24.16 3.97 -5.90
N GLY B 183 -24.96 4.10 -6.96
CA GLY B 183 -24.46 4.59 -8.22
C GLY B 183 -24.75 6.07 -8.40
N PHE B 184 -24.81 6.53 -9.64
CA PHE B 184 -25.08 7.92 -9.94
C PHE B 184 -26.07 8.08 -11.10
N ALA B 185 -26.49 9.31 -11.37
CA ALA B 185 -27.40 9.59 -12.47
C ALA B 185 -26.69 10.35 -13.59
N LEU B 186 -27.25 10.26 -14.79
CA LEU B 186 -26.66 10.85 -15.98
C LEU B 186 -27.61 11.90 -16.55
N VAL B 187 -27.10 13.12 -16.76
CA VAL B 187 -27.89 14.23 -17.26
C VAL B 187 -27.13 14.90 -18.40
N SER B 188 -27.82 15.79 -19.11
CA SER B 188 -27.27 16.44 -20.29
C SER B 188 -27.02 17.92 -20.01
N ARG B 189 -26.02 18.48 -20.69
CA ARG B 189 -25.41 19.76 -20.34
C ARG B 189 -25.20 20.63 -21.57
N GLU B 190 -26.27 20.86 -22.35
CA GLU B 190 -26.16 21.66 -23.58
C GLU B 190 -25.80 23.11 -23.29
N ALA B 191 -26.39 23.70 -22.24
CA ALA B 191 -26.15 25.09 -21.92
C ALA B 191 -24.73 25.32 -21.41
N LEU B 192 -24.20 24.38 -20.64
CA LEU B 192 -22.84 24.50 -20.13
C LEU B 192 -21.82 24.42 -21.25
N LEU B 193 -22.06 23.53 -22.23
CA LEU B 193 -21.18 23.46 -23.39
C LEU B 193 -21.30 24.71 -24.25
N GLN B 194 -22.50 25.29 -24.32
CA GLN B 194 -22.67 26.52 -25.10
C GLN B 194 -21.96 27.71 -24.45
N GLN B 195 -22.08 27.85 -23.13
CA GLN B 195 -21.41 28.96 -22.47
C GLN B 195 -19.90 28.75 -22.40
N HIS B 196 -19.43 27.50 -22.40
CA HIS B 196 -17.99 27.28 -22.46
C HIS B 196 -17.45 27.50 -23.86
N LEU B 197 -18.28 27.27 -24.89
CA LEU B 197 -17.88 27.67 -26.24
C LEU B 197 -17.83 29.18 -26.36
N GLU B 198 -18.79 29.87 -25.77
CA GLU B 198 -18.83 31.33 -25.86
C GLU B 198 -17.78 32.01 -24.98
N THR B 199 -17.25 31.31 -23.98
CA THR B 199 -16.16 31.88 -23.19
C THR B 199 -14.87 31.94 -24.01
N LEU B 200 -14.44 30.81 -24.56
CA LEU B 200 -13.19 30.73 -25.30
C LEU B 200 -13.37 30.96 -26.80
N ARG B 201 -14.40 31.71 -27.19
CA ARG B 201 -14.73 31.89 -28.59
C ARG B 201 -13.80 32.84 -29.33
N THR B 202 -12.78 33.37 -28.67
CA THR B 202 -11.87 34.34 -29.26
C THR B 202 -10.83 33.71 -30.18
N THR B 203 -10.83 32.40 -30.37
CA THR B 203 -9.87 31.75 -31.26
C THR B 203 -10.53 31.03 -32.43
N LEU B 204 -11.48 30.13 -32.17
CA LEU B 204 -12.14 29.32 -33.19
C LEU B 204 -13.51 28.89 -32.72
N PRO B 205 -14.56 29.21 -33.48
CA PRO B 205 -15.93 28.98 -32.97
C PRO B 205 -16.49 27.60 -33.29
N GLU B 206 -15.65 26.65 -33.67
CA GLU B 206 -16.13 25.30 -33.95
C GLU B 206 -16.50 24.60 -32.66
N ALA B 207 -17.74 24.10 -32.57
CA ALA B 207 -18.21 23.49 -31.34
C ALA B 207 -17.57 22.14 -31.09
N THR B 208 -17.13 21.43 -32.14
CA THR B 208 -16.53 20.11 -31.98
C THR B 208 -15.18 20.18 -31.29
N THR B 209 -14.52 21.34 -31.31
CA THR B 209 -13.31 21.58 -30.55
C THR B 209 -13.59 22.00 -29.11
N LEU B 210 -14.80 21.74 -28.61
CA LEU B 210 -15.11 21.98 -27.20
C LEU B 210 -15.29 20.69 -26.42
N ASP B 211 -15.98 19.70 -27.00
CA ASP B 211 -16.00 18.36 -26.43
C ASP B 211 -14.61 17.77 -26.37
N ALA B 212 -13.79 18.06 -27.38
CA ALA B 212 -12.38 17.71 -27.39
C ALA B 212 -11.53 18.74 -26.66
N LEU B 213 -12.11 19.51 -25.76
CA LEU B 213 -11.37 20.34 -24.82
C LEU B 213 -11.82 20.15 -23.39
N LEU B 214 -12.82 19.32 -23.15
CA LEU B 214 -13.27 18.96 -21.82
C LEU B 214 -13.05 17.49 -21.49
N ASP B 215 -12.89 16.63 -22.48
CA ASP B 215 -12.47 15.25 -22.28
C ASP B 215 -10.96 15.11 -22.54
N LEU B 216 -10.18 15.87 -21.78
CA LEU B 216 -8.73 15.71 -21.76
C LEU B 216 -8.23 16.30 -20.45
N CYS B 217 -6.92 16.17 -20.22
CA CYS B 217 -6.24 16.77 -19.08
C CYS B 217 -5.32 17.86 -19.61
N ARG B 218 -5.79 19.11 -19.56
CA ARG B 218 -5.03 20.25 -20.04
C ARG B 218 -4.22 20.85 -18.91
N ILE B 219 -2.93 21.06 -19.15
CA ILE B 219 -2.05 21.66 -18.17
C ILE B 219 -1.20 22.73 -18.85
N ASN B 220 -1.51 23.99 -18.55
CA ASN B 220 -0.65 25.13 -18.91
C ASN B 220 0.04 25.53 -17.61
N PHE B 221 1.31 25.19 -17.49
CA PHE B 221 2.02 25.31 -16.22
C PHE B 221 2.41 26.77 -15.99
N GLU B 222 3.29 26.99 -14.99
CA GLU B 222 3.61 28.33 -14.51
C GLU B 222 4.46 29.09 -15.52
N PRO B 223 4.25 30.42 -15.63
CA PRO B 223 5.12 31.28 -16.43
C PRO B 223 6.43 31.64 -15.72
N TRP B 239 3.12 23.75 -12.01
CA TRP B 239 2.39 22.50 -11.77
C TRP B 239 1.02 22.76 -11.16
N GLN B 240 0.01 22.88 -12.02
CA GLN B 240 -1.35 23.05 -11.54
C GLN B 240 -2.29 22.34 -12.52
N VAL B 241 -3.42 21.87 -11.98
CA VAL B 241 -4.41 21.13 -12.74
C VAL B 241 -5.70 21.94 -12.69
N ARG B 242 -6.29 22.17 -13.87
CA ARG B 242 -7.52 22.95 -13.97
C ARG B 242 -8.68 22.26 -13.28
N ASP B 243 -9.51 23.06 -12.60
CA ASP B 243 -10.57 22.55 -11.73
C ASP B 243 -11.71 21.99 -12.59
N LYS B 244 -11.84 20.68 -12.59
CA LYS B 244 -12.98 20.05 -13.25
C LYS B 244 -14.22 20.24 -12.37
N PRO B 245 -15.32 20.72 -12.93
CA PRO B 245 -16.53 20.94 -12.13
C PRO B 245 -17.38 19.70 -11.88
N GLY B 246 -16.90 18.52 -12.27
CA GLY B 246 -17.64 17.28 -12.09
C GLY B 246 -17.07 16.17 -12.94
N TRP B 247 -17.95 15.45 -13.65
CA TRP B 247 -17.57 14.34 -14.50
C TRP B 247 -18.21 14.57 -15.87
N LEU B 248 -17.52 15.29 -16.74
CA LEU B 248 -18.04 15.63 -18.05
C LEU B 248 -17.68 14.55 -19.06
N VAL B 249 -18.68 14.05 -19.77
CA VAL B 249 -18.46 12.97 -20.74
C VAL B 249 -19.08 13.35 -22.07
N PRO B 250 -18.43 13.03 -23.20
CA PRO B 250 -19.05 13.28 -24.51
C PRO B 250 -20.01 12.14 -24.85
N ILE B 251 -21.24 12.49 -25.18
CA ILE B 251 -22.28 11.48 -25.41
C ILE B 251 -22.87 11.72 -26.79
N PRO B 252 -23.55 10.73 -27.37
CA PRO B 252 -24.40 11.00 -28.52
C PRO B 252 -25.71 11.64 -28.10
N ALA B 253 -26.14 12.64 -28.85
CA ALA B 253 -27.30 13.45 -28.50
C ALA B 253 -28.28 13.53 -29.66
N GLY B 254 -28.63 12.39 -30.22
CA GLY B 254 -29.63 12.33 -31.26
C GLY B 254 -29.04 12.18 -32.64
N TYR B 255 -29.86 12.49 -33.64
CA TYR B 255 -29.52 12.31 -35.04
C TYR B 255 -29.78 13.59 -35.81
N ASN B 256 -29.24 13.66 -37.02
CA ASN B 256 -29.38 14.82 -37.90
C ASN B 256 -29.39 14.34 -39.33
N ALA B 257 -30.41 14.73 -40.09
CA ALA B 257 -30.60 14.15 -41.42
C ALA B 257 -29.67 14.77 -42.44
N LEU B 258 -29.29 13.95 -43.42
CA LEU B 258 -28.51 14.40 -44.57
C LEU B 258 -29.10 13.95 -45.90
N SER B 259 -30.36 13.52 -45.91
CA SER B 259 -31.04 13.09 -47.12
C SER B 259 -32.52 13.45 -47.01
N PRO B 260 -33.19 13.71 -48.13
CA PRO B 260 -34.62 14.00 -48.08
C PRO B 260 -35.43 12.78 -47.65
N LEU B 261 -36.64 13.06 -47.17
CA LEU B 261 -37.53 11.99 -46.76
C LEU B 261 -38.08 11.26 -47.98
N TYR B 262 -38.06 9.94 -47.94
CA TYR B 262 -38.47 9.12 -49.06
C TYR B 262 -39.86 8.56 -48.83
N LEU B 263 -40.32 7.76 -49.78
CA LEU B 263 -41.63 7.15 -49.78
C LEU B 263 -41.53 5.70 -49.29
N PRO B 264 -42.64 5.13 -48.78
CA PRO B 264 -42.58 3.76 -48.24
C PRO B 264 -42.20 2.65 -49.22
N GLY B 265 -42.20 2.89 -50.53
CA GLY B 265 -41.72 1.91 -51.48
C GLY B 265 -40.46 2.27 -52.23
N GLU B 266 -39.81 3.39 -51.91
CA GLU B 266 -38.75 3.92 -52.76
C GLU B 266 -37.43 3.20 -52.52
N VAL B 267 -36.96 3.16 -51.29
CA VAL B 267 -35.67 2.58 -50.96
C VAL B 267 -35.83 1.07 -50.84
N ARG B 268 -34.97 0.32 -51.52
CA ARG B 268 -35.02 -1.12 -51.39
C ARG B 268 -34.26 -1.54 -50.12
N ASN B 269 -34.50 -2.79 -49.72
CA ASN B 269 -33.96 -3.41 -48.51
C ASN B 269 -34.32 -2.62 -47.26
N ALA B 270 -35.51 -2.03 -47.23
CA ALA B 270 -35.95 -1.29 -46.06
C ALA B 270 -36.41 -2.27 -44.99
N ARG B 271 -36.41 -1.80 -43.74
CA ARG B 271 -36.84 -2.66 -42.65
C ARG B 271 -38.34 -2.87 -42.70
N ASP B 272 -39.09 -1.83 -43.03
CA ASP B 272 -40.53 -1.89 -43.17
C ASP B 272 -40.94 -1.10 -44.40
N ARG B 273 -41.86 -1.65 -45.18
CA ARG B 273 -42.33 -0.98 -46.39
C ARG B 273 -43.59 -0.16 -46.15
N GLU B 274 -43.83 0.27 -44.91
CA GLU B 274 -44.98 1.11 -44.59
C GLU B 274 -44.59 2.31 -43.74
N THR B 275 -43.34 2.77 -43.84
CA THR B 275 -42.82 3.87 -43.05
C THR B 275 -41.76 4.57 -43.90
N PRO B 276 -41.78 5.91 -43.95
CA PRO B 276 -40.75 6.63 -44.72
C PRO B 276 -39.37 6.53 -44.09
N LEU B 277 -38.35 6.68 -44.93
CA LEU B 277 -36.97 6.41 -44.56
C LEU B 277 -36.12 7.66 -44.75
N ARG B 278 -35.04 7.74 -43.97
CA ARG B 278 -34.14 8.89 -44.04
C ARG B 278 -32.72 8.47 -43.66
N PHE B 279 -31.73 8.96 -44.40
CA PHE B 279 -30.34 8.79 -44.02
C PHE B 279 -29.92 9.90 -43.05
N VAL B 280 -28.91 9.61 -42.24
CA VAL B 280 -28.79 10.24 -40.92
C VAL B 280 -27.34 10.14 -40.45
N GLU B 281 -26.90 11.16 -39.72
CA GLU B 281 -25.61 11.21 -39.02
C GLU B 281 -25.87 11.42 -37.53
N ASN B 282 -24.92 11.03 -36.68
CA ASN B 282 -24.99 11.26 -35.25
C ASN B 282 -24.78 12.74 -34.91
N LEU B 283 -25.22 13.12 -33.71
CA LEU B 283 -24.94 14.41 -33.12
C LEU B 283 -24.31 14.19 -31.74
N PHE B 284 -23.29 14.98 -31.42
CA PHE B 284 -22.49 14.77 -30.22
C PHE B 284 -22.69 15.93 -29.26
N GLY B 285 -23.03 15.61 -28.01
CA GLY B 285 -23.20 16.60 -26.98
C GLY B 285 -22.46 16.27 -25.71
N LEU B 286 -22.78 16.96 -24.62
CA LEU B 286 -22.07 16.82 -23.36
C LEU B 286 -23.03 16.33 -22.28
N GLY B 287 -22.52 15.52 -21.36
CA GLY B 287 -23.32 15.02 -20.26
C GLY B 287 -22.50 14.96 -18.98
N GLU B 288 -23.18 14.69 -17.88
CA GLU B 288 -22.54 14.71 -16.57
C GLU B 288 -23.14 13.65 -15.67
N TRP B 289 -22.29 13.08 -14.82
CA TRP B 289 -22.69 12.07 -13.83
C TRP B 289 -22.77 12.73 -12.46
N LEU B 290 -23.95 12.72 -11.87
CA LEU B 290 -24.22 13.38 -10.61
C LEU B 290 -24.60 12.36 -9.54
N SER B 291 -24.33 12.72 -8.29
CA SER B 291 -24.88 11.95 -7.20
C SER B 291 -26.39 12.20 -7.14
N PRO B 292 -27.18 11.19 -6.73
CA PRO B 292 -28.63 11.40 -6.70
C PRO B 292 -29.11 12.31 -5.59
N HIS B 293 -28.27 12.60 -4.58
CA HIS B 293 -28.69 13.49 -3.51
C HIS B 293 -28.75 14.94 -3.95
N ARG B 294 -27.88 15.34 -4.88
CA ARG B 294 -27.68 16.74 -5.20
C ARG B 294 -28.63 17.25 -6.28
N VAL B 295 -29.79 16.64 -6.43
CA VAL B 295 -30.83 17.18 -7.30
C VAL B 295 -32.00 17.62 -6.44
N ALA B 296 -32.82 18.51 -7.01
CA ALA B 296 -33.97 19.04 -6.29
C ALA B 296 -35.07 17.98 -6.17
N ALA B 297 -35.53 17.48 -7.30
CA ALA B 297 -36.57 16.45 -7.34
C ALA B 297 -36.10 15.31 -8.22
N LEU B 298 -36.85 14.21 -8.18
CA LEU B 298 -36.49 13.04 -8.97
C LEU B 298 -37.01 13.10 -10.39
N SER B 299 -37.95 13.99 -10.70
CA SER B 299 -38.47 14.12 -12.05
C SER B 299 -37.65 15.07 -12.91
N ASP B 300 -36.59 15.66 -12.36
CA ASP B 300 -35.70 16.48 -13.18
C ASP B 300 -34.80 15.61 -14.03
N LEU B 301 -34.63 14.34 -13.63
CA LEU B 301 -33.63 13.48 -14.26
C LEU B 301 -34.11 12.93 -15.60
N LEU B 302 -35.43 12.86 -15.79
CA LEU B 302 -36.04 12.00 -16.81
C LEU B 302 -35.69 12.44 -18.23
N TRP B 303 -35.34 11.46 -19.08
CA TRP B 303 -34.95 11.70 -20.45
C TRP B 303 -36.17 11.62 -21.36
N TYR B 304 -36.27 12.57 -22.28
CA TYR B 304 -37.33 12.64 -23.27
C TYR B 304 -36.71 12.77 -24.65
N HIS B 305 -37.52 12.62 -25.69
CA HIS B 305 -37.03 12.81 -27.06
C HIS B 305 -38.04 13.55 -27.91
N HIS B 306 -37.53 14.42 -28.78
CA HIS B 306 -38.34 15.31 -29.59
C HIS B 306 -37.80 15.35 -31.01
N ALA B 307 -38.72 15.44 -31.96
CA ALA B 307 -38.38 15.42 -33.38
C ALA B 307 -39.00 16.62 -34.07
N GLU B 308 -38.26 17.17 -35.04
CA GLU B 308 -38.74 18.21 -35.95
C GLU B 308 -38.63 17.64 -37.35
N PRO B 309 -39.68 17.00 -37.87
CA PRO B 309 -39.59 16.36 -39.19
C PRO B 309 -39.49 17.33 -40.35
N ASP B 310 -39.81 18.61 -40.16
CA ASP B 310 -39.58 19.60 -41.21
C ASP B 310 -38.09 19.82 -41.42
N LYS B 311 -37.34 19.91 -40.33
CA LYS B 311 -35.89 19.82 -40.36
C LYS B 311 -35.51 18.35 -40.32
N GLY B 312 -34.25 18.06 -40.04
CA GLY B 312 -33.88 16.69 -39.81
C GLY B 312 -33.47 16.42 -38.38
N LEU B 313 -34.01 17.18 -37.44
CA LEU B 313 -33.52 17.13 -36.06
C LEU B 313 -34.34 16.11 -35.28
N TYR B 314 -33.71 15.00 -34.93
CA TYR B 314 -34.30 13.97 -34.07
C TYR B 314 -33.38 13.89 -32.86
N ARG B 315 -33.81 14.39 -31.70
CA ARG B 315 -32.89 14.59 -30.60
C ARG B 315 -33.54 14.15 -29.29
N TRP B 316 -32.81 13.38 -28.50
CA TRP B 316 -33.22 13.09 -27.12
C TRP B 316 -32.37 13.90 -26.17
N SER B 317 -32.98 14.36 -25.08
CA SER B 317 -32.30 15.14 -24.07
C SER B 317 -33.12 15.08 -22.79
N THR B 318 -32.59 15.68 -21.73
CA THR B 318 -33.37 15.78 -20.51
C THR B 318 -33.77 17.23 -20.27
N PRO B 319 -35.03 17.59 -20.47
CA PRO B 319 -35.47 18.95 -20.18
C PRO B 319 -35.78 19.07 -18.69
N ARG B 320 -36.25 20.26 -18.31
CA ARG B 320 -36.65 20.65 -16.95
C ARG B 320 -35.66 20.21 -15.87
N PHE B 321 -34.38 20.40 -16.16
CA PHE B 321 -33.32 20.16 -15.19
C PHE B 321 -32.52 21.44 -14.99
N VAL B 322 -32.62 21.98 -13.78
CA VAL B 322 -31.87 23.15 -13.31
C VAL B 322 -32.10 24.39 -14.20
N LEU C 6 -23.71 43.71 23.56
CA LEU C 6 -23.09 43.24 24.79
C LEU C 6 -23.81 41.98 25.29
N SER C 7 -23.15 40.84 25.15
CA SER C 7 -23.69 39.55 25.55
C SER C 7 -22.86 38.96 26.69
N THR C 8 -23.20 37.73 27.07
CA THR C 8 -22.49 37.05 28.13
C THR C 8 -21.12 36.58 27.63
N ALA C 9 -20.28 36.18 28.58
CA ALA C 9 -18.96 35.67 28.25
C ALA C 9 -19.06 34.27 27.64
N SER C 10 -17.99 33.87 26.96
CA SER C 10 -18.01 32.59 26.27
C SER C 10 -17.90 31.43 27.24
N VAL C 11 -17.07 31.56 28.27
CA VAL C 11 -16.83 30.49 29.24
C VAL C 11 -17.18 31.00 30.63
N LEU C 12 -18.10 30.31 31.29
CA LEU C 12 -18.52 30.63 32.65
C LEU C 12 -18.76 29.34 33.41
N ALA C 13 -18.32 29.30 34.66
CA ALA C 13 -18.46 28.10 35.46
C ALA C 13 -18.65 28.50 36.91
N PHE C 14 -19.33 27.63 37.66
CA PHE C 14 -19.58 27.86 39.07
C PHE C 14 -19.32 26.58 39.84
N GLU C 15 -18.67 26.70 40.99
CA GLU C 15 -18.39 25.57 41.86
C GLU C 15 -19.60 25.29 42.75
N ARG C 16 -19.79 24.01 43.06
CA ARG C 16 -20.91 23.62 43.89
C ARG C 16 -20.67 24.00 45.35
N LYS C 17 -21.76 24.30 46.05
CA LYS C 17 -21.78 24.47 47.49
C LYS C 17 -22.57 23.31 48.10
N LEU C 18 -22.71 23.35 49.44
CA LEU C 18 -23.48 22.38 50.21
C LEU C 18 -22.95 20.96 50.02
N ASP C 19 -21.62 20.82 50.05
CA ASP C 19 -20.94 19.61 49.57
C ASP C 19 -21.16 18.41 50.48
N PRO C 20 -21.85 17.37 50.03
CA PRO C 20 -22.05 16.20 50.91
C PRO C 20 -20.99 15.14 50.70
N SER C 21 -21.01 14.11 51.54
CA SER C 21 -20.17 12.94 51.38
C SER C 21 -21.04 11.74 51.01
N ASP C 22 -20.39 10.62 50.75
CA ASP C 22 -21.11 9.38 50.48
C ASP C 22 -21.57 8.79 51.81
N ALA C 23 -22.88 8.59 51.96
CA ALA C 23 -23.45 8.15 53.22
C ALA C 23 -23.32 6.64 53.36
N LEU C 24 -22.79 6.21 54.50
CA LEU C 24 -22.61 4.78 54.77
C LEU C 24 -23.77 4.28 55.61
N MET C 25 -24.19 3.04 55.36
CA MET C 25 -25.28 2.45 56.13
C MET C 25 -24.78 1.28 56.97
N SER C 26 -25.35 1.16 58.17
CA SER C 26 -24.99 0.10 59.11
C SER C 26 -26.24 -0.27 59.90
N ALA C 27 -26.10 -1.28 60.75
CA ALA C 27 -27.18 -1.71 61.62
C ALA C 27 -27.10 -1.01 62.98
N GLY C 28 -28.12 -1.24 63.80
CA GLY C 28 -28.13 -0.69 65.14
C GLY C 28 -29.45 -0.99 65.81
N ALA C 29 -29.50 -0.73 67.11
CA ALA C 29 -30.68 -1.00 67.91
C ALA C 29 -31.29 0.30 68.42
N TRP C 30 -32.61 0.27 68.61
CA TRP C 30 -33.34 1.46 69.02
C TRP C 30 -33.06 1.80 70.47
N ALA C 31 -33.07 3.11 70.76
CA ALA C 31 -32.73 3.70 72.06
C ALA C 31 -31.32 3.29 72.52
N GLN C 32 -30.40 3.16 71.57
CA GLN C 32 -29.01 2.85 71.84
C GLN C 32 -28.10 3.82 71.09
N ARG C 33 -28.42 5.11 71.16
CA ARG C 33 -27.73 6.11 70.37
C ARG C 33 -26.52 6.70 71.07
N ASP C 34 -26.41 6.53 72.40
CA ASP C 34 -25.23 7.01 73.11
C ASP C 34 -24.02 6.10 72.90
N ALA C 35 -24.24 4.84 72.53
CA ALA C 35 -23.14 3.90 72.36
C ALA C 35 -23.07 3.37 70.93
N SER C 36 -23.16 4.28 69.96
CA SER C 36 -23.17 3.92 68.54
C SER C 36 -21.75 4.03 67.95
N GLN C 37 -20.91 3.08 68.35
CA GLN C 37 -19.55 2.99 67.83
C GLN C 37 -19.14 1.60 67.39
N GLU C 38 -19.86 0.56 67.79
CA GLU C 38 -19.49 -0.82 67.53
C GLU C 38 -20.55 -1.53 66.71
N TRP C 39 -21.03 -0.88 65.65
CA TRP C 39 -22.12 -1.44 64.90
C TRP C 39 -21.66 -1.90 63.51
N PRO C 40 -22.03 -3.11 63.11
CA PRO C 40 -21.55 -3.64 61.83
C PRO C 40 -22.26 -3.02 60.64
N ALA C 41 -21.54 -2.93 59.53
CA ALA C 41 -22.07 -2.34 58.32
C ALA C 41 -22.86 -3.38 57.52
N VAL C 42 -23.78 -2.90 56.70
CA VAL C 42 -24.66 -3.76 55.92
C VAL C 42 -23.84 -4.32 54.75
N THR C 43 -23.42 -5.56 54.88
CA THR C 43 -22.54 -6.17 53.90
C THR C 43 -23.32 -6.56 52.65
N VAL C 44 -22.63 -6.54 51.51
CA VAL C 44 -23.21 -6.92 50.24
C VAL C 44 -22.85 -8.38 49.98
N ARG C 45 -23.86 -9.23 49.89
CA ARG C 45 -23.68 -10.65 49.64
C ARG C 45 -24.45 -11.06 48.39
N GLU C 46 -23.81 -11.85 47.54
CA GLU C 46 -24.37 -12.27 46.27
C GLU C 46 -24.64 -13.77 46.32
N LYS C 47 -25.84 -14.18 45.94
CA LYS C 47 -26.16 -15.60 45.93
C LYS C 47 -27.25 -15.86 44.89
N SER C 48 -27.41 -17.12 44.53
CA SER C 48 -28.41 -17.51 43.55
C SER C 48 -29.61 -18.15 44.23
N GLN C 77 -28.69 -16.19 37.55
CA GLN C 77 -28.91 -14.94 38.27
C GLN C 77 -28.09 -14.88 39.56
N THR C 78 -27.85 -13.66 40.04
CA THR C 78 -27.13 -13.44 41.29
C THR C 78 -27.84 -12.29 42.02
N VAL C 79 -28.73 -12.64 42.95
CA VAL C 79 -29.46 -11.65 43.71
C VAL C 79 -28.66 -11.27 44.95
N ASP C 80 -28.92 -10.06 45.43
CA ASP C 80 -28.26 -9.49 46.60
C ASP C 80 -29.28 -9.25 47.70
N VAL C 81 -28.82 -9.31 48.94
CA VAL C 81 -29.66 -9.06 50.10
C VAL C 81 -29.19 -7.78 50.78
N ALA C 82 -30.14 -6.98 51.25
CA ALA C 82 -29.85 -5.90 52.19
C ALA C 82 -30.01 -6.50 53.58
N ASN C 83 -28.90 -6.92 54.18
CA ASN C 83 -28.92 -7.70 55.40
C ASN C 83 -29.13 -6.78 56.61
N LEU C 84 -30.27 -6.93 57.26
CA LEU C 84 -30.52 -6.25 58.51
C LEU C 84 -30.81 -7.29 59.58
N PRO C 85 -30.09 -7.30 60.69
CA PRO C 85 -30.28 -8.36 61.69
C PRO C 85 -31.51 -8.12 62.55
N SER C 86 -31.91 -9.20 63.24
CA SER C 86 -33.08 -9.14 64.10
C SER C 86 -32.73 -8.63 65.50
N ASP C 87 -31.48 -8.79 65.93
CA ASP C 87 -31.06 -8.21 67.19
C ASP C 87 -30.82 -6.72 67.10
N ALA C 88 -30.61 -6.20 65.88
CA ALA C 88 -30.41 -4.78 65.64
C ALA C 88 -31.22 -4.43 64.39
N ASP C 89 -32.46 -4.03 64.60
CA ASP C 89 -33.41 -3.87 63.50
C ASP C 89 -33.42 -2.47 62.91
N THR C 90 -32.76 -1.52 63.54
CA THR C 90 -32.74 -0.13 63.08
C THR C 90 -31.59 0.09 62.12
N LEU C 91 -31.87 0.71 60.99
CA LEU C 91 -30.85 1.13 60.04
C LEU C 91 -30.28 2.48 60.46
N LYS C 92 -28.98 2.66 60.22
CA LYS C 92 -28.29 3.90 60.58
C LYS C 92 -27.46 4.35 59.39
N VAL C 93 -27.78 5.54 58.86
CA VAL C 93 -27.17 6.07 57.65
C VAL C 93 -26.49 7.39 57.98
N ARG C 94 -25.19 7.48 57.69
CA ARG C 94 -24.35 8.55 58.21
C ARG C 94 -23.57 9.24 57.09
N PHE C 95 -23.55 10.58 57.12
CA PHE C 95 -22.70 11.34 56.21
C PHE C 95 -22.40 12.71 56.82
N THR C 96 -21.64 13.51 56.08
CA THR C 96 -21.26 14.85 56.52
C THR C 96 -21.40 15.83 55.37
N LEU C 97 -21.37 17.11 55.71
CA LEU C 97 -21.67 18.17 54.76
C LEU C 97 -21.05 19.47 55.25
N ARG C 98 -20.73 20.36 54.31
CA ARG C 98 -20.18 21.66 54.68
C ARG C 98 -20.63 22.70 53.67
N VAL C 99 -20.80 23.94 54.17
CA VAL C 99 -21.26 25.06 53.36
C VAL C 99 -20.10 26.02 53.15
N LEU C 100 -20.00 26.58 51.95
CA LEU C 100 -18.79 27.28 51.54
C LEU C 100 -18.90 28.80 51.64
N GLY C 101 -19.82 29.40 50.92
CA GLY C 101 -19.89 30.85 50.83
C GLY C 101 -19.23 31.36 49.55
N GLY C 102 -19.47 32.65 49.29
CA GLY C 102 -19.01 33.26 48.06
C GLY C 102 -19.80 32.74 46.87
N ALA C 103 -21.13 32.86 46.95
CA ALA C 103 -22.01 32.20 45.99
C ALA C 103 -22.10 32.93 44.65
N GLY C 104 -21.79 34.21 44.60
CA GLY C 104 -21.91 34.95 43.37
C GLY C 104 -20.69 34.98 42.49
N THR C 105 -19.54 34.54 43.00
CA THR C 105 -18.29 34.65 42.26
C THR C 105 -18.14 33.46 41.31
N PRO C 106 -17.98 33.69 40.01
CA PRO C 106 -17.76 32.57 39.08
C PRO C 106 -16.36 32.00 39.21
N SER C 107 -16.26 30.70 38.94
CA SER C 107 -14.98 30.02 39.06
C SER C 107 -14.05 30.39 37.92
N ALA C 108 -14.58 30.55 36.72
CA ALA C 108 -13.77 30.90 35.55
C ALA C 108 -14.65 31.68 34.59
N CYS C 109 -14.47 32.98 34.55
CA CYS C 109 -15.20 33.85 33.64
C CYS C 109 -14.23 34.50 32.66
N ASN C 110 -14.71 34.73 31.44
CA ASN C 110 -13.87 35.32 30.41
C ASN C 110 -13.80 36.83 30.56
N ASP C 111 -14.94 37.51 30.45
CA ASP C 111 -14.96 38.96 30.34
C ASP C 111 -15.01 39.63 31.71
N ALA C 112 -14.49 40.86 31.76
CA ALA C 112 -14.39 41.62 32.99
C ALA C 112 -15.54 42.60 33.19
N ALA C 113 -16.27 42.94 32.14
CA ALA C 113 -17.46 43.78 32.25
C ALA C 113 -18.71 42.99 32.58
N TYR C 114 -18.56 41.70 32.89
CA TYR C 114 -19.66 40.83 33.25
C TYR C 114 -19.63 40.41 34.72
N ARG C 115 -18.45 40.42 35.35
CA ARG C 115 -18.37 40.08 36.75
C ARG C 115 -18.70 41.27 37.64
N ASP C 116 -18.36 42.48 37.20
CA ASP C 116 -18.59 43.68 38.00
C ASP C 116 -20.07 44.00 38.15
N LYS C 117 -20.91 43.52 37.23
CA LYS C 117 -22.35 43.70 37.37
C LYS C 117 -23.03 42.49 38.00
N LEU C 118 -22.53 41.27 37.76
CA LEU C 118 -23.12 40.09 38.37
C LEU C 118 -22.84 40.05 39.87
N LEU C 119 -21.62 40.43 40.27
CA LEU C 119 -21.26 40.43 41.68
C LEU C 119 -22.07 41.46 42.45
N GLN C 120 -22.25 42.66 41.88
CA GLN C 120 -23.08 43.65 42.55
C GLN C 120 -24.56 43.32 42.45
N THR C 121 -24.98 42.54 41.45
CA THR C 121 -26.36 42.09 41.40
C THR C 121 -26.68 41.14 42.55
N VAL C 122 -25.82 40.15 42.79
CA VAL C 122 -26.03 39.26 43.92
C VAL C 122 -25.76 40.00 45.24
N ALA C 123 -24.95 41.06 45.22
CA ALA C 123 -24.74 41.87 46.43
C ALA C 123 -26.00 42.63 46.83
N THR C 124 -26.67 43.26 45.85
CA THR C 124 -27.96 43.89 46.17
C THR C 124 -29.03 42.86 46.47
N TYR C 125 -28.92 41.65 45.90
CA TYR C 125 -29.84 40.58 46.25
C TYR C 125 -29.72 40.20 47.73
N VAL C 126 -28.50 40.00 48.22
CA VAL C 126 -28.35 39.62 49.63
C VAL C 126 -28.49 40.81 50.56
N ASN C 127 -28.37 42.03 50.05
CA ASN C 127 -28.50 43.21 50.91
C ASN C 127 -29.94 43.67 51.07
N GLU C 128 -30.68 43.66 49.97
CA GLU C 128 -32.07 44.10 49.94
C GLU C 128 -32.99 43.19 50.75
N GLN C 129 -32.79 41.90 50.62
CA GLN C 129 -33.63 40.92 51.32
C GLN C 129 -32.80 39.76 51.83
N GLY C 130 -33.34 39.08 52.83
CA GLY C 130 -32.66 37.94 53.40
C GLY C 130 -33.26 36.67 52.87
N PHE C 131 -32.36 35.84 52.33
CA PHE C 131 -32.72 34.57 51.77
C PHE C 131 -32.77 33.61 52.94
N ALA C 132 -33.62 33.95 53.90
CA ALA C 132 -33.86 33.13 55.08
C ALA C 132 -34.54 31.85 54.63
N GLU C 133 -35.47 32.00 53.68
CA GLU C 133 -36.20 30.88 53.13
C GLU C 133 -35.27 29.89 52.45
N LEU C 134 -34.25 30.34 51.71
CA LEU C 134 -33.45 29.30 51.06
C LEU C 134 -32.80 28.40 52.11
N ALA C 135 -32.22 29.00 53.15
CA ALA C 135 -31.66 28.23 54.25
C ALA C 135 -32.74 27.49 55.03
N ARG C 136 -33.94 28.06 55.11
CA ARG C 136 -35.06 27.40 55.75
C ARG C 136 -35.48 26.15 54.98
N ARG C 137 -35.53 26.25 53.65
CA ARG C 137 -35.93 25.08 52.86
C ARG C 137 -34.83 24.03 52.80
N TYR C 138 -33.55 24.45 52.86
CA TYR C 138 -32.47 23.48 52.98
C TYR C 138 -32.49 22.78 54.34
N ALA C 139 -32.81 23.51 55.40
CA ALA C 139 -32.99 22.89 56.71
C ALA C 139 -34.24 22.01 56.75
N HIS C 140 -35.24 22.33 55.93
CA HIS C 140 -36.41 21.47 55.82
C HIS C 140 -36.06 20.15 55.15
N ASN C 141 -35.26 20.20 54.09
CA ASN C 141 -34.84 18.97 53.44
C ASN C 141 -33.88 18.16 54.30
N LEU C 142 -33.07 18.84 55.12
CA LEU C 142 -32.28 18.12 56.13
C LEU C 142 -33.17 17.53 57.22
N ALA C 143 -34.32 18.16 57.49
CA ALA C 143 -35.16 17.76 58.60
C ALA C 143 -35.89 16.46 58.31
N ASN C 144 -36.66 16.41 57.22
CA ASN C 144 -37.23 15.14 56.79
C ASN C 144 -36.15 14.24 56.23
N ALA C 145 -36.40 12.95 56.24
CA ALA C 145 -35.42 11.95 55.81
C ALA C 145 -35.52 11.71 54.31
N ARG C 146 -35.32 12.80 53.55
CA ARG C 146 -35.54 12.74 52.10
C ARG C 146 -34.44 11.98 51.36
N PHE C 147 -33.20 12.04 51.85
CA PHE C 147 -32.07 11.45 51.13
C PHE C 147 -32.11 9.93 51.10
N LEU C 148 -32.89 9.29 51.96
CA LEU C 148 -33.19 7.88 51.83
C LEU C 148 -34.39 7.76 50.90
N TRP C 149 -34.17 7.21 49.71
CA TRP C 149 -35.23 7.18 48.71
C TRP C 149 -36.20 6.02 48.95
N ARG C 150 -35.71 4.79 48.83
CA ARG C 150 -36.55 3.62 49.05
C ARG C 150 -36.47 3.09 50.47
N ASN C 151 -35.58 3.64 51.30
CA ASN C 151 -35.51 3.29 52.71
C ASN C 151 -36.55 4.00 53.55
N ARG C 152 -37.23 5.00 52.99
CA ARG C 152 -38.09 5.88 53.76
C ARG C 152 -39.49 5.32 53.93
N VAL C 153 -40.04 4.67 52.90
CA VAL C 153 -41.42 4.19 52.92
C VAL C 153 -41.48 2.91 53.75
N GLY C 154 -42.46 2.85 54.65
CA GLY C 154 -42.66 1.70 55.51
C GLY C 154 -41.95 1.74 56.83
N ALA C 155 -41.30 2.85 57.17
CA ALA C 155 -40.54 2.93 58.41
C ALA C 155 -41.47 3.18 59.59
N GLU C 156 -41.22 2.47 60.69
CA GLU C 156 -42.04 2.60 61.89
C GLU C 156 -41.68 3.87 62.67
N ALA C 157 -40.40 4.21 62.74
CA ALA C 157 -39.96 5.40 63.45
C ALA C 157 -38.62 5.84 62.90
N VAL C 158 -38.53 7.09 62.47
CA VAL C 158 -37.27 7.66 61.99
C VAL C 158 -36.82 8.73 62.97
N GLU C 159 -35.52 9.03 62.93
CA GLU C 159 -34.96 10.08 63.78
C GLU C 159 -33.69 10.59 63.12
N VAL C 160 -33.62 11.89 62.85
CA VAL C 160 -32.49 12.50 62.17
C VAL C 160 -31.75 13.39 63.15
N ARG C 161 -30.45 13.13 63.31
CA ARG C 161 -29.57 13.94 64.14
C ARG C 161 -28.63 14.76 63.27
N ILE C 162 -28.51 16.04 63.60
CA ILE C 162 -27.62 16.97 62.91
C ILE C 162 -26.72 17.61 63.95
N ASN C 163 -25.40 17.49 63.75
CA ASN C 163 -24.44 18.02 64.71
C ASN C 163 -23.76 19.27 64.16
N HIS C 164 -23.25 20.09 65.07
CA HIS C 164 -22.45 21.25 64.74
C HIS C 164 -21.01 20.92 65.10
N ILE C 165 -20.14 20.91 64.10
CA ILE C 165 -18.73 20.57 64.28
C ILE C 165 -17.89 21.64 63.61
N ARG C 166 -17.01 22.27 64.40
CA ARG C 166 -15.97 23.15 63.87
C ARG C 166 -14.58 22.82 64.42
N GLN C 167 -14.48 21.91 65.37
CA GLN C 167 -13.20 21.38 65.86
C GLN C 167 -13.41 19.88 66.07
N GLY C 168 -12.51 19.26 66.84
CA GLY C 168 -12.69 17.85 67.15
C GLY C 168 -13.89 17.56 68.01
N GLU C 169 -14.38 18.53 68.77
CA GLU C 169 -15.52 18.39 69.65
C GLU C 169 -16.78 18.92 68.96
N VAL C 170 -17.93 18.59 69.54
CA VAL C 170 -19.23 18.99 69.03
C VAL C 170 -19.67 20.26 69.76
N ALA C 171 -20.56 21.02 69.13
CA ALA C 171 -21.04 22.27 69.70
C ALA C 171 -22.45 22.15 70.27
N ARG C 172 -23.39 21.60 69.50
CA ARG C 172 -24.76 21.49 69.96
C ARG C 172 -25.39 20.24 69.36
N THR C 173 -25.98 19.41 70.22
CA THR C 173 -26.70 18.22 69.78
C THR C 173 -28.14 18.57 69.45
N TRP C 174 -28.66 17.92 68.41
CA TRP C 174 -30.00 18.19 67.91
C TRP C 174 -30.82 16.91 67.87
N ARG C 175 -32.10 17.06 67.57
CA ARG C 175 -33.04 15.96 67.52
C ARG C 175 -34.23 16.39 66.68
N PHE C 176 -34.92 15.41 66.11
CA PHE C 176 -36.14 15.67 65.36
C PHE C 176 -37.19 14.64 65.74
N ASP C 177 -38.44 14.95 65.40
CA ASP C 177 -39.59 14.19 65.86
C ASP C 177 -40.00 13.19 64.78
N ALA C 178 -41.05 12.43 65.08
CA ALA C 178 -41.63 11.47 64.15
C ALA C 178 -42.82 12.01 63.37
N LEU C 179 -43.55 12.97 63.94
CA LEU C 179 -44.65 13.62 63.25
C LEU C 179 -44.22 14.91 62.57
N ALA C 180 -43.15 15.54 63.04
CA ALA C 180 -42.68 16.82 62.53
C ALA C 180 -41.68 16.68 61.38
N ILE C 181 -41.58 15.49 60.78
CA ILE C 181 -40.71 15.34 59.62
C ILE C 181 -41.40 15.87 58.37
N GLY C 182 -42.62 15.41 58.08
CA GLY C 182 -43.32 15.78 56.88
C GLY C 182 -42.80 15.11 55.62
N LEU C 183 -43.52 15.28 54.54
CA LEU C 183 -43.05 14.95 53.20
C LEU C 183 -43.22 16.12 52.24
N ARG C 184 -44.32 16.87 52.37
CA ARG C 184 -44.52 18.11 51.65
C ARG C 184 -44.93 19.26 52.56
N ASP C 185 -45.40 18.98 53.76
CA ASP C 185 -45.67 20.01 54.76
C ASP C 185 -44.35 20.49 55.34
N PHE C 186 -44.15 21.80 55.36
CA PHE C 186 -42.99 22.41 56.00
C PHE C 186 -43.48 23.43 57.02
N LYS C 187 -42.93 23.36 58.23
CA LYS C 187 -43.36 24.22 59.31
C LYS C 187 -42.14 24.74 60.05
N ALA C 188 -42.28 25.93 60.63
CA ALA C 188 -41.22 26.53 61.41
C ALA C 188 -41.25 26.01 62.83
N ASP C 189 -40.11 26.12 63.51
CA ASP C 189 -40.00 25.70 64.89
C ASP C 189 -39.20 26.75 65.64
N ALA C 190 -39.21 26.66 66.97
CA ALA C 190 -38.35 27.49 67.80
C ALA C 190 -36.91 27.00 67.81
N GLU C 191 -36.63 25.83 67.22
CA GLU C 191 -35.27 25.35 67.07
C GLU C 191 -34.83 25.21 65.61
N LEU C 192 -35.75 24.99 64.68
CA LEU C 192 -35.34 24.80 63.28
C LEU C 192 -34.92 26.13 62.66
N ASP C 193 -35.40 27.26 63.19
CA ASP C 193 -34.92 28.55 62.73
C ASP C 193 -33.47 28.78 63.14
N ALA C 194 -33.00 28.11 64.22
CA ALA C 194 -31.59 28.16 64.57
C ALA C 194 -30.74 27.44 63.53
N LEU C 195 -31.23 26.30 63.03
CA LEU C 195 -30.54 25.60 61.95
C LEU C 195 -30.55 26.43 60.67
N ALA C 196 -31.65 27.14 60.42
CA ALA C 196 -31.72 28.01 59.25
C ALA C 196 -30.77 29.18 59.36
N GLU C 197 -30.67 29.82 60.53
CA GLU C 197 -29.76 30.96 60.65
C GLU C 197 -28.31 30.50 60.68
N LEU C 198 -28.06 29.25 61.13
CA LEU C 198 -26.72 28.69 61.05
C LEU C 198 -26.30 28.43 59.61
N ILE C 199 -27.19 27.85 58.81
CA ILE C 199 -26.87 27.61 57.40
C ILE C 199 -26.75 28.93 56.64
N ALA C 200 -27.56 29.92 57.02
CA ALA C 200 -27.46 31.24 56.40
C ALA C 200 -26.15 31.94 56.77
N SER C 201 -25.70 31.77 58.01
CA SER C 201 -24.43 32.35 58.43
C SER C 201 -23.26 31.68 57.73
N GLY C 202 -23.35 30.36 57.53
CA GLY C 202 -22.31 29.66 56.80
C GLY C 202 -22.30 30.00 55.32
N LEU C 203 -23.47 30.29 54.75
CA LEU C 203 -23.56 30.57 53.31
C LEU C 203 -23.25 32.03 53.00
N SER C 204 -23.45 32.93 53.97
CA SER C 204 -23.24 34.35 53.71
C SER C 204 -21.76 34.69 53.56
N GLY C 205 -20.88 33.95 54.24
CA GLY C 205 -19.45 34.18 54.12
C GLY C 205 -18.82 34.68 55.40
N SER C 206 -19.36 34.25 56.54
CA SER C 206 -18.89 34.69 57.85
C SER C 206 -18.64 33.51 58.76
N GLY C 207 -17.88 32.53 58.25
CA GLY C 207 -17.48 31.40 59.07
C GLY C 207 -18.23 30.13 58.74
N HIS C 208 -17.55 29.19 58.08
CA HIS C 208 -18.18 27.96 57.63
C HIS C 208 -18.44 27.03 58.81
N VAL C 209 -19.20 25.97 58.54
CA VAL C 209 -19.60 25.03 59.58
C VAL C 209 -19.59 23.63 58.97
N LEU C 210 -19.29 22.64 59.81
CA LEU C 210 -19.37 21.24 59.41
C LEU C 210 -20.60 20.62 60.07
N LEU C 211 -21.42 19.95 59.28
CA LEU C 211 -22.61 19.28 59.78
C LEU C 211 -22.44 17.78 59.61
N GLU C 212 -22.64 17.04 60.70
CA GLU C 212 -22.63 15.59 60.67
C GLU C 212 -24.07 15.13 60.81
N VAL C 213 -24.59 14.47 59.78
CA VAL C 213 -25.99 14.06 59.74
C VAL C 213 -26.04 12.54 59.84
N VAL C 214 -26.68 12.06 60.90
CA VAL C 214 -26.97 10.64 61.08
C VAL C 214 -28.48 10.48 60.98
N ALA C 215 -28.92 9.33 60.45
CA ALA C 215 -30.33 9.08 60.24
C ALA C 215 -30.65 7.65 60.68
N PHE C 216 -31.47 7.53 61.72
CA PHE C 216 -31.95 6.24 62.20
C PHE C 216 -33.33 5.96 61.62
N ALA C 217 -33.58 4.69 61.31
CA ALA C 217 -34.88 4.28 60.79
C ALA C 217 -35.18 2.86 61.23
N ARG C 218 -36.22 2.69 62.06
CA ARG C 218 -36.71 1.36 62.40
C ARG C 218 -37.61 0.92 61.24
N ILE C 219 -37.05 0.07 60.37
CA ILE C 219 -37.72 -0.26 59.11
C ILE C 219 -38.41 -1.63 59.14
N GLY C 220 -37.97 -2.54 59.98
CA GLY C 220 -38.54 -3.87 59.88
C GLY C 220 -37.64 -4.79 59.08
N ASP C 221 -37.70 -6.08 59.40
CA ASP C 221 -36.80 -7.09 58.83
C ASP C 221 -37.50 -7.82 57.70
N GLY C 222 -36.88 -7.83 56.52
CA GLY C 222 -37.39 -8.61 55.42
C GLY C 222 -37.74 -7.81 54.18
N GLN C 223 -37.17 -6.62 54.05
CA GLN C 223 -37.38 -5.76 52.89
C GLN C 223 -36.06 -5.54 52.19
N GLU C 224 -36.04 -5.72 50.87
CA GLU C 224 -34.83 -5.57 50.07
C GLU C 224 -34.74 -4.13 49.59
N VAL C 225 -34.39 -3.26 50.52
CA VAL C 225 -34.26 -1.83 50.26
C VAL C 225 -32.90 -1.56 49.65
N PHE C 226 -32.85 -0.70 48.63
CA PHE C 226 -31.69 -0.60 47.77
C PHE C 226 -31.11 0.81 47.77
N PRO C 227 -29.80 0.96 48.02
CA PRO C 227 -29.16 2.26 47.79
C PRO C 227 -28.75 2.42 46.33
N SER C 228 -27.98 3.48 46.03
CA SER C 228 -27.53 3.74 44.67
C SER C 228 -26.62 2.62 44.17
N GLN C 229 -26.72 2.33 42.88
CA GLN C 229 -25.96 1.25 42.28
C GLN C 229 -25.24 1.75 41.04
N GLU C 230 -24.31 0.93 40.56
CA GLU C 230 -23.43 1.26 39.45
C GLU C 230 -24.10 0.92 38.12
N LEU C 231 -23.30 0.84 37.07
CA LEU C 231 -23.81 0.50 35.74
C LEU C 231 -23.69 -0.99 35.48
N LYS C 244 -26.58 -4.29 36.77
CA LYS C 244 -27.05 -4.10 38.14
C LYS C 244 -26.03 -4.60 39.18
N THR C 245 -25.15 -3.70 39.59
CA THR C 245 -24.20 -3.98 40.65
C THR C 245 -24.18 -2.81 41.60
N LEU C 246 -24.28 -3.08 42.90
CA LEU C 246 -24.48 -2.04 43.88
C LEU C 246 -23.18 -1.29 44.17
N TYR C 247 -23.33 -0.02 44.55
CA TYR C 247 -22.21 0.78 45.01
C TYR C 247 -21.81 0.35 46.40
N SER C 248 -20.52 0.11 46.60
CA SER C 248 -20.01 -0.42 47.86
C SER C 248 -18.61 0.12 48.09
N VAL C 249 -18.49 1.09 49.01
CA VAL C 249 -17.21 1.35 49.66
C VAL C 249 -16.85 0.15 50.51
N ARG C 250 -15.55 -0.01 50.79
CA ARG C 250 -14.93 -1.27 51.21
C ARG C 250 -15.60 -1.96 52.39
N ASP C 251 -16.20 -3.11 52.10
CA ASP C 251 -16.94 -3.96 53.04
C ASP C 251 -18.11 -3.21 53.69
N ALA C 252 -18.77 -2.37 52.90
CA ALA C 252 -19.91 -1.59 53.39
C ALA C 252 -20.82 -1.25 52.23
N ALA C 253 -21.96 -0.65 52.55
CA ALA C 253 -22.89 -0.15 51.56
C ALA C 253 -23.11 1.34 51.76
N ALA C 254 -23.41 2.03 50.67
CA ALA C 254 -23.38 3.49 50.69
C ALA C 254 -24.31 4.04 49.61
N ILE C 255 -24.57 5.34 49.72
CA ILE C 255 -25.26 6.09 48.67
C ILE C 255 -24.27 7.07 48.04
N HIS C 256 -24.51 7.40 46.78
CA HIS C 256 -23.65 8.34 46.06
C HIS C 256 -23.77 9.76 46.64
N SER C 257 -22.88 10.63 46.18
CA SER C 257 -22.92 12.02 46.62
C SER C 257 -23.99 12.81 45.88
N GLN C 258 -24.11 12.60 44.57
CA GLN C 258 -25.05 13.41 43.81
C GLN C 258 -26.49 13.00 44.03
N LYS C 259 -26.73 11.74 44.46
CA LYS C 259 -28.09 11.32 44.77
C LYS C 259 -28.58 11.91 46.07
N ILE C 260 -27.67 12.24 47.00
CA ILE C 260 -28.04 12.97 48.20
C ILE C 260 -28.04 14.47 47.96
N GLY C 261 -27.23 14.96 47.03
CA GLY C 261 -27.27 16.37 46.70
C GLY C 261 -28.51 16.75 45.92
N ASN C 262 -29.03 15.83 45.12
CA ASN C 262 -30.29 16.06 44.43
C ASN C 262 -31.49 15.88 45.34
N ALA C 263 -31.35 15.12 46.43
CA ALA C 263 -32.38 15.00 47.44
C ALA C 263 -32.28 16.07 48.51
N LEU C 264 -31.48 17.11 48.29
CA LEU C 264 -31.41 18.24 49.20
C LEU C 264 -31.78 19.56 48.54
N ARG C 265 -31.92 19.59 47.22
CA ARG C 265 -32.30 20.81 46.51
C ARG C 265 -33.69 20.69 45.89
N THR C 266 -34.60 19.98 46.57
CA THR C 266 -36.02 20.02 46.23
C THR C 266 -36.58 21.32 46.79
N ILE C 267 -36.32 22.41 46.06
CA ILE C 267 -36.59 23.76 46.53
C ILE C 267 -37.57 24.48 45.61
N ASP C 268 -37.44 24.29 44.30
CA ASP C 268 -38.14 25.08 43.30
C ASP C 268 -39.61 24.69 43.25
N THR C 269 -40.49 25.58 43.73
CA THR C 269 -41.92 25.38 43.67
C THR C 269 -42.58 26.06 42.48
N TRP C 270 -42.10 27.24 42.10
CA TRP C 270 -42.81 28.06 41.11
C TRP C 270 -42.44 27.65 39.70
N TYR C 271 -43.13 26.63 39.23
CA TYR C 271 -43.17 26.29 37.82
C TYR C 271 -44.63 26.37 37.36
N PRO C 272 -44.90 26.95 36.18
CA PRO C 272 -46.24 27.46 35.90
C PRO C 272 -47.29 26.40 35.62
N ASP C 273 -46.96 25.11 35.67
CA ASP C 273 -47.96 24.09 35.43
C ASP C 273 -48.84 23.87 36.66
N GLU C 274 -48.22 23.47 37.77
CA GLU C 274 -48.97 23.28 39.02
C GLU C 274 -48.00 23.38 40.18
N ASP C 275 -48.45 24.03 41.26
CA ASP C 275 -47.69 24.09 42.50
C ASP C 275 -48.27 23.18 43.58
N GLY C 276 -49.35 22.46 43.29
CA GLY C 276 -49.89 21.46 44.18
C GLY C 276 -49.24 20.10 44.12
N LEU C 277 -48.41 19.86 43.11
CA LEU C 277 -47.64 18.62 43.04
C LEU C 277 -46.45 18.64 43.98
N GLY C 278 -45.93 19.81 44.30
CA GLY C 278 -44.81 19.94 45.20
C GLY C 278 -43.56 20.42 44.50
N PRO C 279 -42.57 20.87 45.29
CA PRO C 279 -41.30 21.31 44.69
C PRO C 279 -40.49 20.16 44.12
N ILE C 280 -39.69 20.48 43.11
CA ILE C 280 -38.82 19.53 42.42
C ILE C 280 -37.38 19.97 42.59
N ALA C 281 -36.44 19.20 42.06
CA ALA C 281 -35.02 19.52 42.17
C ALA C 281 -34.66 20.68 41.26
N VAL C 282 -33.81 21.56 41.76
CA VAL C 282 -33.54 22.83 41.10
C VAL C 282 -32.49 22.62 40.01
N GLU C 283 -32.84 22.96 38.77
CA GLU C 283 -31.94 22.85 37.62
C GLU C 283 -32.51 23.71 36.50
N PRO C 284 -31.69 24.09 35.52
CA PRO C 284 -32.25 24.66 34.30
C PRO C 284 -33.02 23.60 33.54
N TYR C 285 -34.18 24.00 33.01
CA TYR C 285 -35.21 23.11 32.46
C TYR C 285 -35.57 22.02 33.46
N GLY C 286 -36.16 22.47 34.58
CA GLY C 286 -36.44 21.63 35.73
C GLY C 286 -37.28 20.41 35.46
N SER C 287 -36.68 19.23 35.58
CA SER C 287 -37.27 18.00 35.08
C SER C 287 -37.05 16.86 36.05
N VAL C 288 -37.99 15.91 36.02
CA VAL C 288 -37.99 14.75 36.91
C VAL C 288 -38.09 13.50 36.05
N THR C 289 -37.24 12.51 36.33
CA THR C 289 -37.28 11.25 35.59
C THR C 289 -38.38 10.32 36.06
N SER C 290 -38.98 10.58 37.22
CA SER C 290 -40.12 9.78 37.67
C SER C 290 -41.38 10.09 36.87
N GLN C 291 -41.42 11.24 36.19
CA GLN C 291 -42.52 11.62 35.32
C GLN C 291 -42.13 11.67 33.86
N GLY C 292 -40.90 12.07 33.55
CA GLY C 292 -40.47 12.21 32.18
C GLY C 292 -40.84 13.51 31.52
N LYS C 293 -41.51 14.41 32.24
CA LYS C 293 -41.93 15.69 31.71
C LYS C 293 -40.94 16.77 32.13
N ALA C 294 -40.52 17.58 31.17
CA ALA C 294 -39.64 18.72 31.44
C ALA C 294 -40.51 19.92 31.76
N TYR C 295 -40.66 20.22 33.05
CA TYR C 295 -41.27 21.47 33.45
C TYR C 295 -40.32 22.62 33.14
N ARG C 296 -40.87 23.84 33.17
CA ARG C 296 -40.16 25.10 32.87
C ARG C 296 -39.54 25.06 31.46
N GLN C 297 -40.44 25.00 30.49
CA GLN C 297 -40.06 24.99 29.09
C GLN C 297 -39.45 26.35 28.70
N PRO C 298 -38.52 26.37 27.73
CA PRO C 298 -37.94 27.64 27.29
C PRO C 298 -38.78 28.43 26.30
N LYS C 299 -40.03 28.03 26.09
CA LYS C 299 -40.95 28.77 25.23
C LYS C 299 -41.64 29.91 25.98
N GLN C 300 -41.28 30.13 27.24
CA GLN C 300 -41.78 31.22 28.05
C GLN C 300 -40.59 32.03 28.55
N LYS C 301 -40.89 33.16 29.20
CA LYS C 301 -39.85 34.03 29.73
C LYS C 301 -39.30 33.54 31.06
N LEU C 302 -39.77 32.41 31.58
CA LEU C 302 -39.42 31.95 32.91
C LEU C 302 -38.27 30.95 32.90
N ASP C 303 -37.49 30.91 31.83
CA ASP C 303 -36.34 30.02 31.75
C ASP C 303 -35.14 30.69 32.39
N PHE C 304 -34.25 29.87 32.96
CA PHE C 304 -33.13 30.39 33.74
C PHE C 304 -32.13 31.10 32.85
N TYR C 305 -31.80 30.51 31.69
CA TYR C 305 -30.87 31.14 30.76
C TYR C 305 -31.44 32.42 30.15
N THR C 306 -32.77 32.54 30.09
CA THR C 306 -33.43 33.71 29.53
C THR C 306 -33.72 34.75 30.61
N LEU C 307 -34.23 34.34 31.77
CA LEU C 307 -34.54 35.31 32.81
C LEU C 307 -33.29 35.81 33.51
N LEU C 308 -32.19 35.06 33.45
CA LEU C 308 -30.91 35.61 33.86
C LEU C 308 -30.35 36.55 32.80
N ASP C 309 -30.60 36.28 31.52
CA ASP C 309 -30.21 37.20 30.46
C ASP C 309 -31.01 38.49 30.48
N ASN C 310 -32.20 38.46 31.06
CA ASN C 310 -33.01 39.66 31.22
C ASN C 310 -32.84 40.32 32.58
N TRP C 311 -32.39 39.60 33.60
CA TRP C 311 -32.18 40.20 34.91
C TRP C 311 -30.87 40.98 34.96
N VAL C 312 -29.78 40.34 34.52
CA VAL C 312 -28.47 40.98 34.65
C VAL C 312 -28.28 42.06 33.60
N LEU C 313 -28.68 41.79 32.36
CA LEU C 313 -28.46 42.72 31.26
C LEU C 313 -29.58 43.74 31.13
N ARG C 314 -30.83 43.30 31.18
CA ARG C 314 -31.98 44.15 30.89
C ARG C 314 -32.73 44.58 32.14
N ASP C 315 -32.22 44.26 33.33
CA ASP C 315 -32.70 44.77 34.63
C ASP C 315 -34.15 44.36 34.90
N GLU C 316 -34.40 43.06 34.86
CA GLU C 316 -35.73 42.51 35.14
C GLU C 316 -35.69 41.85 36.51
N ALA C 317 -36.38 42.46 37.47
CA ALA C 317 -36.46 41.90 38.81
C ALA C 317 -37.80 41.18 38.99
N PRO C 318 -37.82 39.85 39.01
CA PRO C 318 -39.09 39.14 39.27
C PRO C 318 -39.39 39.06 40.75
N ALA C 319 -40.42 38.28 41.10
CA ALA C 319 -40.77 38.07 42.50
C ALA C 319 -39.69 37.24 43.20
N VAL C 320 -39.78 37.20 44.53
CA VAL C 320 -38.75 36.56 45.32
C VAL C 320 -38.77 35.04 45.17
N GLU C 321 -39.89 34.47 44.71
CA GLU C 321 -39.99 33.02 44.56
C GLU C 321 -39.29 32.53 43.29
N GLN C 322 -39.03 33.41 42.34
CA GLN C 322 -38.22 33.07 41.18
C GLN C 322 -36.77 33.49 41.31
N GLN C 323 -36.51 34.62 41.99
CA GLN C 323 -35.14 34.97 42.35
C GLN C 323 -34.53 33.95 43.28
N HIS C 324 -35.34 33.36 44.17
CA HIS C 324 -34.89 32.23 44.98
C HIS C 324 -34.53 31.03 44.11
N TYR C 325 -35.21 30.83 42.99
CA TYR C 325 -34.87 29.72 42.11
C TYR C 325 -33.55 29.98 41.37
N VAL C 326 -33.35 31.22 40.92
CA VAL C 326 -32.12 31.57 40.21
C VAL C 326 -30.91 31.47 41.13
N ILE C 327 -31.05 31.92 42.38
CA ILE C 327 -29.96 31.76 43.34
C ILE C 327 -29.86 30.30 43.80
N ALA C 328 -30.93 29.53 43.70
CA ALA C 328 -30.86 28.12 44.06
C ALA C 328 -30.09 27.30 43.04
N ASN C 329 -30.19 27.63 41.75
CA ASN C 329 -29.32 26.95 40.80
C ASN C 329 -28.06 27.73 40.49
N LEU C 330 -27.82 28.86 41.16
CA LEU C 330 -26.49 29.46 41.13
C LEU C 330 -25.57 28.91 42.21
N ILE C 331 -26.11 28.14 43.17
CA ILE C 331 -25.29 27.49 44.19
C ILE C 331 -25.24 25.97 43.99
N ARG C 332 -25.76 25.47 42.87
CA ARG C 332 -25.52 24.08 42.51
C ARG C 332 -24.31 23.93 41.61
N GLY C 333 -23.78 25.02 41.08
CA GLY C 333 -22.64 24.97 40.20
C GLY C 333 -23.04 24.68 38.78
N GLY C 334 -22.03 24.42 37.96
CA GLY C 334 -22.27 24.07 36.58
C GLY C 334 -21.60 25.01 35.60
N VAL C 335 -21.41 24.56 34.37
CA VAL C 335 -20.85 25.40 33.34
C VAL C 335 -21.99 26.07 32.58
N PHE C 336 -22.06 27.38 32.68
CA PHE C 336 -23.05 28.18 31.99
C PHE C 336 -22.37 28.84 30.80
N GLY C 337 -23.05 29.76 30.14
CA GLY C 337 -22.47 30.40 28.98
C GLY C 337 -22.61 29.53 27.75
N GLU C 338 -22.19 30.09 26.62
CA GLU C 338 -22.44 29.49 25.33
C GLU C 338 -21.60 28.23 25.07
N LEU D 6 25.31 44.41 17.53
CA LEU D 6 24.97 43.32 18.43
C LEU D 6 23.49 42.97 18.30
N SER D 7 23.21 41.77 17.81
CA SER D 7 21.84 41.30 17.67
C SER D 7 21.54 40.27 18.74
N THR D 8 20.35 39.70 18.68
CA THR D 8 19.98 38.62 19.58
C THR D 8 20.38 37.28 18.97
N ALA D 9 20.57 36.29 19.84
CA ALA D 9 20.92 34.95 19.38
C ALA D 9 19.72 34.26 18.77
N SER D 10 19.99 33.42 17.77
CA SER D 10 18.92 32.74 17.05
C SER D 10 18.27 31.65 17.91
N VAL D 11 19.06 30.97 18.74
CA VAL D 11 18.51 30.06 19.74
C VAL D 11 18.95 30.54 21.11
N LEU D 12 18.08 30.33 22.10
CA LEU D 12 18.40 30.64 23.49
C LEU D 12 17.59 29.71 24.35
N ALA D 13 18.23 28.97 25.23
CA ALA D 13 17.50 28.06 26.10
C ALA D 13 17.97 28.25 27.52
N PHE D 14 17.02 28.30 28.44
CA PHE D 14 17.34 28.47 29.85
C PHE D 14 16.72 27.32 30.62
N GLU D 15 17.53 26.66 31.44
CA GLU D 15 17.05 25.56 32.26
C GLU D 15 16.20 26.08 33.42
N ARG D 16 15.45 25.16 34.02
CA ARG D 16 14.52 25.51 35.08
C ARG D 16 15.22 25.40 36.42
N LYS D 17 15.08 26.44 37.23
CA LYS D 17 15.40 26.39 38.66
C LYS D 17 14.10 26.26 39.43
N LEU D 18 14.21 25.90 40.70
CA LEU D 18 13.08 25.60 41.58
C LEU D 18 12.17 24.50 41.01
N ASP D 19 12.73 23.30 40.92
CA ASP D 19 11.98 22.18 40.35
C ASP D 19 11.39 21.32 41.47
N PRO D 20 10.08 21.16 41.55
CA PRO D 20 9.48 20.27 42.53
C PRO D 20 9.18 18.89 41.95
N SER D 21 8.70 18.00 42.81
CA SER D 21 8.27 16.69 42.39
C SER D 21 6.75 16.62 42.34
N ASP D 22 6.21 15.43 42.12
CA ASP D 22 4.78 15.22 42.15
C ASP D 22 4.34 15.02 43.59
N ALA D 23 3.36 15.79 44.05
CA ALA D 23 2.97 15.76 45.44
C ALA D 23 2.01 14.61 45.70
N LEU D 24 2.32 13.78 46.69
CA LEU D 24 1.46 12.65 47.01
C LEU D 24 0.58 12.97 48.20
N MET D 25 -0.58 12.32 48.24
CA MET D 25 -1.65 12.64 49.18
C MET D 25 -1.96 11.46 50.07
N SER D 26 -2.28 11.75 51.33
CA SER D 26 -2.64 10.73 52.31
C SER D 26 -3.66 11.32 53.28
N ALA D 27 -4.18 10.48 54.17
CA ALA D 27 -5.26 10.89 55.05
C ALA D 27 -5.12 10.29 56.44
N GLY D 28 -5.36 11.09 57.45
CA GLY D 28 -5.30 10.66 58.84
C GLY D 28 -6.20 11.52 59.71
N ALA D 29 -5.82 11.67 60.98
CA ALA D 29 -6.58 12.45 61.93
C ALA D 29 -5.71 13.52 62.55
N TRP D 30 -6.34 14.63 62.97
CA TRP D 30 -5.62 15.65 63.71
C TRP D 30 -5.33 15.16 65.11
N ALA D 31 -4.36 15.83 65.75
CA ALA D 31 -3.66 15.39 66.97
C ALA D 31 -2.96 14.03 66.79
N GLN D 32 -2.70 13.66 65.55
CA GLN D 32 -1.83 12.55 65.19
C GLN D 32 -0.96 12.93 64.00
N ARG D 33 -0.95 14.21 63.64
CA ARG D 33 -0.23 14.68 62.47
C ARG D 33 1.27 14.81 62.71
N ASP D 34 1.72 14.72 63.95
CA ASP D 34 3.15 14.67 64.22
C ASP D 34 3.71 13.26 64.08
N ALA D 35 2.85 12.25 63.99
CA ALA D 35 3.25 10.88 63.77
C ALA D 35 2.76 10.39 62.41
N SER D 36 2.80 11.26 61.42
CA SER D 36 2.18 11.00 60.12
C SER D 36 3.23 10.52 59.13
N GLN D 37 3.79 9.35 59.43
CA GLN D 37 4.71 8.70 58.51
C GLN D 37 4.19 7.39 57.97
N GLU D 38 3.18 6.80 58.59
CA GLU D 38 2.63 5.51 58.19
C GLU D 38 1.15 5.63 57.84
N TRP D 39 0.74 6.81 57.39
CA TRP D 39 -0.66 7.03 57.05
C TRP D 39 -0.99 6.34 55.73
N PRO D 40 -2.16 5.71 55.62
CA PRO D 40 -2.53 5.08 54.35
C PRO D 40 -2.86 6.12 53.30
N ALA D 41 -2.48 5.83 52.07
CA ALA D 41 -2.57 6.78 50.98
C ALA D 41 -3.93 6.68 50.28
N VAL D 42 -4.44 7.82 49.81
CA VAL D 42 -5.79 7.86 49.25
C VAL D 42 -5.79 7.23 47.86
N THR D 43 -6.85 6.49 47.58
CA THR D 43 -6.96 5.74 46.33
C THR D 43 -7.98 6.39 45.41
N VAL D 44 -7.76 6.23 44.11
CA VAL D 44 -8.71 6.72 43.11
C VAL D 44 -9.75 5.62 42.87
N ARG D 45 -11.00 5.92 43.20
CA ARG D 45 -12.10 4.98 43.12
C ARG D 45 -12.99 5.33 41.94
N GLU D 46 -13.87 4.40 41.59
CA GLU D 46 -14.76 4.52 40.44
C GLU D 46 -16.21 4.62 40.89
N LYS D 47 -16.98 5.47 40.20
CA LYS D 47 -18.42 5.48 40.43
C LYS D 47 -19.10 5.89 39.13
N SER D 48 -20.44 5.79 39.13
CA SER D 48 -21.27 6.05 37.97
C SER D 48 -22.07 7.34 38.14
N VAL D 49 -22.35 7.99 37.02
CA VAL D 49 -23.08 9.25 37.01
C VAL D 49 -24.06 9.21 35.84
N ARG D 50 -25.34 9.44 36.15
CA ARG D 50 -26.39 9.56 35.14
C ARG D 50 -26.62 11.05 34.88
N GLY D 51 -26.39 11.47 33.63
CA GLY D 51 -26.32 12.88 33.31
C GLY D 51 -27.65 13.46 32.88
N THR D 52 -28.07 14.52 33.56
CA THR D 52 -29.24 15.28 33.16
C THR D 52 -28.79 16.51 32.37
N ILE D 53 -29.45 16.76 31.24
CA ILE D 53 -29.04 17.80 30.32
C ILE D 53 -29.42 19.16 30.90
N SER D 54 -28.42 20.02 31.08
CA SER D 54 -28.63 21.39 31.52
C SER D 54 -27.85 22.38 30.66
N ASN D 55 -27.28 21.93 29.55
CA ASN D 55 -26.47 22.80 28.71
C ASN D 55 -27.34 23.81 27.97
N ARG D 56 -26.80 25.00 27.78
CA ARG D 56 -27.51 26.08 27.08
C ARG D 56 -27.63 25.73 25.60
N LEU D 57 -28.83 25.35 25.17
CA LEU D 57 -29.08 25.06 23.78
C LEU D 57 -29.34 26.36 23.04
N LYS D 58 -29.72 26.26 21.76
CA LYS D 58 -30.18 27.42 21.03
C LYS D 58 -31.48 27.92 21.64
N THR D 59 -31.52 29.21 21.95
CA THR D 59 -32.64 29.78 22.68
C THR D 59 -33.87 29.84 21.79
N LYS D 60 -35.05 29.81 22.43
CA LYS D 60 -36.36 29.71 21.79
C LYS D 60 -36.44 28.47 20.90
N ASP D 61 -36.37 27.31 21.55
CA ASP D 61 -36.54 26.04 20.87
C ASP D 61 -38.03 25.73 20.74
N ARG D 62 -38.41 25.25 19.55
CA ARG D 62 -39.83 25.15 19.21
C ARG D 62 -40.49 23.95 19.88
N ASP D 63 -40.01 22.77 19.59
CA ASP D 63 -40.68 21.53 19.95
C ASP D 63 -40.18 21.00 21.29
N PRO D 64 -40.97 20.16 21.95
CA PRO D 64 -40.41 19.28 22.98
C PRO D 64 -39.78 18.00 22.44
N ALA D 65 -39.66 17.87 21.11
CA ALA D 65 -39.01 16.72 20.51
C ALA D 65 -37.50 16.73 20.67
N LYS D 66 -36.92 17.85 21.09
CA LYS D 66 -35.50 17.91 21.40
C LYS D 66 -35.22 18.09 22.89
N LEU D 67 -36.23 18.32 23.71
CA LEU D 67 -36.03 18.54 25.13
C LEU D 67 -36.75 17.51 25.99
N ASP D 68 -38.02 17.22 25.70
CA ASP D 68 -38.70 16.15 26.42
C ASP D 68 -38.33 14.77 25.90
N ALA D 69 -37.73 14.69 24.72
CA ALA D 69 -37.15 13.45 24.24
C ALA D 69 -35.72 13.25 24.72
N SER D 70 -35.07 14.31 25.21
CA SER D 70 -33.73 14.15 25.75
C SER D 70 -33.75 13.43 27.10
N ILE D 71 -34.85 13.57 27.85
CA ILE D 71 -34.97 12.94 29.15
C ILE D 71 -35.11 11.44 29.01
N GLN D 72 -35.79 10.98 27.97
CA GLN D 72 -36.01 9.56 27.76
C GLN D 72 -34.78 8.86 27.18
N SER D 73 -33.79 9.62 26.71
CA SER D 73 -32.53 9.05 26.28
C SER D 73 -31.58 9.01 27.46
N PRO D 74 -31.20 7.83 27.97
CA PRO D 74 -30.35 7.76 29.16
C PRO D 74 -28.89 8.07 28.84
N ASN D 75 -28.34 9.07 29.52
CA ASN D 75 -26.91 9.31 29.46
C ASN D 75 -26.21 8.41 30.47
N LEU D 76 -25.01 7.95 30.10
CA LEU D 76 -24.24 7.04 30.94
C LEU D 76 -22.82 7.56 31.05
N GLN D 77 -22.42 7.96 32.25
CA GLN D 77 -21.07 8.45 32.51
C GLN D 77 -20.44 7.63 33.62
N THR D 78 -19.12 7.48 33.55
CA THR D 78 -18.35 6.75 34.55
C THR D 78 -17.18 7.63 34.96
N VAL D 79 -17.14 8.00 36.24
CA VAL D 79 -16.21 9.01 36.71
C VAL D 79 -15.27 8.42 37.76
N ASP D 80 -14.08 9.01 37.83
CA ASP D 80 -13.09 8.71 38.85
C ASP D 80 -13.18 9.76 39.96
N VAL D 81 -13.16 9.31 41.20
CA VAL D 81 -13.27 10.20 42.36
C VAL D 81 -12.29 9.78 43.44
N ALA D 82 -11.74 10.76 44.14
CA ALA D 82 -10.85 10.53 45.26
C ALA D 82 -11.50 11.05 46.54
N ASN D 83 -11.77 10.16 47.48
CA ASN D 83 -12.47 10.50 48.70
C ASN D 83 -11.62 10.16 49.91
N LEU D 84 -11.79 10.93 50.97
CA LEU D 84 -11.19 10.60 52.25
C LEU D 84 -11.93 9.40 52.85
N PRO D 85 -11.29 8.65 53.74
CA PRO D 85 -12.01 7.59 54.45
C PRO D 85 -12.99 8.17 55.45
N SER D 86 -13.83 7.29 55.99
CA SER D 86 -14.87 7.69 56.94
C SER D 86 -14.37 7.71 58.38
N ASP D 87 -13.07 7.71 58.59
CA ASP D 87 -12.52 7.89 59.94
C ASP D 87 -11.37 8.90 59.93
N ALA D 88 -11.23 9.66 58.85
CA ALA D 88 -10.13 10.58 58.65
C ALA D 88 -10.68 11.95 58.29
N ASP D 89 -10.13 13.00 58.91
CA ASP D 89 -10.65 14.34 58.70
C ASP D 89 -9.57 15.33 58.31
N THR D 90 -8.45 14.87 57.77
CA THR D 90 -7.42 15.78 57.28
C THR D 90 -6.76 15.17 56.05
N LEU D 91 -6.03 16.02 55.33
CA LEU D 91 -5.36 15.64 54.10
C LEU D 91 -3.92 16.09 54.18
N LYS D 92 -2.99 15.15 54.01
CA LYS D 92 -1.56 15.43 54.02
C LYS D 92 -1.04 15.37 52.59
N VAL D 93 -0.40 16.45 52.14
CA VAL D 93 0.17 16.54 50.81
C VAL D 93 1.67 16.77 50.97
N ARG D 94 2.47 15.90 50.37
CA ARG D 94 3.92 15.92 50.59
C ARG D 94 4.65 15.99 49.25
N PHE D 95 5.66 16.86 49.17
CA PHE D 95 6.56 16.89 48.03
C PHE D 95 7.91 17.43 48.49
N THR D 96 8.89 17.42 47.58
CA THR D 96 10.21 17.97 47.83
C THR D 96 10.54 19.01 46.78
N LEU D 97 11.56 19.82 47.07
CA LEU D 97 11.94 20.93 46.20
C LEU D 97 13.43 21.16 46.33
N ARG D 98 14.07 21.56 45.23
CA ARG D 98 15.48 21.95 45.30
C ARG D 98 15.73 23.11 44.35
N VAL D 99 16.50 24.09 44.82
CA VAL D 99 16.87 25.26 44.04
C VAL D 99 18.33 25.12 43.64
N LEU D 100 18.66 25.57 42.42
CA LEU D 100 19.95 25.24 41.84
C LEU D 100 20.95 26.39 41.89
N GLY D 101 20.67 27.49 41.23
CA GLY D 101 21.68 28.52 41.11
C GLY D 101 22.37 28.49 39.76
N GLY D 102 22.93 29.64 39.39
CA GLY D 102 23.43 29.84 38.04
C GLY D 102 22.31 30.25 37.12
N ALA D 103 21.63 31.35 37.47
CA ALA D 103 20.34 31.66 36.86
C ALA D 103 20.46 32.32 35.50
N GLY D 104 21.46 33.16 35.28
CA GLY D 104 21.56 33.86 34.03
C GLY D 104 22.38 33.18 32.95
N THR D 105 22.84 31.95 33.18
CA THR D 105 23.69 31.26 32.22
C THR D 105 22.84 30.39 31.31
N PRO D 106 22.85 30.62 30.01
CA PRO D 106 21.98 29.85 29.12
C PRO D 106 22.48 28.43 28.89
N SER D 107 21.53 27.54 28.66
CA SER D 107 21.85 26.15 28.35
C SER D 107 22.41 26.01 26.94
N ALA D 108 21.92 26.83 26.02
CA ALA D 108 22.31 26.74 24.62
C ALA D 108 22.08 28.09 23.97
N CYS D 109 23.10 28.61 23.28
CA CYS D 109 22.96 29.84 22.51
C CYS D 109 23.98 29.86 21.40
N ASN D 110 23.66 30.57 20.32
CA ASN D 110 24.55 30.66 19.16
C ASN D 110 25.63 31.72 19.33
N ASP D 111 25.23 32.96 19.62
CA ASP D 111 26.17 34.08 19.59
C ASP D 111 27.07 34.08 20.81
N ALA D 112 28.37 34.29 20.57
CA ALA D 112 29.33 34.33 21.66
C ALA D 112 29.45 35.70 22.28
N ALA D 113 29.22 36.76 21.50
CA ALA D 113 29.28 38.12 22.01
C ALA D 113 27.97 38.57 22.64
N TYR D 114 26.90 37.78 22.52
CA TYR D 114 25.64 38.13 23.16
C TYR D 114 25.60 37.66 24.61
N ARG D 115 26.10 36.46 24.88
CA ARG D 115 26.13 36.00 26.27
C ARG D 115 27.19 36.73 27.08
N ASP D 116 28.18 37.34 26.42
CA ASP D 116 29.11 38.23 27.11
C ASP D 116 28.41 39.49 27.61
N LYS D 117 27.32 39.91 26.96
CA LYS D 117 26.53 41.02 27.48
C LYS D 117 25.53 40.54 28.53
N LEU D 118 24.89 39.40 28.27
CA LEU D 118 23.84 38.91 29.15
C LEU D 118 24.40 38.50 30.52
N LEU D 119 25.58 37.86 30.54
CA LEU D 119 26.13 37.39 31.80
C LEU D 119 26.59 38.55 32.67
N GLN D 120 27.13 39.61 32.06
CA GLN D 120 27.50 40.77 32.87
C GLN D 120 26.30 41.61 33.26
N THR D 121 25.20 41.54 32.49
CA THR D 121 23.96 42.19 32.93
C THR D 121 23.40 41.53 34.19
N VAL D 122 23.32 40.20 34.19
CA VAL D 122 22.87 39.50 35.39
C VAL D 122 23.89 39.64 36.52
N ALA D 123 25.18 39.77 36.18
CA ALA D 123 26.20 39.94 37.20
C ALA D 123 26.06 41.27 37.92
N THR D 124 25.86 42.36 37.17
CA THR D 124 25.65 43.63 37.85
C THR D 124 24.28 43.73 38.50
N TYR D 125 23.30 42.93 38.08
CA TYR D 125 22.04 42.86 38.81
C TYR D 125 22.24 42.24 40.18
N VAL D 126 22.95 41.10 40.25
CA VAL D 126 23.19 40.45 41.53
C VAL D 126 24.14 41.29 42.39
N ASN D 127 25.06 42.03 41.77
CA ASN D 127 25.94 42.90 42.55
C ASN D 127 25.20 44.09 43.14
N GLU D 128 24.26 44.67 42.39
CA GLU D 128 23.52 45.80 42.91
C GLU D 128 22.52 45.38 43.98
N GLN D 129 21.60 44.50 43.62
CA GLN D 129 20.57 44.00 44.52
C GLN D 129 20.74 42.50 44.71
N GLY D 130 20.45 42.02 45.90
CA GLY D 130 20.55 40.60 46.15
C GLY D 130 19.41 39.83 45.51
N PHE D 131 19.41 38.54 45.76
CA PHE D 131 18.27 37.70 45.39
C PHE D 131 17.18 37.71 46.45
N ALA D 132 17.23 38.63 47.43
CA ALA D 132 16.38 38.54 48.61
C ALA D 132 14.93 38.88 48.33
N GLU D 133 14.68 39.80 47.39
CA GLU D 133 13.31 40.24 47.11
C GLU D 133 12.50 39.14 46.43
N LEU D 134 13.10 38.45 45.47
CA LEU D 134 12.43 37.30 44.87
C LEU D 134 12.32 36.14 45.84
N ALA D 135 13.33 35.96 46.69
CA ALA D 135 13.36 34.81 47.59
C ALA D 135 12.32 34.93 48.69
N ARG D 136 12.04 36.14 49.18
CA ARG D 136 11.08 36.26 50.26
C ARG D 136 9.65 36.06 49.76
N ARG D 137 9.38 36.38 48.50
CA ARG D 137 8.06 36.08 47.96
C ARG D 137 7.92 34.62 47.52
N TYR D 138 9.00 33.98 47.06
CA TYR D 138 8.97 32.52 46.88
C TYR D 138 8.74 31.80 48.20
N ALA D 139 9.37 32.28 49.27
CA ALA D 139 9.14 31.71 50.59
C ALA D 139 7.74 32.03 51.10
N HIS D 140 7.16 33.16 50.69
CA HIS D 140 5.77 33.44 51.05
C HIS D 140 4.83 32.44 50.38
N ASN D 141 5.06 32.15 49.09
CA ASN D 141 4.20 31.20 48.39
C ASN D 141 4.40 29.78 48.91
N LEU D 142 5.58 29.46 49.44
CA LEU D 142 5.74 28.20 50.15
C LEU D 142 5.04 28.23 51.50
N ALA D 143 5.02 29.39 52.15
CA ALA D 143 4.53 29.50 53.53
C ALA D 143 3.00 29.42 53.59
N ASN D 144 2.30 30.11 52.70
CA ASN D 144 0.91 29.75 52.51
C ASN D 144 0.82 28.48 51.68
N ALA D 145 -0.35 27.87 51.67
CA ALA D 145 -0.52 26.56 51.04
C ALA D 145 -1.04 26.68 49.63
N ARG D 146 -0.56 27.69 48.88
CA ARG D 146 -1.05 27.99 47.54
C ARG D 146 -0.85 26.86 46.54
N PHE D 147 0.06 25.91 46.82
CA PHE D 147 0.18 24.74 45.97
C PHE D 147 -1.00 23.79 46.10
N LEU D 148 -1.77 23.88 47.20
CA LEU D 148 -3.08 23.26 47.27
C LEU D 148 -4.06 24.18 46.57
N TRP D 149 -4.53 23.80 45.39
CA TRP D 149 -5.32 24.75 44.61
C TRP D 149 -6.77 24.81 45.09
N ARG D 150 -7.51 23.71 44.92
CA ARG D 150 -8.90 23.67 45.30
C ARG D 150 -9.14 22.87 46.57
N ASN D 151 -8.08 22.39 47.20
CA ASN D 151 -8.17 21.78 48.51
C ASN D 151 -7.99 22.80 49.63
N ARG D 152 -7.54 24.02 49.28
CA ARG D 152 -7.32 25.07 50.26
C ARG D 152 -8.60 25.80 50.61
N VAL D 153 -9.57 25.84 49.68
CA VAL D 153 -10.82 26.54 49.94
C VAL D 153 -11.70 25.73 50.89
N GLY D 154 -12.36 26.45 51.80
CA GLY D 154 -13.27 25.84 52.75
C GLY D 154 -12.63 25.11 53.91
N ALA D 155 -11.30 25.04 53.97
CA ALA D 155 -10.64 24.31 55.04
C ALA D 155 -10.53 25.16 56.29
N GLU D 156 -10.82 24.55 57.44
CA GLU D 156 -10.85 25.31 58.69
C GLU D 156 -9.46 25.63 59.21
N ALA D 157 -8.50 24.74 59.00
CA ALA D 157 -7.15 24.93 59.50
C ALA D 157 -6.18 24.19 58.60
N VAL D 158 -5.25 24.92 57.99
CA VAL D 158 -4.17 24.30 57.24
C VAL D 158 -2.85 24.76 57.87
N GLU D 159 -1.83 23.93 57.70
CA GLU D 159 -0.51 24.26 58.23
C GLU D 159 0.56 23.60 57.36
N VAL D 160 1.75 24.19 57.40
CA VAL D 160 2.85 23.84 56.51
C VAL D 160 4.08 23.54 57.36
N ARG D 161 4.65 22.36 57.18
CA ARG D 161 5.95 22.00 57.72
C ARG D 161 6.98 22.01 56.62
N ILE D 162 8.16 22.55 56.91
CA ILE D 162 9.26 22.62 55.96
C ILE D 162 10.51 22.13 56.66
N ASN D 163 11.18 21.13 56.07
CA ASN D 163 12.41 20.59 56.63
C ASN D 163 13.55 20.83 55.65
N HIS D 164 14.67 21.33 56.15
CA HIS D 164 15.88 21.50 55.35
C HIS D 164 16.74 20.25 55.50
N ILE D 165 17.08 19.60 54.38
CA ILE D 165 17.69 18.28 54.39
C ILE D 165 19.12 18.41 53.92
N ARG D 166 20.06 18.18 54.83
CA ARG D 166 21.48 18.25 54.50
C ARG D 166 22.03 16.89 54.12
N GLN D 167 21.74 15.88 54.93
CA GLN D 167 22.05 14.48 54.66
C GLN D 167 20.83 13.70 55.08
N GLY D 168 20.95 12.40 55.31
CA GLY D 168 19.80 11.63 55.75
C GLY D 168 19.35 11.93 57.17
N GLU D 169 18.86 13.16 57.38
CA GLU D 169 18.62 13.77 58.69
C GLU D 169 17.88 15.08 58.42
N VAL D 170 17.59 15.82 59.48
CA VAL D 170 16.88 17.10 59.40
C VAL D 170 17.77 18.17 59.99
N ALA D 171 18.05 19.21 59.20
CA ALA D 171 18.91 20.28 59.66
C ALA D 171 18.14 21.42 60.34
N ARG D 172 16.92 21.72 59.88
CA ARG D 172 16.17 22.86 60.37
C ARG D 172 14.69 22.67 60.04
N THR D 173 13.82 22.92 61.02
CA THR D 173 12.38 22.74 60.88
C THR D 173 11.67 24.08 61.00
N TRP D 174 10.67 24.29 60.13
CA TRP D 174 9.82 25.46 60.13
C TRP D 174 8.37 25.00 60.14
N ARG D 175 7.57 25.56 61.04
CA ARG D 175 6.15 25.25 61.13
C ARG D 175 5.36 26.53 61.01
N PHE D 176 4.44 26.58 60.05
CA PHE D 176 3.70 27.79 59.77
C PHE D 176 2.21 27.57 59.92
N ASP D 177 1.47 28.67 59.97
CA ASP D 177 0.02 28.69 59.93
C ASP D 177 -0.34 29.50 58.68
N ALA D 178 -0.90 28.83 57.68
CA ALA D 178 -1.05 29.44 56.38
C ALA D 178 -2.31 30.29 56.24
N LEU D 179 -3.21 30.27 57.23
CA LEU D 179 -4.35 31.15 57.23
C LEU D 179 -4.10 32.42 58.03
N ALA D 180 -3.12 32.41 58.93
CA ALA D 180 -2.74 33.61 59.65
C ALA D 180 -1.97 34.57 58.76
N ILE D 181 -1.30 34.06 57.74
CA ILE D 181 -0.65 34.89 56.73
C ILE D 181 -1.52 34.87 55.48
N GLY D 182 -1.53 35.97 54.76
CA GLY D 182 -2.48 36.12 53.68
C GLY D 182 -2.01 35.48 52.39
N LEU D 183 -2.97 35.29 51.50
CA LEU D 183 -2.72 34.94 50.12
C LEU D 183 -2.62 36.16 49.22
N ARG D 184 -2.89 37.35 49.76
CA ARG D 184 -2.92 38.57 48.99
C ARG D 184 -1.76 39.51 49.28
N ASP D 185 -1.25 39.56 50.51
CA ASP D 185 -0.22 40.50 50.91
C ASP D 185 1.12 39.79 51.07
N PHE D 186 2.19 40.47 50.71
CA PHE D 186 3.57 40.00 50.88
C PHE D 186 4.21 40.86 51.97
N LYS D 187 3.98 40.50 53.23
CA LYS D 187 4.48 41.28 54.35
C LYS D 187 5.48 40.46 55.16
N ALA D 188 6.37 41.17 55.85
CA ALA D 188 7.49 40.54 56.52
C ALA D 188 7.08 39.80 57.80
N ASP D 189 7.86 38.80 58.15
CA ASP D 189 7.67 38.00 59.35
C ASP D 189 9.01 37.92 60.08
N ALA D 190 9.03 37.19 61.19
CA ALA D 190 10.23 37.06 62.01
C ALA D 190 10.89 35.69 61.87
N GLU D 191 10.34 34.79 61.07
CA GLU D 191 10.96 33.49 60.89
C GLU D 191 11.07 33.09 59.43
N LEU D 192 10.21 33.68 58.62
CA LEU D 192 10.14 33.47 57.18
C LEU D 192 11.35 34.06 56.47
N ASP D 193 11.97 35.05 57.09
CA ASP D 193 13.15 35.68 56.54
C ASP D 193 14.35 34.74 56.61
N ALA D 194 14.35 33.80 57.55
CA ALA D 194 15.36 32.75 57.58
C ALA D 194 15.23 31.82 56.38
N LEU D 195 14.00 31.41 56.07
CA LEU D 195 13.74 30.61 54.88
C LEU D 195 14.06 31.37 53.61
N ALA D 196 13.79 32.68 53.61
CA ALA D 196 14.13 33.53 52.48
C ALA D 196 15.62 33.59 52.26
N GLU D 197 16.40 33.75 53.34
CA GLU D 197 17.85 33.78 53.24
C GLU D 197 18.42 32.43 52.79
N LEU D 198 17.80 31.34 53.25
CA LEU D 198 18.24 30.01 52.82
C LEU D 198 18.05 29.79 51.33
N ILE D 199 16.84 30.06 50.82
CA ILE D 199 16.64 29.84 49.39
C ILE D 199 17.30 30.91 48.53
N ALA D 200 17.64 32.07 49.10
CA ALA D 200 18.45 33.03 48.34
C ALA D 200 19.90 32.57 48.24
N SER D 201 20.43 31.95 49.31
CA SER D 201 21.77 31.37 49.24
C SER D 201 21.82 30.20 48.28
N GLY D 202 20.73 29.44 48.20
CA GLY D 202 20.64 28.40 47.19
C GLY D 202 20.57 28.95 45.78
N LEU D 203 19.83 30.04 45.58
CA LEU D 203 19.70 30.65 44.27
C LEU D 203 20.97 31.34 43.82
N SER D 204 21.84 31.77 44.73
CA SER D 204 23.04 32.50 44.35
C SER D 204 24.23 31.60 44.05
N GLY D 205 24.17 30.32 44.41
CA GLY D 205 25.23 29.38 44.12
C GLY D 205 26.09 28.99 45.30
N SER D 206 25.95 29.66 46.44
CA SER D 206 26.77 29.39 47.61
C SER D 206 26.14 28.28 48.46
N GLY D 207 26.23 27.07 47.94
CA GLY D 207 25.69 25.90 48.60
C GLY D 207 24.50 25.34 47.85
N HIS D 208 24.12 24.12 48.23
CA HIS D 208 22.95 23.48 47.65
C HIS D 208 21.89 23.29 48.72
N VAL D 209 20.63 23.34 48.27
CA VAL D 209 19.47 23.40 49.17
C VAL D 209 18.47 22.34 48.71
N LEU D 210 18.05 21.48 49.64
CA LEU D 210 16.97 20.53 49.40
C LEU D 210 15.94 20.64 50.52
N LEU D 211 14.76 21.13 50.18
CA LEU D 211 13.68 21.28 51.14
C LEU D 211 12.64 20.19 50.93
N GLU D 212 11.97 19.83 52.02
CA GLU D 212 10.85 18.90 51.99
C GLU D 212 9.65 19.61 52.58
N VAL D 213 8.54 19.64 51.83
CA VAL D 213 7.36 20.42 52.18
C VAL D 213 6.20 19.47 52.42
N VAL D 214 5.64 19.54 53.64
CA VAL D 214 4.43 18.80 54.00
C VAL D 214 3.34 19.82 54.32
N ALA D 215 2.12 19.55 53.89
CA ALA D 215 1.00 20.44 54.17
C ALA D 215 -0.19 19.63 54.68
N PHE D 216 -0.68 19.98 55.85
CA PHE D 216 -1.86 19.36 56.43
C PHE D 216 -3.04 20.32 56.28
N ALA D 217 -4.18 19.79 55.83
CA ALA D 217 -5.39 20.58 55.65
C ALA D 217 -6.55 19.84 56.30
N ARG D 218 -7.20 20.47 57.28
CA ARG D 218 -8.32 19.86 57.97
C ARG D 218 -9.60 20.20 57.22
N ILE D 219 -10.15 19.22 56.51
CA ILE D 219 -11.28 19.42 55.61
C ILE D 219 -12.57 18.85 56.19
N GLY D 220 -12.62 17.55 56.43
CA GLY D 220 -13.82 16.93 56.94
C GLY D 220 -13.78 15.42 56.92
N ASP D 221 -14.71 14.79 57.63
CA ASP D 221 -14.68 13.34 57.81
C ASP D 221 -15.32 12.67 56.60
N GLY D 222 -14.52 12.53 55.55
CA GLY D 222 -14.93 11.83 54.36
C GLY D 222 -15.25 12.69 53.16
N GLN D 223 -14.57 13.83 53.01
CA GLN D 223 -14.88 14.78 51.94
C GLN D 223 -14.20 14.36 50.65
N GLU D 224 -14.16 15.27 49.68
CA GLU D 224 -13.63 15.00 48.34
C GLU D 224 -12.42 15.89 48.07
N VAL D 225 -11.32 15.28 47.69
CA VAL D 225 -10.11 15.99 47.34
C VAL D 225 -9.98 16.04 45.82
N PHE D 226 -9.17 16.98 45.34
CA PHE D 226 -9.05 17.24 43.91
C PHE D 226 -7.60 17.11 43.48
N PRO D 227 -7.18 15.92 43.02
CA PRO D 227 -5.86 15.82 42.36
C PRO D 227 -5.90 16.34 40.93
N SER D 228 -4.80 16.16 40.21
CA SER D 228 -4.75 16.61 38.82
C SER D 228 -5.62 15.71 37.94
N GLN D 229 -5.90 16.19 36.74
CA GLN D 229 -6.79 15.52 35.82
C GLN D 229 -6.03 15.19 34.54
N GLU D 230 -6.04 13.92 34.16
CA GLU D 230 -5.32 13.47 32.99
C GLU D 230 -6.16 13.66 31.73
N LEU D 231 -5.47 13.98 30.63
CA LEU D 231 -6.10 14.14 29.33
C LEU D 231 -6.52 12.77 28.80
N ILE D 232 -7.81 12.55 28.67
CA ILE D 232 -8.34 11.22 28.40
C ILE D 232 -8.46 11.02 26.88
N LEU D 233 -8.12 9.82 26.43
CA LEU D 233 -8.28 9.42 25.04
C LEU D 233 -9.59 8.67 24.88
N ASP D 234 -9.98 8.46 23.62
CA ASP D 234 -11.28 7.89 23.29
C ASP D 234 -11.25 6.36 23.16
N LYS D 235 -10.26 5.70 23.78
CA LYS D 235 -10.14 4.25 23.70
C LYS D 235 -10.88 3.53 24.81
N GLY D 236 -11.91 4.16 25.39
CA GLY D 236 -12.73 3.51 26.39
C GLY D 236 -14.20 3.45 26.00
N ASP D 237 -14.94 2.52 26.60
CA ASP D 237 -16.35 2.33 26.29
C ASP D 237 -17.18 3.37 27.05
N LYS D 238 -18.50 3.17 27.10
CA LYS D 238 -19.36 4.02 27.93
C LYS D 238 -19.00 3.90 29.40
N LYS D 239 -18.53 2.73 29.83
CA LYS D 239 -17.85 2.57 31.10
C LYS D 239 -16.37 2.29 30.84
N GLY D 240 -15.53 2.71 31.78
CA GLY D 240 -14.10 2.58 31.55
C GLY D 240 -13.35 3.90 31.52
N GLN D 241 -13.75 4.85 32.37
CA GLN D 241 -13.21 6.22 32.46
C GLN D 241 -13.36 6.95 31.13
N LYS D 242 -14.61 7.16 30.74
CA LYS D 242 -14.86 7.88 29.50
C LYS D 242 -15.01 9.38 29.74
N SER D 243 -15.16 9.81 30.97
CA SER D 243 -15.51 11.19 31.27
C SER D 243 -14.45 11.93 32.06
N LYS D 244 -13.85 11.30 33.08
CA LYS D 244 -12.88 12.00 33.92
C LYS D 244 -11.93 10.98 34.52
N THR D 245 -10.64 11.12 34.23
CA THR D 245 -9.60 10.33 34.85
C THR D 245 -8.68 11.25 35.64
N LEU D 246 -8.08 10.69 36.69
CA LEU D 246 -7.27 11.45 37.62
C LEU D 246 -5.84 10.92 37.62
N TYR D 247 -4.89 11.82 37.88
CA TYR D 247 -3.48 11.46 37.84
C TYR D 247 -3.08 10.77 39.13
N SER D 248 -2.50 9.58 39.01
CA SER D 248 -2.06 8.82 40.18
C SER D 248 -0.71 8.21 39.87
N VAL D 249 0.29 8.50 40.73
CA VAL D 249 1.62 7.97 40.51
C VAL D 249 1.81 6.66 41.28
N ARG D 250 1.39 5.57 40.63
CA ARG D 250 1.73 4.18 40.90
C ARG D 250 1.13 3.61 42.19
N ASP D 251 0.68 4.47 43.11
CA ASP D 251 0.19 3.99 44.39
C ASP D 251 -1.10 4.68 44.81
N ALA D 252 -1.26 5.94 44.38
CA ALA D 252 -2.17 6.86 45.05
C ALA D 252 -2.32 8.11 44.21
N ALA D 253 -3.37 8.87 44.49
CA ALA D 253 -3.66 10.09 43.75
C ALA D 253 -2.60 11.16 44.04
N ALA D 254 -2.38 12.02 43.06
CA ALA D 254 -1.28 12.96 43.15
C ALA D 254 -1.52 14.14 42.22
N ILE D 255 -0.77 15.22 42.47
CA ILE D 255 -0.80 16.42 41.67
C ILE D 255 0.44 16.44 40.79
N HIS D 256 0.31 17.03 39.60
CA HIS D 256 1.44 17.17 38.69
C HIS D 256 2.48 18.10 39.28
N SER D 257 3.70 18.04 38.72
CA SER D 257 4.76 18.90 39.21
C SER D 257 4.66 20.30 38.62
N GLN D 258 4.14 20.43 37.40
CA GLN D 258 4.03 21.74 36.77
C GLN D 258 2.93 22.58 37.39
N LYS D 259 1.93 21.95 38.02
CA LYS D 259 0.92 22.72 38.73
C LYS D 259 1.48 23.38 39.98
N ILE D 260 2.33 22.64 40.73
CA ILE D 260 3.00 23.23 41.89
C ILE D 260 4.06 24.25 41.44
N GLY D 261 4.70 24.02 40.31
CA GLY D 261 5.61 25.01 39.79
C GLY D 261 4.94 26.29 39.34
N ASN D 262 3.70 26.19 38.84
CA ASN D 262 2.94 27.38 38.53
C ASN D 262 2.42 28.07 39.79
N ALA D 263 2.09 27.29 40.81
CA ALA D 263 1.64 27.86 42.07
C ALA D 263 2.76 28.47 42.89
N LEU D 264 4.02 28.17 42.59
CA LEU D 264 5.13 28.72 43.36
C LEU D 264 5.72 29.99 42.76
N ARG D 265 5.45 30.27 41.49
CA ARG D 265 5.91 31.50 40.86
C ARG D 265 4.79 32.53 40.70
N THR D 266 3.74 32.46 41.53
CA THR D 266 2.78 33.54 41.65
C THR D 266 3.38 34.60 42.58
N ILE D 267 4.24 35.44 42.02
CA ILE D 267 5.08 36.31 42.82
C ILE D 267 4.91 37.77 42.40
N ASP D 268 4.63 38.03 41.14
CA ASP D 268 4.76 39.39 40.62
C ASP D 268 3.46 40.17 40.83
N THR D 269 3.61 41.44 41.25
CA THR D 269 2.52 42.38 41.45
C THR D 269 2.83 43.71 40.77
N TRP D 270 3.66 43.70 39.73
CA TRP D 270 4.11 44.92 39.08
C TRP D 270 3.51 45.10 37.68
N TYR D 271 2.34 44.53 37.44
CA TYR D 271 1.68 44.69 36.16
C TYR D 271 0.67 45.82 36.23
N PRO D 272 0.56 46.66 35.19
CA PRO D 272 -0.13 47.94 35.35
C PRO D 272 -1.64 47.90 35.18
N ASP D 273 -2.24 46.71 35.19
CA ASP D 273 -3.68 46.62 35.02
C ASP D 273 -4.42 47.16 36.23
N GLU D 274 -4.10 46.65 37.43
CA GLU D 274 -4.72 47.14 38.64
C GLU D 274 -3.81 46.86 39.83
N ASP D 275 -3.93 47.69 40.86
CA ASP D 275 -3.17 47.55 42.09
C ASP D 275 -3.91 46.77 43.17
N GLY D 276 -5.09 46.23 42.86
CA GLY D 276 -5.85 45.49 43.85
C GLY D 276 -6.23 44.08 43.41
N LEU D 277 -5.88 43.73 42.17
CA LEU D 277 -6.29 42.43 41.63
C LEU D 277 -5.46 41.29 42.22
N GLY D 278 -4.22 41.55 42.61
CA GLY D 278 -3.41 40.56 43.27
C GLY D 278 -2.30 40.03 42.39
N PRO D 279 -1.55 39.06 42.88
CA PRO D 279 -0.43 38.52 42.10
C PRO D 279 -0.89 37.52 41.04
N ILE D 280 -0.11 37.46 39.97
CA ILE D 280 -0.31 36.43 38.94
C ILE D 280 0.98 35.65 38.78
N ALA D 281 0.99 34.70 37.85
CA ALA D 281 2.17 33.90 37.57
C ALA D 281 3.04 34.59 36.53
N VAL D 282 4.34 34.31 36.59
CA VAL D 282 5.29 34.99 35.73
C VAL D 282 5.34 34.29 34.38
N GLU D 283 4.88 34.98 33.35
CA GLU D 283 4.91 34.49 31.98
C GLU D 283 5.35 35.64 31.08
N PRO D 284 5.93 35.34 29.93
CA PRO D 284 5.93 36.34 28.86
C PRO D 284 4.51 36.55 28.37
N TYR D 285 4.14 37.81 28.16
CA TYR D 285 2.75 38.25 27.96
C TYR D 285 1.86 37.69 29.06
N GLY D 286 2.14 38.15 30.29
CA GLY D 286 1.71 37.50 31.51
C GLY D 286 0.22 37.30 31.64
N SER D 287 -0.23 36.06 31.47
CA SER D 287 -1.61 35.76 31.18
C SER D 287 -2.20 34.86 32.25
N VAL D 288 -3.54 34.82 32.28
CA VAL D 288 -4.27 33.89 33.13
C VAL D 288 -5.13 33.01 32.22
N THR D 289 -5.21 31.72 32.54
CA THR D 289 -6.07 30.80 31.82
C THR D 289 -7.46 30.70 32.44
N SER D 290 -7.55 30.80 33.77
CA SER D 290 -8.85 30.80 34.43
C SER D 290 -9.62 32.08 34.20
N GLN D 291 -8.93 33.15 33.83
CA GLN D 291 -9.56 34.43 33.56
C GLN D 291 -9.70 34.74 32.08
N GLY D 292 -8.86 34.13 31.23
CA GLY D 292 -8.91 34.35 29.81
C GLY D 292 -8.27 35.63 29.31
N LYS D 293 -7.76 36.47 30.21
CA LYS D 293 -7.24 37.79 29.84
C LYS D 293 -5.73 37.76 29.77
N ALA D 294 -5.18 38.32 28.71
CA ALA D 294 -3.74 38.55 28.67
C ALA D 294 -3.39 39.90 29.28
N TYR D 295 -2.18 40.01 29.79
CA TYR D 295 -1.62 41.26 30.24
C TYR D 295 -0.24 41.38 29.60
N ARG D 296 0.37 42.56 29.78
CA ARG D 296 1.72 42.87 29.30
C ARG D 296 1.84 42.66 27.79
N GLN D 297 0.90 43.22 27.04
CA GLN D 297 0.95 43.13 25.58
C GLN D 297 2.10 43.97 25.04
N PRO D 298 2.61 43.65 23.84
CA PRO D 298 3.64 44.49 23.22
C PRO D 298 3.13 45.86 22.75
N LYS D 299 1.82 46.10 22.79
CA LYS D 299 1.31 47.46 22.62
C LYS D 299 1.83 48.38 23.73
N GLN D 300 1.72 47.93 24.97
CA GLN D 300 2.45 48.54 26.07
C GLN D 300 3.91 48.11 26.02
N LYS D 301 4.72 48.72 26.88
CA LYS D 301 6.15 48.46 26.84
C LYS D 301 6.64 47.67 28.04
N LEU D 302 5.73 47.05 28.80
CA LEU D 302 6.11 46.26 29.95
C LEU D 302 6.18 44.78 29.63
N ASP D 303 6.38 44.43 28.37
CA ASP D 303 6.52 43.04 27.95
C ASP D 303 7.97 42.59 28.04
N PHE D 304 8.15 41.30 28.39
CA PHE D 304 9.47 40.76 28.75
C PHE D 304 10.46 40.82 27.61
N TYR D 305 10.04 40.50 26.39
CA TYR D 305 10.96 40.45 25.26
C TYR D 305 11.45 41.85 24.90
N THR D 306 10.55 42.83 24.91
CA THR D 306 10.91 44.20 24.52
C THR D 306 11.87 44.83 25.50
N LEU D 307 11.57 44.74 26.80
CA LEU D 307 12.49 45.35 27.76
C LEU D 307 13.74 44.51 27.99
N LEU D 308 13.71 43.22 27.67
CA LEU D 308 14.95 42.44 27.69
C LEU D 308 15.88 42.90 26.58
N ASP D 309 15.34 43.10 25.37
CA ASP D 309 16.16 43.65 24.30
C ASP D 309 16.55 45.10 24.53
N ASN D 310 15.78 45.84 25.34
CA ASN D 310 16.20 47.20 25.69
C ASN D 310 17.33 47.17 26.71
N TRP D 311 17.25 46.27 27.70
CA TRP D 311 18.24 46.23 28.77
C TRP D 311 19.56 45.65 28.28
N VAL D 312 19.51 44.54 27.53
CA VAL D 312 20.74 43.85 27.16
C VAL D 312 21.45 44.56 26.02
N LEU D 313 20.72 44.89 24.95
CA LEU D 313 21.35 45.39 23.74
C LEU D 313 21.77 46.85 23.87
N ARG D 314 20.80 47.74 24.13
CA ARG D 314 21.03 49.17 24.05
C ARG D 314 21.10 49.86 25.40
N ASP D 315 21.33 49.08 26.47
CA ASP D 315 21.67 49.58 27.82
C ASP D 315 20.56 50.42 28.44
N GLU D 316 19.31 50.19 28.04
CA GLU D 316 18.18 50.87 28.65
C GLU D 316 17.75 50.10 29.89
N ALA D 317 18.37 50.44 31.01
CA ALA D 317 18.07 49.77 32.27
C ALA D 317 16.68 50.15 32.75
N PRO D 318 15.77 49.20 32.91
CA PRO D 318 14.39 49.54 33.29
C PRO D 318 14.23 49.88 34.76
N ALA D 319 12.99 50.03 35.19
CA ALA D 319 12.70 50.35 36.58
C ALA D 319 13.05 49.19 37.49
N VAL D 320 13.55 49.53 38.69
CA VAL D 320 14.07 48.54 39.63
C VAL D 320 12.93 47.68 40.18
N GLU D 321 11.76 48.28 40.39
CA GLU D 321 10.63 47.54 40.94
C GLU D 321 10.08 46.52 39.94
N GLN D 322 10.40 46.64 38.66
CA GLN D 322 10.05 45.63 37.67
C GLN D 322 11.26 45.02 37.00
N GLN D 323 12.47 45.30 37.50
CA GLN D 323 13.65 44.55 37.08
C GLN D 323 13.64 43.13 37.62
N HIS D 324 12.89 42.87 38.70
CA HIS D 324 12.76 41.54 39.23
C HIS D 324 11.93 40.62 38.35
N TYR D 325 11.18 41.18 37.40
CA TYR D 325 10.36 40.37 36.50
C TYR D 325 11.22 39.59 35.51
N VAL D 326 12.27 40.21 35.00
CA VAL D 326 13.16 39.57 34.03
C VAL D 326 13.92 38.43 34.68
N ILE D 327 14.41 38.64 35.90
CA ILE D 327 15.11 37.58 36.60
C ILE D 327 14.14 36.52 37.08
N ALA D 328 12.88 36.91 37.36
CA ALA D 328 11.89 35.94 37.80
C ALA D 328 11.47 35.01 36.68
N ASN D 329 11.50 35.46 35.43
CA ASN D 329 11.22 34.55 34.33
C ASN D 329 12.47 34.13 33.57
N LEU D 330 13.66 34.47 34.06
CA LEU D 330 14.87 33.73 33.70
C LEU D 330 15.15 32.58 34.65
N ILE D 331 14.72 32.70 35.90
CA ILE D 331 14.72 31.56 36.83
C ILE D 331 13.72 30.50 36.37
N ARG D 332 12.62 30.92 35.75
CA ARG D 332 11.58 29.99 35.30
C ARG D 332 12.08 29.10 34.16
N GLY D 333 12.88 29.64 33.27
CA GLY D 333 13.45 28.88 32.17
C GLY D 333 12.49 28.75 30.99
N GLY D 334 13.06 28.50 29.83
CA GLY D 334 12.26 28.38 28.63
C GLY D 334 13.08 28.58 27.38
N VAL D 335 12.38 28.59 26.26
CA VAL D 335 12.99 28.70 24.94
C VAL D 335 12.75 30.11 24.43
N PHE D 336 13.80 30.92 24.38
CA PHE D 336 13.74 32.28 23.87
C PHE D 336 14.60 32.38 22.62
N GLY D 337 14.55 33.53 21.97
CA GLY D 337 15.27 33.74 20.73
C GLY D 337 14.45 33.39 19.52
N GLU D 338 14.93 33.87 18.36
CA GLU D 338 14.25 33.74 17.09
C GLU D 338 14.11 32.30 16.60
N ILE E 5 55.10 10.67 -6.24
CA ILE E 5 53.69 10.30 -6.31
C ILE E 5 53.25 9.56 -5.04
N LEU E 6 52.30 10.18 -4.33
CA LEU E 6 51.65 9.61 -3.16
C LEU E 6 50.40 10.42 -2.88
N SER E 7 49.28 9.72 -2.67
CA SER E 7 48.01 10.41 -2.50
C SER E 7 47.12 9.60 -1.57
N THR E 8 45.98 10.21 -1.23
CA THR E 8 45.03 9.60 -0.31
C THR E 8 44.16 8.61 -1.06
N ALA E 9 43.92 7.45 -0.46
CA ALA E 9 43.10 6.40 -1.06
C ALA E 9 41.64 6.83 -1.15
N SER E 10 40.90 6.13 -2.00
CA SER E 10 39.51 6.51 -2.28
C SER E 10 38.58 6.11 -1.15
N VAL E 11 38.68 4.87 -0.68
CA VAL E 11 37.91 4.42 0.47
C VAL E 11 38.90 4.03 1.58
N LEU E 12 38.69 4.60 2.75
CA LEU E 12 39.55 4.38 3.91
C LEU E 12 38.64 4.44 5.13
N ALA E 13 38.56 3.35 5.87
CA ALA E 13 37.62 3.27 6.97
C ALA E 13 38.32 2.72 8.19
N PHE E 14 37.85 3.13 9.36
CA PHE E 14 38.42 2.72 10.64
C PHE E 14 37.29 2.31 11.56
N GLU E 15 37.43 1.15 12.19
CA GLU E 15 36.48 0.76 13.24
C GLU E 15 36.84 1.44 14.55
N ARG E 16 35.92 1.39 15.49
CA ARG E 16 36.10 2.15 16.72
C ARG E 16 36.72 1.28 17.82
N LYS E 17 37.49 1.93 18.66
CA LYS E 17 37.98 1.40 19.92
C LYS E 17 37.23 2.11 21.03
N LEU E 18 37.24 1.51 22.23
CA LEU E 18 36.37 1.91 23.35
C LEU E 18 34.90 1.82 22.95
N ASP E 19 34.41 0.59 22.83
CA ASP E 19 32.99 0.34 22.64
C ASP E 19 32.26 0.30 23.99
N PRO E 20 31.39 1.25 24.30
CA PRO E 20 30.56 1.11 25.50
C PRO E 20 29.21 0.49 25.19
N SER E 21 28.39 0.26 26.20
CA SER E 21 27.04 -0.26 26.02
C SER E 21 26.05 0.82 26.44
N ASP E 22 24.77 0.47 26.47
CA ASP E 22 23.78 1.37 27.06
C ASP E 22 23.96 1.41 28.56
N ALA E 23 23.39 2.43 29.18
CA ALA E 23 23.42 2.56 30.64
C ALA E 23 22.00 2.48 31.15
N LEU E 24 21.67 1.39 31.84
CA LEU E 24 20.36 1.27 32.45
C LEU E 24 20.36 1.98 33.80
N MET E 25 19.25 2.65 34.11
CA MET E 25 19.10 3.38 35.36
C MET E 25 18.38 2.53 36.39
N SER E 26 18.73 2.72 37.65
CA SER E 26 18.06 2.06 38.75
C SER E 26 18.04 2.98 39.95
N ALA E 27 17.22 2.67 40.94
CA ALA E 27 16.97 3.59 42.03
C ALA E 27 17.02 2.90 43.38
N GLY E 28 17.61 3.58 44.35
CA GLY E 28 17.69 3.01 45.69
C GLY E 28 18.03 4.08 46.70
N ALA E 29 18.43 3.63 47.88
CA ALA E 29 18.80 4.52 48.96
C ALA E 29 20.31 4.60 49.11
N TRP E 30 20.79 5.79 49.45
CA TRP E 30 22.20 5.98 49.77
C TRP E 30 22.52 5.26 51.08
N ALA E 31 23.81 4.89 51.22
CA ALA E 31 24.35 4.04 52.29
C ALA E 31 23.73 2.65 52.31
N GLN E 32 23.09 2.25 51.22
CA GLN E 32 22.85 0.85 50.88
C GLN E 32 23.46 0.55 49.52
N ARG E 33 24.34 1.43 49.04
CA ARG E 33 24.93 1.33 47.73
C ARG E 33 26.00 0.25 47.65
N ASP E 34 26.37 -0.37 48.77
CA ASP E 34 27.25 -1.53 48.71
C ASP E 34 26.49 -2.78 48.29
N ALA E 35 25.29 -2.96 48.81
CA ALA E 35 24.41 -4.05 48.37
C ALA E 35 23.45 -3.58 47.28
N SER E 36 23.99 -2.94 46.25
CA SER E 36 23.19 -2.37 45.18
C SER E 36 23.19 -3.30 43.97
N GLN E 37 22.52 -4.44 44.13
CA GLN E 37 22.43 -5.41 43.05
C GLN E 37 21.01 -5.96 42.86
N GLU E 38 20.09 -5.66 43.78
CA GLU E 38 18.71 -6.07 43.62
C GLU E 38 17.78 -4.87 43.63
N TRP E 39 18.31 -3.67 43.35
CA TRP E 39 17.50 -2.47 43.32
C TRP E 39 16.58 -2.50 42.10
N PRO E 40 15.35 -2.01 42.23
CA PRO E 40 14.45 -1.97 41.09
C PRO E 40 14.83 -0.90 40.09
N ALA E 41 14.23 -0.98 38.92
CA ALA E 41 14.56 -0.10 37.80
C ALA E 41 13.72 1.17 37.83
N VAL E 42 14.23 2.19 37.17
CA VAL E 42 13.50 3.44 36.95
C VAL E 42 12.70 3.28 35.68
N THR E 43 11.39 3.41 35.77
CA THR E 43 10.48 3.20 34.66
C THR E 43 10.03 4.52 34.05
N VAL E 44 9.58 4.45 32.80
CA VAL E 44 9.09 5.61 32.08
C VAL E 44 7.57 5.58 32.11
N ARG E 45 6.96 6.65 32.61
CA ARG E 45 5.52 6.80 32.61
C ARG E 45 5.13 7.96 31.72
N GLU E 46 3.83 8.20 31.59
CA GLU E 46 3.33 9.30 30.77
C GLU E 46 2.45 10.21 31.61
N LYS E 47 2.33 11.46 31.15
CA LYS E 47 1.45 12.42 31.82
C LYS E 47 1.01 13.47 30.81
N SER E 48 0.03 14.28 31.21
CA SER E 48 -0.54 15.32 30.38
C SER E 48 -0.10 16.69 30.85
N VAL E 49 -0.06 17.64 29.91
CA VAL E 49 0.50 18.96 30.16
C VAL E 49 -0.17 19.95 29.22
N ARG E 50 -0.66 21.06 29.78
CA ARG E 50 -1.13 22.17 28.97
C ARG E 50 -0.51 23.47 29.46
N GLY E 51 -0.38 24.43 28.56
CA GLY E 51 0.23 25.70 28.91
C GLY E 51 -0.10 26.74 27.88
N THR E 52 0.26 27.99 28.19
CA THR E 52 -0.09 29.11 27.34
C THR E 52 0.85 29.20 26.15
N ILE E 53 0.61 30.20 25.31
CA ILE E 53 1.48 30.50 24.19
C ILE E 53 2.52 31.51 24.69
N SER E 54 3.78 31.09 24.71
CA SER E 54 4.84 31.89 25.31
C SER E 54 6.04 32.06 24.39
N ASN E 55 5.93 31.71 23.12
CA ASN E 55 7.04 31.89 22.21
C ASN E 55 7.04 33.33 21.68
N ARG E 56 8.22 33.75 21.22
CA ARG E 56 8.43 35.11 20.72
C ARG E 56 7.70 35.25 19.39
N LEU E 57 6.53 35.87 19.42
CA LEU E 57 5.71 35.97 18.22
C LEU E 57 6.20 37.13 17.34
N LYS E 58 5.89 37.03 16.05
CA LYS E 58 6.39 37.99 15.08
C LYS E 58 5.65 39.32 15.21
N THR E 59 6.41 40.41 15.09
CA THR E 59 5.86 41.75 15.27
C THR E 59 5.04 42.22 14.08
N LYS E 60 5.05 41.50 12.96
CA LYS E 60 4.16 41.85 11.86
C LYS E 60 2.71 41.53 12.19
N ASP E 61 2.47 40.57 13.07
CA ASP E 61 1.12 40.23 13.53
C ASP E 61 1.13 40.16 15.06
N ARG E 62 0.99 41.33 15.69
CA ARG E 62 0.98 41.45 17.15
C ARG E 62 -0.11 42.45 17.51
N ASP E 63 -1.31 41.95 17.74
CA ASP E 63 -2.48 42.72 18.14
C ASP E 63 -3.09 42.03 19.35
N PRO E 64 -3.86 42.76 20.17
CA PRO E 64 -4.52 42.12 21.32
C PRO E 64 -5.57 41.08 20.95
N ALA E 65 -6.14 41.14 19.74
CA ALA E 65 -7.14 40.16 19.33
C ALA E 65 -6.53 38.77 19.18
N LYS E 66 -5.40 38.67 18.49
CA LYS E 66 -4.73 37.38 18.33
C LYS E 66 -4.14 36.89 19.65
N LEU E 67 -3.64 37.81 20.48
CA LEU E 67 -3.04 37.42 21.75
C LEU E 67 -4.07 36.97 22.76
N ASP E 68 -5.32 37.41 22.63
CA ASP E 68 -6.36 36.91 23.52
C ASP E 68 -7.16 35.76 22.90
N ALA E 69 -7.08 35.57 21.59
CA ALA E 69 -7.72 34.42 20.98
C ALA E 69 -6.80 33.20 20.91
N SER E 70 -5.50 33.40 21.12
CA SER E 70 -4.58 32.28 21.19
C SER E 70 -4.53 31.65 22.58
N ILE E 71 -5.11 32.29 23.58
CA ILE E 71 -5.09 31.73 24.93
C ILE E 71 -6.16 30.66 25.09
N GLN E 72 -7.35 30.92 24.56
CA GLN E 72 -8.46 29.99 24.75
C GLN E 72 -8.30 28.70 23.97
N SER E 73 -7.50 28.73 22.90
CA SER E 73 -7.29 27.47 22.15
C SER E 73 -6.69 26.48 23.15
N PRO E 74 -7.20 25.23 23.24
CA PRO E 74 -6.69 24.28 24.23
C PRO E 74 -5.52 23.45 23.70
N ASN E 75 -4.36 23.58 24.35
CA ASN E 75 -3.17 22.80 23.94
C ASN E 75 -3.00 21.65 24.93
N LEU E 76 -3.18 20.41 24.45
CA LEU E 76 -3.01 19.21 25.30
C LEU E 76 -1.85 18.42 24.74
N GLN E 77 -0.86 18.11 25.58
CA GLN E 77 0.34 17.37 25.14
C GLN E 77 0.55 16.18 26.08
N THR E 78 0.99 15.05 25.53
CA THR E 78 1.31 13.86 26.35
C THR E 78 2.83 13.74 26.36
N VAL E 79 3.45 13.68 27.53
CA VAL E 79 4.90 13.59 27.61
C VAL E 79 5.29 12.35 28.40
N ASP E 80 6.51 11.90 28.14
CA ASP E 80 7.14 10.77 28.81
C ASP E 80 7.99 11.36 29.93
N VAL E 81 7.84 10.84 31.14
CA VAL E 81 8.58 11.35 32.29
C VAL E 81 9.09 10.17 33.11
N ALA E 82 10.27 10.35 33.71
CA ALA E 82 10.91 9.34 34.53
C ALA E 82 11.36 9.99 35.83
N ASN E 83 10.82 9.52 36.94
CA ASN E 83 11.12 10.04 38.27
C ASN E 83 11.77 8.95 39.10
N LEU E 84 12.27 9.35 40.25
CA LEU E 84 12.66 8.41 41.28
C LEU E 84 11.43 8.02 42.09
N PRO E 85 11.50 6.91 42.84
CA PRO E 85 10.44 6.62 43.80
C PRO E 85 10.40 7.61 44.94
N SER E 86 9.29 7.59 45.68
CA SER E 86 9.08 8.53 46.77
C SER E 86 9.86 8.17 48.01
N ASP E 87 10.41 6.95 48.11
CA ASP E 87 11.16 6.52 49.27
C ASP E 87 12.62 6.24 48.95
N ALA E 88 13.08 6.62 47.76
CA ALA E 88 14.46 6.43 47.35
C ALA E 88 15.03 7.75 46.86
N ASP E 89 16.34 7.92 47.01
CA ASP E 89 16.95 9.20 46.65
C ASP E 89 18.28 9.07 45.93
N THR E 90 18.65 7.89 45.46
CA THR E 90 19.92 7.70 44.79
C THR E 90 19.70 7.03 43.44
N LEU E 91 20.28 7.61 42.40
CA LEU E 91 20.25 7.06 41.06
C LEU E 91 21.54 6.31 40.80
N LYS E 92 21.42 5.06 40.35
CA LYS E 92 22.54 4.20 39.99
C LYS E 92 22.54 4.00 38.49
N VAL E 93 23.70 4.17 37.87
CA VAL E 93 23.87 4.04 36.42
C VAL E 93 25.03 3.08 36.16
N ARG E 94 24.78 2.01 35.41
CA ARG E 94 25.76 0.95 35.22
C ARG E 94 25.94 0.62 33.74
N PHE E 95 27.19 0.51 33.30
CA PHE E 95 27.49 0.02 31.96
C PHE E 95 28.84 -0.69 31.97
N THR E 96 29.20 -1.28 30.84
CA THR E 96 30.48 -1.94 30.65
C THR E 96 31.22 -1.31 29.48
N LEU E 97 32.54 -1.45 29.48
CA LEU E 97 33.38 -0.83 28.46
C LEU E 97 34.57 -1.72 28.19
N ARG E 98 34.87 -1.96 26.92
CA ARG E 98 36.06 -2.71 26.54
C ARG E 98 36.85 -1.93 25.49
N VAL E 99 38.16 -1.81 25.70
CA VAL E 99 39.03 -1.16 24.73
C VAL E 99 39.75 -2.26 23.96
N LEU E 100 40.12 -1.97 22.73
CA LEU E 100 40.51 -3.03 21.80
C LEU E 100 41.97 -2.96 21.37
N GLY E 101 42.42 -1.85 20.81
CA GLY E 101 43.82 -1.88 20.39
C GLY E 101 43.99 -2.33 18.96
N GLY E 102 45.04 -1.80 18.33
CA GLY E 102 45.24 -1.93 16.90
C GLY E 102 44.70 -0.70 16.19
N ALA E 103 45.06 0.48 16.69
CA ALA E 103 44.34 1.70 16.35
C ALA E 103 44.71 2.27 15.00
N GLY E 104 45.95 2.09 14.56
CA GLY E 104 46.35 2.68 13.30
C GLY E 104 46.06 1.88 12.05
N THR E 105 45.48 0.68 12.19
CA THR E 105 45.27 -0.20 11.06
C THR E 105 43.85 -0.03 10.52
N PRO E 106 43.68 0.33 9.25
CA PRO E 106 42.33 0.53 8.71
C PRO E 106 41.60 -0.78 8.51
N SER E 107 40.28 -0.66 8.31
CA SER E 107 39.44 -1.80 7.98
C SER E 107 39.22 -1.96 6.49
N ALA E 108 39.47 -0.92 5.70
CA ALA E 108 39.36 -0.98 4.26
C ALA E 108 40.32 0.06 3.69
N CYS E 109 40.94 -0.27 2.56
CA CYS E 109 41.86 0.66 1.92
C CYS E 109 41.96 0.29 0.45
N ASN E 110 42.43 1.24 -0.36
CA ASN E 110 42.58 1.05 -1.79
C ASN E 110 44.03 1.05 -2.25
N ASP E 111 44.80 2.04 -1.82
CA ASP E 111 46.22 2.10 -2.19
C ASP E 111 47.03 1.15 -1.33
N ALA E 112 48.04 0.55 -1.94
CA ALA E 112 48.93 -0.33 -1.19
C ALA E 112 50.09 0.42 -0.56
N ALA E 113 50.45 1.58 -1.07
CA ALA E 113 51.51 2.37 -0.47
C ALA E 113 51.01 3.25 0.67
N TYR E 114 49.76 3.70 0.58
CA TYR E 114 49.22 4.62 1.58
C TYR E 114 49.04 3.95 2.93
N ARG E 115 48.58 2.69 2.95
CA ARG E 115 48.43 2.02 4.22
C ARG E 115 49.77 1.61 4.81
N ASP E 116 50.75 1.29 3.96
CA ASP E 116 52.07 0.97 4.46
C ASP E 116 52.82 2.19 4.96
N LYS E 117 52.44 3.39 4.52
CA LYS E 117 53.02 4.57 5.15
C LYS E 117 52.23 5.03 6.38
N LEU E 118 50.92 4.82 6.39
CA LEU E 118 50.12 5.16 7.56
C LEU E 118 50.47 4.29 8.76
N LEU E 119 50.70 3.00 8.52
CA LEU E 119 51.11 2.11 9.61
C LEU E 119 52.47 2.47 10.15
N GLN E 120 53.38 2.92 9.27
CA GLN E 120 54.70 3.35 9.71
C GLN E 120 54.63 4.65 10.51
N THR E 121 53.77 5.57 10.13
CA THR E 121 53.61 6.82 10.88
C THR E 121 53.03 6.57 12.27
N VAL E 122 51.99 5.73 12.36
CA VAL E 122 51.40 5.44 13.66
C VAL E 122 52.36 4.64 14.55
N ALA E 123 53.15 3.74 13.94
CA ALA E 123 54.13 2.99 14.73
C ALA E 123 55.27 3.88 15.21
N THR E 124 55.65 4.87 14.40
CA THR E 124 56.63 5.86 14.84
C THR E 124 56.10 6.69 16.00
N TYR E 125 54.80 7.03 15.96
CA TYR E 125 54.17 7.74 17.07
C TYR E 125 54.22 6.90 18.34
N VAL E 126 53.85 5.62 18.24
CA VAL E 126 53.77 4.75 19.43
C VAL E 126 55.17 4.50 19.99
N ASN E 127 56.18 4.40 19.11
CA ASN E 127 57.54 4.23 19.58
C ASN E 127 58.09 5.50 20.24
N GLU E 128 57.70 6.68 19.75
CA GLU E 128 58.18 7.92 20.35
C GLU E 128 57.52 8.18 21.70
N GLN E 129 56.22 7.91 21.80
CA GLN E 129 55.47 8.10 23.04
C GLN E 129 54.29 7.16 23.02
N GLY E 130 54.01 6.55 24.16
CA GLY E 130 52.97 5.55 24.22
C GLY E 130 51.58 6.14 24.19
N PHE E 131 50.62 5.34 24.61
CA PHE E 131 49.26 5.81 24.79
C PHE E 131 49.03 6.37 26.18
N ALA E 132 50.10 6.79 26.87
CA ALA E 132 50.02 7.24 28.25
C ALA E 132 49.43 8.64 28.39
N GLU E 133 49.33 9.40 27.32
CA GLU E 133 48.71 10.72 27.42
C GLU E 133 47.21 10.67 27.20
N LEU E 134 46.76 9.88 26.23
CA LEU E 134 45.33 9.78 25.98
C LEU E 134 44.63 8.97 27.07
N ALA E 135 45.30 7.98 27.63
CA ALA E 135 44.66 7.07 28.57
C ALA E 135 44.37 7.73 29.90
N ARG E 136 45.20 8.67 30.33
CA ARG E 136 44.90 9.34 31.59
C ARG E 136 43.73 10.31 31.44
N ARG E 137 43.53 10.85 30.25
CA ARG E 137 42.37 11.69 30.01
C ARG E 137 41.08 10.88 29.86
N TYR E 138 41.16 9.69 29.24
CA TYR E 138 40.00 8.79 29.23
C TYR E 138 39.67 8.31 30.64
N ALA E 139 40.68 7.99 31.44
CA ALA E 139 40.45 7.61 32.83
C ALA E 139 39.97 8.78 33.67
N HIS E 140 40.30 10.02 33.28
CA HIS E 140 39.74 11.19 33.95
C HIS E 140 38.26 11.33 33.66
N ASN E 141 37.86 11.19 32.39
CA ASN E 141 36.44 11.27 32.05
C ASN E 141 35.65 10.09 32.58
N LEU E 142 36.30 8.99 32.93
CA LEU E 142 35.63 7.95 33.71
C LEU E 142 35.65 8.26 35.21
N ALA E 143 36.64 9.00 35.67
CA ALA E 143 36.84 9.19 37.11
C ALA E 143 35.80 10.14 37.68
N ASN E 144 35.55 11.25 37.00
CA ASN E 144 34.37 12.05 37.31
C ASN E 144 33.17 11.41 36.62
N ALA E 145 32.05 12.10 36.56
CA ALA E 145 30.87 11.42 36.06
C ALA E 145 30.28 12.18 34.89
N ARG E 146 31.13 12.52 33.92
CA ARG E 146 30.69 13.30 32.77
C ARG E 146 29.68 12.56 31.89
N PHE E 147 29.60 11.23 32.00
CA PHE E 147 28.59 10.48 31.27
C PHE E 147 27.19 10.68 31.85
N LEU E 148 27.07 11.14 33.09
CA LEU E 148 25.80 11.65 33.60
C LEU E 148 25.69 13.09 33.14
N TRP E 149 24.88 13.35 32.12
CA TRP E 149 24.93 14.66 31.48
C TRP E 149 24.19 15.71 32.30
N ARG E 150 22.89 15.55 32.48
CA ARG E 150 22.11 16.47 33.29
C ARG E 150 21.78 15.91 34.66
N ASN E 151 22.03 14.63 34.90
CA ASN E 151 21.82 14.05 36.22
C ASN E 151 22.93 14.40 37.19
N ARG E 152 24.01 15.01 36.71
CA ARG E 152 25.14 15.39 37.54
C ARG E 152 25.02 16.80 38.10
N VAL E 153 24.32 17.68 37.40
CA VAL E 153 24.17 19.07 37.82
C VAL E 153 23.27 19.14 39.03
N GLY E 154 23.78 19.73 40.11
CA GLY E 154 22.98 19.93 41.30
C GLY E 154 22.89 18.75 42.23
N ALA E 155 23.67 17.71 42.01
CA ALA E 155 23.65 16.56 42.89
C ALA E 155 24.38 16.85 44.18
N GLU E 156 23.99 16.15 45.25
CA GLU E 156 24.63 16.37 46.54
C GLU E 156 25.95 15.62 46.63
N ALA E 157 26.00 14.38 46.13
CA ALA E 157 27.20 13.57 46.16
C ALA E 157 27.18 12.59 44.99
N VAL E 158 28.33 12.44 44.32
CA VAL E 158 28.54 11.47 43.26
C VAL E 158 29.66 10.54 43.68
N GLU E 159 29.52 9.25 43.38
CA GLU E 159 30.54 8.25 43.70
C GLU E 159 30.62 7.21 42.59
N VAL E 160 31.83 6.93 42.11
CA VAL E 160 32.06 6.04 40.98
C VAL E 160 32.82 4.81 41.44
N ARG E 161 32.36 3.63 41.01
CA ARG E 161 33.02 2.35 41.29
C ARG E 161 33.38 1.69 39.96
N ILE E 162 34.65 1.32 39.81
CA ILE E 162 35.14 0.74 38.56
C ILE E 162 35.76 -0.62 38.86
N ASN E 163 35.23 -1.67 38.23
CA ASN E 163 35.78 -3.01 38.38
C ASN E 163 36.48 -3.45 37.09
N HIS E 164 37.56 -4.22 37.25
CA HIS E 164 38.27 -4.81 36.13
C HIS E 164 37.99 -6.31 36.13
N ILE E 165 37.42 -6.82 35.04
CA ILE E 165 36.91 -8.19 35.01
C ILE E 165 37.72 -8.98 33.99
N ARG E 166 38.47 -9.98 34.47
CA ARG E 166 39.38 -10.73 33.61
C ARG E 166 39.02 -12.20 33.48
N GLN E 167 37.99 -12.66 34.16
CA GLN E 167 37.42 -14.01 34.09
C GLN E 167 35.94 -13.82 34.36
N GLY E 168 35.29 -14.81 34.93
CA GLY E 168 33.98 -14.51 35.49
C GLY E 168 34.02 -13.90 36.88
N GLU E 169 35.07 -13.13 37.20
CA GLU E 169 35.37 -12.65 38.54
C GLU E 169 36.10 -11.32 38.42
N VAL E 170 36.07 -10.55 39.50
CA VAL E 170 36.72 -9.24 39.51
C VAL E 170 38.19 -9.43 39.85
N ALA E 171 39.01 -8.46 39.44
CA ALA E 171 40.45 -8.58 39.61
C ALA E 171 41.04 -7.35 40.27
N ARG E 172 40.35 -6.21 40.15
CA ARG E 172 40.84 -4.96 40.70
C ARG E 172 39.66 -4.00 40.81
N THR E 173 39.55 -3.31 41.96
CA THR E 173 38.46 -2.38 42.22
C THR E 173 39.01 -0.98 42.45
N TRP E 174 38.28 0.02 41.96
CA TRP E 174 38.56 1.43 42.19
C TRP E 174 37.31 2.13 42.71
N ARG E 175 37.53 3.09 43.59
CA ARG E 175 36.47 3.96 44.10
C ARG E 175 36.94 5.40 44.00
N PHE E 176 36.09 6.26 43.45
CA PHE E 176 36.43 7.66 43.27
C PHE E 176 35.34 8.54 43.87
N ASP E 177 35.65 9.82 44.00
CA ASP E 177 34.71 10.87 44.39
C ASP E 177 34.63 11.85 43.25
N ALA E 178 33.52 11.84 42.52
CA ALA E 178 33.45 12.51 41.22
C ALA E 178 33.33 14.02 41.31
N LEU E 179 33.03 14.58 42.47
CA LEU E 179 32.91 16.02 42.61
C LEU E 179 34.20 16.67 43.08
N ALA E 180 35.09 15.92 43.73
CA ALA E 180 36.41 16.46 44.05
C ALA E 180 37.24 16.61 42.80
N ILE E 181 37.20 15.61 41.92
CA ILE E 181 37.80 15.73 40.60
C ILE E 181 36.93 16.65 39.76
N GLY E 182 37.54 17.69 39.19
CA GLY E 182 36.77 18.68 38.46
C GLY E 182 36.37 18.22 37.07
N LEU E 183 35.77 19.14 36.33
CA LEU E 183 35.51 18.98 34.92
C LEU E 183 36.38 19.91 34.09
N ARG E 184 37.44 20.45 34.68
CA ARG E 184 38.27 21.46 34.05
C ARG E 184 39.73 21.02 33.89
N ASP E 185 40.33 20.49 34.94
CA ASP E 185 41.74 20.18 34.96
C ASP E 185 41.98 18.70 34.69
N PHE E 186 43.23 18.39 34.34
CA PHE E 186 43.69 17.01 34.14
C PHE E 186 44.94 16.86 34.99
N LYS E 187 44.77 16.54 36.27
CA LYS E 187 45.86 16.35 37.20
C LYS E 187 46.00 14.88 37.56
N ALA E 188 47.21 14.49 37.95
CA ALA E 188 47.55 13.10 38.14
C ALA E 188 47.59 12.73 39.61
N ASP E 189 46.87 11.67 39.97
CA ASP E 189 46.88 11.07 41.29
C ASP E 189 47.71 9.78 41.21
N ALA E 190 47.81 9.07 42.32
CA ALA E 190 48.47 7.78 42.32
C ALA E 190 47.52 6.63 42.04
N GLU E 191 46.25 6.78 42.43
CA GLU E 191 45.25 5.76 42.16
C GLU E 191 44.68 5.87 40.75
N LEU E 192 44.70 7.07 40.18
CA LEU E 192 44.22 7.25 38.82
C LEU E 192 45.23 6.76 37.80
N ASP E 193 46.52 6.76 38.14
CA ASP E 193 47.53 6.36 37.18
C ASP E 193 47.58 4.85 36.97
N ALA E 194 47.11 4.07 37.95
CA ALA E 194 46.99 2.63 37.75
C ALA E 194 45.93 2.31 36.70
N LEU E 195 44.78 2.99 36.78
CA LEU E 195 43.74 2.82 35.77
C LEU E 195 44.18 3.37 34.42
N ALA E 196 44.96 4.46 34.43
CA ALA E 196 45.50 5.00 33.20
C ALA E 196 46.46 4.03 32.53
N GLU E 197 47.31 3.37 33.32
CA GLU E 197 48.22 2.37 32.76
C GLU E 197 47.48 1.12 32.30
N LEU E 198 46.38 0.76 32.97
CA LEU E 198 45.58 -0.38 32.55
C LEU E 198 44.94 -0.15 31.19
N ILE E 199 44.23 0.96 31.03
CA ILE E 199 43.62 1.19 29.73
C ILE E 199 44.62 1.71 28.71
N ALA E 200 45.86 2.01 29.10
CA ALA E 200 46.92 2.24 28.12
C ALA E 200 47.47 0.91 27.62
N SER E 201 47.52 -0.10 28.48
CA SER E 201 47.91 -1.43 28.03
C SER E 201 46.84 -2.04 27.15
N GLY E 202 45.57 -1.71 27.40
CA GLY E 202 44.51 -2.24 26.56
C GLY E 202 44.49 -1.65 25.16
N LEU E 203 44.87 -0.38 25.02
CA LEU E 203 44.90 0.28 23.71
C LEU E 203 46.08 -0.13 22.85
N SER E 204 47.07 -0.81 23.42
CA SER E 204 48.26 -1.19 22.69
C SER E 204 48.27 -2.65 22.27
N GLY E 205 47.18 -3.38 22.50
CA GLY E 205 47.12 -4.78 22.14
C GLY E 205 47.80 -5.71 23.10
N SER E 206 48.34 -5.20 24.21
CA SER E 206 49.12 -6.00 25.15
C SER E 206 48.25 -6.59 26.25
N GLY E 207 46.98 -6.81 25.99
CA GLY E 207 46.08 -7.35 26.98
C GLY E 207 44.65 -7.19 26.54
N HIS E 208 43.77 -7.86 27.28
CA HIS E 208 42.33 -7.77 27.09
C HIS E 208 41.72 -7.22 28.37
N VAL E 209 41.15 -6.02 28.30
CA VAL E 209 40.52 -5.41 29.47
C VAL E 209 39.02 -5.24 29.22
N LEU E 210 38.26 -5.36 30.29
CA LEU E 210 36.81 -5.18 30.27
C LEU E 210 36.43 -4.59 31.63
N LEU E 211 36.03 -3.33 31.64
CA LEU E 211 35.70 -2.62 32.85
C LEU E 211 34.19 -2.56 33.01
N GLU E 212 33.75 -2.57 34.25
CA GLU E 212 32.35 -2.35 34.61
C GLU E 212 32.29 -1.10 35.45
N VAL E 213 31.52 -0.11 34.98
CA VAL E 213 31.47 1.22 35.56
C VAL E 213 30.10 1.45 36.16
N VAL E 214 30.07 1.79 37.46
CA VAL E 214 28.86 2.12 38.19
C VAL E 214 29.01 3.52 38.75
N ALA E 215 27.93 4.31 38.70
CA ALA E 215 27.93 5.66 39.27
C ALA E 215 26.67 5.85 40.11
N PHE E 216 26.87 6.37 41.33
CA PHE E 216 25.78 6.71 42.24
C PHE E 216 25.69 8.22 42.37
N ALA E 217 24.49 8.77 42.23
CA ALA E 217 24.25 10.19 42.39
C ALA E 217 23.10 10.41 43.35
N ARG E 218 23.29 11.31 44.32
CA ARG E 218 22.29 11.61 45.34
C ARG E 218 21.60 12.91 44.98
N ILE E 219 20.32 12.84 44.59
CA ILE E 219 19.59 14.00 44.12
C ILE E 219 18.42 14.36 45.05
N GLY E 220 17.65 13.39 45.50
CA GLY E 220 16.56 13.67 46.40
C GLY E 220 15.35 12.80 46.10
N ASP E 221 14.46 12.70 47.08
CA ASP E 221 13.35 11.76 47.04
C ASP E 221 12.32 12.18 46.02
N GLY E 222 12.06 11.32 45.04
CA GLY E 222 11.03 11.59 44.05
C GLY E 222 11.41 12.56 42.96
N GLN E 223 12.68 12.93 42.85
CA GLN E 223 13.11 13.92 41.87
C GLN E 223 13.16 13.32 40.47
N GLU E 224 13.39 14.17 39.50
CA GLU E 224 13.29 13.81 38.09
C GLU E 224 14.67 13.50 37.53
N VAL E 225 14.79 12.32 36.90
CA VAL E 225 16.00 11.93 36.22
C VAL E 225 15.80 12.17 34.73
N PHE E 226 16.89 12.19 33.98
CA PHE E 226 16.85 12.58 32.58
C PHE E 226 17.49 11.53 31.69
N PRO E 227 16.73 10.56 31.22
CA PRO E 227 17.25 9.59 30.24
C PRO E 227 17.30 10.20 28.85
N SER E 228 17.81 9.41 27.92
CA SER E 228 17.91 9.85 26.54
C SER E 228 16.54 9.76 25.87
N GLN E 229 16.28 10.65 24.92
CA GLN E 229 14.97 10.73 24.31
C GLN E 229 15.04 10.48 22.80
N GLU E 230 13.95 9.95 22.27
CA GLU E 230 13.87 9.38 20.95
C GLU E 230 13.30 10.37 19.94
N LEU E 231 13.07 9.88 18.72
CA LEU E 231 12.56 10.73 17.62
C LEU E 231 11.16 10.22 17.20
N ILE E 232 10.17 11.11 17.21
CA ILE E 232 8.77 10.74 16.85
C ILE E 232 8.44 11.37 15.50
N LEU E 233 7.91 10.58 14.56
CA LEU E 233 7.58 11.07 13.20
C LEU E 233 6.06 11.21 13.06
N ASP E 234 5.61 12.39 12.60
CA ASP E 234 4.16 12.66 12.42
C ASP E 234 3.97 13.62 11.23
N LYS E 239 -3.88 17.83 19.72
CA LYS E 239 -5.10 17.12 20.20
C LYS E 239 -4.71 15.99 21.15
N GLY E 240 -3.79 16.26 22.08
CA GLY E 240 -3.33 15.25 23.06
C GLY E 240 -2.27 14.34 22.48
N GLN E 241 -1.77 14.64 21.28
CA GLN E 241 -0.71 13.82 20.62
C GLN E 241 0.59 13.90 21.42
N LYS E 242 1.28 12.78 21.59
CA LYS E 242 2.57 12.73 22.33
C LYS E 242 3.59 13.63 21.61
N SER E 243 4.35 14.42 22.36
CA SER E 243 5.34 15.34 21.75
C SER E 243 6.76 15.03 22.25
N LYS E 244 6.88 14.11 23.20
CA LYS E 244 8.21 13.72 23.75
C LYS E 244 8.17 12.28 24.27
N THR E 245 9.10 11.45 23.81
CA THR E 245 9.22 10.06 24.24
C THR E 245 10.66 9.77 24.61
N LEU E 246 10.86 8.88 25.58
CA LEU E 246 12.17 8.60 26.15
C LEU E 246 12.64 7.20 25.78
N TYR E 247 13.96 7.04 25.70
CA TYR E 247 14.54 5.77 25.30
C TYR E 247 14.47 4.78 26.44
N SER E 248 14.25 3.52 26.09
CA SER E 248 14.09 2.48 27.10
C SER E 248 14.55 1.15 26.53
N VAL E 249 15.14 0.35 27.41
CA VAL E 249 15.46 -1.04 27.15
C VAL E 249 14.42 -1.69 28.06
N ARG E 250 14.35 -3.03 28.14
CA ARG E 250 13.23 -3.77 28.72
C ARG E 250 12.87 -3.30 30.12
N ASP E 251 11.68 -2.72 30.24
CA ASP E 251 11.11 -2.04 31.41
C ASP E 251 12.06 -1.16 32.21
N ALA E 252 12.96 -0.47 31.54
CA ALA E 252 13.95 0.34 32.24
C ALA E 252 14.36 1.53 31.39
N ALA E 253 14.46 2.70 32.02
CA ALA E 253 14.98 3.87 31.35
C ALA E 253 16.46 3.70 31.08
N ALA E 254 16.96 4.34 30.04
CA ALA E 254 18.33 4.12 29.61
C ALA E 254 18.87 5.36 28.92
N ILE E 255 20.20 5.36 28.74
CA ILE E 255 20.93 6.33 27.93
C ILE E 255 21.54 5.57 26.76
N HIS E 256 21.57 6.21 25.59
CA HIS E 256 22.17 5.63 24.40
C HIS E 256 23.66 5.40 24.61
N SER E 257 24.22 4.48 23.83
CA SER E 257 25.65 4.21 23.96
C SER E 257 26.49 5.30 23.30
N GLN E 258 25.97 5.95 22.26
CA GLN E 258 26.72 7.00 21.59
C GLN E 258 26.82 8.27 22.42
N LYS E 259 25.88 8.48 23.34
CA LYS E 259 25.99 9.64 24.22
C LYS E 259 27.09 9.46 25.26
N ILE E 260 27.22 8.26 25.81
CA ILE E 260 28.31 7.97 26.73
C ILE E 260 29.65 7.95 26.00
N GLY E 261 29.65 7.45 24.76
CA GLY E 261 30.85 7.51 23.96
C GLY E 261 31.26 8.92 23.60
N ASN E 262 30.29 9.83 23.48
CA ASN E 262 30.63 11.23 23.28
C ASN E 262 31.14 11.87 24.56
N ALA E 263 30.59 11.47 25.69
CA ALA E 263 31.06 12.02 26.96
C ALA E 263 32.42 11.47 27.37
N LEU E 264 32.86 10.37 26.78
CA LEU E 264 34.17 9.81 27.14
C LEU E 264 35.31 10.50 26.41
N ARG E 265 35.12 10.87 25.14
CA ARG E 265 36.18 11.44 24.34
C ARG E 265 36.22 12.96 24.38
N THR E 266 35.67 13.60 25.41
CA THR E 266 35.87 15.03 25.62
C THR E 266 37.29 15.22 26.15
N ILE E 267 38.23 15.28 25.22
CA ILE E 267 39.65 15.13 25.51
C ILE E 267 40.40 16.42 25.21
N ASP E 268 40.21 16.97 24.01
CA ASP E 268 41.18 17.92 23.48
C ASP E 268 40.99 19.31 24.07
N THR E 269 42.11 19.92 24.44
CA THR E 269 42.16 21.29 24.93
C THR E 269 43.18 22.10 24.14
N TRP E 270 43.58 21.60 22.97
CA TRP E 270 44.61 22.23 22.16
C TRP E 270 44.03 23.02 21.00
N TYR E 271 42.74 23.30 21.04
CA TYR E 271 42.13 24.08 19.97
C TYR E 271 42.47 25.56 20.14
N PRO E 272 42.69 26.29 19.06
CA PRO E 272 43.31 27.63 19.17
C PRO E 272 42.42 28.72 19.72
N ASP E 273 41.14 28.45 19.98
CA ASP E 273 40.25 29.52 20.41
C ASP E 273 40.46 29.87 21.87
N GLU E 274 40.33 28.88 22.75
CA GLU E 274 40.45 29.14 24.18
C GLU E 274 40.88 27.86 24.88
N ASP E 275 41.18 28.01 26.17
CA ASP E 275 41.43 26.88 27.05
C ASP E 275 40.77 27.03 28.40
N GLY E 276 40.21 28.21 28.72
CA GLY E 276 39.40 28.35 29.91
C GLY E 276 37.98 27.85 29.76
N LEU E 277 37.52 27.68 28.51
CA LEU E 277 36.23 27.05 28.28
C LEU E 277 36.25 25.58 28.68
N GLY E 278 37.38 24.91 28.50
CA GLY E 278 37.50 23.54 28.92
C GLY E 278 37.61 22.58 27.75
N PRO E 279 37.49 21.29 28.02
CA PRO E 279 37.67 20.29 26.97
C PRO E 279 36.49 20.21 26.01
N ILE E 280 36.79 19.74 24.81
CA ILE E 280 35.86 19.58 23.70
C ILE E 280 35.95 18.13 23.25
N ALA E 281 34.83 17.58 22.78
CA ALA E 281 34.86 16.25 22.19
C ALA E 281 35.68 16.25 20.91
N VAL E 282 36.39 15.15 20.66
CA VAL E 282 37.28 15.04 19.51
C VAL E 282 36.41 14.76 18.29
N GLU E 283 36.28 15.76 17.41
CA GLU E 283 35.61 15.68 16.12
C GLU E 283 36.45 16.41 15.08
N PRO E 284 36.34 16.02 13.81
CA PRO E 284 36.95 16.85 12.76
C PRO E 284 36.13 18.11 12.59
N TYR E 285 36.81 19.23 12.37
CA TYR E 285 36.25 20.58 12.50
C TYR E 285 35.52 20.72 13.84
N GLY E 286 36.31 20.69 14.91
CA GLY E 286 35.83 20.43 16.26
C GLY E 286 34.71 21.33 16.75
N SER E 287 33.51 20.77 16.80
CA SER E 287 32.28 21.55 16.85
C SER E 287 31.40 21.12 18.00
N VAL E 288 30.89 22.09 18.74
CA VAL E 288 29.97 21.86 19.84
C VAL E 288 28.57 22.12 19.34
N THR E 289 27.66 21.18 19.59
CA THR E 289 26.31 21.31 19.05
C THR E 289 25.48 22.29 19.87
N SER E 290 25.66 22.31 21.19
CA SER E 290 24.93 23.23 22.04
C SER E 290 25.41 24.66 21.89
N GLN E 291 26.67 24.85 21.49
CA GLN E 291 27.22 26.19 21.30
C GLN E 291 26.96 26.73 19.90
N GLY E 292 26.74 25.85 18.93
CA GLY E 292 26.39 26.27 17.60
C GLY E 292 27.56 26.57 16.68
N LYS E 293 28.75 26.76 17.23
CA LYS E 293 29.90 27.16 16.43
C LYS E 293 30.86 25.99 16.25
N ALA E 294 31.85 26.19 15.38
CA ALA E 294 32.81 25.17 15.03
C ALA E 294 34.22 25.72 15.24
N TYR E 295 34.91 25.22 16.26
CA TYR E 295 36.34 25.44 16.37
C TYR E 295 37.06 24.55 15.39
N ARG E 296 38.37 24.77 15.25
CA ARG E 296 39.24 24.07 14.29
C ARG E 296 38.70 24.21 12.86
N GLN E 297 38.71 25.45 12.39
CA GLN E 297 38.19 25.77 11.07
C GLN E 297 39.21 25.40 9.99
N PRO E 298 38.74 24.97 8.81
CA PRO E 298 39.68 24.65 7.73
C PRO E 298 40.37 25.86 7.12
N LYS E 299 39.91 27.08 7.40
CA LYS E 299 40.69 28.26 7.03
C LYS E 299 41.97 28.34 7.85
N GLN E 300 41.89 28.01 9.13
CA GLN E 300 43.08 27.70 9.90
C GLN E 300 43.59 26.31 9.52
N LYS E 301 44.76 25.96 10.04
CA LYS E 301 45.42 24.73 9.64
C LYS E 301 45.47 23.71 10.77
N LEU E 302 44.42 23.63 11.57
CA LEU E 302 44.37 22.76 12.72
C LEU E 302 43.17 21.82 12.62
N ASP E 303 43.02 21.22 11.46
CA ASP E 303 41.98 20.26 11.15
C ASP E 303 42.47 18.83 11.37
N PHE E 304 41.56 17.88 11.20
CA PHE E 304 42.00 16.50 11.05
C PHE E 304 42.43 16.23 9.62
N TYR E 305 41.62 16.69 8.66
CA TYR E 305 41.89 16.48 7.25
C TYR E 305 42.98 17.37 6.69
N THR E 306 43.68 18.16 7.51
CA THR E 306 44.84 18.91 7.08
C THR E 306 46.11 18.42 7.75
N LEU E 307 46.05 18.23 9.07
CA LEU E 307 47.18 17.68 9.80
C LEU E 307 47.47 16.24 9.42
N LEU E 308 46.43 15.47 9.06
CA LEU E 308 46.62 14.06 8.72
C LEU E 308 47.42 13.90 7.44
N ASP E 309 47.03 14.57 6.36
CA ASP E 309 47.76 14.44 5.12
C ASP E 309 48.87 15.46 4.97
N ASN E 310 49.14 16.30 5.97
CA ASN E 310 50.45 16.90 6.06
C ASN E 310 51.43 15.98 6.77
N TRP E 311 50.96 15.20 7.74
CA TRP E 311 51.82 14.27 8.45
C TRP E 311 52.21 13.09 7.57
N VAL E 312 51.24 12.52 6.85
CA VAL E 312 51.45 11.29 6.11
C VAL E 312 52.06 11.56 4.74
N LEU E 313 51.46 12.45 3.95
CA LEU E 313 51.92 12.63 2.58
C LEU E 313 53.23 13.41 2.51
N ARG E 314 53.24 14.63 3.06
CA ARG E 314 54.36 15.54 2.86
C ARG E 314 55.40 15.51 3.97
N ASP E 315 55.25 14.59 4.94
CA ASP E 315 56.23 14.35 6.02
C ASP E 315 56.48 15.58 6.88
N GLU E 316 55.43 16.36 7.11
CA GLU E 316 55.47 17.53 8.00
C GLU E 316 54.75 17.16 9.28
N ALA E 317 55.50 16.67 10.26
CA ALA E 317 54.90 16.22 11.50
C ALA E 317 54.48 17.42 12.35
N PRO E 318 53.27 17.42 12.90
CA PRO E 318 52.83 18.56 13.70
C PRO E 318 53.45 18.60 15.09
N ALA E 319 52.99 19.54 15.92
CA ALA E 319 53.47 19.62 17.29
C ALA E 319 52.94 18.43 18.09
N VAL E 320 53.62 18.15 19.22
CA VAL E 320 53.37 16.95 19.99
C VAL E 320 51.97 16.96 20.60
N GLU E 321 51.50 18.13 21.01
CA GLU E 321 50.14 18.24 21.52
C GLU E 321 49.09 18.08 20.44
N GLN E 322 49.46 18.23 19.17
CA GLN E 322 48.53 18.09 18.07
C GLN E 322 48.57 16.72 17.43
N GLN E 323 49.51 15.87 17.81
CA GLN E 323 49.50 14.48 17.36
C GLN E 323 48.50 13.65 18.15
N HIS E 324 48.26 14.04 19.40
CA HIS E 324 47.25 13.36 20.21
C HIS E 324 45.85 13.55 19.63
N TYR E 325 45.60 14.67 18.97
CA TYR E 325 44.30 14.92 18.35
C TYR E 325 44.06 14.00 17.15
N VAL E 326 45.09 13.82 16.32
CA VAL E 326 45.00 12.93 15.17
C VAL E 326 44.86 11.48 15.61
N ILE E 327 45.61 11.08 16.64
CA ILE E 327 45.47 9.72 17.12
C ILE E 327 44.14 9.51 17.82
N ALA E 328 43.58 10.58 18.42
CA ALA E 328 42.30 10.46 19.11
C ALA E 328 41.15 10.25 18.14
N ASN E 329 41.14 10.98 17.03
CA ASN E 329 40.07 10.69 16.08
C ASN E 329 40.44 9.63 15.04
N LEU E 330 41.62 9.00 15.15
CA LEU E 330 41.78 7.68 14.56
C LEU E 330 41.23 6.59 15.47
N ILE E 331 41.34 6.77 16.78
CA ILE E 331 40.72 5.86 17.74
C ILE E 331 39.19 5.95 17.66
N ARG E 332 38.67 7.13 17.32
CA ARG E 332 37.23 7.33 17.24
C ARG E 332 36.60 6.53 16.10
N GLY E 333 37.23 6.51 14.94
CA GLY E 333 36.75 5.72 13.82
C GLY E 333 36.08 6.56 12.77
N GLY E 334 35.53 5.88 11.78
CA GLY E 334 34.76 6.52 10.74
C GLY E 334 35.37 6.34 9.37
N VAL E 335 34.72 6.95 8.39
CA VAL E 335 35.12 6.85 6.99
C VAL E 335 35.79 8.16 6.60
N PHE E 336 37.06 8.07 6.22
CA PHE E 336 37.81 9.20 5.70
C PHE E 336 38.17 8.92 4.25
N GLY E 337 38.86 9.86 3.63
CA GLY E 337 39.16 9.71 2.22
C GLY E 337 38.14 10.40 1.33
N GLU E 338 37.83 9.81 0.19
CA GLU E 338 36.90 10.41 -0.75
C GLU E 338 35.60 9.60 -0.87
N ILE F 5 40.21 -28.59 -33.23
CA ILE F 5 39.86 -29.81 -32.54
C ILE F 5 40.00 -29.61 -31.03
N LEU F 6 38.93 -29.95 -30.31
CA LEU F 6 38.84 -29.89 -28.84
C LEU F 6 39.05 -28.47 -28.33
N SER F 7 38.07 -27.63 -28.66
CA SER F 7 37.94 -26.31 -28.07
C SER F 7 36.97 -26.34 -26.89
N THR F 8 36.88 -25.25 -26.16
CA THR F 8 36.13 -25.20 -24.91
C THR F 8 34.64 -25.06 -25.18
N ALA F 9 33.86 -25.35 -24.14
CA ALA F 9 32.40 -25.31 -24.22
C ALA F 9 31.89 -23.92 -23.87
N SER F 10 30.89 -23.46 -24.62
CA SER F 10 30.38 -22.11 -24.45
C SER F 10 29.40 -21.99 -23.30
N VAL F 11 28.84 -23.09 -22.83
CA VAL F 11 27.93 -23.12 -21.69
C VAL F 11 28.50 -24.10 -20.69
N LEU F 12 28.78 -23.64 -19.48
CA LEU F 12 29.37 -24.47 -18.45
C LEU F 12 28.93 -23.95 -17.09
N ALA F 13 28.48 -24.83 -16.23
CA ALA F 13 27.99 -24.41 -14.92
C ALA F 13 28.13 -25.57 -13.96
N PHE F 14 28.52 -25.25 -12.73
CA PHE F 14 28.71 -26.26 -11.69
C PHE F 14 27.83 -25.93 -10.50
N GLU F 15 27.47 -26.95 -9.74
CA GLU F 15 26.66 -26.77 -8.56
C GLU F 15 27.53 -26.70 -7.32
N ARG F 16 26.88 -26.47 -6.18
CA ARG F 16 27.54 -26.10 -4.95
C ARG F 16 27.78 -27.34 -4.10
N LYS F 17 29.03 -27.60 -3.76
CA LYS F 17 29.38 -28.50 -2.67
C LYS F 17 29.63 -27.66 -1.43
N LEU F 18 29.57 -28.30 -0.26
CA LEU F 18 29.67 -27.63 1.05
C LEU F 18 28.59 -26.57 1.22
N ASP F 19 27.35 -27.03 1.39
CA ASP F 19 26.20 -26.16 1.62
C ASP F 19 26.01 -25.80 3.08
N PRO F 20 26.31 -24.56 3.49
CA PRO F 20 26.06 -24.19 4.89
C PRO F 20 24.64 -23.70 5.08
N SER F 21 24.29 -23.31 6.29
CA SER F 21 22.95 -22.83 6.61
C SER F 21 23.05 -21.47 7.27
N ASP F 22 21.91 -20.84 7.48
CA ASP F 22 21.86 -19.56 8.17
C ASP F 22 22.16 -19.75 9.65
N ALA F 23 23.18 -19.06 10.14
CA ALA F 23 23.54 -19.17 11.55
C ALA F 23 22.60 -18.35 12.41
N LEU F 24 22.11 -18.92 13.49
CA LEU F 24 21.25 -18.19 14.40
C LEU F 24 21.98 -17.89 15.70
N MET F 25 21.67 -16.73 16.27
CA MET F 25 22.33 -16.18 17.44
C MET F 25 21.47 -16.36 18.69
N SER F 26 22.13 -16.65 19.80
CA SER F 26 21.47 -16.69 21.10
C SER F 26 22.48 -16.25 22.15
N ALA F 27 21.99 -16.00 23.36
CA ALA F 27 22.80 -15.36 24.38
C ALA F 27 22.61 -16.04 25.72
N GLY F 28 23.69 -16.13 26.48
CA GLY F 28 23.61 -16.75 27.78
C GLY F 28 24.88 -16.54 28.57
N ALA F 29 25.02 -17.33 29.63
CA ALA F 29 26.16 -17.23 30.52
C ALA F 29 27.18 -18.31 30.23
N TRP F 30 28.45 -17.94 30.32
CA TRP F 30 29.53 -18.92 30.31
C TRP F 30 29.46 -19.77 31.57
N ALA F 31 30.05 -20.96 31.50
CA ALA F 31 29.92 -22.04 32.49
C ALA F 31 28.46 -22.46 32.68
N GLN F 32 27.66 -22.28 31.64
CA GLN F 32 26.38 -22.94 31.50
C GLN F 32 26.22 -23.42 30.07
N ARG F 33 27.27 -23.32 29.26
CA ARG F 33 27.22 -23.58 27.83
C ARG F 33 27.19 -25.06 27.50
N ASP F 34 27.47 -25.94 28.47
CA ASP F 34 27.34 -27.36 28.22
C ASP F 34 25.89 -27.81 28.26
N ALA F 35 25.01 -27.01 28.84
CA ALA F 35 23.58 -27.31 28.88
C ALA F 35 22.79 -26.19 28.21
N SER F 36 23.25 -25.76 27.03
CA SER F 36 22.74 -24.57 26.36
C SER F 36 21.97 -24.98 25.12
N GLN F 37 20.69 -25.31 25.30
CA GLN F 37 19.77 -25.52 24.19
C GLN F 37 18.50 -24.72 24.35
N GLU F 38 18.25 -24.16 25.53
CA GLU F 38 17.07 -23.37 25.84
C GLU F 38 17.43 -21.89 25.95
N TRP F 39 18.61 -21.51 25.46
CA TRP F 39 19.06 -20.13 25.54
C TRP F 39 18.19 -19.26 24.66
N PRO F 40 17.74 -18.10 25.16
CA PRO F 40 16.87 -17.25 24.37
C PRO F 40 17.61 -16.54 23.25
N ALA F 41 16.85 -16.15 22.23
CA ALA F 41 17.44 -15.56 21.04
C ALA F 41 17.87 -14.13 21.28
N VAL F 42 18.67 -13.62 20.36
CA VAL F 42 19.05 -12.21 20.34
C VAL F 42 18.10 -11.49 19.39
N THR F 43 17.42 -10.47 19.89
CA THR F 43 16.45 -9.72 19.11
C THR F 43 17.08 -8.46 18.54
N VAL F 44 16.43 -7.90 17.52
CA VAL F 44 16.86 -6.67 16.86
C VAL F 44 15.96 -5.54 17.33
N ARG F 45 16.54 -4.46 17.82
CA ARG F 45 15.81 -3.28 18.27
C ARG F 45 16.11 -2.11 17.37
N GLU F 46 15.49 -0.98 17.70
CA GLU F 46 15.50 0.24 16.90
C GLU F 46 15.83 1.41 17.80
N LYS F 47 16.68 2.33 17.34
CA LYS F 47 17.00 3.49 18.16
C LYS F 47 17.30 4.69 17.27
N SER F 48 17.36 5.86 17.92
CA SER F 48 17.51 7.14 17.26
C SER F 48 18.93 7.66 17.40
N VAL F 49 19.40 8.36 16.37
CA VAL F 49 20.78 8.84 16.31
C VAL F 49 20.74 10.28 15.82
N ARG F 50 21.51 11.16 16.47
CA ARG F 50 21.77 12.50 15.94
C ARG F 50 23.25 12.64 15.65
N GLY F 51 23.57 13.09 14.45
CA GLY F 51 24.96 13.32 14.09
C GLY F 51 25.12 14.64 13.37
N THR F 52 26.36 15.11 13.33
CA THR F 52 26.73 16.31 12.60
C THR F 52 27.53 15.93 11.36
N ILE F 53 27.83 16.94 10.54
CA ILE F 53 28.53 16.73 9.29
C ILE F 53 30.03 16.77 9.53
N SER F 54 30.73 15.73 9.06
CA SER F 54 32.17 15.63 9.20
C SER F 54 32.84 15.26 7.88
N ASN F 55 32.16 15.49 6.75
CA ASN F 55 32.72 15.06 5.49
C ASN F 55 33.68 16.10 4.94
N ARG F 56 34.65 15.61 4.18
CA ARG F 56 35.70 16.45 3.60
C ARG F 56 35.10 17.41 2.57
N LEU F 57 35.53 18.67 2.62
CA LEU F 57 34.94 19.70 1.77
C LEU F 57 36.04 20.41 0.98
N LYS F 58 35.70 20.79 -0.26
CA LYS F 58 36.69 21.33 -1.18
C LYS F 58 37.06 22.77 -0.82
N THR F 59 38.08 23.27 -1.52
CA THR F 59 38.57 24.62 -1.26
C THR F 59 37.58 25.67 -1.75
N LYS F 60 36.69 25.30 -2.67
CA LYS F 60 35.62 26.22 -3.08
C LYS F 60 34.59 26.38 -1.98
N ASP F 61 34.23 25.28 -1.31
CA ASP F 61 33.16 25.30 -0.34
C ASP F 61 33.66 25.50 1.09
N ARG F 62 34.93 25.87 1.26
CA ARG F 62 35.51 26.09 2.58
C ARG F 62 35.39 27.57 2.94
N ASP F 63 34.37 27.90 3.72
CA ASP F 63 34.12 29.27 4.17
C ASP F 63 33.74 29.22 5.64
N PRO F 64 34.22 30.19 6.44
CA PRO F 64 33.98 30.12 7.88
C PRO F 64 32.53 30.32 8.29
N ALA F 65 31.82 31.23 7.62
CA ALA F 65 30.45 31.52 8.01
C ALA F 65 29.49 30.43 7.55
N LYS F 66 29.84 29.73 6.47
CA LYS F 66 29.00 28.65 5.97
C LYS F 66 28.98 27.46 6.91
N LEU F 67 30.14 27.08 7.44
CA LEU F 67 30.27 25.86 8.23
C LEU F 67 29.59 26.00 9.59
N ASP F 68 29.71 27.17 10.21
CA ASP F 68 29.03 27.39 11.49
C ASP F 68 27.53 27.46 11.34
N ALA F 69 27.04 27.90 10.19
CA ALA F 69 25.61 28.00 9.96
C ALA F 69 24.98 26.68 9.57
N SER F 70 25.77 25.69 9.17
CA SER F 70 25.27 24.42 8.69
C SER F 70 25.40 23.31 9.73
N ILE F 71 25.80 23.62 10.96
CA ILE F 71 25.88 22.62 12.01
C ILE F 71 24.82 22.81 13.08
N GLN F 72 23.97 23.83 12.96
CA GLN F 72 22.79 23.87 13.80
C GLN F 72 21.68 22.96 13.29
N SER F 73 21.76 22.54 12.02
CA SER F 73 20.79 21.63 11.44
C SER F 73 21.42 20.25 11.39
N PRO F 74 21.05 19.33 12.27
CA PRO F 74 21.73 18.04 12.35
C PRO F 74 21.10 16.99 11.42
N ASN F 75 21.78 15.84 11.35
CA ASN F 75 21.26 14.67 10.66
C ASN F 75 20.60 13.76 11.69
N LEU F 76 19.32 13.47 11.49
CA LEU F 76 18.54 12.65 12.41
C LEU F 76 18.27 11.31 11.74
N GLN F 77 18.60 10.21 12.41
CA GLN F 77 18.57 8.89 11.82
C GLN F 77 17.86 7.91 12.73
N THR F 78 17.41 6.81 12.14
CA THR F 78 16.82 5.69 12.86
C THR F 78 17.52 4.42 12.40
N VAL F 79 18.16 3.71 13.32
CA VAL F 79 18.97 2.56 12.96
C VAL F 79 18.51 1.35 13.77
N ASP F 80 18.95 0.17 13.32
CA ASP F 80 18.78 -1.09 14.03
C ASP F 80 20.00 -1.39 14.88
N VAL F 81 19.78 -2.18 15.92
CA VAL F 81 20.88 -2.52 16.82
C VAL F 81 20.59 -3.89 17.44
N ALA F 82 21.66 -4.63 17.71
CA ALA F 82 21.59 -5.89 18.44
C ALA F 82 22.58 -5.87 19.58
N ASN F 83 22.17 -6.40 20.73
CA ASN F 83 22.98 -6.38 21.93
C ASN F 83 22.73 -7.66 22.71
N LEU F 84 23.72 -8.06 23.49
CA LEU F 84 23.48 -9.08 24.50
C LEU F 84 22.66 -8.47 25.64
N PRO F 85 21.97 -9.30 26.42
CA PRO F 85 21.27 -8.76 27.59
C PRO F 85 22.24 -8.33 28.67
N SER F 86 21.69 -7.72 29.72
CA SER F 86 22.50 -7.21 30.82
C SER F 86 22.86 -8.28 31.84
N ASP F 87 22.46 -9.53 31.61
CA ASP F 87 22.79 -10.64 32.50
C ASP F 87 23.43 -11.80 31.76
N ALA F 88 24.04 -11.53 30.62
CA ALA F 88 24.60 -12.58 29.77
C ALA F 88 25.79 -12.03 29.04
N ASP F 89 26.90 -12.76 29.07
CA ASP F 89 28.13 -12.30 28.44
C ASP F 89 28.64 -13.23 27.35
N THR F 90 27.87 -14.25 26.98
CA THR F 90 28.29 -15.24 26.01
C THR F 90 27.35 -15.24 24.82
N LEU F 91 27.91 -15.20 23.62
CA LEU F 91 27.18 -15.24 22.37
C LEU F 91 27.39 -16.60 21.72
N LYS F 92 26.29 -17.29 21.43
CA LYS F 92 26.31 -18.59 20.81
C LYS F 92 25.77 -18.48 19.39
N VAL F 93 26.50 -19.04 18.43
CA VAL F 93 26.14 -19.02 17.02
C VAL F 93 26.06 -20.45 16.54
N ARG F 94 24.93 -20.83 15.91
CA ARG F 94 24.71 -22.21 15.52
C ARG F 94 24.35 -22.33 14.05
N PHE F 95 24.93 -23.33 13.37
CA PHE F 95 24.49 -23.69 12.02
C PHE F 95 24.84 -25.14 11.73
N THR F 96 24.41 -25.63 10.56
CA THR F 96 24.70 -26.97 10.08
C THR F 96 25.37 -26.90 8.71
N LEU F 97 25.98 -28.01 8.32
CA LEU F 97 26.76 -28.08 7.08
C LEU F 97 26.67 -29.48 6.51
N ARG F 98 26.61 -29.59 5.19
CA ARG F 98 26.67 -30.91 4.57
C ARG F 98 27.56 -30.90 3.34
N VAL F 99 28.35 -31.95 3.19
CA VAL F 99 29.34 -32.08 2.13
C VAL F 99 28.87 -33.16 1.16
N LEU F 100 28.76 -32.81 -0.12
CA LEU F 100 27.96 -33.60 -1.04
C LEU F 100 28.77 -34.63 -1.83
N GLY F 101 29.74 -34.18 -2.62
CA GLY F 101 30.50 -35.13 -3.39
C GLY F 101 30.04 -35.20 -4.85
N GLY F 102 30.99 -35.54 -5.71
CA GLY F 102 30.80 -35.46 -7.15
C GLY F 102 31.19 -34.11 -7.70
N ALA F 103 32.44 -33.70 -7.47
CA ALA F 103 32.82 -32.30 -7.66
C ALA F 103 33.07 -31.95 -9.12
N GLY F 104 33.63 -32.88 -9.89
CA GLY F 104 34.02 -32.53 -11.26
C GLY F 104 32.89 -32.50 -12.27
N THR F 105 31.77 -33.13 -11.96
CA THR F 105 30.71 -33.31 -12.96
C THR F 105 29.87 -32.04 -13.08
N PRO F 106 29.78 -31.45 -14.27
CA PRO F 106 28.98 -30.24 -14.43
C PRO F 106 27.49 -30.56 -14.45
N SER F 107 26.69 -29.50 -14.37
CA SER F 107 25.24 -29.61 -14.42
C SER F 107 24.63 -29.06 -15.70
N ALA F 108 25.41 -28.36 -16.52
CA ALA F 108 24.94 -27.85 -17.79
C ALA F 108 26.15 -27.66 -18.69
N CYS F 109 26.33 -28.55 -19.66
CA CYS F 109 27.42 -28.45 -20.61
C CYS F 109 26.90 -28.58 -22.03
N ASN F 110 27.62 -27.98 -22.98
CA ASN F 110 27.30 -28.10 -24.40
C ASN F 110 27.99 -29.30 -25.03
N ASP F 111 29.32 -29.28 -25.03
CA ASP F 111 30.12 -30.23 -25.78
C ASP F 111 30.07 -31.62 -25.15
N ALA F 112 30.25 -32.62 -26.01
CA ALA F 112 30.35 -34.00 -25.56
C ALA F 112 31.79 -34.46 -25.42
N ALA F 113 32.72 -33.85 -26.13
CA ALA F 113 34.13 -34.20 -25.99
C ALA F 113 34.80 -33.43 -24.87
N TYR F 114 34.26 -32.29 -24.48
CA TYR F 114 34.88 -31.49 -23.44
C TYR F 114 34.68 -32.11 -22.06
N ARG F 115 33.44 -32.49 -21.73
CA ARG F 115 33.20 -33.03 -20.40
C ARG F 115 33.75 -34.45 -20.25
N ASP F 116 33.88 -35.19 -21.36
CA ASP F 116 34.46 -36.52 -21.32
C ASP F 116 35.92 -36.50 -20.90
N LYS F 117 36.64 -35.42 -21.19
CA LYS F 117 38.03 -35.34 -20.78
C LYS F 117 38.24 -34.45 -19.57
N LEU F 118 37.30 -33.54 -19.27
CA LEU F 118 37.32 -32.84 -17.99
C LEU F 118 37.10 -33.82 -16.84
N LEU F 119 36.22 -34.81 -17.05
CA LEU F 119 35.95 -35.81 -16.03
C LEU F 119 37.18 -36.70 -15.79
N GLN F 120 37.92 -37.01 -16.85
CA GLN F 120 39.13 -37.82 -16.66
C GLN F 120 40.28 -37.00 -16.09
N THR F 121 40.30 -35.67 -16.31
CA THR F 121 41.31 -34.83 -15.66
C THR F 121 41.06 -34.75 -14.15
N VAL F 122 39.80 -34.56 -13.75
CA VAL F 122 39.50 -34.56 -12.33
C VAL F 122 39.70 -35.96 -11.73
N ALA F 123 39.46 -37.02 -12.50
CA ALA F 123 39.65 -38.37 -12.00
C ALA F 123 41.12 -38.70 -11.79
N THR F 124 42.00 -38.27 -12.69
CA THR F 124 43.42 -38.52 -12.45
C THR F 124 43.99 -37.59 -11.37
N TYR F 125 43.37 -36.42 -11.14
CA TYR F 125 43.75 -35.64 -9.97
C TYR F 125 43.43 -36.39 -8.69
N VAL F 126 42.20 -36.89 -8.56
CA VAL F 126 41.78 -37.62 -7.35
C VAL F 126 42.57 -38.92 -7.20
N ASN F 127 42.95 -39.55 -8.30
CA ASN F 127 43.76 -40.76 -8.24
C ASN F 127 45.19 -40.46 -7.77
N GLU F 128 45.76 -39.34 -8.24
CA GLU F 128 47.14 -39.01 -7.84
C GLU F 128 47.21 -38.62 -6.37
N GLN F 129 46.30 -37.76 -5.91
CA GLN F 129 46.20 -37.37 -4.52
C GLN F 129 44.74 -37.18 -4.19
N GLY F 130 44.34 -37.52 -2.98
CA GLY F 130 42.94 -37.45 -2.63
C GLY F 130 42.44 -36.04 -2.39
N PHE F 131 41.39 -35.91 -1.59
CA PHE F 131 40.93 -34.60 -1.15
C PHE F 131 41.51 -34.21 0.19
N ALA F 132 42.74 -34.64 0.50
CA ALA F 132 43.26 -34.52 1.86
C ALA F 132 43.64 -33.09 2.21
N GLU F 133 44.34 -32.40 1.31
CA GLU F 133 44.83 -31.06 1.60
C GLU F 133 43.69 -30.06 1.72
N LEU F 134 42.74 -30.13 0.78
CA LEU F 134 41.60 -29.23 0.81
C LEU F 134 40.71 -29.50 2.01
N ALA F 135 40.55 -30.77 2.40
CA ALA F 135 39.74 -31.06 3.57
C ALA F 135 40.41 -30.63 4.85
N ARG F 136 41.74 -30.71 4.92
CA ARG F 136 42.40 -30.24 6.13
C ARG F 136 42.36 -28.72 6.24
N ARG F 137 42.33 -28.02 5.10
CA ARG F 137 42.19 -26.56 5.16
C ARG F 137 40.76 -26.15 5.50
N TYR F 138 39.76 -26.84 4.94
CA TYR F 138 38.36 -26.57 5.31
C TYR F 138 38.09 -26.87 6.77
N ALA F 139 38.69 -27.96 7.29
CA ALA F 139 38.51 -28.29 8.70
C ALA F 139 39.22 -27.29 9.60
N HIS F 140 40.34 -26.72 9.14
CA HIS F 140 40.97 -25.64 9.89
C HIS F 140 40.08 -24.42 9.97
N ASN F 141 39.44 -24.05 8.85
CA ASN F 141 38.56 -22.89 8.87
C ASN F 141 37.30 -23.15 9.68
N LEU F 142 36.90 -24.41 9.82
CA LEU F 142 35.84 -24.73 10.78
C LEU F 142 36.34 -24.62 12.22
N ALA F 143 37.62 -24.93 12.45
CA ALA F 143 38.11 -25.09 13.82
C ALA F 143 38.45 -23.77 14.48
N ASN F 144 38.94 -22.78 13.72
CA ASN F 144 39.38 -21.52 14.31
C ASN F 144 38.26 -20.49 14.42
N ALA F 145 37.02 -20.87 14.09
CA ALA F 145 35.82 -20.02 14.21
C ALA F 145 35.94 -18.73 13.41
N ARG F 146 36.34 -18.85 12.14
CA ARG F 146 36.48 -17.66 11.31
C ARG F 146 35.13 -17.10 10.91
N PHE F 147 34.07 -17.92 10.96
CA PHE F 147 32.76 -17.50 10.48
C PHE F 147 32.12 -16.45 11.38
N LEU F 148 32.59 -16.30 12.62
CA LEU F 148 32.31 -15.12 13.42
C LEU F 148 33.19 -14.00 12.90
N TRP F 149 32.62 -13.05 12.16
CA TRP F 149 33.48 -12.11 11.46
C TRP F 149 33.96 -11.00 12.37
N ARG F 150 33.05 -10.18 12.89
CA ARG F 150 33.39 -9.12 13.82
C ARG F 150 33.10 -9.51 15.26
N ASN F 151 32.42 -10.61 15.49
CA ASN F 151 32.18 -11.10 16.84
C ASN F 151 33.36 -11.85 17.42
N ARG F 152 34.42 -12.03 16.66
CA ARG F 152 35.62 -12.73 17.10
C ARG F 152 36.75 -11.80 17.48
N VAL F 153 36.82 -10.62 16.87
CA VAL F 153 37.87 -9.67 17.19
C VAL F 153 37.56 -8.99 18.52
N GLY F 154 38.51 -9.07 19.45
CA GLY F 154 38.33 -8.49 20.76
C GLY F 154 37.61 -9.36 21.76
N ALA F 155 37.59 -10.67 21.56
CA ALA F 155 36.92 -11.55 22.49
C ALA F 155 37.92 -12.18 23.46
N GLU F 156 37.39 -12.72 24.55
CA GLU F 156 38.20 -13.31 25.61
C GLU F 156 38.45 -14.80 25.40
N ALA F 157 37.41 -15.56 25.08
CA ALA F 157 37.56 -17.00 24.88
C ALA F 157 36.53 -17.45 23.85
N VAL F 158 37.01 -18.09 22.79
CA VAL F 158 36.17 -18.66 21.74
C VAL F 158 36.31 -20.17 21.78
N GLU F 159 35.19 -20.89 21.73
CA GLU F 159 35.19 -22.34 21.81
C GLU F 159 34.22 -22.93 20.82
N VAL F 160 34.67 -23.93 20.04
CA VAL F 160 33.90 -24.52 18.96
C VAL F 160 33.54 -25.95 19.31
N ARG F 161 32.30 -26.35 19.03
CA ARG F 161 31.83 -27.73 19.16
C ARG F 161 31.30 -28.19 17.81
N ILE F 162 31.77 -29.34 17.35
CA ILE F 162 31.34 -29.92 16.08
C ILE F 162 30.78 -31.30 16.34
N ASN F 163 29.55 -31.55 15.89
CA ASN F 163 28.91 -32.85 16.02
C ASN F 163 28.72 -33.47 14.64
N HIS F 164 29.02 -34.77 14.52
CA HIS F 164 28.82 -35.52 13.28
C HIS F 164 27.52 -36.30 13.41
N ILE F 165 26.47 -35.86 12.72
CA ILE F 165 25.13 -36.40 12.91
C ILE F 165 24.85 -37.42 11.82
N ARG F 166 24.59 -38.66 12.23
CA ARG F 166 24.39 -39.74 11.28
C ARG F 166 22.97 -40.28 11.24
N GLN F 167 22.20 -40.07 12.29
CA GLN F 167 20.79 -40.48 12.39
C GLN F 167 20.11 -39.37 13.18
N GLY F 168 19.05 -39.71 13.90
CA GLY F 168 18.57 -38.80 14.94
C GLY F 168 19.64 -38.45 15.96
N GLU F 169 20.50 -39.40 16.31
CA GLU F 169 21.53 -39.21 17.32
C GLU F 169 22.84 -38.80 16.67
N VAL F 170 23.84 -38.53 17.50
CA VAL F 170 25.13 -38.08 17.04
C VAL F 170 26.10 -39.26 17.02
N ALA F 171 27.15 -39.14 16.22
CA ALA F 171 28.14 -40.21 16.10
C ALA F 171 29.41 -39.90 16.88
N ARG F 172 30.04 -38.76 16.63
CA ARG F 172 31.16 -38.34 17.46
C ARG F 172 31.26 -36.81 17.47
N THR F 173 31.95 -36.31 18.49
CA THR F 173 32.02 -34.89 18.82
C THR F 173 33.46 -34.43 18.90
N TRP F 174 33.68 -33.16 18.51
CA TRP F 174 34.96 -32.49 18.62
C TRP F 174 34.79 -31.19 19.39
N ARG F 175 35.77 -30.88 20.24
CA ARG F 175 35.84 -29.60 20.95
C ARG F 175 37.17 -28.92 20.64
N PHE F 176 37.12 -27.67 20.20
CA PHE F 176 38.31 -26.91 19.90
C PHE F 176 38.30 -25.59 20.65
N ASP F 177 39.49 -25.07 20.89
CA ASP F 177 39.71 -23.75 21.47
C ASP F 177 40.23 -22.85 20.36
N ALA F 178 39.36 -21.97 19.86
CA ALA F 178 39.55 -21.31 18.58
C ALA F 178 40.61 -20.22 18.59
N LEU F 179 41.11 -19.80 19.76
CA LEU F 179 42.11 -18.75 19.80
C LEU F 179 43.53 -19.28 19.79
N ALA F 180 43.73 -20.55 20.14
CA ALA F 180 45.05 -21.16 20.06
C ALA F 180 45.49 -21.31 18.62
N ILE F 181 44.71 -22.04 17.82
CA ILE F 181 44.93 -22.06 16.38
C ILE F 181 44.50 -20.74 15.79
N GLY F 182 45.36 -20.13 14.99
CA GLY F 182 45.15 -18.79 14.52
C GLY F 182 44.37 -18.73 13.22
N LEU F 183 44.42 -17.57 12.60
CA LEU F 183 43.92 -17.38 11.24
C LEU F 183 45.05 -17.28 10.22
N ARG F 184 46.24 -17.77 10.55
CA ARG F 184 47.40 -17.54 9.71
C ARG F 184 47.99 -18.81 9.11
N ASP F 185 48.29 -19.80 9.92
CA ASP F 185 48.97 -21.01 9.47
C ASP F 185 48.04 -22.21 9.49
N PHE F 186 48.42 -23.23 8.71
CA PHE F 186 47.70 -24.49 8.64
C PHE F 186 48.65 -25.58 9.11
N LYS F 187 48.69 -25.83 10.41
CA LYS F 187 49.51 -26.89 10.97
C LYS F 187 48.62 -27.93 11.64
N ALA F 188 49.00 -29.19 11.49
CA ALA F 188 48.11 -30.30 11.81
C ALA F 188 48.26 -30.76 13.25
N ASP F 189 47.14 -31.19 13.81
CA ASP F 189 47.07 -31.81 15.13
C ASP F 189 46.62 -33.25 14.95
N ALA F 190 46.38 -33.93 16.06
CA ALA F 190 45.92 -35.30 15.99
C ALA F 190 44.41 -35.42 15.89
N GLU F 191 43.68 -34.41 16.38
CA GLU F 191 42.22 -34.45 16.32
C GLU F 191 41.65 -33.61 15.19
N LEU F 192 42.42 -32.72 14.58
CA LEU F 192 41.96 -32.09 13.35
C LEU F 192 42.06 -33.03 12.16
N ASP F 193 42.93 -34.04 12.24
CA ASP F 193 43.09 -34.96 11.11
C ASP F 193 41.91 -35.91 10.98
N ALA F 194 41.24 -36.24 12.08
CA ALA F 194 40.03 -37.05 12.00
C ALA F 194 38.89 -36.29 11.32
N LEU F 195 38.78 -35.00 11.62
CA LEU F 195 37.81 -34.15 10.94
C LEU F 195 38.15 -33.98 9.47
N ALA F 196 39.44 -33.87 9.16
CA ALA F 196 39.86 -33.80 7.76
C ALA F 196 39.57 -35.09 7.01
N GLU F 197 39.70 -36.23 7.69
CA GLU F 197 39.35 -37.51 7.08
C GLU F 197 37.86 -37.61 6.82
N LEU F 198 37.03 -37.11 7.74
CA LEU F 198 35.58 -37.14 7.53
C LEU F 198 35.16 -36.24 6.38
N ILE F 199 35.75 -35.05 6.28
CA ILE F 199 35.40 -34.14 5.19
C ILE F 199 35.90 -34.67 3.85
N ALA F 200 37.07 -35.29 3.81
CA ALA F 200 37.54 -35.89 2.56
C ALA F 200 36.72 -37.12 2.19
N SER F 201 36.20 -37.84 3.19
CA SER F 201 35.28 -38.93 2.94
C SER F 201 33.97 -38.45 2.34
N GLY F 202 33.49 -37.29 2.77
CA GLY F 202 32.29 -36.72 2.16
C GLY F 202 32.55 -36.20 0.76
N LEU F 203 33.71 -35.58 0.53
CA LEU F 203 34.02 -35.00 -0.77
C LEU F 203 34.32 -36.07 -1.81
N SER F 204 34.88 -37.20 -1.40
CA SER F 204 35.19 -38.26 -2.36
C SER F 204 33.94 -38.98 -2.84
N GLY F 205 32.89 -38.97 -2.06
CA GLY F 205 31.66 -39.66 -2.40
C GLY F 205 31.45 -40.97 -1.68
N SER F 206 32.24 -41.25 -0.65
CA SER F 206 32.22 -42.54 0.02
C SER F 206 31.27 -42.59 1.20
N GLY F 207 30.37 -41.63 1.33
CA GLY F 207 29.48 -41.59 2.45
C GLY F 207 28.75 -40.27 2.55
N HIS F 208 27.74 -40.25 3.41
CA HIS F 208 26.92 -39.07 3.64
C HIS F 208 27.33 -38.43 4.94
N VAL F 209 27.84 -37.20 4.89
CA VAL F 209 28.23 -36.51 6.11
C VAL F 209 27.32 -35.31 6.30
N LEU F 210 27.08 -34.99 7.57
CA LEU F 210 26.30 -33.83 7.97
C LEU F 210 26.80 -33.44 9.35
N LEU F 211 27.29 -32.22 9.48
CA LEU F 211 27.86 -31.72 10.72
C LEU F 211 26.99 -30.60 11.24
N GLU F 212 27.02 -30.37 12.55
CA GLU F 212 26.52 -29.12 13.09
C GLU F 212 27.59 -28.46 13.94
N VAL F 213 27.72 -27.15 13.75
CA VAL F 213 28.79 -26.35 14.31
C VAL F 213 28.18 -25.30 15.24
N VAL F 214 28.62 -25.30 16.49
CA VAL F 214 28.22 -24.34 17.50
C VAL F 214 29.47 -23.60 17.96
N ALA F 215 29.37 -22.28 18.11
CA ALA F 215 30.51 -21.48 18.53
C ALA F 215 30.10 -20.56 19.67
N PHE F 216 30.86 -20.59 20.76
CA PHE F 216 30.64 -19.75 21.92
C PHE F 216 31.74 -18.71 22.01
N ALA F 217 31.35 -17.45 22.10
CA ALA F 217 32.29 -16.34 22.25
C ALA F 217 31.96 -15.56 23.50
N ARG F 218 32.97 -15.29 24.32
CA ARG F 218 32.82 -14.51 25.55
C ARG F 218 33.25 -13.09 25.25
N ILE F 219 32.29 -12.20 25.02
CA ILE F 219 32.60 -10.85 24.57
C ILE F 219 32.35 -9.78 25.62
N GLY F 220 31.56 -10.06 26.65
CA GLY F 220 31.29 -9.08 27.68
C GLY F 220 29.80 -8.90 27.91
N ASP F 221 29.50 -8.25 29.02
CA ASP F 221 28.14 -8.15 29.54
C ASP F 221 27.41 -6.98 28.92
N GLY F 222 26.38 -7.26 28.13
CA GLY F 222 25.58 -6.23 27.52
C GLY F 222 26.14 -5.60 26.28
N GLN F 223 27.17 -6.19 25.68
CA GLN F 223 27.84 -5.60 24.54
C GLN F 223 27.08 -5.85 23.26
N GLU F 224 27.56 -5.25 22.18
CA GLU F 224 26.89 -5.26 20.89
C GLU F 224 27.40 -6.41 20.03
N VAL F 225 26.48 -7.14 19.42
CA VAL F 225 26.82 -8.17 18.46
C VAL F 225 26.49 -7.67 17.07
N PHE F 226 26.99 -8.37 16.05
CA PHE F 226 27.00 -7.86 14.68
C PHE F 226 26.43 -8.89 13.71
N PRO F 227 25.13 -8.88 13.47
CA PRO F 227 24.57 -9.70 12.40
C PRO F 227 24.73 -9.02 11.05
N SER F 228 24.44 -9.76 9.99
CA SER F 228 24.56 -9.20 8.66
C SER F 228 23.41 -8.26 8.37
N GLN F 229 23.65 -7.31 7.47
CA GLN F 229 22.67 -6.26 7.23
C GLN F 229 22.21 -6.27 5.78
N GLU F 230 20.93 -5.93 5.58
CA GLU F 230 20.28 -5.99 4.29
C GLU F 230 20.55 -4.71 3.51
N LEU F 231 19.88 -4.52 2.38
CA LEU F 231 20.04 -3.31 1.59
C LEU F 231 18.78 -2.46 1.71
N ILE F 232 18.98 -1.14 1.80
CA ILE F 232 17.93 -0.19 2.12
C ILE F 232 17.40 0.50 0.88
N LEU F 233 18.14 0.48 -0.23
CA LEU F 233 17.81 1.24 -1.43
C LEU F 233 16.52 0.73 -2.08
N ASP F 234 15.92 1.60 -2.91
CA ASP F 234 14.70 1.34 -3.68
C ASP F 234 13.50 1.09 -2.77
N LYS F 235 13.38 1.88 -1.72
CA LYS F 235 12.17 1.88 -0.92
C LYS F 235 11.10 2.78 -1.54
N GLY F 236 9.84 2.42 -1.33
CA GLY F 236 8.76 3.29 -1.77
C GLY F 236 8.60 4.52 -0.89
N ASP F 237 8.86 4.37 0.41
CA ASP F 237 8.65 5.44 1.39
C ASP F 237 9.82 6.40 1.36
N LYS F 238 9.55 7.66 1.01
CA LYS F 238 10.66 8.59 0.79
C LYS F 238 11.17 9.16 2.10
N LYS F 239 10.27 9.58 2.99
CA LYS F 239 10.58 10.52 4.06
C LYS F 239 10.71 9.82 5.40
N GLY F 240 11.82 10.08 6.09
CA GLY F 240 11.98 9.71 7.48
C GLY F 240 12.07 8.22 7.77
N GLN F 241 12.52 7.44 6.81
CA GLN F 241 12.56 5.99 6.98
C GLN F 241 13.85 5.55 7.66
N LYS F 242 13.86 4.27 8.06
CA LYS F 242 14.96 3.70 8.82
C LYS F 242 16.19 3.50 7.94
N SER F 243 17.36 3.86 8.47
CA SER F 243 18.56 3.97 7.64
C SER F 243 19.35 2.67 7.61
N LYS F 244 19.26 1.85 8.67
CA LYS F 244 20.02 0.60 8.76
C LYS F 244 19.09 -0.53 9.17
N THR F 245 19.14 -1.64 8.42
CA THR F 245 18.31 -2.81 8.67
C THR F 245 19.19 -4.03 8.84
N LEU F 246 18.91 -4.84 9.86
CA LEU F 246 19.69 -6.04 10.14
C LEU F 246 18.89 -7.29 9.77
N TYR F 247 19.61 -8.33 9.36
CA TYR F 247 18.98 -9.56 8.92
C TYR F 247 18.42 -10.34 10.09
N SER F 248 17.31 -11.03 9.85
CA SER F 248 16.65 -11.77 10.90
C SER F 248 15.86 -12.92 10.28
N VAL F 249 15.81 -14.02 11.02
CA VAL F 249 14.91 -15.14 10.80
C VAL F 249 14.02 -14.94 12.01
N ARG F 250 13.01 -15.78 12.25
CA ARG F 250 11.85 -15.42 13.05
C ARG F 250 12.17 -15.04 14.50
N ASP F 251 12.11 -13.72 14.75
CA ASP F 251 12.42 -13.08 16.03
C ASP F 251 13.84 -13.38 16.52
N ALA F 252 14.80 -13.48 15.61
CA ALA F 252 16.16 -13.83 15.98
C ALA F 252 17.13 -13.28 14.95
N ALA F 253 18.20 -12.64 15.42
CA ALA F 253 19.22 -12.13 14.52
C ALA F 253 19.98 -13.28 13.89
N ALA F 254 20.56 -13.03 12.72
CA ALA F 254 21.16 -14.12 11.96
C ALA F 254 22.25 -13.59 11.05
N ILE F 255 23.04 -14.52 10.50
CA ILE F 255 24.05 -14.24 9.49
C ILE F 255 23.65 -14.98 8.22
N HIS F 256 23.86 -14.34 7.06
CA HIS F 256 23.56 -14.94 5.77
C HIS F 256 24.42 -16.18 5.57
N SER F 257 23.90 -17.14 4.80
CA SER F 257 24.64 -18.38 4.62
C SER F 257 25.80 -18.21 3.66
N GLN F 258 25.72 -17.24 2.75
CA GLN F 258 26.82 -17.02 1.83
C GLN F 258 28.00 -16.38 2.53
N LYS F 259 27.79 -15.69 3.66
CA LYS F 259 28.90 -15.14 4.40
C LYS F 259 29.67 -16.24 5.15
N ILE F 260 28.97 -17.21 5.71
CA ILE F 260 29.63 -18.38 6.29
C ILE F 260 30.35 -19.18 5.23
N GLY F 261 29.73 -19.34 4.06
CA GLY F 261 30.40 -20.03 2.97
C GLY F 261 31.62 -19.31 2.46
N ASN F 262 31.63 -17.98 2.52
CA ASN F 262 32.84 -17.23 2.19
C ASN F 262 33.91 -17.43 3.24
N ALA F 263 33.51 -17.54 4.51
CA ALA F 263 34.48 -17.74 5.57
C ALA F 263 35.10 -19.12 5.53
N LEU F 264 34.37 -20.11 5.02
CA LEU F 264 34.89 -21.47 4.99
C LEU F 264 35.93 -21.68 3.90
N ARG F 265 35.80 -21.02 2.76
CA ARG F 265 36.71 -21.24 1.64
C ARG F 265 37.85 -20.21 1.58
N THR F 266 38.14 -19.54 2.69
CA THR F 266 39.33 -18.72 2.77
C THR F 266 40.54 -19.63 2.91
N ILE F 267 41.07 -20.08 1.77
CA ILE F 267 41.93 -21.25 1.71
C ILE F 267 43.28 -20.93 1.08
N ASP F 268 43.27 -20.28 -0.08
CA ASP F 268 44.47 -20.29 -0.91
C ASP F 268 45.51 -19.31 -0.40
N THR F 269 46.75 -19.79 -0.30
CA THR F 269 47.91 -18.99 0.01
C THR F 269 48.93 -19.04 -1.13
N TRP F 270 48.50 -19.47 -2.30
CA TRP F 270 49.39 -19.74 -3.42
C TRP F 270 49.40 -18.61 -4.45
N TYR F 271 48.74 -17.49 -4.17
CA TYR F 271 48.69 -16.41 -5.15
C TYR F 271 50.03 -15.69 -5.18
N PRO F 272 50.45 -15.19 -6.36
CA PRO F 272 51.86 -14.76 -6.53
C PRO F 272 52.24 -13.48 -5.80
N ASP F 273 51.31 -12.80 -5.13
CA ASP F 273 51.67 -11.56 -4.45
C ASP F 273 52.45 -11.84 -3.18
N GLU F 274 51.81 -12.52 -2.22
CA GLU F 274 52.44 -12.79 -0.94
C GLU F 274 51.79 -14.02 -0.33
N ASP F 275 52.35 -14.46 0.79
CA ASP F 275 51.78 -15.56 1.57
C ASP F 275 51.71 -15.27 3.06
N GLY F 276 52.50 -14.32 3.58
CA GLY F 276 52.42 -13.87 4.94
C GLY F 276 51.36 -12.82 5.20
N LEU F 277 50.59 -12.45 4.18
CA LEU F 277 49.42 -11.61 4.37
C LEU F 277 48.16 -12.42 4.62
N GLY F 278 48.28 -13.74 4.70
CA GLY F 278 47.17 -14.59 5.03
C GLY F 278 46.45 -15.12 3.81
N PRO F 279 45.61 -16.11 4.01
CA PRO F 279 44.81 -16.64 2.90
C PRO F 279 43.66 -15.72 2.53
N ILE F 280 43.26 -15.80 1.27
CA ILE F 280 42.07 -15.12 0.77
C ILE F 280 41.08 -16.19 0.32
N ALA F 281 39.90 -15.79 -0.12
CA ALA F 281 38.92 -16.77 -0.57
C ALA F 281 39.18 -17.18 -2.01
N VAL F 282 38.81 -18.41 -2.34
CA VAL F 282 39.05 -18.93 -3.67
C VAL F 282 38.02 -18.35 -4.63
N GLU F 283 38.50 -17.74 -5.72
CA GLU F 283 37.67 -17.05 -6.68
C GLU F 283 38.44 -16.97 -7.99
N PRO F 284 37.76 -16.92 -9.13
CA PRO F 284 38.45 -16.59 -10.37
C PRO F 284 38.84 -15.12 -10.34
N TYR F 285 40.07 -14.83 -10.77
CA TYR F 285 40.73 -13.53 -10.58
C TYR F 285 40.65 -13.11 -9.11
N GLY F 286 41.36 -13.87 -8.25
CA GLY F 286 41.15 -13.85 -6.82
C GLY F 286 41.26 -12.49 -6.16
N SER F 287 40.11 -11.94 -5.79
CA SER F 287 39.98 -10.51 -5.55
C SER F 287 39.30 -10.25 -4.23
N VAL F 288 39.94 -9.42 -3.42
CA VAL F 288 39.35 -8.91 -2.18
C VAL F 288 38.66 -7.60 -2.53
N THR F 289 37.39 -7.48 -2.13
CA THR F 289 36.64 -6.27 -2.48
C THR F 289 37.01 -5.12 -1.57
N SER F 290 37.43 -5.40 -0.34
CA SER F 290 37.82 -4.33 0.57
C SER F 290 39.16 -3.73 0.16
N GLN F 291 40.13 -4.57 -0.19
CA GLN F 291 41.45 -4.09 -0.58
C GLN F 291 41.49 -3.54 -2.00
N GLY F 292 40.39 -3.64 -2.76
CA GLY F 292 40.26 -2.94 -4.02
C GLY F 292 41.03 -3.52 -5.18
N LYS F 293 41.77 -4.60 -5.00
CA LYS F 293 42.61 -5.12 -6.06
C LYS F 293 42.28 -6.58 -6.33
N ALA F 294 42.90 -7.10 -7.39
CA ALA F 294 42.70 -8.48 -7.83
C ALA F 294 44.05 -9.16 -7.93
N TYR F 295 44.32 -10.08 -7.01
CA TYR F 295 45.36 -11.05 -7.24
C TYR F 295 44.86 -12.06 -8.27
N ARG F 296 45.80 -12.87 -8.80
CA ARG F 296 45.55 -13.78 -9.92
C ARG F 296 44.97 -13.03 -11.12
N GLN F 297 45.66 -12.01 -11.56
CA GLN F 297 45.17 -11.28 -12.71
C GLN F 297 45.53 -12.01 -13.99
N PRO F 298 44.68 -11.93 -15.03
CA PRO F 298 44.96 -12.68 -16.27
C PRO F 298 46.11 -12.14 -17.09
N LYS F 299 46.67 -10.97 -16.75
CA LYS F 299 47.91 -10.54 -17.39
C LYS F 299 49.06 -11.45 -16.97
N GLN F 300 49.08 -11.88 -15.71
CA GLN F 300 49.88 -13.02 -15.32
C GLN F 300 49.17 -14.29 -15.74
N LYS F 301 49.95 -15.36 -15.88
CA LYS F 301 49.39 -16.63 -16.34
C LYS F 301 48.94 -17.52 -15.20
N LEU F 302 48.50 -16.95 -14.08
CA LEU F 302 48.10 -17.70 -12.90
C LEU F 302 46.62 -17.51 -12.59
N ASP F 303 45.80 -17.36 -13.63
CA ASP F 303 44.37 -17.18 -13.50
C ASP F 303 43.68 -18.51 -13.19
N PHE F 304 42.35 -18.52 -13.23
CA PHE F 304 41.62 -19.77 -13.21
C PHE F 304 41.35 -20.29 -14.61
N TYR F 305 40.88 -19.42 -15.50
CA TYR F 305 40.56 -19.84 -16.86
C TYR F 305 41.79 -20.17 -17.68
N THR F 306 42.90 -19.49 -17.44
CA THR F 306 44.15 -19.82 -18.11
C THR F 306 44.68 -21.17 -17.66
N LEU F 307 44.64 -21.43 -16.36
CA LEU F 307 45.12 -22.70 -15.81
C LEU F 307 44.27 -23.87 -16.27
N LEU F 308 42.94 -23.71 -16.24
CA LEU F 308 42.03 -24.78 -16.66
C LEU F 308 42.10 -25.01 -18.17
N ASP F 309 42.26 -23.94 -18.95
CA ASP F 309 42.38 -24.09 -20.39
C ASP F 309 43.69 -24.77 -20.77
N ASN F 310 44.77 -24.50 -20.04
CA ASN F 310 46.00 -25.21 -20.32
C ASN F 310 45.93 -26.66 -19.84
N TRP F 311 45.21 -26.92 -18.76
CA TRP F 311 45.19 -28.26 -18.20
C TRP F 311 44.32 -29.20 -19.02
N VAL F 312 43.17 -28.72 -19.51
CA VAL F 312 42.23 -29.61 -20.18
C VAL F 312 42.48 -29.64 -21.68
N LEU F 313 42.64 -28.50 -22.33
CA LEU F 313 42.77 -28.49 -23.78
C LEU F 313 44.18 -28.90 -24.24
N ARG F 314 45.18 -28.11 -23.87
CA ARG F 314 46.54 -28.37 -24.37
C ARG F 314 47.28 -29.42 -23.56
N ASP F 315 46.70 -29.87 -22.45
CA ASP F 315 47.18 -31.02 -21.65
C ASP F 315 48.58 -30.78 -21.08
N GLU F 316 48.77 -29.61 -20.49
CA GLU F 316 49.97 -29.31 -19.70
C GLU F 316 49.54 -29.06 -18.27
N ALA F 317 49.90 -29.97 -17.37
CA ALA F 317 49.47 -29.87 -16.00
C ALA F 317 50.22 -28.76 -15.28
N PRO F 318 49.55 -27.99 -14.43
CA PRO F 318 50.24 -26.93 -13.68
C PRO F 318 51.03 -27.48 -12.50
N ALA F 319 51.57 -26.59 -11.68
CA ALA F 319 52.22 -27.02 -10.45
C ALA F 319 51.22 -27.65 -9.50
N VAL F 320 51.74 -28.44 -8.56
CA VAL F 320 50.89 -29.23 -7.68
C VAL F 320 50.08 -28.34 -6.75
N GLU F 321 50.62 -27.17 -6.39
CA GLU F 321 49.90 -26.24 -5.54
C GLU F 321 48.79 -25.52 -6.27
N GLN F 322 48.87 -25.40 -7.59
CA GLN F 322 47.84 -24.70 -8.35
C GLN F 322 46.72 -25.62 -8.81
N GLN F 323 46.89 -26.94 -8.69
CA GLN F 323 45.78 -27.84 -8.95
C GLN F 323 44.78 -27.82 -7.81
N HIS F 324 45.25 -27.56 -6.59
CA HIS F 324 44.35 -27.40 -5.45
C HIS F 324 43.44 -26.19 -5.62
N TYR F 325 43.94 -25.14 -6.27
CA TYR F 325 43.13 -23.95 -6.50
C TYR F 325 42.01 -24.19 -7.50
N VAL F 326 42.32 -24.92 -8.59
CA VAL F 326 41.33 -25.24 -9.61
C VAL F 326 40.27 -26.19 -9.05
N ILE F 327 40.68 -27.21 -8.29
CA ILE F 327 39.67 -28.09 -7.71
C ILE F 327 38.91 -27.36 -6.60
N ALA F 328 39.51 -26.34 -5.97
CA ALA F 328 38.83 -25.59 -4.93
C ALA F 328 37.69 -24.75 -5.50
N ASN F 329 37.92 -24.05 -6.61
CA ASN F 329 36.78 -23.35 -7.19
C ASN F 329 35.99 -24.19 -8.19
N LEU F 330 36.27 -25.49 -8.31
CA LEU F 330 35.24 -26.39 -8.82
C LEU F 330 34.31 -26.84 -7.69
N ILE F 331 34.86 -27.02 -6.49
CA ILE F 331 34.03 -27.32 -5.32
C ILE F 331 33.17 -26.11 -4.95
N ARG F 332 33.65 -24.90 -5.24
CA ARG F 332 32.87 -23.69 -4.98
C ARG F 332 31.64 -23.61 -5.89
N GLY F 333 31.84 -23.79 -7.19
CA GLY F 333 30.75 -23.74 -8.15
C GLY F 333 30.65 -22.39 -8.84
N GLY F 334 29.77 -22.31 -9.80
CA GLY F 334 29.54 -21.06 -10.49
C GLY F 334 29.20 -21.27 -11.95
N VAL F 335 28.94 -20.15 -12.62
CA VAL F 335 28.57 -20.11 -14.02
C VAL F 335 29.79 -19.68 -14.81
N PHE F 336 30.41 -20.61 -15.51
CA PHE F 336 31.58 -20.34 -16.32
C PHE F 336 31.15 -20.28 -17.79
N GLY F 337 32.10 -20.16 -18.68
CA GLY F 337 31.79 -19.94 -20.08
C GLY F 337 31.46 -18.48 -20.37
N GLU F 338 31.44 -18.16 -21.66
CA GLU F 338 31.31 -16.77 -22.09
C GLU F 338 29.89 -16.27 -21.85
N ALA F 339 29.77 -15.15 -21.15
CA ALA F 339 28.48 -14.63 -20.74
C ALA F 339 27.68 -14.08 -21.92
N LEU G 6 -2.09 -41.36 -50.18
CA LEU G 6 -2.57 -40.98 -48.86
C LEU G 6 -1.56 -40.09 -48.16
N SER G 7 -2.07 -39.11 -47.41
CA SER G 7 -1.24 -38.19 -46.66
C SER G 7 -1.88 -37.92 -45.29
N THR G 8 -1.08 -37.33 -44.41
CA THR G 8 -1.50 -37.01 -43.05
C THR G 8 -2.49 -35.85 -43.06
N ALA G 9 -3.40 -35.85 -42.09
CA ALA G 9 -4.42 -34.82 -41.99
C ALA G 9 -3.81 -33.48 -41.58
N SER G 10 -4.52 -32.41 -41.93
CA SER G 10 -4.04 -31.06 -41.67
C SER G 10 -4.37 -30.55 -40.27
N VAL G 11 -5.32 -31.19 -39.60
CA VAL G 11 -5.64 -30.91 -38.21
C VAL G 11 -5.63 -32.24 -37.48
N LEU G 12 -4.76 -32.36 -36.47
CA LEU G 12 -4.63 -33.61 -35.72
C LEU G 12 -4.07 -33.25 -34.35
N ALA G 13 -4.87 -33.39 -33.30
CA ALA G 13 -4.45 -33.00 -31.98
C ALA G 13 -4.83 -34.07 -30.97
N PHE G 14 -3.99 -34.22 -29.95
CA PHE G 14 -4.20 -35.17 -28.88
C PHE G 14 -4.12 -34.42 -27.55
N GLU G 15 -4.68 -35.02 -26.51
CA GLU G 15 -4.61 -34.48 -25.17
C GLU G 15 -3.85 -35.42 -24.25
N ARG G 16 -3.34 -34.88 -23.15
CA ARG G 16 -2.50 -35.64 -22.26
C ARG G 16 -3.33 -36.60 -21.41
N LYS G 17 -2.77 -37.78 -21.15
CA LYS G 17 -3.49 -38.83 -20.43
C LYS G 17 -3.05 -39.00 -19.00
N LEU G 18 -1.93 -38.42 -18.61
CA LEU G 18 -1.47 -38.41 -17.22
C LEU G 18 -1.60 -36.99 -16.70
N ASP G 19 -2.50 -36.76 -15.76
CA ASP G 19 -2.70 -35.42 -15.23
C ASP G 19 -2.18 -35.33 -13.80
N PRO G 20 -1.05 -34.67 -13.55
CA PRO G 20 -0.66 -34.33 -12.20
C PRO G 20 -1.10 -32.92 -11.83
N SER G 21 -0.90 -32.57 -10.58
CA SER G 21 -1.22 -31.24 -10.09
C SER G 21 0.07 -30.55 -9.62
N ASP G 22 -0.07 -29.39 -9.01
CA ASP G 22 1.06 -28.70 -8.43
C ASP G 22 1.40 -29.34 -7.09
N ALA G 23 2.68 -29.65 -6.88
CA ALA G 23 3.13 -30.33 -5.68
C ALA G 23 3.63 -29.29 -4.69
N LEU G 24 2.88 -29.16 -3.59
CA LEU G 24 3.15 -28.22 -2.50
C LEU G 24 4.04 -28.88 -1.47
N MET G 25 4.82 -28.10 -0.73
CA MET G 25 5.75 -28.68 0.22
C MET G 25 5.55 -28.14 1.63
N SER G 26 5.83 -29.00 2.61
CA SER G 26 5.80 -28.64 4.03
C SER G 26 6.97 -29.32 4.73
N ALA G 27 7.11 -29.08 6.02
CA ALA G 27 8.33 -29.51 6.72
C ALA G 27 8.01 -30.02 8.12
N GLY G 28 8.86 -30.91 8.60
CA GLY G 28 8.65 -31.47 9.93
C GLY G 28 9.82 -32.32 10.37
N ALA G 29 9.54 -33.25 11.28
CA ALA G 29 10.56 -34.13 11.84
C ALA G 29 10.29 -35.58 11.46
N TRP G 30 11.37 -36.31 11.17
CA TRP G 30 11.31 -37.74 10.90
C TRP G 30 10.87 -38.48 12.16
N ALA G 31 10.38 -39.70 11.95
CA ALA G 31 9.72 -40.54 12.97
C ALA G 31 8.49 -39.85 13.58
N GLN G 32 7.90 -38.92 12.84
CA GLN G 32 6.57 -38.40 13.11
C GLN G 32 5.80 -38.25 11.81
N ARG G 33 6.26 -38.90 10.74
CA ARG G 33 5.70 -38.77 9.41
C ARG G 33 4.41 -39.55 9.24
N ASP G 34 3.97 -40.28 10.26
CA ASP G 34 2.66 -40.89 10.24
C ASP G 34 1.57 -39.94 10.73
N ALA G 35 1.95 -38.90 11.46
CA ALA G 35 1.03 -37.85 11.90
C ALA G 35 1.28 -36.55 11.16
N SER G 36 1.68 -36.63 9.89
CA SER G 36 2.05 -35.45 9.11
C SER G 36 0.87 -34.90 8.33
N GLN G 37 -0.27 -34.70 8.99
CA GLN G 37 -1.39 -34.05 8.35
C GLN G 37 -1.48 -32.58 8.68
N GLU G 38 -1.04 -32.18 9.86
CA GLU G 38 -1.07 -30.79 10.29
C GLU G 38 0.32 -30.19 10.38
N TRP G 39 1.21 -30.60 9.49
CA TRP G 39 2.54 -30.00 9.43
C TRP G 39 2.45 -28.62 8.80
N PRO G 40 3.17 -27.64 9.33
CA PRO G 40 3.13 -26.30 8.74
C PRO G 40 3.94 -26.22 7.46
N ALA G 41 3.55 -25.30 6.59
CA ALA G 41 4.09 -25.22 5.25
C ALA G 41 5.46 -24.54 5.24
N VAL G 42 6.14 -24.66 4.12
CA VAL G 42 7.42 -23.99 3.89
C VAL G 42 7.14 -22.68 3.18
N THR G 43 7.54 -21.58 3.78
CA THR G 43 7.29 -20.25 3.25
C THR G 43 8.53 -19.70 2.54
N VAL G 44 8.29 -18.75 1.65
CA VAL G 44 9.33 -18.10 0.84
C VAL G 44 9.68 -16.78 1.50
N ARG G 45 10.97 -16.53 1.68
CA ARG G 45 11.48 -15.26 2.19
C ARG G 45 12.37 -14.62 1.13
N GLU G 46 12.91 -13.45 1.43
CA GLU G 46 13.91 -12.82 0.57
C GLU G 46 15.09 -12.33 1.38
N LYS G 47 16.21 -12.16 0.70
CA LYS G 47 17.43 -11.69 1.34
C LYS G 47 18.28 -10.96 0.31
N SER G 48 19.38 -10.38 0.77
CA SER G 48 20.26 -9.56 -0.04
C SER G 48 21.52 -10.32 -0.36
N VAL G 49 22.02 -10.19 -1.57
CA VAL G 49 23.27 -10.80 -1.97
C VAL G 49 24.16 -9.72 -2.55
N ARG G 50 25.47 -9.91 -2.43
CA ARG G 50 26.47 -8.99 -2.95
C ARG G 50 27.55 -9.83 -3.65
N GLY G 51 27.52 -9.86 -4.98
CA GLY G 51 28.42 -10.69 -5.73
C GLY G 51 29.63 -9.94 -6.27
N THR G 52 30.46 -10.69 -6.98
CA THR G 52 31.65 -10.15 -7.62
C THR G 52 31.65 -10.63 -9.06
N ILE G 53 32.57 -10.11 -9.86
CA ILE G 53 32.69 -10.54 -11.26
C ILE G 53 33.40 -11.89 -11.31
N SER G 54 32.84 -12.81 -12.09
CA SER G 54 33.44 -14.14 -12.19
C SER G 54 33.32 -14.75 -13.58
N ASN G 55 32.90 -13.99 -14.59
CA ASN G 55 32.74 -14.53 -15.94
C ASN G 55 34.03 -14.38 -16.73
N ARG G 56 34.02 -14.93 -17.94
CA ARG G 56 35.17 -14.78 -18.82
C ARG G 56 35.23 -13.37 -19.39
N LEU G 57 36.44 -12.88 -19.57
CA LEU G 57 36.69 -11.57 -20.14
C LEU G 57 37.19 -11.74 -21.57
N LYS G 58 36.84 -10.78 -22.41
CA LYS G 58 37.11 -10.91 -23.84
C LYS G 58 38.54 -10.57 -24.23
N THR G 59 39.38 -10.15 -23.27
CA THR G 59 40.78 -9.74 -23.46
C THR G 59 40.92 -8.58 -24.46
N LYS G 60 39.88 -7.78 -24.58
CA LYS G 60 39.89 -6.50 -25.26
C LYS G 60 39.81 -5.36 -24.27
N ASP G 61 39.00 -5.54 -23.22
CA ASP G 61 38.95 -4.64 -22.08
C ASP G 61 39.25 -5.39 -20.78
N ARG G 62 40.16 -6.36 -20.84
CA ARG G 62 40.70 -7.00 -19.64
C ARG G 62 42.00 -6.35 -19.19
N ASP G 63 41.96 -5.03 -19.03
CA ASP G 63 43.12 -4.26 -18.61
C ASP G 63 43.35 -4.47 -17.11
N PRO G 64 44.56 -4.23 -16.62
CA PRO G 64 44.80 -4.36 -15.17
C PRO G 64 44.09 -3.32 -14.32
N ALA G 65 43.69 -2.18 -14.88
CA ALA G 65 42.97 -1.17 -14.13
C ALA G 65 41.46 -1.29 -14.24
N LYS G 66 40.96 -1.81 -15.36
CA LYS G 66 39.52 -2.00 -15.55
C LYS G 66 38.94 -3.03 -14.61
N LEU G 67 39.69 -4.11 -14.35
CA LEU G 67 39.22 -5.13 -13.42
C LEU G 67 39.14 -4.60 -12.00
N ASP G 68 40.18 -3.86 -11.57
CA ASP G 68 40.16 -3.27 -10.23
C ASP G 68 39.13 -2.16 -10.11
N ALA G 69 38.82 -1.48 -11.21
CA ALA G 69 37.74 -0.49 -11.17
C ALA G 69 36.38 -1.17 -11.07
N SER G 70 36.18 -2.28 -11.77
CA SER G 70 34.92 -3.00 -11.72
C SER G 70 34.73 -3.75 -10.42
N ILE G 71 35.81 -4.05 -9.69
CA ILE G 71 35.69 -4.70 -8.40
C ILE G 71 35.11 -3.75 -7.35
N GLN G 72 35.47 -2.46 -7.43
CA GLN G 72 35.00 -1.50 -6.44
C GLN G 72 33.50 -1.21 -6.58
N SER G 73 32.94 -1.34 -7.77
CA SER G 73 31.51 -1.18 -7.95
C SER G 73 30.85 -2.55 -7.90
N PRO G 74 30.28 -2.90 -6.74
CA PRO G 74 29.63 -4.19 -6.50
C PRO G 74 28.24 -4.27 -7.10
N ASN G 75 27.76 -5.49 -7.31
CA ASN G 75 26.42 -5.70 -7.82
C ASN G 75 25.59 -6.16 -6.64
N LEU G 76 24.54 -5.42 -6.34
CA LEU G 76 23.68 -5.74 -5.21
C LEU G 76 22.33 -6.20 -5.70
N GLN G 77 21.88 -7.34 -5.21
CA GLN G 77 20.62 -7.92 -5.64
C GLN G 77 19.84 -8.47 -4.48
N THR G 78 18.55 -8.67 -4.73
CA THR G 78 17.63 -9.28 -3.78
C THR G 78 17.10 -10.59 -4.38
N VAL G 79 17.17 -11.67 -3.61
CA VAL G 79 16.76 -12.98 -4.09
C VAL G 79 15.72 -13.58 -3.15
N ASP G 80 14.91 -14.48 -3.70
CA ASP G 80 13.97 -15.29 -2.95
C ASP G 80 14.66 -16.58 -2.50
N VAL G 81 14.26 -17.09 -1.34
CA VAL G 81 14.91 -18.25 -0.76
C VAL G 81 13.90 -19.00 0.10
N ALA G 82 14.02 -20.32 0.14
CA ALA G 82 13.17 -21.17 0.95
C ALA G 82 14.04 -22.17 1.69
N ASN G 83 13.93 -22.19 3.02
CA ASN G 83 14.70 -23.08 3.86
C ASN G 83 13.76 -23.90 4.72
N LEU G 84 14.29 -24.96 5.32
CA LEU G 84 13.58 -25.68 6.35
C LEU G 84 13.67 -24.90 7.67
N PRO G 85 12.75 -25.13 8.60
CA PRO G 85 12.92 -24.56 9.94
C PRO G 85 14.08 -25.23 10.67
N SER G 86 14.60 -24.52 11.67
CA SER G 86 15.77 -25.00 12.38
C SER G 86 15.47 -26.10 13.39
N ASP G 87 14.19 -26.41 13.62
CA ASP G 87 13.78 -27.51 14.46
C ASP G 87 13.14 -28.63 13.67
N ALA G 88 13.41 -28.70 12.37
CA ALA G 88 12.78 -29.66 11.47
C ALA G 88 13.81 -30.12 10.47
N ASP G 89 13.80 -31.42 10.14
CA ASP G 89 14.79 -31.97 9.24
C ASP G 89 14.24 -32.69 8.03
N THR G 90 12.93 -32.86 7.88
CA THR G 90 12.38 -33.52 6.71
C THR G 90 11.48 -32.60 5.93
N LEU G 91 11.53 -32.78 4.61
CA LEU G 91 10.63 -32.15 3.67
C LEU G 91 9.57 -33.14 3.24
N LYS G 92 8.33 -32.69 3.13
CA LYS G 92 7.20 -33.49 2.67
C LYS G 92 6.61 -32.85 1.43
N VAL G 93 6.48 -33.62 0.36
CA VAL G 93 5.92 -33.14 -0.91
C VAL G 93 4.73 -34.01 -1.26
N ARG G 94 3.58 -33.39 -1.50
CA ARG G 94 2.33 -34.12 -1.73
C ARG G 94 1.64 -33.64 -2.99
N PHE G 95 1.20 -34.57 -3.84
CA PHE G 95 0.33 -34.20 -4.96
C PHE G 95 -0.61 -35.36 -5.27
N THR G 96 -1.49 -35.13 -6.26
CA THR G 96 -2.40 -36.15 -6.77
C THR G 96 -2.17 -36.33 -8.27
N LEU G 97 -2.59 -37.47 -8.78
CA LEU G 97 -2.39 -37.84 -10.17
C LEU G 97 -3.61 -38.61 -10.64
N ARG G 98 -4.02 -38.39 -11.89
CA ARG G 98 -5.08 -39.22 -12.43
C ARG G 98 -4.73 -39.71 -13.82
N VAL G 99 -5.10 -40.96 -14.08
CA VAL G 99 -4.79 -41.65 -15.33
C VAL G 99 -6.09 -41.81 -16.12
N LEU G 100 -6.11 -41.30 -17.34
CA LEU G 100 -7.39 -41.15 -18.05
C LEU G 100 -7.70 -42.31 -18.97
N GLY G 101 -6.86 -42.55 -19.97
CA GLY G 101 -7.10 -43.69 -20.84
C GLY G 101 -7.92 -43.34 -22.07
N GLY G 102 -7.85 -44.22 -23.05
CA GLY G 102 -8.33 -43.90 -24.38
C GLY G 102 -7.29 -43.12 -25.13
N ALA G 103 -6.08 -43.67 -25.22
CA ALA G 103 -4.90 -42.94 -25.64
C ALA G 103 -4.60 -43.06 -27.13
N GLY G 104 -5.53 -43.58 -27.91
CA GLY G 104 -5.31 -43.66 -29.34
C GLY G 104 -6.18 -42.72 -30.13
N THR G 105 -7.35 -42.42 -29.60
CA THR G 105 -8.31 -41.58 -30.30
C THR G 105 -7.89 -40.12 -30.18
N PRO G 106 -7.82 -39.39 -31.30
CA PRO G 106 -7.40 -37.99 -31.24
C PRO G 106 -8.50 -37.10 -30.69
N SER G 107 -8.16 -35.82 -30.54
CA SER G 107 -9.09 -34.80 -30.07
C SER G 107 -9.71 -34.03 -31.23
N ALA G 108 -8.95 -33.80 -32.29
CA ALA G 108 -9.43 -33.15 -33.49
C ALA G 108 -8.86 -33.87 -34.70
N CYS G 109 -9.65 -33.96 -35.76
CA CYS G 109 -9.19 -34.60 -36.99
C CYS G 109 -10.01 -34.10 -38.17
N ASN G 110 -9.32 -33.77 -39.26
CA ASN G 110 -10.00 -33.41 -40.50
C ASN G 110 -10.45 -34.64 -41.27
N ASP G 111 -9.49 -35.46 -41.68
CA ASP G 111 -9.76 -36.62 -42.51
C ASP G 111 -10.39 -37.73 -41.69
N ALA G 112 -11.38 -38.40 -42.28
CA ALA G 112 -11.98 -39.57 -41.66
C ALA G 112 -11.39 -40.88 -42.16
N ALA G 113 -10.65 -40.84 -43.27
CA ALA G 113 -9.93 -42.01 -43.74
C ALA G 113 -8.61 -42.20 -43.03
N TYR G 114 -8.05 -41.13 -42.46
CA TYR G 114 -6.81 -41.23 -41.71
C TYR G 114 -7.06 -41.72 -40.28
N ARG G 115 -8.10 -41.20 -39.63
CA ARG G 115 -8.31 -41.52 -38.22
C ARG G 115 -8.79 -42.94 -38.03
N ASP G 116 -9.47 -43.52 -39.03
CA ASP G 116 -9.94 -44.90 -38.90
C ASP G 116 -8.79 -45.88 -38.95
N LYS G 117 -7.85 -45.67 -39.86
CA LYS G 117 -6.70 -46.57 -39.91
C LYS G 117 -5.67 -46.25 -38.82
N LEU G 118 -5.66 -45.03 -38.28
CA LEU G 118 -4.84 -44.77 -37.11
C LEU G 118 -5.38 -45.49 -35.88
N LEU G 119 -6.70 -45.47 -35.69
CA LEU G 119 -7.31 -46.24 -34.62
C LEU G 119 -7.12 -47.74 -34.83
N GLN G 120 -7.07 -48.18 -36.09
CA GLN G 120 -6.77 -49.58 -36.39
C GLN G 120 -5.35 -49.95 -35.99
N THR G 121 -4.38 -49.06 -36.25
CA THR G 121 -2.99 -49.33 -35.88
C THR G 121 -2.81 -49.37 -34.37
N VAL G 122 -3.39 -48.41 -33.66
CA VAL G 122 -3.29 -48.40 -32.20
C VAL G 122 -4.03 -49.60 -31.61
N ALA G 123 -5.14 -50.01 -32.22
CA ALA G 123 -5.90 -51.15 -31.71
C ALA G 123 -5.13 -52.45 -31.91
N THR G 124 -4.41 -52.59 -33.03
CA THR G 124 -3.61 -53.79 -33.18
C THR G 124 -2.38 -53.76 -32.29
N TYR G 125 -1.90 -52.57 -31.89
CA TYR G 125 -0.82 -52.52 -30.89
C TYR G 125 -1.32 -52.99 -29.54
N VAL G 126 -2.45 -52.45 -29.07
CA VAL G 126 -2.97 -52.80 -27.74
C VAL G 126 -3.42 -54.26 -27.70
N ASN G 127 -3.93 -54.78 -28.81
CA ASN G 127 -4.28 -56.19 -28.85
C ASN G 127 -3.04 -57.08 -28.91
N GLU G 128 -1.97 -56.62 -29.55
CA GLU G 128 -0.76 -57.43 -29.65
C GLU G 128 -0.02 -57.51 -28.32
N GLN G 129 0.01 -56.41 -27.57
CA GLN G 129 0.61 -56.34 -26.25
C GLN G 129 -0.03 -55.19 -25.52
N GLY G 130 -0.27 -55.37 -24.23
CA GLY G 130 -1.01 -54.39 -23.46
C GLY G 130 -0.20 -53.14 -23.18
N PHE G 131 -0.68 -52.39 -22.19
CA PHE G 131 0.06 -51.24 -21.71
C PHE G 131 1.00 -51.59 -20.56
N ALA G 132 1.48 -52.83 -20.49
CA ALA G 132 2.17 -53.32 -19.31
C ALA G 132 3.60 -52.79 -19.21
N GLU G 133 4.31 -52.69 -20.33
CA GLU G 133 5.68 -52.20 -20.30
C GLU G 133 5.73 -50.72 -19.96
N LEU G 134 4.89 -49.92 -20.61
CA LEU G 134 4.84 -48.48 -20.35
C LEU G 134 4.37 -48.19 -18.93
N ALA G 135 3.41 -48.97 -18.41
CA ALA G 135 2.95 -48.73 -17.05
C ALA G 135 3.97 -49.20 -16.02
N ARG G 136 4.77 -50.22 -16.34
CA ARG G 136 5.87 -50.61 -15.47
C ARG G 136 6.91 -49.49 -15.37
N ARG G 137 7.29 -48.94 -16.52
CA ARG G 137 8.25 -47.85 -16.51
C ARG G 137 7.67 -46.55 -15.95
N TYR G 138 6.35 -46.38 -15.98
CA TYR G 138 5.73 -45.21 -15.36
C TYR G 138 5.66 -45.37 -13.84
N ALA G 139 5.43 -46.59 -13.36
CA ALA G 139 5.38 -46.80 -11.92
C ALA G 139 6.76 -46.80 -11.28
N HIS G 140 7.80 -47.11 -12.05
CA HIS G 140 9.17 -46.98 -11.54
C HIS G 140 9.49 -45.54 -11.17
N ASN G 141 9.06 -44.58 -11.97
CA ASN G 141 9.38 -43.19 -11.73
C ASN G 141 8.54 -42.56 -10.62
N LEU G 142 7.51 -43.25 -10.13
CA LEU G 142 6.86 -42.88 -8.89
C LEU G 142 7.46 -43.60 -7.69
N ALA G 143 8.03 -44.78 -7.90
CA ALA G 143 8.69 -45.51 -6.83
C ALA G 143 9.96 -44.81 -6.38
N ASN G 144 10.94 -44.64 -7.28
CA ASN G 144 12.08 -43.77 -7.00
C ASN G 144 11.64 -42.33 -7.20
N ALA G 145 11.79 -41.51 -6.17
CA ALA G 145 11.15 -40.19 -6.17
C ALA G 145 11.89 -39.22 -7.08
N ARG G 146 11.76 -39.41 -8.39
CA ARG G 146 12.47 -38.60 -9.36
C ARG G 146 11.90 -37.21 -9.50
N PHE G 147 10.66 -36.99 -9.04
CA PHE G 147 10.02 -35.69 -9.16
C PHE G 147 10.58 -34.65 -8.20
N LEU G 148 11.31 -35.07 -7.17
CA LEU G 148 12.15 -34.16 -6.40
C LEU G 148 13.45 -34.00 -7.15
N TRP G 149 13.66 -32.85 -7.79
CA TRP G 149 14.78 -32.79 -8.73
C TRP G 149 16.10 -32.56 -8.02
N ARG G 150 16.28 -31.41 -7.37
CA ARG G 150 17.47 -31.14 -6.61
C ARG G 150 17.28 -31.40 -5.12
N ASN G 151 16.06 -31.70 -4.69
CA ASN G 151 15.78 -32.10 -3.32
C ASN G 151 16.07 -33.56 -3.06
N ARG G 152 16.67 -34.25 -4.03
CA ARG G 152 16.98 -35.66 -3.92
C ARG G 152 18.47 -35.94 -3.85
N VAL G 153 19.32 -35.01 -4.29
CA VAL G 153 20.76 -35.20 -4.21
C VAL G 153 21.23 -35.02 -2.78
N GLY G 154 22.13 -35.90 -2.35
CA GLY G 154 22.71 -35.82 -1.03
C GLY G 154 21.79 -36.07 0.13
N ALA G 155 20.59 -36.58 -0.12
CA ALA G 155 19.64 -36.81 0.96
C ALA G 155 20.00 -38.10 1.70
N GLU G 156 19.70 -38.11 3.00
CA GLU G 156 20.02 -39.27 3.80
C GLU G 156 19.04 -40.41 3.52
N ALA G 157 17.74 -40.13 3.52
CA ALA G 157 16.73 -41.15 3.34
C ALA G 157 15.52 -40.54 2.66
N VAL G 158 15.01 -41.22 1.62
CA VAL G 158 13.77 -40.84 0.94
C VAL G 158 12.78 -42.00 1.06
N GLU G 159 11.53 -41.68 1.35
CA GLU G 159 10.47 -42.67 1.47
C GLU G 159 9.23 -42.17 0.74
N VAL G 160 8.51 -43.07 0.07
CA VAL G 160 7.38 -42.69 -0.78
C VAL G 160 6.14 -43.49 -0.37
N ARG G 161 5.04 -42.80 -0.14
CA ARG G 161 3.74 -43.43 0.07
C ARG G 161 2.82 -43.11 -1.10
N ILE G 162 2.10 -44.11 -1.58
CA ILE G 162 1.18 -43.98 -2.71
C ILE G 162 -0.16 -44.58 -2.32
N ASN G 163 -1.23 -43.80 -2.44
CA ASN G 163 -2.58 -44.28 -2.13
C ASN G 163 -3.41 -44.44 -3.39
N HIS G 164 -4.51 -45.17 -3.27
CA HIS G 164 -5.47 -45.32 -4.37
C HIS G 164 -6.84 -44.89 -3.88
N ILE G 165 -7.45 -43.91 -4.53
CA ILE G 165 -8.65 -43.25 -4.04
C ILE G 165 -9.83 -43.68 -4.92
N ARG G 166 -10.90 -44.20 -4.31
CA ARG G 166 -12.10 -44.60 -5.03
C ARG G 166 -13.30 -43.72 -4.73
N GLN G 167 -13.62 -43.54 -3.47
CA GLN G 167 -14.48 -42.50 -2.95
C GLN G 167 -13.63 -41.78 -1.92
N GLY G 168 -14.22 -41.00 -1.04
CA GLY G 168 -13.41 -40.38 0.00
C GLY G 168 -12.86 -41.35 1.05
N GLU G 169 -12.08 -42.33 0.59
CA GLU G 169 -11.55 -43.45 1.36
C GLU G 169 -10.23 -43.85 0.72
N VAL G 170 -9.57 -44.83 1.31
CA VAL G 170 -8.32 -45.36 0.79
C VAL G 170 -8.54 -46.82 0.43
N ALA G 171 -8.30 -47.16 -0.83
CA ALA G 171 -8.53 -48.53 -1.30
C ALA G 171 -7.29 -49.39 -1.16
N ARG G 172 -6.12 -48.85 -1.47
CA ARG G 172 -4.86 -49.57 -1.33
C ARG G 172 -3.74 -48.59 -1.04
N THR G 173 -2.70 -49.09 -0.37
CA THR G 173 -1.56 -48.28 0.05
C THR G 173 -0.27 -48.98 -0.33
N TRP G 174 0.75 -48.17 -0.65
CA TRP G 174 2.07 -48.65 -1.03
C TRP G 174 3.12 -47.82 -0.30
N ARG G 175 4.17 -48.47 0.18
CA ARG G 175 5.34 -47.78 0.73
C ARG G 175 6.60 -48.26 0.02
N PHE G 176 7.48 -47.32 -0.31
CA PHE G 176 8.71 -47.64 -1.02
C PHE G 176 9.88 -46.88 -0.41
N ASP G 177 11.06 -47.51 -0.45
CA ASP G 177 12.33 -46.83 -0.21
C ASP G 177 12.87 -46.33 -1.54
N ALA G 178 12.88 -45.01 -1.71
CA ALA G 178 13.21 -44.44 -3.00
C ALA G 178 14.69 -44.48 -3.32
N LEU G 179 15.54 -44.78 -2.35
CA LEU G 179 16.97 -44.82 -2.59
C LEU G 179 17.48 -46.21 -2.94
N ALA G 180 16.77 -47.26 -2.52
CA ALA G 180 17.14 -48.62 -2.91
C ALA G 180 16.82 -48.86 -4.38
N ILE G 181 15.61 -48.52 -4.79
CA ILE G 181 15.26 -48.46 -6.21
C ILE G 181 16.06 -47.33 -6.84
N GLY G 182 16.87 -47.65 -7.83
CA GLY G 182 17.79 -46.69 -8.39
C GLY G 182 17.11 -45.72 -9.35
N LEU G 183 17.96 -44.99 -10.08
CA LEU G 183 17.53 -44.14 -11.16
C LEU G 183 18.08 -44.61 -12.50
N ARG G 184 18.51 -45.87 -12.59
CA ARG G 184 19.14 -46.41 -13.78
C ARG G 184 18.40 -47.60 -14.37
N ASP G 185 18.09 -48.60 -13.55
CA ASP G 185 17.51 -49.84 -14.04
C ASP G 185 16.00 -49.84 -13.89
N PHE G 186 15.36 -50.84 -14.50
CA PHE G 186 13.93 -51.08 -14.38
C PHE G 186 13.75 -52.54 -13.95
N LYS G 187 13.83 -52.79 -12.65
CA LYS G 187 13.76 -54.15 -12.10
C LYS G 187 12.42 -54.36 -11.42
N ALA G 188 11.78 -55.50 -11.69
CA ALA G 188 10.42 -55.75 -11.23
C ALA G 188 10.41 -56.40 -9.86
N ASP G 189 9.65 -55.82 -8.95
CA ASP G 189 9.39 -56.37 -7.63
C ASP G 189 8.06 -57.11 -7.64
N ALA G 190 7.60 -57.51 -6.46
CA ALA G 190 6.26 -58.06 -6.34
C ALA G 190 5.25 -57.00 -5.97
N GLU G 191 5.68 -55.93 -5.30
CA GLU G 191 4.79 -54.85 -4.90
C GLU G 191 4.71 -53.74 -5.95
N LEU G 192 5.74 -53.59 -6.78
CA LEU G 192 5.69 -52.63 -7.86
C LEU G 192 4.82 -53.09 -9.02
N ASP G 193 4.64 -54.40 -9.17
CA ASP G 193 3.84 -54.92 -10.28
C ASP G 193 2.35 -54.71 -10.05
N ALA G 194 1.91 -54.61 -8.80
CA ALA G 194 0.52 -54.27 -8.54
C ALA G 194 0.20 -52.84 -8.96
N LEU G 195 1.13 -51.93 -8.69
CA LEU G 195 0.99 -50.55 -9.14
C LEU G 195 1.06 -50.46 -10.66
N ALA G 196 1.92 -51.26 -11.29
CA ALA G 196 1.99 -51.28 -12.75
C ALA G 196 0.71 -51.81 -13.36
N GLU G 197 0.10 -52.83 -12.74
CA GLU G 197 -1.17 -53.36 -13.22
C GLU G 197 -2.29 -52.34 -13.07
N LEU G 198 -2.28 -51.57 -11.98
CA LEU G 198 -3.28 -50.53 -11.80
C LEU G 198 -3.14 -49.40 -12.83
N ILE G 199 -1.90 -48.97 -13.10
CA ILE G 199 -1.71 -47.89 -14.07
C ILE G 199 -2.05 -48.37 -15.49
N ALA G 200 -1.77 -49.64 -15.82
CA ALA G 200 -2.18 -50.16 -17.11
C ALA G 200 -3.70 -50.32 -17.20
N SER G 201 -4.35 -50.66 -16.09
CA SER G 201 -5.81 -50.72 -16.05
C SER G 201 -6.43 -49.35 -16.24
N GLY G 202 -5.77 -48.30 -15.78
CA GLY G 202 -6.25 -46.96 -16.05
C GLY G 202 -6.01 -46.51 -17.48
N LEU G 203 -4.83 -46.81 -18.03
CA LEU G 203 -4.50 -46.38 -19.37
C LEU G 203 -5.29 -47.12 -20.43
N SER G 204 -5.70 -48.36 -20.16
CA SER G 204 -6.47 -49.11 -21.14
C SER G 204 -7.87 -48.55 -21.29
N GLY G 205 -8.53 -48.26 -20.17
CA GLY G 205 -9.84 -47.65 -20.20
C GLY G 205 -10.83 -48.34 -19.29
N SER G 206 -10.40 -49.42 -18.65
CA SER G 206 -11.31 -50.24 -17.85
C SER G 206 -11.21 -49.89 -16.37
N GLY G 207 -11.55 -48.66 -16.03
CA GLY G 207 -11.56 -48.20 -14.66
C GLY G 207 -11.10 -46.77 -14.51
N HIS G 208 -11.49 -46.14 -13.40
CA HIS G 208 -11.07 -44.79 -13.05
C HIS G 208 -9.96 -44.86 -12.02
N VAL G 209 -8.82 -44.24 -12.31
CA VAL G 209 -7.63 -44.34 -11.49
C VAL G 209 -7.20 -42.96 -11.03
N LEU G 210 -7.29 -42.72 -9.72
CA LEU G 210 -6.80 -41.53 -9.05
C LEU G 210 -5.90 -41.94 -7.89
N LEU G 211 -4.69 -41.40 -7.89
CA LEU G 211 -3.64 -41.71 -6.94
C LEU G 211 -3.26 -40.44 -6.18
N GLU G 212 -2.77 -40.60 -4.95
CA GLU G 212 -2.07 -39.49 -4.31
C GLU G 212 -0.72 -39.95 -3.81
N VAL G 213 0.29 -39.12 -4.04
CA VAL G 213 1.69 -39.46 -3.83
C VAL G 213 2.26 -38.49 -2.81
N VAL G 214 2.83 -39.02 -1.73
CA VAL G 214 3.56 -38.25 -0.73
C VAL G 214 4.99 -38.75 -0.69
N ALA G 215 5.95 -37.83 -0.64
CA ALA G 215 7.37 -38.18 -0.54
C ALA G 215 7.99 -37.44 0.62
N PHE G 216 8.68 -38.17 1.49
CA PHE G 216 9.45 -37.61 2.59
C PHE G 216 10.93 -37.72 2.29
N ALA G 217 11.66 -36.63 2.54
CA ALA G 217 13.09 -36.59 2.31
C ALA G 217 13.76 -36.00 3.54
N ARG G 218 14.68 -36.75 4.13
CA ARG G 218 15.40 -36.28 5.32
C ARG G 218 16.68 -35.57 4.90
N ILE G 219 16.79 -34.29 5.23
CA ILE G 219 17.88 -33.46 4.72
C ILE G 219 18.75 -32.96 5.86
N GLY G 220 18.17 -32.17 6.76
CA GLY G 220 18.92 -31.55 7.84
C GLY G 220 18.16 -30.38 8.39
N ASP G 221 18.63 -29.89 9.52
CA ASP G 221 17.97 -28.79 10.21
C ASP G 221 18.34 -27.47 9.55
N GLY G 222 17.34 -26.75 9.05
CA GLY G 222 17.56 -25.43 8.49
C GLY G 222 18.15 -25.42 7.11
N GLN G 223 18.19 -26.55 6.42
CA GLN G 223 18.82 -26.64 5.11
C GLN G 223 17.88 -26.09 4.03
N GLU G 224 18.46 -25.81 2.87
CA GLU G 224 17.75 -25.14 1.79
C GLU G 224 17.03 -26.12 0.89
N VAL G 225 15.78 -25.82 0.57
CA VAL G 225 14.97 -26.61 -0.36
C VAL G 225 14.83 -25.82 -1.66
N PHE G 226 14.35 -26.50 -2.69
CA PHE G 226 14.37 -25.98 -4.06
C PHE G 226 13.00 -26.12 -4.71
N PRO G 227 12.15 -25.08 -4.65
CA PRO G 227 10.91 -25.10 -5.41
C PRO G 227 11.10 -24.67 -6.86
N SER G 228 10.00 -24.49 -7.59
CA SER G 228 10.07 -24.06 -8.99
C SER G 228 10.31 -22.57 -9.08
N GLN G 229 11.07 -22.18 -10.10
CA GLN G 229 11.52 -20.81 -10.26
C GLN G 229 10.75 -20.14 -11.38
N GLU G 230 10.46 -18.85 -11.22
CA GLU G 230 9.52 -18.12 -12.04
C GLU G 230 10.24 -17.20 -13.02
N LEU G 231 9.50 -16.70 -14.00
CA LEU G 231 10.05 -15.77 -14.98
C LEU G 231 9.94 -14.34 -14.49
N ILE G 232 11.03 -13.58 -14.67
CA ILE G 232 11.08 -12.16 -14.32
C ILE G 232 11.16 -11.40 -15.63
N LEU G 233 10.09 -10.67 -15.93
CA LEU G 233 10.00 -9.97 -17.22
C LEU G 233 11.01 -8.86 -17.49
N ASP G 234 11.24 -8.02 -16.51
CA ASP G 234 12.21 -6.94 -16.69
C ASP G 234 13.61 -7.52 -16.65
N LYS G 235 14.54 -6.90 -17.36
CA LYS G 235 15.91 -7.37 -17.38
C LYS G 235 16.53 -7.13 -16.01
N GLY G 236 17.46 -8.01 -15.61
CA GLY G 236 18.10 -7.88 -14.31
C GLY G 236 18.79 -6.54 -14.28
N ASP G 237 18.60 -5.79 -13.20
CA ASP G 237 19.15 -4.45 -13.13
C ASP G 237 20.09 -4.38 -11.92
N LYS G 238 21.30 -3.86 -12.14
CA LYS G 238 22.30 -3.74 -11.09
C LYS G 238 21.89 -2.82 -9.93
N LYS G 239 22.31 -3.16 -8.72
CA LYS G 239 22.06 -2.32 -7.56
C LYS G 239 20.63 -2.38 -7.02
N GLY G 240 20.32 -3.50 -6.36
CA GLY G 240 19.04 -3.69 -5.68
C GLY G 240 17.82 -4.28 -6.37
N GLN G 241 17.92 -4.60 -7.64
CA GLN G 241 16.80 -5.18 -8.37
C GLN G 241 16.54 -6.62 -7.92
N LYS G 242 15.28 -7.04 -7.92
CA LYS G 242 14.94 -8.42 -7.58
C LYS G 242 15.57 -9.29 -8.66
N SER G 243 16.18 -10.39 -8.29
CA SER G 243 16.88 -11.19 -9.29
C SER G 243 16.22 -12.53 -9.56
N LYS G 244 15.65 -13.17 -8.55
CA LYS G 244 14.94 -14.43 -8.77
C LYS G 244 13.72 -14.49 -7.88
N THR G 245 12.71 -15.20 -8.36
CA THR G 245 11.45 -15.40 -7.67
C THR G 245 11.10 -16.88 -7.71
N LEU G 246 10.42 -17.35 -6.66
CA LEU G 246 10.06 -18.74 -6.54
C LEU G 246 8.56 -18.91 -6.58
N TYR G 247 8.12 -20.06 -7.08
CA TYR G 247 6.70 -20.34 -7.25
C TYR G 247 6.02 -20.56 -5.91
N SER G 248 4.76 -20.13 -5.84
CA SER G 248 3.99 -20.26 -4.61
C SER G 248 2.52 -20.45 -4.95
N VAL G 249 1.80 -20.95 -3.97
CA VAL G 249 0.35 -21.12 -3.93
C VAL G 249 0.08 -20.30 -2.67
N ARG G 250 -1.07 -20.45 -2.00
CA ARG G 250 -1.47 -19.52 -0.95
C ARG G 250 -0.52 -19.57 0.24
N ASP G 251 0.59 -18.83 0.11
CA ASP G 251 1.67 -18.74 1.10
C ASP G 251 2.27 -20.10 1.44
N ALA G 252 2.69 -20.81 0.40
CA ALA G 252 3.38 -22.08 0.53
C ALA G 252 4.16 -22.33 -0.75
N ALA G 253 5.40 -22.81 -0.62
CA ALA G 253 6.22 -23.08 -1.78
C ALA G 253 5.68 -24.29 -2.54
N ALA G 254 6.00 -24.37 -3.83
CA ALA G 254 5.41 -25.41 -4.66
C ALA G 254 6.28 -25.68 -5.87
N ILE G 255 5.97 -26.79 -6.54
CA ILE G 255 6.58 -27.17 -7.81
C ILE G 255 5.48 -27.16 -8.86
N HIS G 256 5.84 -26.73 -10.07
CA HIS G 256 4.90 -26.69 -11.19
C HIS G 256 4.42 -28.09 -11.53
N SER G 257 3.23 -28.17 -12.14
CA SER G 257 2.71 -29.48 -12.51
C SER G 257 3.42 -30.05 -13.72
N GLN G 258 3.89 -29.19 -14.64
CA GLN G 258 4.61 -29.69 -15.78
C GLN G 258 6.00 -30.17 -15.42
N LYS G 259 6.58 -29.68 -14.32
CA LYS G 259 7.90 -30.17 -13.94
C LYS G 259 7.83 -31.53 -13.28
N ILE G 260 6.82 -31.80 -12.45
CA ILE G 260 6.68 -33.15 -11.94
C ILE G 260 6.03 -34.06 -12.96
N GLY G 261 5.47 -33.52 -14.04
CA GLY G 261 5.05 -34.36 -15.15
C GLY G 261 6.18 -34.74 -16.06
N ASN G 262 7.21 -33.91 -16.15
CA ASN G 262 8.39 -34.25 -16.96
C ASN G 262 9.18 -35.39 -16.33
N ALA G 263 9.14 -35.53 -15.02
CA ALA G 263 9.87 -36.57 -14.31
C ALA G 263 9.13 -37.89 -14.27
N LEU G 264 7.97 -37.99 -14.91
CA LEU G 264 7.25 -39.25 -15.03
C LEU G 264 7.48 -39.93 -16.37
N ARG G 265 7.67 -39.16 -17.45
CA ARG G 265 7.90 -39.73 -18.76
C ARG G 265 9.38 -39.82 -19.10
N THR G 266 10.26 -39.80 -18.10
CA THR G 266 11.64 -40.18 -18.35
C THR G 266 11.69 -41.69 -18.50
N ILE G 267 11.45 -42.18 -19.71
CA ILE G 267 11.15 -43.57 -19.97
C ILE G 267 12.15 -44.20 -20.93
N ASP G 268 12.41 -43.53 -22.05
CA ASP G 268 12.99 -44.25 -23.18
C ASP G 268 14.49 -44.44 -23.01
N THR G 269 14.91 -45.69 -23.12
CA THR G 269 16.31 -46.08 -23.19
C THR G 269 16.68 -46.57 -24.58
N TRP G 270 15.78 -46.40 -25.55
CA TRP G 270 15.90 -47.02 -26.86
C TRP G 270 16.54 -46.11 -27.89
N TYR G 271 17.04 -44.95 -27.48
CA TYR G 271 17.64 -44.01 -28.42
C TYR G 271 19.00 -44.54 -28.88
N PRO G 272 19.40 -44.30 -30.14
CA PRO G 272 20.52 -45.04 -30.72
C PRO G 272 21.89 -44.66 -30.20
N ASP G 273 22.03 -43.59 -29.42
CA ASP G 273 23.34 -43.20 -28.92
C ASP G 273 23.81 -44.18 -27.85
N GLU G 274 23.07 -44.28 -26.76
CA GLU G 274 23.42 -45.17 -25.66
C GLU G 274 22.16 -45.57 -24.93
N ASP G 275 22.30 -46.55 -24.05
CA ASP G 275 21.17 -47.02 -23.24
C ASP G 275 21.60 -47.13 -21.79
N GLY G 276 22.92 -47.24 -21.56
CA GLY G 276 23.52 -47.28 -20.25
C GLY G 276 23.85 -45.92 -19.66
N LEU G 277 23.56 -44.85 -20.39
CA LEU G 277 23.76 -43.49 -19.89
C LEU G 277 22.49 -42.89 -19.31
N GLY G 278 21.51 -43.72 -18.98
CA GLY G 278 20.32 -43.27 -18.31
C GLY G 278 19.15 -43.07 -19.26
N PRO G 279 17.94 -43.23 -18.75
CA PRO G 279 16.75 -42.91 -19.54
C PRO G 279 16.50 -41.41 -19.59
N ILE G 280 16.03 -40.96 -20.76
CA ILE G 280 15.68 -39.55 -20.95
C ILE G 280 14.18 -39.45 -21.14
N ALA G 281 13.66 -38.23 -21.28
CA ALA G 281 12.23 -38.01 -21.39
C ALA G 281 11.78 -38.19 -22.84
N VAL G 282 10.56 -38.71 -23.01
CA VAL G 282 10.03 -38.96 -24.34
C VAL G 282 9.61 -37.64 -24.99
N GLU G 283 10.08 -37.41 -26.21
CA GLU G 283 9.90 -36.17 -26.96
C GLU G 283 10.11 -36.48 -28.42
N PRO G 284 9.56 -35.68 -29.32
CA PRO G 284 10.00 -35.74 -30.72
C PRO G 284 11.40 -35.15 -30.83
N TYR G 285 12.27 -35.84 -31.55
CA TYR G 285 13.72 -35.56 -31.61
C TYR G 285 14.30 -35.48 -30.20
N GLY G 286 14.29 -36.62 -29.51
CA GLY G 286 14.46 -36.71 -28.07
C GLY G 286 15.68 -36.03 -27.51
N SER G 287 15.45 -34.90 -26.84
CA SER G 287 16.48 -33.90 -26.62
C SER G 287 16.54 -33.50 -25.16
N VAL G 288 17.76 -33.36 -24.67
CA VAL G 288 18.03 -32.83 -23.34
C VAL G 288 18.57 -31.42 -23.51
N THR G 289 17.93 -30.46 -22.85
CA THR G 289 18.36 -29.08 -22.98
C THR G 289 19.56 -28.77 -22.08
N SER G 290 19.79 -29.59 -21.06
CA SER G 290 20.99 -29.42 -20.25
C SER G 290 22.24 -29.84 -21.02
N GLN G 291 22.12 -30.87 -21.87
CA GLN G 291 23.24 -31.32 -22.67
C GLN G 291 23.41 -30.52 -23.95
N GLY G 292 22.37 -29.83 -24.39
CA GLY G 292 22.46 -29.04 -25.61
C GLY G 292 22.49 -29.82 -26.89
N LYS G 293 22.04 -31.07 -26.90
CA LYS G 293 22.07 -31.90 -28.09
C LYS G 293 20.76 -32.64 -28.25
N ALA G 294 20.58 -33.23 -29.42
CA ALA G 294 19.39 -33.98 -29.77
C ALA G 294 19.79 -35.41 -30.10
N TYR G 295 19.39 -36.35 -29.25
CA TYR G 295 19.30 -37.72 -29.68
C TYR G 295 18.03 -37.86 -30.53
N ARG G 296 17.95 -38.96 -31.26
CA ARG G 296 16.89 -39.21 -32.26
C ARG G 296 16.82 -38.09 -33.28
N GLN G 297 17.91 -37.90 -34.00
CA GLN G 297 17.96 -36.88 -35.04
C GLN G 297 17.07 -37.30 -36.21
N PRO G 298 16.53 -36.33 -36.97
CA PRO G 298 15.80 -36.68 -38.19
C PRO G 298 16.68 -37.15 -39.33
N LYS G 299 18.01 -37.04 -39.22
CA LYS G 299 18.89 -37.59 -40.25
C LYS G 299 18.86 -39.11 -40.22
N GLN G 300 18.67 -39.70 -39.05
CA GLN G 300 18.36 -41.12 -38.95
C GLN G 300 16.87 -41.30 -39.15
N LYS G 301 16.36 -42.49 -38.89
CA LYS G 301 14.95 -42.77 -39.11
C LYS G 301 14.21 -43.03 -37.80
N LEU G 302 14.61 -42.35 -36.72
CA LEU G 302 14.18 -42.74 -35.39
C LEU G 302 13.51 -41.62 -34.61
N ASP G 303 13.11 -40.54 -35.27
CA ASP G 303 12.28 -39.54 -34.59
C ASP G 303 10.82 -39.95 -34.68
N PHE G 304 9.96 -39.17 -34.03
CA PHE G 304 8.56 -39.53 -33.91
C PHE G 304 7.83 -39.38 -35.23
N TYR G 305 8.14 -38.31 -35.97
CA TYR G 305 7.40 -38.02 -37.19
C TYR G 305 7.80 -38.92 -38.35
N THR G 306 8.94 -39.59 -38.28
CA THR G 306 9.28 -40.55 -39.30
C THR G 306 8.65 -41.91 -39.02
N LEU G 307 8.73 -42.36 -37.77
CA LEU G 307 8.18 -43.64 -37.39
C LEU G 307 6.66 -43.65 -37.49
N LEU G 308 6.02 -42.55 -37.11
CA LEU G 308 4.56 -42.48 -37.20
C LEU G 308 4.10 -42.43 -38.65
N ASP G 309 4.81 -41.69 -39.49
CA ASP G 309 4.40 -41.60 -40.88
C ASP G 309 4.76 -42.83 -41.69
N ASN G 310 5.65 -43.68 -41.20
CA ASN G 310 5.87 -44.95 -41.88
C ASN G 310 4.99 -46.07 -41.34
N TRP G 311 4.54 -45.96 -40.08
CA TRP G 311 3.72 -47.01 -39.51
C TRP G 311 2.27 -46.93 -39.98
N VAL G 312 1.80 -45.74 -40.37
CA VAL G 312 0.41 -45.54 -40.74
C VAL G 312 0.23 -45.43 -42.25
N LEU G 313 1.09 -44.67 -42.92
CA LEU G 313 0.90 -44.43 -44.34
C LEU G 313 1.43 -45.58 -45.20
N ARG G 314 2.46 -46.28 -44.75
CA ARG G 314 3.07 -47.34 -45.55
C ARG G 314 3.03 -48.70 -44.89
N ASP G 315 2.56 -48.79 -43.64
CA ASP G 315 2.44 -50.03 -42.86
C ASP G 315 3.78 -50.75 -42.71
N GLU G 316 4.75 -50.04 -42.14
CA GLU G 316 6.07 -50.59 -41.88
C GLU G 316 6.36 -50.56 -40.40
N ALA G 317 6.04 -51.64 -39.69
CA ALA G 317 6.29 -51.72 -38.25
C ALA G 317 7.75 -51.43 -37.97
N PRO G 318 8.03 -50.55 -36.99
CA PRO G 318 9.40 -50.15 -36.68
C PRO G 318 10.05 -50.81 -35.46
N ALA G 319 9.84 -52.12 -35.26
CA ALA G 319 10.37 -52.94 -34.15
C ALA G 319 9.77 -52.67 -32.76
N VAL G 320 9.40 -53.74 -32.07
CA VAL G 320 8.80 -53.69 -30.75
C VAL G 320 9.42 -52.71 -29.77
N GLU G 321 10.74 -52.62 -29.74
CA GLU G 321 11.40 -51.70 -28.83
C GLU G 321 11.03 -50.24 -29.13
N GLN G 322 10.97 -49.90 -30.41
CA GLN G 322 10.65 -48.54 -30.79
C GLN G 322 9.16 -48.24 -30.95
N GLN G 323 8.33 -49.24 -30.70
CA GLN G 323 6.90 -49.01 -30.78
C GLN G 323 6.33 -48.48 -29.48
N HIS G 324 7.05 -48.64 -28.37
CA HIS G 324 6.62 -48.00 -27.12
C HIS G 324 6.91 -46.52 -27.13
N TYR G 325 7.87 -46.08 -27.93
CA TYR G 325 8.20 -44.67 -28.04
C TYR G 325 7.06 -43.88 -28.68
N VAL G 326 6.45 -44.44 -29.73
CA VAL G 326 5.36 -43.76 -30.43
C VAL G 326 4.11 -43.69 -29.56
N ILE G 327 3.81 -44.78 -28.85
CA ILE G 327 2.64 -44.79 -27.99
C ILE G 327 2.83 -43.89 -26.78
N ALA G 328 4.07 -43.81 -26.26
CA ALA G 328 4.34 -42.89 -25.17
C ALA G 328 4.22 -41.44 -25.62
N ASN G 329 4.62 -41.15 -26.86
CA ASN G 329 4.41 -39.82 -27.42
C ASN G 329 2.94 -39.50 -27.62
N LEU G 330 2.12 -40.49 -27.95
CA LEU G 330 0.68 -40.24 -28.08
C LEU G 330 0.03 -40.05 -26.72
N ILE G 331 0.54 -40.71 -25.68
CA ILE G 331 0.06 -40.48 -24.32
C ILE G 331 0.47 -39.10 -23.85
N ARG G 332 1.59 -38.58 -24.35
CA ARG G 332 2.04 -37.24 -23.97
C ARG G 332 1.13 -36.14 -24.49
N GLY G 333 0.76 -36.18 -25.78
CA GLY G 333 -0.11 -35.19 -26.36
C GLY G 333 0.62 -34.23 -27.28
N GLY G 334 -0.14 -33.43 -28.02
CA GLY G 334 0.42 -32.41 -28.87
C GLY G 334 -0.40 -32.22 -30.13
N VAL G 335 0.11 -31.37 -31.01
CA VAL G 335 -0.49 -31.12 -32.33
C VAL G 335 0.50 -31.66 -33.35
N PHE G 336 0.12 -32.76 -33.99
CA PHE G 336 0.89 -33.35 -35.07
C PHE G 336 0.15 -33.13 -36.38
N GLY G 337 0.86 -33.26 -37.49
CA GLY G 337 0.22 -32.99 -38.76
C GLY G 337 0.61 -31.64 -39.32
N GLU G 338 -0.23 -31.08 -40.17
CA GLU G 338 0.13 -29.87 -40.89
C GLU G 338 -0.76 -28.68 -40.54
N LEU H 6 -44.83 -14.58 -55.61
CA LEU H 6 -44.22 -14.16 -54.35
C LEU H 6 -42.76 -14.56 -54.30
N SER H 7 -42.00 -13.98 -53.39
CA SER H 7 -40.59 -14.29 -53.25
C SER H 7 -40.17 -14.10 -51.79
N THR H 8 -38.89 -14.31 -51.54
CA THR H 8 -38.32 -14.16 -50.21
C THR H 8 -38.18 -12.69 -49.88
N ALA H 9 -38.47 -12.33 -48.63
CA ALA H 9 -38.28 -10.96 -48.16
C ALA H 9 -36.80 -10.60 -48.19
N SER H 10 -36.51 -9.34 -48.55
CA SER H 10 -35.13 -8.90 -48.67
C SER H 10 -34.50 -8.60 -47.32
N VAL H 11 -35.32 -8.50 -46.27
CA VAL H 11 -34.84 -8.28 -44.91
C VAL H 11 -35.57 -9.28 -44.03
N LEU H 12 -34.83 -10.22 -43.46
CA LEU H 12 -35.42 -11.28 -42.66
C LEU H 12 -34.52 -11.52 -41.46
N ALA H 13 -35.10 -11.61 -40.27
CA ALA H 13 -34.30 -11.78 -39.07
C ALA H 13 -35.14 -12.48 -38.01
N PHE H 14 -34.47 -13.26 -37.17
CA PHE H 14 -35.10 -13.99 -36.08
C PHE H 14 -34.31 -13.73 -34.81
N GLU H 15 -34.96 -13.91 -33.67
CA GLU H 15 -34.35 -13.62 -32.39
C GLU H 15 -34.06 -14.91 -31.64
N ARG H 16 -32.99 -14.89 -30.85
CA ARG H 16 -32.53 -16.04 -30.11
C ARG H 16 -33.47 -16.36 -28.96
N LYS H 17 -34.12 -17.52 -29.03
CA LYS H 17 -34.79 -18.12 -27.89
C LYS H 17 -33.80 -19.08 -27.23
N LEU H 18 -34.10 -19.46 -25.98
CA LEU H 18 -33.21 -20.25 -25.13
C LEU H 18 -31.83 -19.60 -24.99
N ASP H 19 -31.80 -18.47 -24.28
CA ASP H 19 -30.53 -17.82 -24.00
C ASP H 19 -30.06 -18.10 -22.58
N PRO H 20 -28.86 -18.65 -22.41
CA PRO H 20 -28.32 -18.84 -21.06
C PRO H 20 -27.51 -17.63 -20.61
N SER H 21 -26.91 -17.72 -19.43
CA SER H 21 -26.01 -16.71 -18.91
C SER H 21 -24.61 -17.28 -18.81
N ASP H 22 -23.67 -16.47 -18.32
CA ASP H 22 -22.35 -16.99 -18.04
C ASP H 22 -22.40 -17.85 -16.78
N ALA H 23 -21.83 -19.04 -16.85
CA ALA H 23 -21.81 -19.94 -15.71
C ALA H 23 -20.63 -19.61 -14.81
N LEU H 24 -20.83 -19.77 -13.52
CA LEU H 24 -19.78 -19.47 -12.56
C LEU H 24 -19.33 -20.74 -11.87
N MET H 25 -18.03 -20.79 -11.53
CA MET H 25 -17.37 -21.98 -11.03
C MET H 25 -16.90 -21.75 -9.59
N SER H 26 -17.26 -22.67 -8.71
CA SER H 26 -16.80 -22.67 -7.32
C SER H 26 -16.38 -24.08 -6.93
N ALA H 27 -15.85 -24.23 -5.72
CA ALA H 27 -15.20 -25.49 -5.34
C ALA H 27 -15.55 -25.86 -3.91
N GLY H 28 -15.50 -27.16 -3.64
CA GLY H 28 -15.78 -27.67 -2.32
C GLY H 28 -15.58 -29.17 -2.23
N ALA H 29 -16.34 -29.84 -1.36
CA ALA H 29 -16.20 -31.27 -1.15
C ALA H 29 -17.52 -31.96 -1.41
N TRP H 30 -17.44 -33.19 -1.93
CA TRP H 30 -18.61 -34.04 -2.12
C TRP H 30 -19.22 -34.40 -0.77
N ALA H 31 -20.50 -34.79 -0.81
CA ALA H 31 -21.36 -35.07 0.33
C ALA H 31 -21.58 -33.86 1.24
N GLN H 32 -21.26 -32.65 0.75
CA GLN H 32 -21.73 -31.40 1.32
C GLN H 32 -22.28 -30.51 0.23
N ARG H 33 -22.57 -31.09 -0.94
CA ARG H 33 -22.95 -30.30 -2.11
C ARG H 33 -24.36 -29.76 -2.01
N ASP H 34 -25.15 -30.24 -1.05
CA ASP H 34 -26.50 -29.74 -0.82
C ASP H 34 -26.51 -28.48 0.02
N ALA H 35 -25.38 -28.08 0.57
CA ALA H 35 -25.22 -26.81 1.27
C ALA H 35 -24.16 -25.96 0.58
N SER H 36 -24.14 -26.00 -0.75
CA SER H 36 -23.09 -25.35 -1.53
C SER H 36 -23.45 -23.94 -1.95
N GLN H 37 -23.89 -23.13 -0.99
CA GLN H 37 -24.22 -21.74 -1.27
C GLN H 37 -23.14 -20.79 -0.81
N GLU H 38 -22.25 -21.25 0.06
CA GLU H 38 -21.14 -20.44 0.55
C GLU H 38 -19.80 -21.01 0.11
N TRP H 39 -19.79 -21.82 -0.95
CA TRP H 39 -18.55 -22.36 -1.47
C TRP H 39 -17.76 -21.25 -2.13
N PRO H 40 -16.46 -21.15 -1.86
CA PRO H 40 -15.67 -20.06 -2.45
C PRO H 40 -15.38 -20.30 -3.92
N ALA H 41 -15.18 -19.20 -4.64
CA ALA H 41 -15.00 -19.26 -6.08
C ALA H 41 -13.58 -19.66 -6.44
N VAL H 42 -13.43 -20.33 -7.57
CA VAL H 42 -12.10 -20.63 -8.07
C VAL H 42 -11.57 -19.41 -8.80
N THR H 43 -10.27 -19.21 -8.73
CA THR H 43 -9.64 -17.98 -9.18
C THR H 43 -8.60 -18.28 -10.23
N VAL H 44 -8.33 -17.30 -11.08
CA VAL H 44 -7.36 -17.43 -12.14
C VAL H 44 -6.01 -16.92 -11.65
N ARG H 45 -4.97 -17.73 -11.82
CA ARG H 45 -3.62 -17.39 -11.40
C ARG H 45 -2.71 -17.45 -12.62
N GLU H 46 -1.43 -17.19 -12.40
CA GLU H 46 -0.44 -17.18 -13.47
C GLU H 46 0.73 -18.09 -13.11
N LYS H 47 1.31 -18.72 -14.12
CA LYS H 47 2.56 -19.44 -13.93
C LYS H 47 3.37 -19.30 -15.20
N SER H 48 4.61 -19.76 -15.15
CA SER H 48 5.54 -19.63 -16.27
C SER H 48 5.92 -21.00 -16.79
N VAL H 49 5.96 -21.15 -18.11
CA VAL H 49 6.34 -22.42 -18.73
C VAL H 49 7.58 -22.19 -19.59
N ARG H 50 8.32 -23.28 -19.80
CA ARG H 50 9.50 -23.28 -20.66
C ARG H 50 9.56 -24.62 -21.37
N GLY H 51 9.47 -24.61 -22.70
CA GLY H 51 9.56 -25.80 -23.49
C GLY H 51 10.63 -25.69 -24.56
N THR H 52 10.80 -26.79 -25.30
CA THR H 52 11.80 -26.89 -26.35
C THR H 52 11.10 -27.08 -27.69
N ILE H 53 11.89 -27.33 -28.73
CA ILE H 53 11.38 -27.49 -30.08
C ILE H 53 10.74 -28.87 -30.20
N SER H 54 9.44 -28.91 -30.44
CA SER H 54 8.74 -30.18 -30.64
C SER H 54 7.77 -30.13 -31.82
N ASN H 55 7.83 -29.10 -32.64
CA ASN H 55 6.93 -29.00 -33.78
C ASN H 55 7.56 -29.62 -35.02
N ARG H 56 6.71 -29.97 -35.97
CA ARG H 56 7.13 -30.64 -37.20
C ARG H 56 7.87 -29.65 -38.07
N LEU H 57 9.19 -29.66 -38.00
CA LEU H 57 10.00 -28.66 -38.69
C LEU H 57 10.08 -28.97 -40.18
N LYS H 58 10.73 -28.06 -40.92
CA LYS H 58 10.64 -28.01 -42.37
C LYS H 58 11.39 -29.18 -43.01
N THR H 59 11.00 -29.47 -44.25
CA THR H 59 11.44 -30.70 -44.91
C THR H 59 12.87 -30.63 -45.42
N LYS H 60 13.51 -29.46 -45.39
CA LYS H 60 14.89 -29.36 -45.83
C LYS H 60 15.72 -28.46 -44.93
N ASP H 61 15.18 -27.96 -43.83
CA ASP H 61 15.93 -27.17 -42.86
C ASP H 61 16.07 -27.93 -41.54
N ARG H 62 16.28 -29.24 -41.62
CA ARG H 62 16.45 -30.08 -40.44
C ARG H 62 17.86 -29.96 -39.89
N ASP H 63 18.87 -30.35 -40.70
CA ASP H 63 20.29 -30.00 -40.52
C ASP H 63 20.88 -30.34 -39.16
N PRO H 64 21.32 -31.59 -38.94
CA PRO H 64 21.60 -32.09 -37.58
C PRO H 64 22.62 -31.31 -36.73
N ALA H 65 23.35 -30.35 -37.30
CA ALA H 65 24.12 -29.42 -36.49
C ALA H 65 23.34 -28.17 -36.14
N LYS H 66 22.32 -27.82 -36.94
CA LYS H 66 21.53 -26.63 -36.66
C LYS H 66 20.45 -26.89 -35.62
N LEU H 67 19.94 -28.13 -35.55
CA LEU H 67 18.94 -28.46 -34.54
C LEU H 67 19.55 -28.48 -33.14
N ASP H 68 20.82 -28.89 -33.04
CA ASP H 68 21.51 -28.82 -31.75
C ASP H 68 21.76 -27.38 -31.32
N ALA H 69 22.07 -26.50 -32.26
CA ALA H 69 22.25 -25.09 -31.93
C ALA H 69 20.93 -24.40 -31.63
N SER H 70 19.83 -24.88 -32.16
CA SER H 70 18.53 -24.31 -31.89
C SER H 70 17.87 -24.90 -30.64
N ILE H 71 18.38 -26.02 -30.12
CA ILE H 71 17.79 -26.59 -28.93
C ILE H 71 18.25 -25.86 -27.67
N GLN H 72 19.44 -25.26 -27.70
CA GLN H 72 20.00 -24.57 -26.55
C GLN H 72 19.26 -23.28 -26.18
N SER H 73 18.41 -22.76 -27.05
CA SER H 73 17.58 -21.60 -26.73
C SER H 73 16.13 -22.05 -26.65
N PRO H 74 15.54 -22.16 -25.47
CA PRO H 74 14.17 -22.67 -25.36
C PRO H 74 13.16 -21.56 -25.61
N ASN H 75 11.89 -21.91 -25.48
CA ASN H 75 10.79 -20.96 -25.47
C ASN H 75 10.42 -20.64 -24.03
N LEU H 76 9.80 -19.48 -23.82
CA LEU H 76 9.48 -19.05 -22.47
C LEU H 76 8.20 -18.25 -22.48
N GLN H 77 7.24 -18.64 -21.65
CA GLN H 77 5.93 -18.02 -21.66
C GLN H 77 5.47 -17.71 -20.25
N THR H 78 4.30 -17.09 -20.17
CA THR H 78 3.55 -16.91 -18.93
C THR H 78 2.09 -17.17 -19.28
N VAL H 79 1.45 -18.10 -18.59
CA VAL H 79 0.10 -18.50 -18.92
C VAL H 79 -0.80 -18.32 -17.70
N ASP H 80 -2.08 -18.12 -17.97
CA ASP H 80 -3.12 -18.19 -16.96
C ASP H 80 -3.52 -19.63 -16.73
N VAL H 81 -3.92 -19.93 -15.50
CA VAL H 81 -4.24 -21.28 -15.11
C VAL H 81 -5.25 -21.23 -13.97
N ALA H 82 -6.11 -22.24 -13.88
CA ALA H 82 -7.09 -22.34 -12.82
C ALA H 82 -7.10 -23.76 -12.29
N ASN H 83 -7.02 -23.90 -10.97
CA ASN H 83 -6.98 -25.20 -10.30
C ASN H 83 -8.05 -25.24 -9.23
N LEU H 84 -8.45 -26.46 -8.86
CA LEU H 84 -9.14 -26.65 -7.60
C LEU H 84 -8.18 -26.39 -6.45
N PRO H 85 -8.68 -26.03 -5.27
CA PRO H 85 -7.81 -25.95 -4.10
C PRO H 85 -7.31 -27.33 -3.70
N SER H 86 -6.26 -27.34 -2.88
CA SER H 86 -5.62 -28.58 -2.50
C SER H 86 -6.35 -29.33 -1.40
N ASP H 87 -7.47 -28.81 -0.92
CA ASP H 87 -8.34 -29.53 -0.01
C ASP H 87 -9.75 -29.73 -0.54
N ALA H 88 -10.07 -29.19 -1.70
CA ALA H 88 -11.40 -29.29 -2.29
C ALA H 88 -11.46 -30.45 -3.26
N ASP H 89 -12.65 -31.04 -3.37
CA ASP H 89 -12.84 -32.28 -4.10
C ASP H 89 -13.60 -32.10 -5.41
N THR H 90 -14.71 -31.36 -5.40
CA THR H 90 -15.57 -31.27 -6.56
C THR H 90 -15.51 -29.87 -7.17
N LEU H 91 -16.22 -29.72 -8.28
CA LEU H 91 -16.35 -28.45 -8.98
C LEU H 91 -17.83 -28.19 -9.22
N LYS H 92 -18.28 -27.00 -8.89
CA LYS H 92 -19.67 -26.60 -9.05
C LYS H 92 -19.76 -25.55 -10.15
N VAL H 93 -20.65 -25.78 -11.11
CA VAL H 93 -20.87 -24.87 -12.24
C VAL H 93 -22.35 -24.49 -12.25
N ARG H 94 -22.64 -23.21 -12.12
CA ARG H 94 -24.01 -22.74 -11.98
C ARG H 94 -24.37 -21.73 -13.06
N PHE H 95 -25.54 -21.88 -13.66
CA PHE H 95 -26.07 -20.85 -14.57
C PHE H 95 -27.59 -20.91 -14.58
N THR H 96 -28.19 -19.94 -15.26
CA THR H 96 -29.64 -19.83 -15.39
C THR H 96 -30.02 -19.75 -16.86
N LEU H 97 -31.22 -20.22 -17.17
CA LEU H 97 -31.72 -20.28 -18.54
C LEU H 97 -33.15 -19.79 -18.56
N ARG H 98 -33.54 -19.08 -19.62
CA ARG H 98 -34.92 -18.68 -19.79
C ARG H 98 -35.40 -19.02 -21.20
N VAL H 99 -36.57 -19.63 -21.27
CA VAL H 99 -37.22 -19.98 -22.53
C VAL H 99 -38.23 -18.89 -22.84
N LEU H 100 -38.20 -18.38 -24.09
CA LEU H 100 -38.80 -17.08 -24.38
C LEU H 100 -40.12 -17.12 -25.11
N GLY H 101 -40.45 -18.18 -25.84
CA GLY H 101 -41.79 -18.29 -26.39
C GLY H 101 -42.13 -17.45 -27.61
N GLY H 102 -43.02 -17.96 -28.44
CA GLY H 102 -43.35 -17.32 -29.69
C GLY H 102 -42.25 -17.53 -30.72
N ALA H 103 -41.96 -18.78 -31.04
CA ALA H 103 -40.78 -19.15 -31.80
C ALA H 103 -41.00 -19.18 -33.30
N GLY H 104 -42.09 -18.60 -33.80
CA GLY H 104 -42.33 -18.61 -35.23
C GLY H 104 -42.25 -17.24 -35.86
N THR H 105 -42.57 -16.21 -35.09
CA THR H 105 -42.66 -14.86 -35.63
C THR H 105 -41.26 -14.29 -35.81
N PRO H 106 -40.94 -13.74 -36.97
CA PRO H 106 -39.64 -13.08 -37.15
C PRO H 106 -39.59 -11.74 -36.45
N SER H 107 -38.38 -11.22 -36.31
CA SER H 107 -38.18 -9.88 -35.79
C SER H 107 -38.20 -8.82 -36.87
N ALA H 108 -38.05 -9.21 -38.13
CA ALA H 108 -38.02 -8.27 -39.23
C ALA H 108 -38.42 -9.01 -40.50
N CYS H 109 -39.35 -8.44 -41.26
CA CYS H 109 -39.79 -9.05 -42.51
C CYS H 109 -40.32 -7.94 -43.42
N ASN H 110 -39.88 -7.97 -44.68
CA ASN H 110 -40.24 -6.94 -45.65
C ASN H 110 -41.63 -7.05 -46.28
N ASP H 111 -41.99 -8.23 -46.75
CA ASP H 111 -43.27 -8.44 -47.39
C ASP H 111 -44.35 -8.80 -46.37
N ALA H 112 -45.60 -8.65 -46.79
CA ALA H 112 -46.73 -9.04 -45.98
C ALA H 112 -47.34 -10.37 -46.40
N ALA H 113 -47.02 -10.85 -47.61
CA ALA H 113 -47.49 -12.16 -48.06
C ALA H 113 -46.56 -13.28 -47.63
N TYR H 114 -45.25 -13.04 -47.68
CA TYR H 114 -44.28 -13.98 -47.15
C TYR H 114 -44.46 -14.18 -45.65
N ARG H 115 -44.83 -13.11 -44.94
CA ARG H 115 -45.01 -13.18 -43.50
C ARG H 115 -46.17 -14.09 -43.12
N ASP H 116 -47.30 -13.97 -43.82
CA ASP H 116 -48.45 -14.81 -43.51
C ASP H 116 -48.29 -16.23 -44.05
N LYS H 117 -47.56 -16.42 -45.15
CA LYS H 117 -47.26 -17.79 -45.59
C LYS H 117 -46.35 -18.51 -44.61
N LEU H 118 -45.33 -17.81 -44.10
CA LEU H 118 -44.50 -18.36 -43.03
C LEU H 118 -45.30 -18.61 -41.77
N LEU H 119 -46.24 -17.72 -41.46
CA LEU H 119 -47.08 -17.86 -40.27
C LEU H 119 -47.95 -19.11 -40.35
N GLN H 120 -48.58 -19.35 -41.50
CA GLN H 120 -49.40 -20.54 -41.61
C GLN H 120 -48.57 -21.80 -41.78
N THR H 121 -47.34 -21.72 -42.29
CA THR H 121 -46.47 -22.90 -42.35
C THR H 121 -46.07 -23.34 -40.94
N VAL H 122 -45.63 -22.40 -40.12
CA VAL H 122 -45.31 -22.70 -38.73
C VAL H 122 -46.57 -23.15 -37.96
N ALA H 123 -47.73 -22.60 -38.32
CA ALA H 123 -48.98 -23.01 -37.67
C ALA H 123 -49.35 -24.45 -38.00
N THR H 124 -49.18 -24.88 -39.26
CA THR H 124 -49.42 -26.29 -39.58
C THR H 124 -48.39 -27.20 -38.94
N TYR H 125 -47.15 -26.74 -38.78
CA TYR H 125 -46.16 -27.57 -38.10
C TYR H 125 -46.53 -27.78 -36.64
N VAL H 126 -46.83 -26.70 -35.91
CA VAL H 126 -47.17 -26.81 -34.49
C VAL H 126 -48.50 -27.52 -34.28
N ASN H 127 -49.45 -27.36 -35.21
CA ASN H 127 -50.72 -28.06 -35.09
C ASN H 127 -50.59 -29.55 -35.37
N GLU H 128 -49.72 -29.93 -36.31
CA GLU H 128 -49.56 -31.35 -36.63
C GLU H 128 -48.80 -32.08 -35.53
N GLN H 129 -47.73 -31.49 -35.03
CA GLN H 129 -46.94 -32.06 -33.94
C GLN H 129 -46.45 -30.91 -33.07
N GLY H 130 -46.28 -31.18 -31.79
CA GLY H 130 -45.88 -30.10 -30.90
C GLY H 130 -44.41 -29.74 -31.06
N PHE H 131 -43.91 -29.05 -30.04
CA PHE H 131 -42.48 -28.87 -29.88
C PHE H 131 -41.86 -30.01 -29.07
N ALA H 132 -42.50 -31.18 -29.04
CA ALA H 132 -42.14 -32.23 -28.09
C ALA H 132 -40.83 -32.91 -28.45
N GLU H 133 -40.56 -33.14 -29.73
CA GLU H 133 -39.31 -33.76 -30.13
C GLU H 133 -38.13 -32.84 -29.88
N LEU H 134 -38.26 -31.57 -30.26
CA LEU H 134 -37.18 -30.62 -30.06
C LEU H 134 -36.96 -30.34 -28.58
N ALA H 135 -38.03 -30.30 -27.77
CA ALA H 135 -37.83 -30.09 -26.34
C ALA H 135 -37.24 -31.32 -25.68
N ARG H 136 -37.59 -32.52 -26.16
CA ARG H 136 -36.98 -33.73 -25.63
C ARG H 136 -35.51 -33.82 -25.99
N ARG H 137 -35.11 -33.27 -27.13
CA ARG H 137 -33.69 -33.22 -27.45
C ARG H 137 -32.96 -32.07 -26.75
N TYR H 138 -33.64 -30.97 -26.46
CA TYR H 138 -33.01 -29.87 -25.74
C TYR H 138 -32.84 -30.18 -24.26
N ALA H 139 -33.73 -30.99 -23.69
CA ALA H 139 -33.62 -31.33 -22.28
C ALA H 139 -32.58 -32.39 -22.00
N HIS H 140 -32.11 -33.11 -23.02
CA HIS H 140 -31.04 -34.09 -22.83
C HIS H 140 -29.74 -33.41 -22.44
N ASN H 141 -29.40 -32.30 -23.09
CA ASN H 141 -28.18 -31.59 -22.80
C ASN H 141 -28.24 -30.82 -21.49
N LEU H 142 -29.39 -30.77 -20.83
CA LEU H 142 -29.47 -30.34 -19.45
C LEU H 142 -29.44 -31.52 -18.49
N ALA H 143 -29.99 -32.66 -18.88
CA ALA H 143 -29.97 -33.84 -18.01
C ALA H 143 -28.58 -34.43 -17.91
N ASN H 144 -27.88 -34.61 -19.03
CA ASN H 144 -26.45 -34.85 -18.96
C ASN H 144 -25.78 -33.49 -18.86
N ALA H 145 -24.46 -33.46 -18.82
CA ALA H 145 -23.76 -32.25 -18.46
C ALA H 145 -22.80 -31.86 -19.56
N ARG H 146 -23.30 -31.79 -20.79
CA ARG H 146 -22.48 -31.43 -21.94
C ARG H 146 -21.94 -30.01 -21.85
N PHE H 147 -22.54 -29.14 -21.04
CA PHE H 147 -22.12 -27.74 -21.00
C PHE H 147 -20.80 -27.53 -20.26
N LEU H 148 -20.34 -28.51 -19.48
CA LEU H 148 -18.96 -28.53 -19.01
C LEU H 148 -18.18 -29.37 -19.98
N TRP H 149 -17.34 -28.74 -20.79
CA TRP H 149 -16.82 -29.41 -21.98
C TRP H 149 -15.70 -30.37 -21.64
N ARG H 150 -14.59 -29.86 -21.17
CA ARG H 150 -13.46 -30.69 -20.77
C ARG H 150 -13.48 -31.03 -19.31
N ASN H 151 -14.35 -30.39 -18.53
CA ASN H 151 -14.52 -30.73 -17.12
C ASN H 151 -15.35 -31.98 -16.92
N ARG H 152 -15.91 -32.54 -17.98
CA ARG H 152 -16.69 -33.78 -17.90
C ARG H 152 -15.86 -35.01 -18.20
N VAL H 153 -14.79 -34.84 -18.97
CA VAL H 153 -13.88 -35.93 -19.31
C VAL H 153 -13.08 -36.30 -18.08
N GLY H 154 -13.12 -37.58 -17.71
CA GLY H 154 -12.29 -38.08 -16.63
C GLY H 154 -12.88 -37.97 -15.25
N ALA H 155 -14.02 -37.30 -15.09
CA ALA H 155 -14.69 -37.23 -13.81
C ALA H 155 -15.29 -38.60 -13.48
N GLU H 156 -15.40 -38.89 -12.19
CA GLU H 156 -15.98 -40.16 -11.78
C GLU H 156 -17.43 -40.05 -11.36
N ALA H 157 -17.94 -38.85 -11.14
CA ALA H 157 -19.33 -38.66 -10.75
C ALA H 157 -19.75 -37.26 -11.15
N VAL H 158 -20.71 -37.16 -12.06
CA VAL H 158 -21.31 -35.89 -12.45
C VAL H 158 -22.79 -35.95 -12.11
N GLU H 159 -23.28 -34.97 -11.36
CA GLU H 159 -24.71 -34.89 -11.10
C GLU H 159 -25.22 -33.50 -11.41
N VAL H 160 -26.51 -33.42 -11.76
CA VAL H 160 -27.12 -32.18 -12.25
C VAL H 160 -28.42 -31.95 -11.50
N ARG H 161 -28.57 -30.76 -10.91
CA ARG H 161 -29.79 -30.34 -10.24
C ARG H 161 -30.41 -29.16 -10.98
N ILE H 162 -31.67 -29.32 -11.37
CA ILE H 162 -32.39 -28.33 -12.18
C ILE H 162 -33.64 -27.93 -11.41
N ASN H 163 -33.83 -26.64 -11.18
CA ASN H 163 -35.03 -26.21 -10.49
C ASN H 163 -35.76 -25.10 -11.23
N HIS H 164 -37.08 -25.18 -11.22
CA HIS H 164 -37.98 -24.30 -11.97
C HIS H 164 -38.46 -23.18 -11.08
N ILE H 165 -38.44 -21.94 -11.58
CA ILE H 165 -38.67 -20.77 -10.74
C ILE H 165 -39.88 -19.99 -11.28
N ARG H 166 -40.97 -19.99 -10.51
CA ARG H 166 -42.20 -19.30 -10.89
C ARG H 166 -42.34 -17.94 -10.21
N GLN H 167 -42.42 -17.94 -8.89
CA GLN H 167 -42.28 -16.75 -8.05
C GLN H 167 -40.88 -16.82 -7.45
N GLY H 168 -40.60 -15.97 -6.46
CA GLY H 168 -39.36 -16.11 -5.71
C GLY H 168 -39.32 -17.31 -4.78
N GLU H 169 -39.46 -18.51 -5.36
CA GLU H 169 -39.45 -19.78 -4.66
C GLU H 169 -39.32 -20.87 -5.72
N VAL H 170 -39.06 -22.09 -5.26
CA VAL H 170 -38.85 -23.23 -6.15
C VAL H 170 -40.17 -23.91 -6.40
N ALA H 171 -40.52 -24.10 -7.67
CA ALA H 171 -41.77 -24.76 -8.04
C ALA H 171 -41.59 -26.27 -8.18
N ARG H 172 -40.52 -26.73 -8.82
CA ARG H 172 -40.26 -28.14 -8.97
C ARG H 172 -38.76 -28.36 -9.15
N THR H 173 -38.29 -29.52 -8.71
CA THR H 173 -36.87 -29.87 -8.72
C THR H 173 -36.64 -31.18 -9.47
N TRP H 174 -35.44 -31.28 -10.07
CA TRP H 174 -35.03 -32.43 -10.85
C TRP H 174 -33.59 -32.77 -10.48
N ARG H 175 -33.30 -34.05 -10.27
CA ARG H 175 -31.95 -34.52 -10.00
C ARG H 175 -31.61 -35.64 -10.97
N PHE H 176 -30.46 -35.51 -11.64
CA PHE H 176 -30.06 -36.49 -12.63
C PHE H 176 -28.68 -37.03 -12.30
N ASP H 177 -28.32 -38.10 -13.01
CA ASP H 177 -27.01 -38.72 -12.95
C ASP H 177 -26.44 -38.64 -14.36
N ALA H 178 -25.55 -37.68 -14.59
CA ALA H 178 -25.19 -37.28 -15.95
C ALA H 178 -24.31 -38.30 -16.66
N LEU H 179 -23.73 -39.24 -15.94
CA LEU H 179 -22.86 -40.23 -16.57
C LEU H 179 -23.63 -41.44 -17.08
N ALA H 180 -24.82 -41.70 -16.53
CA ALA H 180 -25.67 -42.77 -17.04
C ALA H 180 -26.28 -42.37 -18.38
N ILE H 181 -26.84 -41.16 -18.45
CA ILE H 181 -27.33 -40.61 -19.70
C ILE H 181 -26.14 -40.24 -20.57
N GLY H 182 -25.96 -40.95 -21.68
CA GLY H 182 -24.80 -40.79 -22.50
C GLY H 182 -24.82 -39.53 -23.35
N LEU H 183 -23.89 -39.46 -24.29
CA LEU H 183 -23.79 -38.37 -25.24
C LEU H 183 -24.03 -38.81 -26.68
N ARG H 184 -24.69 -39.94 -26.88
CA ARG H 184 -24.87 -40.47 -28.23
C ARG H 184 -26.33 -40.69 -28.62
N ASP H 185 -27.15 -41.20 -27.73
CA ASP H 185 -28.55 -41.49 -28.02
C ASP H 185 -29.47 -40.58 -27.24
N PHE H 186 -30.74 -40.55 -27.66
CA PHE H 186 -31.79 -39.77 -27.00
C PHE H 186 -32.91 -40.73 -26.61
N LYS H 187 -33.01 -41.05 -25.32
CA LYS H 187 -34.04 -41.93 -24.81
C LYS H 187 -34.92 -41.19 -23.81
N ALA H 188 -36.17 -41.63 -23.69
CA ALA H 188 -37.17 -40.93 -22.88
C ALA H 188 -37.33 -41.63 -21.54
N ASP H 189 -37.02 -40.92 -20.46
CA ASP H 189 -37.29 -41.40 -19.11
C ASP H 189 -38.59 -40.82 -18.59
N ALA H 190 -39.05 -41.34 -17.45
CA ALA H 190 -40.26 -40.82 -16.84
C ALA H 190 -40.04 -39.46 -16.17
N GLU H 191 -38.80 -39.09 -15.91
CA GLU H 191 -38.46 -37.81 -15.31
C GLU H 191 -38.00 -36.79 -16.33
N LEU H 192 -37.49 -37.23 -17.48
CA LEU H 192 -37.09 -36.31 -18.52
C LEU H 192 -38.28 -35.74 -19.28
N ASP H 193 -39.42 -36.45 -19.28
CA ASP H 193 -40.61 -35.98 -19.99
C ASP H 193 -41.26 -34.79 -19.33
N ALA H 194 -41.19 -34.68 -18.00
CA ALA H 194 -41.77 -33.51 -17.34
C ALA H 194 -40.99 -32.25 -17.67
N LEU H 195 -39.66 -32.35 -17.71
CA LEU H 195 -38.83 -31.22 -18.13
C LEU H 195 -39.04 -30.90 -19.60
N ALA H 196 -39.23 -31.94 -20.44
CA ALA H 196 -39.50 -31.70 -21.85
C ALA H 196 -40.85 -31.02 -22.06
N GLU H 197 -41.85 -31.38 -21.27
CA GLU H 197 -43.15 -30.72 -21.36
C GLU H 197 -43.10 -29.29 -20.86
N LEU H 198 -42.28 -29.03 -19.84
CA LEU H 198 -42.12 -27.65 -19.36
C LEU H 198 -41.42 -26.77 -20.40
N ILE H 199 -40.38 -27.30 -21.06
CA ILE H 199 -39.69 -26.55 -22.10
C ILE H 199 -40.59 -26.34 -23.31
N ALA H 200 -41.41 -27.35 -23.65
CA ALA H 200 -42.33 -27.20 -24.79
C ALA H 200 -43.46 -26.23 -24.48
N SER H 201 -43.90 -26.15 -23.22
CA SER H 201 -44.94 -25.19 -22.87
C SER H 201 -44.38 -23.78 -22.83
N GLY H 202 -43.13 -23.62 -22.39
CA GLY H 202 -42.52 -22.30 -22.41
C GLY H 202 -42.17 -21.84 -23.81
N LEU H 203 -41.85 -22.77 -24.70
CA LEU H 203 -41.48 -22.42 -26.06
C LEU H 203 -42.71 -22.06 -26.90
N SER H 204 -43.86 -22.63 -26.58
CA SER H 204 -45.12 -22.14 -27.14
C SER H 204 -45.53 -20.86 -26.44
N GLY H 205 -46.04 -19.90 -27.21
CA GLY H 205 -46.00 -18.52 -26.77
C GLY H 205 -46.98 -18.13 -25.69
N SER H 206 -46.47 -17.94 -24.47
CA SER H 206 -47.25 -17.41 -23.37
C SER H 206 -46.52 -16.38 -22.52
N GLY H 207 -45.20 -16.34 -22.54
CA GLY H 207 -44.42 -15.53 -21.62
C GLY H 207 -42.97 -15.96 -21.61
N HIS H 208 -42.40 -16.26 -20.44
CA HIS H 208 -41.08 -16.86 -20.36
C HIS H 208 -41.05 -17.84 -19.20
N VAL H 209 -40.15 -18.81 -19.28
CA VAL H 209 -40.00 -19.84 -18.26
C VAL H 209 -38.56 -19.82 -17.78
N LEU H 210 -38.37 -19.74 -16.47
CA LEU H 210 -37.05 -19.59 -15.87
C LEU H 210 -36.63 -20.88 -15.16
N LEU H 211 -35.44 -21.38 -15.52
CA LEU H 211 -34.84 -22.53 -14.86
C LEU H 211 -33.45 -22.17 -14.38
N GLU H 212 -33.01 -22.84 -13.32
CA GLU H 212 -31.66 -22.68 -12.79
C GLU H 212 -30.99 -24.05 -12.77
N VAL H 213 -29.81 -24.14 -13.41
CA VAL H 213 -29.11 -25.40 -13.61
C VAL H 213 -27.78 -25.35 -12.86
N VAL H 214 -27.56 -26.36 -12.01
CA VAL H 214 -26.32 -26.53 -11.26
C VAL H 214 -25.74 -27.90 -11.59
N ALA H 215 -24.43 -27.97 -11.82
CA ALA H 215 -23.77 -29.25 -12.07
C ALA H 215 -22.60 -29.41 -11.12
N PHE H 216 -22.50 -30.59 -10.50
CA PHE H 216 -21.42 -30.95 -9.61
C PHE H 216 -20.59 -32.06 -10.26
N ALA H 217 -19.29 -31.84 -10.36
CA ALA H 217 -18.40 -32.82 -10.97
C ALA H 217 -17.29 -33.16 -9.99
N ARG H 218 -17.21 -34.43 -9.61
CA ARG H 218 -16.13 -34.93 -8.75
C ARG H 218 -14.91 -35.18 -9.63
N ILE H 219 -13.90 -34.33 -9.53
CA ILE H 219 -12.82 -34.32 -10.50
C ILE H 219 -11.48 -34.75 -9.92
N GLY H 220 -11.30 -34.72 -8.61
CA GLY H 220 -10.01 -35.00 -8.04
C GLY H 220 -9.81 -34.19 -6.77
N ASP H 221 -8.58 -33.71 -6.58
CA ASP H 221 -8.24 -32.94 -5.38
C ASP H 221 -7.02 -32.09 -5.72
N GLY H 222 -7.24 -30.82 -6.03
CA GLY H 222 -6.16 -29.99 -6.50
C GLY H 222 -5.92 -30.03 -7.99
N GLN H 223 -6.76 -30.74 -8.74
CA GLN H 223 -6.63 -30.86 -10.18
C GLN H 223 -7.08 -29.58 -10.86
N GLU H 224 -6.74 -29.44 -12.14
CA GLU H 224 -7.01 -28.21 -12.84
C GLU H 224 -8.33 -28.28 -13.60
N VAL H 225 -8.96 -27.12 -13.76
CA VAL H 225 -10.25 -26.98 -14.40
C VAL H 225 -10.09 -26.07 -15.61
N PHE H 226 -11.09 -26.07 -16.47
CA PHE H 226 -10.97 -25.49 -17.81
C PHE H 226 -12.10 -24.50 -18.07
N PRO H 227 -11.90 -23.22 -17.76
CA PRO H 227 -12.86 -22.19 -18.15
C PRO H 227 -12.63 -21.76 -19.59
N SER H 228 -13.41 -20.78 -20.04
CA SER H 228 -13.24 -20.27 -21.39
C SER H 228 -12.01 -19.40 -21.48
N GLN H 229 -11.44 -19.32 -22.67
CA GLN H 229 -10.36 -18.39 -22.94
C GLN H 229 -10.75 -17.43 -24.05
N GLU H 230 -10.19 -16.23 -23.99
CA GLU H 230 -10.65 -15.09 -24.75
C GLU H 230 -9.83 -14.90 -26.02
N LEU H 231 -10.41 -14.18 -26.97
CA LEU H 231 -9.80 -13.92 -28.27
C LEU H 231 -9.45 -12.43 -28.33
N ILE H 232 -8.14 -12.13 -28.33
CA ILE H 232 -7.64 -10.76 -28.32
C ILE H 232 -6.62 -10.65 -29.44
N LEU H 233 -6.34 -9.42 -29.86
CA LEU H 233 -5.27 -9.15 -30.82
C LEU H 233 -4.07 -8.58 -30.07
N ASP H 234 -2.95 -9.30 -30.14
CA ASP H 234 -1.93 -9.25 -29.09
C ASP H 234 -1.11 -7.98 -29.12
N LYS H 235 -0.17 -7.90 -28.16
CA LYS H 235 0.38 -6.62 -27.75
C LYS H 235 1.50 -6.14 -28.68
N GLY H 236 2.50 -6.98 -28.93
CA GLY H 236 3.56 -6.63 -29.86
C GLY H 236 4.60 -5.67 -29.35
N ASP H 237 5.24 -5.99 -28.23
CA ASP H 237 6.39 -5.24 -27.73
C ASP H 237 7.33 -6.18 -27.00
N LYS H 238 8.25 -5.60 -26.22
CA LYS H 238 9.25 -6.38 -25.51
C LYS H 238 8.65 -7.17 -24.36
N LYS H 239 7.55 -6.67 -23.78
CA LYS H 239 6.98 -7.26 -22.57
C LYS H 239 6.32 -8.60 -22.86
N GLY H 240 5.81 -9.22 -21.80
CA GLY H 240 4.99 -10.41 -21.94
C GLY H 240 3.71 -10.12 -22.67
N GLN H 241 3.52 -10.74 -23.84
CA GLN H 241 2.39 -10.36 -24.69
C GLN H 241 1.10 -11.00 -24.23
N LYS H 242 1.12 -12.30 -24.00
CA LYS H 242 -0.11 -13.00 -23.67
C LYS H 242 -0.03 -13.50 -22.24
N SER H 243 -1.20 -13.76 -21.70
CA SER H 243 -1.32 -14.53 -20.47
C SER H 243 -2.10 -15.81 -20.72
N LYS H 244 -2.41 -16.13 -21.98
CA LYS H 244 -3.38 -17.15 -22.38
C LYS H 244 -4.67 -16.97 -21.61
N THR H 245 -5.30 -15.83 -21.83
CA THR H 245 -6.19 -15.24 -20.85
C THR H 245 -7.45 -16.04 -20.69
N LEU H 246 -7.76 -16.40 -19.45
CA LEU H 246 -9.01 -17.07 -19.12
C LEU H 246 -10.02 -16.04 -18.63
N TYR H 247 -11.29 -16.39 -18.77
CA TYR H 247 -12.40 -15.47 -18.61
C TYR H 247 -12.85 -15.42 -17.15
N SER H 248 -13.21 -14.22 -16.68
CA SER H 248 -13.60 -14.00 -15.30
C SER H 248 -14.74 -13.01 -15.21
N VAL H 249 -15.59 -13.17 -14.20
CA VAL H 249 -16.70 -12.24 -14.01
C VAL H 249 -16.40 -11.25 -12.89
N ARG H 250 -16.31 -11.72 -11.65
CA ARG H 250 -15.81 -10.88 -10.56
C ARG H 250 -14.81 -11.71 -9.78
N ASP H 251 -13.57 -11.78 -10.28
CA ASP H 251 -12.49 -12.61 -9.74
C ASP H 251 -12.92 -14.06 -9.54
N ALA H 252 -13.70 -14.58 -10.47
CA ALA H 252 -14.20 -15.94 -10.43
C ALA H 252 -14.16 -16.49 -11.84
N ALA H 253 -13.61 -17.68 -12.01
CA ALA H 253 -13.49 -18.27 -13.33
C ALA H 253 -14.86 -18.63 -13.88
N ALA H 254 -15.04 -18.48 -15.18
CA ALA H 254 -16.36 -18.57 -15.75
C ALA H 254 -16.32 -19.16 -17.16
N ILE H 255 -17.48 -19.61 -17.62
CA ILE H 255 -17.67 -20.04 -19.01
C ILE H 255 -18.58 -19.02 -19.69
N HIS H 256 -18.32 -18.77 -20.97
CA HIS H 256 -19.06 -17.80 -21.77
C HIS H 256 -20.51 -18.22 -21.94
N SER H 257 -21.32 -17.30 -22.42
CA SER H 257 -22.72 -17.61 -22.69
C SER H 257 -22.89 -18.34 -24.01
N GLN H 258 -22.11 -17.96 -25.03
CA GLN H 258 -22.26 -18.59 -26.34
C GLN H 258 -21.72 -20.00 -26.35
N LYS H 259 -20.80 -20.35 -25.44
CA LYS H 259 -20.31 -21.71 -25.38
C LYS H 259 -21.33 -22.67 -24.78
N ILE H 260 -22.03 -22.25 -23.74
CA ILE H 260 -23.13 -23.05 -23.19
C ILE H 260 -24.30 -23.09 -24.18
N GLY H 261 -24.54 -22.00 -24.89
CA GLY H 261 -25.55 -22.01 -25.93
C GLY H 261 -25.21 -22.94 -27.07
N ASN H 262 -23.93 -23.09 -27.39
CA ASN H 262 -23.50 -24.09 -28.35
C ASN H 262 -23.70 -25.50 -27.82
N ALA H 263 -23.45 -25.71 -26.53
CA ALA H 263 -23.60 -27.04 -25.96
C ALA H 263 -25.06 -27.48 -25.89
N LEU H 264 -26.00 -26.55 -25.68
CA LEU H 264 -27.41 -26.92 -25.64
C LEU H 264 -27.98 -27.23 -27.01
N ARG H 265 -27.36 -26.72 -28.08
CA ARG H 265 -27.86 -26.83 -29.44
C ARG H 265 -27.43 -28.09 -30.15
N THR H 266 -26.70 -28.98 -29.50
CA THR H 266 -26.17 -30.16 -30.18
C THR H 266 -27.30 -31.16 -30.41
N ILE H 267 -27.98 -31.05 -31.55
CA ILE H 267 -29.27 -31.67 -31.73
C ILE H 267 -29.30 -32.58 -32.95
N ASP H 268 -28.91 -32.06 -34.11
CA ASP H 268 -29.28 -32.72 -35.36
C ASP H 268 -28.40 -33.92 -35.62
N THR H 269 -29.03 -35.08 -35.71
CA THR H 269 -28.42 -36.31 -36.18
C THR H 269 -28.87 -36.67 -37.58
N TRP H 270 -29.54 -35.73 -38.27
CA TRP H 270 -30.14 -35.98 -39.56
C TRP H 270 -29.27 -35.48 -40.71
N TYR H 271 -28.05 -35.06 -40.44
CA TYR H 271 -27.17 -34.60 -41.50
C TYR H 271 -26.66 -35.80 -42.29
N PRO H 272 -26.49 -35.67 -43.61
CA PRO H 272 -26.33 -36.85 -44.46
C PRO H 272 -24.95 -37.48 -44.48
N ASP H 273 -24.04 -37.13 -43.56
CA ASP H 273 -22.71 -37.74 -43.59
C ASP H 273 -22.75 -39.15 -42.99
N GLU H 274 -23.04 -39.23 -41.69
CA GLU H 274 -23.24 -40.43 -40.88
C GLU H 274 -23.55 -39.96 -39.47
N ASP H 275 -24.17 -40.85 -38.69
CA ASP H 275 -24.27 -40.65 -37.25
C ASP H 275 -23.15 -41.38 -36.52
N GLY H 276 -21.91 -41.16 -36.96
CA GLY H 276 -20.75 -41.72 -36.32
C GLY H 276 -20.04 -40.66 -35.50
N LEU H 277 -20.11 -39.43 -35.98
CA LEU H 277 -19.73 -38.25 -35.20
C LEU H 277 -20.77 -37.87 -34.16
N GLY H 278 -21.92 -38.52 -34.18
CA GLY H 278 -23.00 -38.19 -33.27
C GLY H 278 -23.68 -36.91 -33.69
N PRO H 279 -24.39 -36.28 -32.77
CA PRO H 279 -25.04 -35.01 -33.10
C PRO H 279 -24.03 -33.87 -33.22
N ILE H 280 -24.36 -32.91 -34.07
CA ILE H 280 -23.59 -31.69 -34.22
C ILE H 280 -24.47 -30.52 -33.82
N ALA H 281 -23.95 -29.30 -33.90
CA ALA H 281 -24.74 -28.13 -33.54
C ALA H 281 -25.53 -27.64 -34.74
N VAL H 282 -26.68 -27.04 -34.46
CA VAL H 282 -27.63 -26.62 -35.50
C VAL H 282 -27.10 -25.32 -36.12
N GLU H 283 -26.55 -25.42 -37.33
CA GLU H 283 -26.08 -24.26 -38.08
C GLU H 283 -26.56 -24.36 -39.52
N PRO H 284 -26.77 -23.22 -40.19
CA PRO H 284 -26.99 -23.27 -41.63
C PRO H 284 -25.69 -23.58 -42.35
N TYR H 285 -25.75 -24.46 -43.34
CA TYR H 285 -24.59 -25.19 -43.88
C TYR H 285 -23.77 -25.79 -42.74
N GLY H 286 -24.38 -26.78 -42.08
CA GLY H 286 -23.96 -27.24 -40.76
C GLY H 286 -22.51 -27.66 -40.62
N SER H 287 -21.74 -26.79 -39.98
CA SER H 287 -20.29 -26.88 -39.93
C SER H 287 -19.82 -27.00 -38.49
N VAL H 288 -18.69 -27.69 -38.31
CA VAL H 288 -18.11 -27.93 -37.01
C VAL H 288 -16.77 -27.22 -36.94
N THR H 289 -16.56 -26.43 -35.88
CA THR H 289 -15.31 -25.69 -35.73
C THR H 289 -14.15 -26.60 -35.36
N SER H 290 -14.42 -27.68 -34.64
CA SER H 290 -13.41 -28.65 -34.26
C SER H 290 -13.24 -29.75 -35.30
N GLN H 291 -13.65 -29.50 -36.53
CA GLN H 291 -13.52 -30.46 -37.62
C GLN H 291 -12.99 -29.85 -38.90
N GLY H 292 -13.01 -28.53 -39.04
CA GLY H 292 -12.43 -27.87 -40.18
C GLY H 292 -13.28 -27.82 -41.43
N LYS H 293 -14.33 -28.62 -41.52
CA LYS H 293 -15.13 -28.70 -42.74
C LYS H 293 -16.60 -28.53 -42.42
N ALA H 294 -17.42 -28.55 -43.46
CA ALA H 294 -18.84 -28.22 -43.37
C ALA H 294 -19.67 -29.29 -44.06
N TYR H 295 -20.51 -29.98 -43.29
CA TYR H 295 -21.56 -30.81 -43.87
C TYR H 295 -22.73 -29.91 -44.26
N ARG H 296 -23.76 -30.53 -44.86
CA ARG H 296 -24.92 -29.85 -45.45
C ARG H 296 -24.49 -28.77 -46.46
N GLN H 297 -23.78 -29.23 -47.49
CA GLN H 297 -23.33 -28.33 -48.53
C GLN H 297 -24.52 -27.94 -49.43
N PRO H 298 -24.43 -26.81 -50.13
CA PRO H 298 -25.52 -26.43 -51.03
C PRO H 298 -25.55 -27.19 -52.35
N LYS H 299 -24.57 -28.04 -52.64
CA LYS H 299 -24.66 -28.87 -53.84
C LYS H 299 -25.76 -29.91 -53.71
N GLN H 300 -25.96 -30.44 -52.51
CA GLN H 300 -27.17 -31.19 -52.20
C GLN H 300 -28.24 -30.20 -51.75
N LYS H 301 -29.43 -30.71 -51.44
CA LYS H 301 -30.55 -29.87 -51.08
C LYS H 301 -30.88 -29.94 -49.59
N LEU H 302 -29.87 -30.08 -48.74
CA LEU H 302 -30.11 -30.30 -47.32
C LEU H 302 -29.53 -29.19 -46.44
N ASP H 303 -29.50 -27.96 -46.92
CA ASP H 303 -29.08 -26.86 -46.07
C ASP H 303 -30.32 -26.12 -45.57
N PHE H 304 -30.13 -25.01 -44.87
CA PHE H 304 -31.26 -24.31 -44.29
C PHE H 304 -31.99 -23.44 -45.30
N TYR H 305 -31.26 -22.79 -46.20
CA TYR H 305 -31.86 -21.79 -47.06
C TYR H 305 -32.76 -22.42 -48.12
N THR H 306 -32.26 -23.45 -48.82
CA THR H 306 -33.05 -24.06 -49.89
C THR H 306 -34.24 -24.83 -49.34
N LEU H 307 -34.13 -25.40 -48.13
CA LEU H 307 -35.27 -26.09 -47.54
C LEU H 307 -36.38 -25.12 -47.18
N LEU H 308 -36.03 -23.97 -46.60
CA LEU H 308 -37.04 -22.95 -46.29
C LEU H 308 -37.62 -22.32 -47.54
N ASP H 309 -36.79 -22.17 -48.59
CA ASP H 309 -37.28 -21.62 -49.85
C ASP H 309 -38.25 -22.57 -50.53
N ASN H 310 -37.99 -23.87 -50.48
CA ASN H 310 -38.94 -24.82 -51.05
C ASN H 310 -40.15 -25.07 -50.17
N TRP H 311 -40.04 -24.87 -48.85
CA TRP H 311 -41.18 -25.10 -47.98
C TRP H 311 -42.15 -23.93 -47.95
N VAL H 312 -41.66 -22.70 -48.07
CA VAL H 312 -42.55 -21.54 -48.01
C VAL H 312 -43.02 -21.11 -49.38
N LEU H 313 -42.11 -20.97 -50.34
CA LEU H 313 -42.49 -20.42 -51.64
C LEU H 313 -43.16 -21.47 -52.53
N ARG H 314 -42.41 -22.50 -52.91
CA ARG H 314 -42.89 -23.46 -53.90
C ARG H 314 -43.82 -24.50 -53.30
N ASP H 315 -43.94 -24.56 -51.98
CA ASP H 315 -44.87 -25.42 -51.24
C ASP H 315 -44.62 -26.89 -51.55
N GLU H 316 -43.41 -27.34 -51.24
CA GLU H 316 -43.09 -28.77 -51.19
C GLU H 316 -42.49 -29.07 -49.83
N ALA H 317 -43.24 -29.75 -48.99
CA ALA H 317 -42.78 -30.00 -47.65
C ALA H 317 -41.72 -31.11 -47.65
N PRO H 318 -40.66 -30.98 -46.87
CA PRO H 318 -39.66 -32.05 -46.81
C PRO H 318 -40.08 -33.18 -45.88
N ALA H 319 -39.17 -34.12 -45.63
CA ALA H 319 -39.43 -35.21 -44.71
C ALA H 319 -39.61 -34.68 -43.29
N VAL H 320 -40.29 -35.46 -42.46
CA VAL H 320 -40.61 -35.02 -41.11
C VAL H 320 -39.38 -34.94 -40.24
N GLU H 321 -38.32 -35.68 -40.59
CA GLU H 321 -37.05 -35.54 -39.89
C GLU H 321 -36.43 -34.19 -40.18
N GLN H 322 -36.34 -33.83 -41.47
CA GLN H 322 -35.76 -32.56 -41.90
C GLN H 322 -36.67 -31.37 -41.65
N GLN H 323 -37.90 -31.59 -41.20
CA GLN H 323 -38.72 -30.49 -40.73
C GLN H 323 -38.29 -30.00 -39.36
N HIS H 324 -37.64 -30.85 -38.57
CA HIS H 324 -37.18 -30.43 -37.25
C HIS H 324 -35.98 -29.50 -37.35
N TYR H 325 -35.17 -29.66 -38.40
CA TYR H 325 -33.94 -28.88 -38.54
C TYR H 325 -34.23 -27.41 -38.83
N VAL H 326 -35.26 -27.14 -39.64
CA VAL H 326 -35.63 -25.78 -39.99
C VAL H 326 -36.20 -25.06 -38.78
N ILE H 327 -37.06 -25.73 -38.01
CA ILE H 327 -37.59 -25.14 -36.78
C ILE H 327 -36.48 -24.98 -35.75
N ALA H 328 -35.48 -25.85 -35.78
CA ALA H 328 -34.36 -25.76 -34.84
C ALA H 328 -33.53 -24.50 -35.08
N ASN H 329 -33.19 -24.20 -36.34
CA ASN H 329 -32.46 -22.95 -36.53
C ASN H 329 -33.38 -21.75 -36.78
N LEU H 330 -34.69 -21.90 -36.64
CA LEU H 330 -35.51 -20.73 -36.37
C LEU H 330 -35.53 -20.40 -34.89
N ILE H 331 -35.50 -21.42 -34.02
CA ILE H 331 -35.35 -21.19 -32.58
C ILE H 331 -33.94 -20.66 -32.26
N ARG H 332 -32.94 -21.05 -33.06
CA ARG H 332 -31.58 -20.57 -32.85
C ARG H 332 -31.45 -19.08 -33.15
N GLY H 333 -31.98 -18.63 -34.28
CA GLY H 333 -31.95 -17.24 -34.66
C GLY H 333 -31.02 -16.99 -35.84
N GLY H 334 -31.00 -15.75 -36.29
CA GLY H 334 -30.09 -15.36 -37.34
C GLY H 334 -30.61 -14.24 -38.23
N VAL H 335 -29.73 -13.77 -39.10
CA VAL H 335 -30.01 -12.69 -40.05
C VAL H 335 -29.88 -13.23 -41.46
N PHE H 336 -30.98 -13.19 -42.21
CA PHE H 336 -31.00 -13.67 -43.59
C PHE H 336 -31.64 -12.64 -44.51
N GLY H 337 -30.96 -12.32 -45.61
CA GLY H 337 -31.48 -11.36 -46.55
C GLY H 337 -31.21 -11.74 -48.00
N GLU H 338 -32.08 -11.28 -48.89
CA GLU H 338 -31.93 -11.57 -50.31
C GLU H 338 -30.89 -10.65 -50.96
N MET I 1 39.70 36.25 -5.82
CA MET I 1 38.44 35.53 -5.88
C MET I 1 38.08 35.22 -7.32
N LYS I 2 37.59 34.01 -7.55
CA LYS I 2 37.16 33.61 -8.88
C LYS I 2 35.73 34.09 -9.09
N LYS I 3 35.31 34.13 -10.35
CA LYS I 3 33.94 34.56 -10.63
C LYS I 3 32.91 33.50 -10.26
N ILE I 4 33.30 32.22 -10.27
CA ILE I 4 32.44 31.14 -9.81
C ILE I 4 32.11 31.31 -8.34
N GLU I 5 33.09 31.71 -7.53
CA GLU I 5 32.83 32.06 -6.14
C GLU I 5 31.97 33.30 -6.02
N MET I 6 32.00 34.19 -7.02
CA MET I 6 31.13 35.38 -6.98
C MET I 6 29.66 35.01 -7.15
N ILE I 7 29.33 34.18 -8.15
CA ILE I 7 27.91 33.80 -8.29
C ILE I 7 27.50 32.86 -7.16
N GLU I 8 28.44 32.09 -6.61
CA GLU I 8 28.13 31.24 -5.46
C GLU I 8 27.79 32.09 -4.23
N ILE I 9 28.62 33.11 -3.94
CA ILE I 9 28.36 33.99 -2.82
C ILE I 9 27.18 34.91 -3.06
N SER I 10 26.78 35.11 -4.32
CA SER I 10 25.58 35.90 -4.56
C SER I 10 24.30 35.10 -4.38
N GLN I 11 24.30 33.80 -4.72
CA GLN I 11 23.04 33.07 -4.71
C GLN I 11 22.71 32.37 -3.39
N ASN I 12 23.70 32.04 -2.56
CA ASN I 12 23.45 31.23 -1.37
C ASN I 12 23.00 32.02 -0.15
N ARG I 13 22.92 33.34 -0.25
CA ARG I 13 22.56 34.19 0.89
C ARG I 13 21.16 34.73 0.72
N GLN I 14 20.59 35.22 1.82
CA GLN I 14 19.28 35.86 1.74
C GLN I 14 19.39 37.26 1.14
N ASN I 15 18.23 37.87 0.93
CA ASN I 15 18.15 39.24 0.48
C ASN I 15 17.85 40.15 1.66
N LEU I 16 18.81 41.01 2.01
CA LEU I 16 18.68 41.88 3.17
C LEU I 16 18.81 43.34 2.75
N THR I 17 18.04 44.20 3.40
CA THR I 17 18.09 45.64 3.22
C THR I 17 18.62 46.25 4.51
N ALA I 18 19.39 47.36 4.36
CA ALA I 18 19.98 48.12 5.46
C ALA I 18 20.94 47.28 6.30
N PHE I 19 21.70 46.41 5.63
CA PHE I 19 22.61 45.49 6.28
C PHE I 19 24.02 46.04 6.45
N LEU I 20 24.25 47.32 6.13
CA LEU I 20 25.58 47.90 6.10
C LEU I 20 25.64 49.10 7.04
N HIS I 21 26.78 49.25 7.72
CA HIS I 21 27.07 50.52 8.39
C HIS I 21 27.54 51.54 7.37
N ILE I 22 27.40 52.81 7.75
CA ILE I 22 27.64 53.92 6.81
C ILE I 22 29.11 54.01 6.45
N SER I 23 30.01 53.60 7.36
CA SER I 23 31.43 53.50 7.05
C SER I 23 31.69 52.50 5.93
N GLU I 24 31.01 51.35 5.97
CA GLU I 24 31.13 50.39 4.86
C GLU I 24 30.40 50.89 3.62
N ILE I 25 29.39 51.75 3.77
CA ILE I 25 28.74 52.33 2.59
C ILE I 25 29.68 53.27 1.85
N LYS I 26 30.39 54.16 2.56
CA LYS I 26 31.38 54.98 1.85
C LYS I 26 32.60 54.17 1.44
N ALA I 27 32.92 53.09 2.16
CA ALA I 27 34.01 52.22 1.75
C ALA I 27 33.69 51.52 0.43
N ILE I 28 32.44 51.09 0.27
CA ILE I 28 32.02 50.48 -0.98
C ILE I 28 31.87 51.55 -2.06
N ASN I 29 31.46 52.78 -1.70
CA ASN I 29 31.32 53.85 -2.68
C ASN I 29 32.68 54.31 -3.19
N ALA I 30 33.72 54.18 -2.37
CA ALA I 30 35.08 54.49 -2.82
C ALA I 30 35.61 53.43 -3.79
N LYS I 31 35.00 52.25 -3.82
CA LYS I 31 35.51 51.14 -4.62
C LYS I 31 34.59 50.81 -5.79
N LEU I 32 33.60 51.62 -6.08
CA LEU I 32 32.72 51.41 -7.22
C LEU I 32 32.92 52.54 -8.21
N ALA I 33 32.10 52.57 -9.26
CA ALA I 33 32.32 53.48 -10.37
C ALA I 33 31.87 54.89 -10.00
N ASP I 34 31.86 55.80 -10.96
CA ASP I 34 31.46 57.17 -10.67
C ASP I 34 29.94 57.32 -10.80
N GLY I 35 29.37 56.78 -11.88
CA GLY I 35 28.00 57.06 -12.24
C GLY I 35 26.95 56.41 -11.35
N VAL I 36 27.01 55.09 -11.24
CA VAL I 36 26.02 54.34 -10.47
C VAL I 36 26.23 54.59 -8.97
N ASP I 37 25.16 54.37 -8.20
CA ASP I 37 25.21 54.54 -6.76
C ASP I 37 24.27 53.51 -6.13
N VAL I 38 24.61 53.05 -4.93
CA VAL I 38 23.75 52.19 -4.13
C VAL I 38 23.46 52.92 -2.83
N ASP I 39 22.17 53.09 -2.52
CA ASP I 39 21.67 53.60 -1.25
C ASP I 39 20.28 53.03 -1.02
N LYS I 40 20.02 52.60 0.23
CA LYS I 40 18.76 51.97 0.65
C LYS I 40 18.44 50.74 -0.21
N LYS I 41 19.48 49.95 -0.49
CA LYS I 41 19.39 48.88 -1.46
C LYS I 41 19.40 47.53 -0.77
N SER I 42 19.04 46.50 -1.54
CA SER I 42 19.06 45.12 -1.10
C SER I 42 20.27 44.44 -1.72
N PHE I 43 20.40 43.14 -1.47
CA PHE I 43 21.63 42.44 -1.84
C PHE I 43 21.72 42.15 -3.33
N ASP I 44 20.67 41.55 -3.88
CA ASP I 44 20.62 41.15 -5.27
C ASP I 44 21.04 42.19 -6.29
N GLU I 45 20.45 43.38 -6.22
CA GLU I 45 20.77 44.40 -7.20
C GLU I 45 22.25 44.76 -7.15
N ILE I 46 22.85 44.76 -5.96
CA ILE I 46 24.28 45.02 -5.83
C ILE I 46 25.10 43.94 -6.52
N CYS I 47 24.65 42.70 -6.38
CA CYS I 47 25.30 41.55 -7.01
C CYS I 47 25.19 41.65 -8.53
N SER I 48 24.04 42.12 -9.01
CA SER I 48 23.78 42.26 -10.45
C SER I 48 24.61 43.38 -11.05
N ILE I 49 24.77 44.49 -10.32
CA ILE I 49 25.56 45.62 -10.82
C ILE I 49 27.05 45.26 -10.88
N VAL I 50 27.58 44.62 -9.83
CA VAL I 50 28.99 44.28 -9.82
C VAL I 50 29.27 43.14 -10.81
N LEU I 51 28.30 42.23 -11.02
CA LEU I 51 28.44 41.20 -12.04
C LEU I 51 28.42 41.79 -13.44
N GLU I 52 27.60 42.82 -13.65
CA GLU I 52 27.56 43.49 -14.95
C GLU I 52 28.83 44.30 -15.18
N GLN I 53 29.39 44.88 -14.12
CA GLN I 53 30.62 45.64 -14.26
C GLN I 53 31.83 44.73 -14.45
N TYR I 54 31.78 43.52 -13.88
CA TYR I 54 32.87 42.57 -14.07
C TYR I 54 32.74 41.84 -15.40
N GLN I 55 31.51 41.71 -15.90
CA GLN I 55 31.33 41.21 -17.26
C GLN I 55 31.87 42.20 -18.28
N ALA I 56 31.75 43.49 -17.99
CA ALA I 56 32.42 44.52 -18.78
C ALA I 56 33.90 44.47 -18.46
N LYS I 57 34.72 44.86 -19.45
CA LYS I 57 36.17 44.91 -19.26
C LYS I 57 36.57 46.28 -18.72
N GLN I 58 35.96 46.67 -17.60
CA GLN I 58 36.17 48.01 -17.07
C GLN I 58 36.55 47.97 -15.60
N ILE I 59 36.00 47.03 -14.84
CA ILE I 59 36.33 46.90 -13.42
C ILE I 59 37.29 45.74 -13.26
N SER I 60 38.34 45.95 -12.45
CA SER I 60 39.38 44.96 -12.26
C SER I 60 38.93 43.85 -11.31
N ASN I 61 39.80 42.87 -11.12
CA ASN I 61 39.50 41.69 -10.33
C ASN I 61 39.78 41.88 -8.84
N LYS I 62 40.83 42.62 -8.51
CA LYS I 62 41.07 42.95 -7.10
C LYS I 62 39.97 43.85 -6.55
N GLN I 63 39.43 44.74 -7.38
CA GLN I 63 38.39 45.66 -6.92
C GLN I 63 37.07 44.93 -6.69
N ALA I 64 36.67 44.07 -7.63
CA ALA I 64 35.51 43.21 -7.43
C ALA I 64 35.74 42.20 -6.31
N SER I 65 37.00 41.82 -6.06
CA SER I 65 37.29 40.95 -4.93
C SER I 65 37.14 41.68 -3.61
N GLU I 66 37.51 42.97 -3.56
CA GLU I 66 37.24 43.76 -2.36
C GLU I 66 35.74 43.96 -2.15
N ILE I 67 35.00 44.16 -3.24
CA ILE I 67 33.55 44.32 -3.15
C ILE I 67 32.90 43.03 -2.61
N PHE I 68 33.31 41.89 -3.14
CA PHE I 68 32.73 40.63 -2.68
C PHE I 68 33.26 40.19 -1.33
N GLU I 69 34.46 40.62 -0.94
CA GLU I 69 34.92 40.43 0.44
C GLU I 69 34.04 41.22 1.41
N THR I 70 33.73 42.49 1.07
CA THR I 70 32.86 43.31 1.93
C THR I 70 31.46 42.73 2.02
N LEU I 71 30.93 42.23 0.89
CA LEU I 71 29.64 41.56 0.92
C LEU I 71 29.72 40.24 1.69
N ALA I 72 30.89 39.63 1.75
CA ALA I 72 31.05 38.41 2.53
C ALA I 72 31.08 38.69 4.02
N LYS I 73 31.71 39.80 4.45
CA LYS I 73 31.68 40.10 5.89
C LYS I 73 30.30 40.57 6.31
N ALA I 74 29.59 41.29 5.42
CA ALA I 74 28.37 41.94 5.85
C ALA I 74 27.22 40.95 6.03
N ASN I 75 27.01 40.08 5.06
CA ASN I 75 25.83 39.20 5.10
C ASN I 75 26.10 37.99 5.99
N LYS I 76 25.20 37.76 6.96
CA LYS I 76 25.35 36.69 7.93
C LYS I 76 24.26 35.63 7.85
N SER I 77 23.26 35.79 7.00
CA SER I 77 22.16 34.85 6.90
C SER I 77 22.29 34.07 5.60
N PHE I 78 22.13 32.76 5.69
CA PHE I 78 22.23 31.87 4.55
C PHE I 78 20.87 31.24 4.28
N LYS I 79 20.69 30.78 3.04
CA LYS I 79 19.52 30.00 2.68
C LYS I 79 19.75 28.54 3.05
N ILE I 80 18.71 27.90 3.58
CA ILE I 80 18.81 26.49 3.92
C ILE I 80 18.62 25.67 2.66
N GLU I 81 19.58 24.80 2.37
CA GLU I 81 19.50 23.97 1.18
C GLU I 81 18.51 22.84 1.38
N LYS I 82 17.92 22.38 0.28
CA LYS I 82 16.87 21.37 0.37
C LYS I 82 17.45 19.98 0.58
N PHE I 83 18.60 19.68 -0.01
CA PHE I 83 19.19 18.35 0.06
C PHE I 83 20.64 18.44 0.53
N ARG I 84 21.08 17.40 1.25
CA ARG I 84 22.43 17.35 1.79
C ARG I 84 22.97 15.94 1.63
N CYS I 85 24.16 15.80 1.07
CA CYS I 85 24.76 14.50 0.83
C CYS I 85 25.84 14.20 1.86
N SER I 86 25.71 13.06 2.53
CA SER I 86 26.77 12.49 3.36
C SER I 86 27.60 11.58 2.47
N HIS I 87 28.88 11.92 2.31
CA HIS I 87 29.67 11.51 1.15
C HIS I 87 30.39 10.18 1.33
N GLY I 88 31.00 9.92 2.49
CA GLY I 88 31.69 8.66 2.66
C GLY I 88 30.72 7.51 2.83
N TYR I 89 29.55 7.79 3.39
CA TYR I 89 28.57 6.78 3.77
C TYR I 89 27.46 6.65 2.75
N ASN I 90 27.51 7.45 1.67
CA ASN I 90 26.67 7.31 0.48
C ASN I 90 25.19 7.50 0.78
N GLU I 91 24.85 8.62 1.44
CA GLU I 91 23.46 8.85 1.83
C GLU I 91 23.03 10.26 1.45
N ILE I 92 21.74 10.43 1.18
CA ILE I 92 21.17 11.73 0.84
C ILE I 92 20.04 12.02 1.82
N TYR I 93 20.10 13.19 2.46
CA TYR I 93 19.15 13.66 3.44
C TYR I 93 18.38 14.86 2.89
N LYS I 94 17.14 15.01 3.33
CA LYS I 94 16.27 16.09 2.88
C LYS I 94 15.82 16.91 4.08
N TYR I 95 15.84 18.24 3.92
CA TYR I 95 15.48 19.11 5.02
C TYR I 95 13.98 19.11 5.26
N SER I 96 13.60 19.04 6.53
CA SER I 96 12.20 19.07 6.92
C SER I 96 12.00 20.26 7.86
N PRO I 97 11.21 21.26 7.47
CA PRO I 97 11.08 22.46 8.31
C PRO I 97 10.28 22.25 9.58
N ASP I 98 9.55 21.13 9.70
CA ASP I 98 8.79 20.89 10.91
C ASP I 98 9.65 20.31 12.01
N HIS I 99 10.72 19.59 11.67
CA HIS I 99 11.63 19.04 12.66
C HIS I 99 12.86 19.90 12.87
N GLU I 100 13.07 20.91 12.01
CA GLU I 100 14.25 21.78 12.01
C GLU I 100 15.55 20.98 11.85
N ALA I 101 15.50 19.93 11.05
CA ALA I 101 16.63 19.04 10.88
C ALA I 101 16.51 18.35 9.52
N TYR I 102 17.52 17.55 9.19
CA TYR I 102 17.55 16.78 7.97
C TYR I 102 17.17 15.33 8.27
N LEU I 103 16.19 14.81 7.58
CA LEU I 103 15.78 13.42 7.72
C LEU I 103 16.31 12.61 6.56
N PHE I 104 16.37 11.29 6.74
CA PHE I 104 16.93 10.40 5.73
C PHE I 104 16.01 10.31 4.53
N TYR I 105 16.57 10.45 3.33
CA TYR I 105 15.79 10.40 2.10
C TYR I 105 16.12 9.20 1.23
N CYS I 106 17.38 9.03 0.79
CA CYS I 106 17.69 7.94 -0.12
C CYS I 106 19.17 7.60 -0.05
N LYS I 107 19.57 6.60 -0.83
CA LYS I 107 20.96 6.22 -1.00
C LYS I 107 21.48 6.74 -2.33
N GLY I 108 22.65 7.35 -2.32
CA GLY I 108 23.20 7.89 -3.54
C GLY I 108 24.36 8.83 -3.26
N GLY I 109 24.95 9.31 -4.34
CA GLY I 109 26.11 10.18 -4.25
C GLY I 109 25.91 11.52 -4.93
N GLN I 110 26.91 11.96 -5.70
CA GLN I 110 26.84 13.29 -6.30
C GLN I 110 25.93 13.35 -7.52
N GLY I 111 25.88 12.26 -8.31
CA GLY I 111 25.02 12.25 -9.48
C GLY I 111 23.55 12.26 -9.12
N GLN I 112 23.18 11.44 -8.12
CA GLN I 112 21.80 11.42 -7.65
C GLN I 112 21.42 12.74 -6.98
N LEU I 113 22.38 13.37 -6.30
CA LEU I 113 22.12 14.67 -5.68
C LEU I 113 21.87 15.74 -6.73
N ASN I 114 22.66 15.75 -7.79
CA ASN I 114 22.42 16.69 -8.89
C ASN I 114 21.11 16.39 -9.59
N LYS I 115 20.71 15.12 -9.64
CA LYS I 115 19.44 14.77 -10.29
C LYS I 115 18.24 15.28 -9.50
N LEU I 116 18.24 15.10 -8.17
CA LEU I 116 17.09 15.62 -7.41
C LEU I 116 17.17 17.14 -7.25
N ILE I 117 18.36 17.74 -7.34
CA ILE I 117 18.46 19.19 -7.33
C ILE I 117 17.86 19.77 -8.61
N ALA I 118 18.17 19.15 -9.76
CA ALA I 118 17.57 19.59 -11.02
C ALA I 118 16.08 19.27 -11.10
N GLU I 119 15.62 18.27 -10.37
CA GLU I 119 14.20 17.93 -10.41
C GLU I 119 13.36 18.80 -9.47
N ASN I 120 13.87 19.13 -8.28
CA ASN I 120 13.09 19.83 -7.27
C ASN I 120 13.55 21.25 -6.98
N GLY I 121 14.74 21.64 -7.37
CA GLY I 121 15.22 22.95 -6.99
C GLY I 121 16.16 22.89 -5.81
N ARG I 122 17.13 23.81 -5.80
CA ARG I 122 18.25 23.69 -4.87
C ARG I 122 17.89 24.16 -3.47
N PHE I 123 17.33 25.36 -3.34
CA PHE I 123 17.06 25.94 -2.03
C PHE I 123 15.60 25.79 -1.65
N MET I 124 15.33 26.03 -0.38
CA MET I 124 13.98 25.95 0.16
C MET I 124 13.12 27.12 -0.30
N MET J 1 23.58 -31.78 -54.90
CA MET J 1 23.74 -30.47 -54.28
C MET J 1 23.38 -29.35 -55.25
N LYS J 2 22.37 -28.56 -54.90
CA LYS J 2 21.93 -27.46 -55.73
C LYS J 2 22.60 -26.16 -55.31
N LYS J 3 21.97 -25.04 -55.62
CA LYS J 3 22.52 -23.73 -55.27
C LYS J 3 21.81 -23.08 -54.08
N ILE J 4 20.48 -23.17 -54.06
CA ILE J 4 19.71 -22.58 -52.98
C ILE J 4 20.28 -22.96 -51.64
N GLU J 5 20.69 -24.23 -51.49
CA GLU J 5 21.40 -24.66 -50.30
C GLU J 5 22.76 -24.01 -50.18
N MET J 6 23.38 -23.61 -51.31
CA MET J 6 24.66 -22.93 -51.25
C MET J 6 24.53 -21.53 -50.65
N ILE J 7 23.56 -20.72 -51.12
CA ILE J 7 23.42 -19.40 -50.51
C ILE J 7 22.86 -19.51 -49.09
N GLU J 8 22.08 -20.56 -48.81
CA GLU J 8 21.61 -20.78 -47.45
C GLU J 8 22.77 -21.10 -46.50
N ILE J 9 23.67 -22.00 -46.91
CA ILE J 9 24.82 -22.34 -46.09
C ILE J 9 25.86 -21.23 -46.07
N SER J 10 25.81 -20.29 -47.02
CA SER J 10 26.72 -19.16 -46.94
C SER J 10 26.23 -18.08 -46.00
N GLN J 11 24.91 -17.87 -45.90
CA GLN J 11 24.43 -16.72 -45.13
C GLN J 11 24.15 -17.00 -43.66
N ASN J 12 23.85 -18.25 -43.29
CA ASN J 12 23.41 -18.53 -41.93
C ASN J 12 24.53 -18.74 -40.93
N ARG J 13 25.79 -18.69 -41.36
CA ARG J 13 26.93 -18.94 -40.49
C ARG J 13 27.66 -17.65 -40.19
N GLN J 14 28.49 -17.68 -39.15
CA GLN J 14 29.31 -16.52 -38.83
C GLN J 14 30.48 -16.40 -39.80
N ASN J 15 31.21 -15.30 -39.66
CA ASN J 15 32.44 -15.09 -40.42
C ASN J 15 33.64 -15.42 -39.55
N LEU J 16 34.36 -16.47 -39.91
CA LEU J 16 35.51 -16.93 -39.12
C LEU J 16 36.77 -16.93 -39.97
N THR J 17 37.88 -16.59 -39.33
CA THR J 17 39.20 -16.62 -39.92
C THR J 17 40.01 -17.72 -39.23
N ALA J 18 40.89 -18.37 -40.03
CA ALA J 18 41.77 -19.45 -39.57
C ALA J 18 41.00 -20.64 -39.01
N PHE J 19 39.89 -20.96 -39.66
CA PHE J 19 38.99 -22.04 -39.23
C PHE J 19 39.31 -23.38 -39.87
N LEU J 20 40.42 -23.49 -40.61
CA LEU J 20 40.73 -24.67 -41.37
C LEU J 20 42.09 -25.24 -40.96
N HIS J 21 42.20 -26.57 -40.91
CA HIS J 21 43.51 -27.19 -40.84
C HIS J 21 44.16 -27.18 -42.21
N ILE J 22 45.50 -27.29 -42.20
CA ILE J 22 46.29 -27.12 -43.42
C ILE J 22 46.02 -28.26 -44.40
N SER J 23 45.68 -29.45 -43.89
CA SER J 23 45.27 -30.57 -44.74
C SER J 23 44.00 -30.23 -45.51
N GLU J 24 43.03 -29.59 -44.85
CA GLU J 24 41.84 -29.13 -45.56
C GLU J 24 42.14 -27.94 -46.45
N ILE J 25 43.17 -27.14 -46.14
CA ILE J 25 43.56 -26.05 -47.03
C ILE J 25 44.12 -26.59 -48.35
N LYS J 26 45.00 -27.59 -48.31
CA LYS J 26 45.45 -28.17 -49.58
C LYS J 26 44.36 -29.03 -50.23
N ALA J 27 43.45 -29.60 -49.43
CA ALA J 27 42.33 -30.32 -50.00
C ALA J 27 41.41 -29.39 -50.78
N ILE J 28 41.17 -28.19 -50.25
CA ILE J 28 40.37 -27.21 -50.95
C ILE J 28 41.15 -26.63 -52.13
N ASN J 29 42.49 -26.49 -51.99
CA ASN J 29 43.30 -25.96 -53.09
C ASN J 29 43.38 -26.95 -54.25
N ALA J 30 43.26 -28.25 -53.96
CA ALA J 30 43.20 -29.25 -55.02
C ALA J 30 41.88 -29.23 -55.77
N LYS J 31 40.85 -28.62 -55.19
CA LYS J 31 39.51 -28.63 -55.75
C LYS J 31 39.06 -27.27 -56.27
N LEU J 32 39.96 -26.29 -56.32
CA LEU J 32 39.63 -24.98 -56.85
C LEU J 32 40.44 -24.75 -58.12
N ALA J 33 40.36 -23.54 -58.66
CA ALA J 33 40.92 -23.25 -59.97
C ALA J 33 42.44 -23.10 -59.87
N ASP J 34 43.08 -22.69 -60.96
CA ASP J 34 44.53 -22.53 -60.95
C ASP J 34 44.90 -21.14 -60.43
N GLY J 35 44.24 -20.10 -60.96
CA GLY J 35 44.67 -18.74 -60.74
C GLY J 35 44.44 -18.18 -59.35
N VAL J 36 43.19 -18.23 -58.88
CA VAL J 36 42.85 -17.68 -57.59
C VAL J 36 43.40 -18.57 -56.46
N ASP J 37 43.57 -17.97 -55.29
CA ASP J 37 44.06 -18.71 -54.13
C ASP J 37 43.39 -18.11 -52.89
N VAL J 38 43.18 -18.96 -51.88
CA VAL J 38 42.70 -18.51 -50.58
C VAL J 38 43.76 -18.90 -49.54
N ASP J 39 44.22 -17.90 -48.77
CA ASP J 39 45.11 -18.09 -47.63
C ASP J 39 44.87 -16.93 -46.66
N LYS J 40 44.80 -17.26 -45.36
CA LYS J 40 44.51 -16.31 -44.28
C LYS J 40 43.20 -15.57 -44.51
N LYS J 41 42.19 -16.32 -44.96
CA LYS J 41 40.95 -15.74 -45.43
C LYS J 41 39.82 -16.01 -44.45
N SER J 42 38.73 -15.29 -44.66
CA SER J 42 37.51 -15.44 -43.88
C SER J 42 36.49 -16.19 -44.73
N PHE J 43 35.28 -16.36 -44.20
CA PHE J 43 34.31 -17.25 -44.83
C PHE J 43 33.67 -16.61 -46.07
N ASP J 44 33.31 -15.32 -45.96
CA ASP J 44 32.42 -14.70 -46.93
C ASP J 44 33.07 -14.51 -48.30
N GLU J 45 34.37 -14.21 -48.33
CA GLU J 45 35.06 -14.09 -49.61
C GLU J 45 35.15 -15.43 -50.32
N ILE J 46 35.33 -16.52 -49.55
CA ILE J 46 35.36 -17.86 -50.14
C ILE J 46 34.01 -18.20 -50.76
N CYS J 47 32.93 -17.84 -50.08
CA CYS J 47 31.59 -18.09 -50.61
C CYS J 47 31.33 -17.24 -51.86
N SER J 48 31.87 -16.02 -51.89
CA SER J 48 31.71 -15.14 -53.04
C SER J 48 32.49 -15.65 -54.25
N ILE J 49 33.70 -16.17 -54.02
CA ILE J 49 34.50 -16.70 -55.13
C ILE J 49 33.88 -17.97 -55.71
N VAL J 50 33.44 -18.89 -54.85
CA VAL J 50 32.85 -20.13 -55.37
C VAL J 50 31.48 -19.87 -55.99
N LEU J 51 30.75 -18.87 -55.48
CA LEU J 51 29.49 -18.47 -56.11
C LEU J 51 29.72 -17.82 -57.47
N GLU J 52 30.80 -17.05 -57.60
CA GLU J 52 31.13 -16.44 -58.88
C GLU J 52 31.63 -17.50 -59.87
N GLN J 53 32.34 -18.52 -59.37
CA GLN J 53 32.82 -19.58 -60.25
C GLN J 53 31.68 -20.51 -60.67
N TYR J 54 30.68 -20.69 -59.80
CA TYR J 54 29.53 -21.51 -60.16
C TYR J 54 28.54 -20.74 -61.02
N GLN J 55 28.51 -19.41 -60.88
CA GLN J 55 27.74 -18.59 -61.82
C GLN J 55 28.34 -18.65 -63.21
N ALA J 56 29.67 -18.74 -63.28
CA ALA J 56 30.34 -19.02 -64.54
C ALA J 56 30.11 -20.47 -64.91
N LYS J 57 30.09 -20.76 -66.21
CA LYS J 57 29.93 -22.12 -66.69
C LYS J 57 31.31 -22.80 -66.82
N GLN J 58 32.04 -22.80 -65.71
CA GLN J 58 33.42 -23.29 -65.74
C GLN J 58 33.68 -24.31 -64.64
N ILE J 59 33.05 -24.13 -63.47
CA ILE J 59 33.21 -25.07 -62.37
C ILE J 59 31.97 -25.95 -62.31
N SER J 60 32.17 -27.25 -62.14
CA SER J 60 31.09 -28.22 -62.13
C SER J 60 30.34 -28.21 -60.80
N ASN J 61 29.30 -29.02 -60.74
CA ASN J 61 28.41 -29.06 -59.58
C ASN J 61 28.89 -30.02 -58.49
N LYS J 62 29.50 -31.14 -58.87
CA LYS J 62 30.10 -32.01 -57.87
C LYS J 62 31.29 -31.34 -57.20
N GLN J 63 32.04 -30.51 -57.92
CA GLN J 63 33.22 -29.86 -57.35
C GLN J 63 32.81 -28.76 -56.37
N ALA J 64 31.82 -27.94 -56.75
CA ALA J 64 31.26 -26.96 -55.82
C ALA J 64 30.53 -27.63 -54.66
N SER J 65 30.00 -28.84 -54.89
CA SER J 65 29.38 -29.59 -53.81
C SER J 65 30.43 -30.10 -52.82
N GLU J 66 31.61 -30.52 -53.31
CA GLU J 66 32.70 -30.87 -52.40
C GLU J 66 33.21 -29.66 -51.64
N ILE J 67 33.26 -28.49 -52.31
CA ILE J 67 33.68 -27.26 -51.66
C ILE J 67 32.71 -26.88 -50.54
N PHE J 68 31.41 -26.95 -50.83
CA PHE J 68 30.43 -26.58 -49.82
C PHE J 68 30.24 -27.66 -48.77
N GLU J 69 30.53 -28.93 -49.08
CA GLU J 69 30.59 -29.95 -48.05
C GLU J 69 31.74 -29.67 -47.08
N THR J 70 32.93 -29.30 -47.60
CA THR J 70 34.06 -28.98 -46.73
C THR J 70 33.79 -27.74 -45.88
N LEU J 71 33.12 -26.73 -46.46
CA LEU J 71 32.72 -25.57 -45.69
C LEU J 71 31.63 -25.93 -44.68
N ALA J 72 30.86 -26.97 -44.95
CA ALA J 72 29.85 -27.41 -43.99
C ALA J 72 30.48 -28.15 -42.82
N LYS J 73 31.52 -28.95 -43.05
CA LYS J 73 32.15 -29.60 -41.91
C LYS J 73 32.95 -28.61 -41.09
N ALA J 74 33.55 -27.61 -41.74
CA ALA J 74 34.50 -26.75 -41.05
C ALA J 74 33.79 -25.77 -40.11
N ASN J 75 32.77 -25.09 -40.58
CA ASN J 75 32.15 -24.04 -39.78
C ASN J 75 31.15 -24.62 -38.78
N LYS J 76 31.33 -24.27 -37.51
CA LYS J 76 30.51 -24.80 -36.43
C LYS J 76 29.67 -23.75 -35.71
N SER J 77 29.80 -22.48 -36.05
CA SER J 77 29.07 -21.42 -35.38
C SER J 77 27.99 -20.90 -36.32
N PHE J 78 26.78 -20.73 -35.79
CA PHE J 78 25.64 -20.24 -36.54
C PHE J 78 25.22 -18.89 -36.01
N LYS J 79 24.52 -18.13 -36.84
CA LYS J 79 23.90 -16.89 -36.41
C LYS J 79 22.55 -17.20 -35.77
N ILE J 80 22.25 -16.49 -34.68
CA ILE J 80 20.97 -16.67 -34.01
C ILE J 80 19.92 -15.87 -34.78
N GLU J 81 18.84 -16.55 -35.18
CA GLU J 81 17.78 -15.89 -35.92
C GLU J 81 16.92 -15.06 -34.99
N LYS J 82 16.33 -14.00 -35.54
CA LYS J 82 15.58 -13.07 -34.70
C LYS J 82 14.19 -13.61 -34.36
N PHE J 83 13.56 -14.35 -35.27
CA PHE J 83 12.20 -14.83 -35.08
C PHE J 83 12.15 -16.32 -35.33
N ARG J 84 11.25 -17.00 -34.61
CA ARG J 84 11.09 -18.45 -34.71
C ARG J 84 9.61 -18.79 -34.67
N CYS J 85 9.13 -19.58 -35.62
CA CYS J 85 7.73 -19.93 -35.70
C CYS J 85 7.50 -21.35 -35.20
N SER J 86 6.58 -21.49 -34.25
CA SER J 86 6.06 -22.78 -33.84
C SER J 86 4.83 -23.07 -34.68
N HIS J 87 4.90 -24.14 -35.47
CA HIS J 87 4.07 -24.28 -36.67
C HIS J 87 2.73 -24.94 -36.44
N GLY J 88 2.65 -26.00 -35.65
CA GLY J 88 1.36 -26.63 -35.42
C GLY J 88 0.48 -25.80 -34.52
N TYR J 89 1.09 -25.03 -33.61
CA TYR J 89 0.39 -24.29 -32.57
C TYR J 89 0.21 -22.83 -32.93
N ASN J 90 0.72 -22.42 -34.10
CA ASN J 90 0.45 -21.12 -34.72
C ASN J 90 0.96 -19.96 -33.87
N GLU J 91 2.24 -20.01 -33.49
CA GLU J 91 2.80 -18.97 -32.63
C GLU J 91 4.13 -18.48 -33.19
N ILE J 92 4.46 -17.23 -32.90
CA ILE J 92 5.72 -16.63 -33.33
C ILE J 92 6.43 -16.09 -32.10
N TYR J 93 7.68 -16.50 -31.91
CA TYR J 93 8.54 -16.13 -30.80
C TYR J 93 9.69 -15.26 -31.30
N LYS J 94 10.15 -14.37 -30.44
CA LYS J 94 11.23 -13.45 -30.75
C LYS J 94 12.39 -13.65 -29.78
N TYR J 95 13.61 -13.65 -30.30
CA TYR J 95 14.78 -13.88 -29.47
C TYR J 95 15.10 -12.67 -28.62
N SER J 96 15.41 -12.93 -27.35
CA SER J 96 15.77 -11.87 -26.42
C SER J 96 17.16 -12.19 -25.89
N PRO J 97 18.17 -11.36 -26.17
CA PRO J 97 19.54 -11.68 -25.75
C PRO J 97 19.78 -11.55 -24.26
N ASP J 98 18.88 -10.91 -23.52
CA ASP J 98 19.07 -10.78 -22.09
C ASP J 98 18.63 -12.04 -21.34
N HIS J 99 17.67 -12.78 -21.88
CA HIS J 99 17.21 -14.03 -21.28
C HIS J 99 17.86 -15.26 -21.89
N GLU J 100 18.59 -15.10 -23.00
CA GLU J 100 19.21 -16.17 -23.78
C GLU J 100 18.19 -17.21 -24.23
N ALA J 101 16.99 -16.74 -24.59
CA ALA J 101 15.90 -17.63 -24.96
C ALA J 101 14.95 -16.86 -25.86
N TYR J 102 13.93 -17.55 -26.34
CA TYR J 102 12.89 -16.97 -27.17
C TYR J 102 11.64 -16.72 -26.33
N LEU J 103 11.16 -15.49 -26.34
CA LEU J 103 9.93 -15.14 -25.63
C LEU J 103 8.78 -15.03 -26.62
N PHE J 104 7.56 -15.11 -26.10
CA PHE J 104 6.38 -15.09 -26.94
C PHE J 104 6.16 -13.70 -27.55
N TYR J 105 5.90 -13.66 -28.85
CA TYR J 105 5.70 -12.40 -29.54
C TYR J 105 4.28 -12.23 -30.08
N CYS J 106 3.80 -13.13 -30.94
CA CYS J 106 2.48 -12.92 -31.53
C CYS J 106 1.92 -14.25 -32.01
N LYS J 107 0.71 -14.19 -32.57
CA LYS J 107 0.05 -15.33 -33.19
C LYS J 107 0.15 -15.19 -34.71
N GLY J 108 0.52 -16.26 -35.38
CA GLY J 108 0.65 -16.21 -36.82
C GLY J 108 1.41 -17.41 -37.35
N GLY J 109 1.49 -17.45 -38.68
CA GLY J 109 2.16 -18.56 -39.35
C GLY J 109 3.30 -18.13 -40.24
N GLN J 110 3.36 -18.67 -41.45
CA GLN J 110 4.50 -18.41 -42.33
C GLN J 110 4.42 -17.04 -42.98
N GLY J 111 3.22 -16.57 -43.32
CA GLY J 111 3.08 -15.27 -43.95
C GLY J 111 3.41 -14.13 -43.00
N GLN J 112 2.94 -14.22 -41.76
CA GLN J 112 3.28 -13.23 -40.75
C GLN J 112 4.77 -13.26 -40.41
N LEU J 113 5.37 -14.46 -40.42
CA LEU J 113 6.79 -14.58 -40.17
C LEU J 113 7.61 -13.92 -41.26
N ASN J 114 7.23 -14.13 -42.52
CA ASN J 114 7.90 -13.45 -43.63
C ASN J 114 7.68 -11.95 -43.58
N LYS J 115 6.53 -11.51 -43.06
CA LYS J 115 6.27 -10.07 -42.96
C LYS J 115 7.16 -9.40 -41.92
N LEU J 116 7.29 -10.01 -40.73
CA LEU J 116 8.17 -9.38 -39.74
C LEU J 116 9.66 -9.60 -40.09
N ILE J 117 9.99 -10.63 -40.86
CA ILE J 117 11.37 -10.78 -41.31
C ILE J 117 11.72 -9.69 -42.33
N ALA J 118 10.80 -9.40 -43.25
CA ALA J 118 11.03 -8.31 -44.20
C ALA J 118 10.96 -6.94 -43.52
N GLU J 119 10.26 -6.82 -42.41
CA GLU J 119 10.18 -5.53 -41.73
C GLU J 119 11.39 -5.26 -40.83
N ASN J 120 11.89 -6.29 -40.12
CA ASN J 120 12.94 -6.09 -39.13
C ASN J 120 14.28 -6.70 -39.50
N GLY J 121 14.35 -7.59 -40.47
CA GLY J 121 15.61 -8.25 -40.73
C GLY J 121 15.66 -9.64 -40.11
N ARG J 122 16.38 -10.54 -40.79
CA ARG J 122 16.29 -11.96 -40.45
C ARG J 122 17.14 -12.33 -39.24
N PHE J 123 18.40 -11.93 -39.24
CA PHE J 123 19.32 -12.33 -38.18
C PHE J 123 19.53 -11.22 -37.18
N MET J 124 20.12 -11.57 -36.05
CA MET J 124 20.39 -10.63 -34.98
C MET J 124 21.55 -9.71 -35.35
#